data_5B4W
#
_entry.id   5B4W
#
_cell.length_a   92.426
_cell.length_b   217.924
_cell.length_c   106.475
_cell.angle_alpha   90.00
_cell.angle_beta   115.30
_cell.angle_gamma   90.00
#
_symmetry.space_group_name_H-M   'P 1 21 1'
#
loop_
_entity.id
_entity.type
_entity.pdbx_description
1 polymer Plexin-B1
2 polymer 'Synthesized cyclic peptide'
3 non-polymer 2-acetamido-2-deoxy-beta-D-glucopyranose
4 water water
#
loop_
_entity_poly.entity_id
_entity_poly.type
_entity_poly.pdbx_seq_one_letter_code
_entity_poly.pdbx_strand_id
1 'polypeptide(L)'
;MDSKGSSQKGSRLLLLLVVSNLLLCQGVVSGSLQPLPPTAFTPNGTYLQHLARDPTSGTLYLGATNFLFQLSPGLQLEAT
VSTGPVLDSRDCLPPVMPDECPQAQPTNNPNQLLLVSPGALVVCGSVHQGVCEQRRLGQLEQLLLRPERPGDTQYVAAND
PAVSTVGLVAQGLAGEPLLFVGRGYTSRGVGGGIPPITTRALWPPDPQAAFSYEETAKLAVGRLSEYSHHFVSAFARGAS
AYFLFLRRDLQAQSRAFRAYVSRVCLRDQHYYSYVELPLACEGGRYGLIQAAAVATSREVAHGEVLFAAFSSAAPPTVGR
PPSAAAGASGASALCAFPLDEVDRLANRTRDACYTREGRAEDGTEVAYIEYDVNSDCAQLPVDTLDAYPCGSDHTPSPMA
SRVPLEATPILEWPGIQLTAVAVTMEDGHTIAFLGDSQGQLHRVYLGPGSDGHPYSTQSIQQGSAVSRDLTFDGTFEHLY
VMTQSTLLKVPVASCAQHLDCASCLAHRDPYCGWCVLLGRCSRRSECSRGQGPEQWLWSFQPELGCLQTRENLYFQGKDG
GGGGSHMGVAMPGAEDDVV
;
A,B,C,D,E,F
2 'polypeptide(L)' (ACE)(DTR)RPRVARWTGQIIYCS(NH2) G,H,I,J,K,L
#
loop_
_chem_comp.id
_chem_comp.type
_chem_comp.name
_chem_comp.formula
ACE non-polymer 'ACETYL GROUP' 'C2 H4 O'
NAG D-saccharide, beta linking 2-acetamido-2-deoxy-beta-D-glucopyranose 'C8 H15 N O6'
NH2 non-polymer 'AMINO GROUP' 'H2 N'
#
# COMPACT_ATOMS: atom_id res chain seq x y z
N THR A 39 -3.61 57.29 1.75
CA THR A 39 -3.96 56.04 1.07
C THR A 39 -2.79 55.51 0.23
N ALA A 40 -1.74 56.30 0.07
CA ALA A 40 -0.57 55.86 -0.69
C ALA A 40 0.64 56.66 -0.23
N PHE A 41 1.82 56.09 -0.48
CA PHE A 41 3.08 56.78 -0.22
C PHE A 41 4.02 56.41 -1.36
N THR A 42 4.46 57.40 -2.10
CA THR A 42 5.19 57.19 -3.36
C THR A 42 6.33 58.19 -3.42
N PRO A 43 7.44 57.92 -2.75
CA PRO A 43 8.60 58.84 -2.77
C PRO A 43 9.19 58.93 -4.17
N ASN A 44 9.08 60.12 -4.78
CA ASN A 44 9.60 60.32 -6.12
C ASN A 44 11.11 60.15 -6.13
N GLY A 45 11.61 59.22 -6.95
CA GLY A 45 13.04 59.09 -7.15
C GLY A 45 13.78 58.18 -6.19
N THR A 46 13.13 57.14 -5.69
CA THR A 46 13.80 56.15 -4.86
C THR A 46 12.95 54.89 -4.85
N TYR A 47 13.54 53.81 -4.35
CA TYR A 47 12.93 52.48 -4.35
C TYR A 47 12.77 51.98 -2.93
N LEU A 48 11.69 51.26 -2.69
CA LEU A 48 11.41 50.68 -1.39
C LEU A 48 12.00 49.27 -1.28
N GLN A 49 12.37 48.89 -0.05
CA GLN A 49 12.94 47.57 0.22
C GLN A 49 12.20 46.86 1.35
N HIS A 50 11.94 47.56 2.46
CA HIS A 50 11.43 46.91 3.65
C HIS A 50 10.43 47.80 4.39
N LEU A 51 9.59 47.13 5.20
CA LEU A 51 8.49 47.73 5.93
C LEU A 51 8.38 47.07 7.29
N ALA A 52 8.36 47.89 8.35
CA ALA A 52 8.16 47.44 9.72
C ALA A 52 7.08 48.27 10.38
N ARG A 53 6.29 47.65 11.23
CA ARG A 53 5.21 48.32 11.93
C ARG A 53 5.36 48.12 13.43
N ASP A 54 5.36 49.21 14.19
CA ASP A 54 5.42 49.17 15.66
C ASP A 54 4.02 48.84 16.19
N PRO A 55 3.84 47.67 16.79
CA PRO A 55 2.49 47.30 17.27
C PRO A 55 1.99 48.20 18.40
N THR A 56 2.89 48.65 19.26
CA THR A 56 2.48 49.58 20.30
C THR A 56 1.98 50.88 19.69
N SER A 57 2.76 51.43 18.77
CA SER A 57 2.57 52.77 18.26
C SER A 57 1.57 52.80 17.10
N GLY A 58 1.70 51.86 16.16
CA GLY A 58 1.08 51.94 14.87
C GLY A 58 1.96 52.55 13.81
N THR A 59 3.09 53.14 14.22
CA THR A 59 4.01 53.78 13.30
C THR A 59 4.61 52.78 12.31
N LEU A 60 4.72 53.22 11.06
CA LEU A 60 5.34 52.44 10.00
C LEU A 60 6.73 52.98 9.75
N TYR A 61 7.61 52.09 9.27
CA TYR A 61 8.98 52.46 8.99
C TYR A 61 9.39 51.86 7.66
N LEU A 62 9.95 52.69 6.79
CA LEU A 62 10.31 52.29 5.44
C LEU A 62 11.82 52.32 5.27
N GLY A 63 12.37 51.22 4.79
CA GLY A 63 13.75 51.16 4.35
C GLY A 63 13.84 51.28 2.84
N ALA A 64 14.54 52.32 2.38
CA ALA A 64 14.65 52.66 0.97
C ALA A 64 16.11 52.90 0.59
N THR A 65 16.36 52.96 -0.72
CA THR A 65 17.66 53.36 -1.24
C THR A 65 18.01 54.74 -0.69
N ASN A 66 19.01 54.81 0.19
CA ASN A 66 19.50 56.06 0.73
C ASN A 66 18.46 56.79 1.57
N PHE A 67 17.49 56.07 2.15
CA PHE A 67 16.43 56.73 2.90
C PHE A 67 15.79 55.79 3.93
N LEU A 68 15.50 56.36 5.10
CA LEU A 68 14.58 55.81 6.09
C LEU A 68 13.46 56.80 6.30
N PHE A 69 12.23 56.36 6.10
CA PHE A 69 11.05 57.17 6.38
C PHE A 69 10.30 56.59 7.56
N GLN A 70 9.81 57.46 8.42
CA GLN A 70 8.84 57.11 9.44
C GLN A 70 7.48 57.62 8.98
N LEU A 71 6.49 56.73 8.90
CA LEU A 71 5.14 57.11 8.49
C LEU A 71 4.17 56.81 9.64
N SER A 72 3.23 57.71 9.84
CA SER A 72 2.14 57.46 10.76
C SER A 72 1.19 56.44 10.15
N PRO A 73 0.26 55.88 10.93
CA PRO A 73 -0.68 54.91 10.34
C PRO A 73 -1.45 55.44 9.15
N GLY A 74 -1.71 56.75 9.11
CA GLY A 74 -2.32 57.40 7.97
C GLY A 74 -1.42 57.62 6.78
N LEU A 75 -0.22 57.02 6.79
CA LEU A 75 0.75 57.14 5.71
C LEU A 75 1.28 58.55 5.56
N GLN A 76 1.23 59.33 6.64
CA GLN A 76 1.77 60.68 6.67
C GLN A 76 3.22 60.67 7.13
N LEU A 77 4.06 61.41 6.40
CA LEU A 77 5.49 61.40 6.67
C LEU A 77 5.81 62.11 7.98
N GLU A 78 6.56 61.44 8.86
CA GLU A 78 6.93 61.98 10.16
C GLU A 78 8.42 62.21 10.32
N ALA A 79 9.26 61.43 9.63
CA ALA A 79 10.69 61.72 9.63
C ALA A 79 11.33 61.07 8.42
N THR A 80 12.44 61.67 7.98
CA THR A 80 13.32 61.14 6.94
C THR A 80 14.75 61.15 7.47
N VAL A 81 15.51 60.14 7.08
CA VAL A 81 16.93 60.05 7.41
C VAL A 81 17.65 59.56 6.17
N SER A 82 18.62 60.34 5.70
CA SER A 82 19.46 59.91 4.60
C SER A 82 20.37 58.80 5.09
N THR A 83 20.56 57.76 4.26
CA THR A 83 21.49 56.68 4.59
C THR A 83 22.59 56.49 3.55
N GLY A 84 22.57 57.21 2.44
CA GLY A 84 23.64 57.20 1.48
C GLY A 84 23.41 58.27 0.43
N PRO A 85 24.19 58.26 -0.66
CA PRO A 85 25.28 57.31 -0.94
C PRO A 85 26.50 57.51 -0.04
N VAL A 86 27.42 56.57 -0.09
CA VAL A 86 28.68 56.64 0.65
C VAL A 86 29.78 56.17 -0.29
N LEU A 87 31.01 56.19 0.21
CA LEU A 87 32.13 55.64 -0.55
C LEU A 87 32.33 54.21 -0.09
N ASP A 88 32.37 53.28 -1.04
CA ASP A 88 32.41 51.90 -0.63
C ASP A 88 32.99 51.05 -1.73
N SER A 89 33.47 49.88 -1.33
CA SER A 89 33.79 48.77 -2.19
C SER A 89 33.46 47.53 -1.38
N ARG A 90 33.10 46.45 -2.07
CA ARG A 90 32.87 45.19 -1.39
C ARG A 90 34.17 44.48 -1.01
N ASP A 91 35.29 44.89 -1.59
CA ASP A 91 36.61 44.45 -1.13
C ASP A 91 37.07 45.18 0.12
N CYS A 92 36.28 46.12 0.65
CA CYS A 92 36.73 47.02 1.70
C CYS A 92 35.85 46.93 2.95
N LEU A 93 36.47 47.16 4.05
CA LEU A 93 36.01 47.12 5.43
C LEU A 93 35.82 48.53 5.98
N PRO A 94 34.75 48.72 6.74
CA PRO A 94 34.45 50.05 7.30
C PRO A 94 35.32 50.34 8.50
N PRO A 95 35.63 51.61 8.77
CA PRO A 95 35.24 52.78 7.99
C PRO A 95 36.09 52.93 6.73
N VAL A 96 35.48 53.33 5.63
CA VAL A 96 36.16 53.34 4.34
C VAL A 96 36.99 54.61 4.20
N MET A 97 38.24 54.46 3.83
CA MET A 97 39.17 55.58 3.75
C MET A 97 39.96 55.52 2.44
N PRO A 98 40.34 56.67 1.90
CA PRO A 98 40.99 56.67 0.58
C PRO A 98 42.34 55.99 0.54
N ASP A 99 43.10 56.00 1.63
CA ASP A 99 44.43 55.42 1.59
C ASP A 99 44.36 53.89 1.59
N GLU A 100 43.47 53.31 2.38
CA GLU A 100 43.37 51.86 2.42
C GLU A 100 42.43 51.31 1.36
N CYS A 101 41.58 52.15 0.77
CA CYS A 101 40.55 51.69 -0.17
C CYS A 101 40.42 52.70 -1.29
N PRO A 102 41.46 52.84 -2.12
CA PRO A 102 41.38 53.78 -3.24
C PRO A 102 40.35 53.39 -4.28
N GLN A 103 39.99 52.10 -4.38
CA GLN A 103 39.00 51.68 -5.36
C GLN A 103 37.59 52.10 -4.98
N ALA A 104 37.41 52.66 -3.78
CA ALA A 104 36.12 53.13 -3.30
C ALA A 104 35.47 54.06 -4.32
N GLN A 105 34.14 54.12 -4.27
CA GLN A 105 33.36 54.82 -5.27
C GLN A 105 31.99 55.14 -4.68
N PRO A 106 31.28 56.13 -5.22
CA PRO A 106 29.89 56.36 -4.79
C PRO A 106 29.06 55.09 -4.89
N THR A 107 28.38 54.76 -3.80
CA THR A 107 27.60 53.53 -3.71
C THR A 107 26.27 53.82 -3.03
N ASN A 108 25.16 53.38 -3.63
CA ASN A 108 23.86 53.56 -2.98
C ASN A 108 23.66 52.55 -1.85
N ASN A 109 22.67 52.81 -1.00
CA ASN A 109 22.44 52.03 0.21
C ASN A 109 20.99 51.52 0.27
N PRO A 110 20.68 50.47 -0.49
CA PRO A 110 19.39 49.78 -0.31
C PRO A 110 19.27 49.17 1.09
N ASN A 111 18.13 49.38 1.72
CA ASN A 111 17.92 48.88 3.06
C ASN A 111 17.86 47.35 3.06
N GLN A 112 18.56 46.74 4.01
CA GLN A 112 18.74 45.30 4.03
C GLN A 112 18.02 44.62 5.18
N LEU A 113 17.78 45.33 6.29
CA LEU A 113 17.01 44.82 7.42
C LEU A 113 16.36 46.00 8.14
N LEU A 114 15.19 45.76 8.75
CA LEU A 114 14.41 46.82 9.36
C LEU A 114 13.40 46.17 10.32
N LEU A 115 13.80 46.05 11.58
CA LEU A 115 13.07 45.36 12.62
C LEU A 115 12.85 46.27 13.82
N VAL A 116 11.62 46.23 14.36
CA VAL A 116 11.29 46.90 15.62
C VAL A 116 11.77 46.05 16.78
N SER A 117 12.51 46.65 17.70
CA SER A 117 13.05 46.01 18.87
C SER A 117 12.34 46.52 20.11
N PRO A 118 12.45 45.82 21.25
CA PRO A 118 11.85 46.36 22.48
C PRO A 118 12.24 47.80 22.75
N GLY A 119 13.52 48.15 22.62
CA GLY A 119 13.97 49.47 22.98
C GLY A 119 14.41 50.39 21.86
N ALA A 120 14.33 49.95 20.60
CA ALA A 120 14.90 50.74 19.51
C ALA A 120 14.39 50.21 18.18
N LEU A 121 14.78 50.89 17.10
CA LEU A 121 14.56 50.44 15.73
C LEU A 121 15.89 49.97 15.16
N VAL A 122 15.92 48.73 14.67
CA VAL A 122 17.13 48.11 14.15
C VAL A 122 17.17 48.30 12.64
N VAL A 123 18.24 48.92 12.16
CA VAL A 123 18.46 49.24 10.76
C VAL A 123 19.82 48.68 10.35
N CYS A 124 19.83 47.85 9.32
CA CYS A 124 21.05 47.43 8.67
C CYS A 124 20.91 47.75 7.19
N GLY A 125 21.93 48.38 6.61
CA GLY A 125 21.96 48.64 5.19
C GLY A 125 22.79 47.60 4.46
N SER A 126 22.84 47.74 3.13
CA SER A 126 23.64 46.82 2.33
C SER A 126 25.03 47.38 2.04
N VAL A 127 25.34 48.56 2.54
CA VAL A 127 26.62 49.16 2.35
C VAL A 127 27.48 48.93 3.58
N HIS A 128 28.79 49.18 3.45
CA HIS A 128 29.76 49.06 4.55
C HIS A 128 29.73 47.68 5.21
N GLN A 129 29.64 46.63 4.39
CA GLN A 129 29.65 45.23 4.91
C GLN A 129 28.44 44.96 5.77
N GLY A 130 27.31 45.60 5.48
CA GLY A 130 26.07 45.28 6.18
C GLY A 130 26.08 45.61 7.66
N VAL A 131 26.80 46.66 8.07
CA VAL A 131 26.79 47.08 9.47
C VAL A 131 25.45 47.70 9.82
N CYS A 132 25.08 47.62 11.11
CA CYS A 132 23.79 48.04 11.64
C CYS A 132 23.93 49.18 12.65
N GLU A 133 22.78 49.79 12.94
CA GLU A 133 22.62 50.82 13.94
C GLU A 133 21.23 50.67 14.55
N GLN A 134 21.02 51.32 15.70
CA GLN A 134 19.72 51.36 16.36
C GLN A 134 19.29 52.82 16.53
N ARG A 135 17.99 53.09 16.32
CA ARG A 135 17.48 54.45 16.38
C ARG A 135 16.18 54.47 17.18
N ARG A 136 15.87 55.65 17.74
CA ARG A 136 14.71 55.83 18.61
C ARG A 136 13.41 55.49 17.88
N LEU A 137 12.55 54.73 18.54
CA LEU A 137 11.21 54.52 18.03
C LEU A 137 10.41 55.82 18.19
N GLY A 138 9.71 56.23 17.14
CA GLY A 138 8.98 57.47 17.14
C GLY A 138 9.83 58.71 16.91
N GLN A 139 11.14 58.62 17.14
CA GLN A 139 12.09 59.67 16.80
C GLN A 139 13.16 59.07 15.87
N LEU A 140 12.75 58.78 14.63
CA LEU A 140 13.64 58.07 13.71
C LEU A 140 14.93 58.84 13.47
N GLU A 141 14.90 60.16 13.67
CA GLU A 141 16.01 61.05 13.31
C GLU A 141 17.19 60.97 14.27
N GLN A 142 16.98 60.52 15.50
CA GLN A 142 18.06 60.45 16.48
C GLN A 142 18.58 59.03 16.62
N LEU A 143 19.90 58.92 16.78
CA LEU A 143 20.64 57.67 16.81
C LEU A 143 20.89 57.24 18.25
N LEU A 144 20.55 55.98 18.57
CA LEU A 144 20.78 55.45 19.90
C LEU A 144 22.13 54.77 20.06
N LEU A 145 22.50 53.94 19.08
CA LEU A 145 23.65 53.06 19.23
C LEU A 145 24.22 52.79 17.85
N ARG A 146 25.54 52.88 17.74
CA ARG A 146 26.21 52.57 16.48
C ARG A 146 27.70 52.43 16.74
N PRO A 147 28.22 51.21 16.81
CA PRO A 147 29.65 51.02 17.08
C PRO A 147 30.53 51.86 16.16
N GLU A 148 31.58 52.46 16.74
CA GLU A 148 32.38 53.45 16.05
C GLU A 148 33.41 52.83 15.10
N ARG A 149 33.86 51.61 15.38
CA ARG A 149 34.82 50.92 14.53
C ARG A 149 34.38 49.46 14.50
N PRO A 150 33.47 49.10 13.59
CA PRO A 150 32.92 47.75 13.60
C PRO A 150 33.97 46.73 13.20
N GLY A 151 34.08 45.64 14.00
CA GLY A 151 34.96 44.53 13.68
C GLY A 151 34.31 43.51 12.75
N ASP A 152 35.14 42.60 12.24
CA ASP A 152 34.66 41.62 11.26
C ASP A 152 33.68 40.63 11.87
N THR A 153 33.32 40.78 13.13
CA THR A 153 32.29 39.99 13.79
C THR A 153 30.94 40.70 13.78
N GLN A 154 30.89 41.93 13.26
CA GLN A 154 29.70 42.79 13.32
C GLN A 154 29.21 43.19 11.93
N TYR A 155 29.70 42.54 10.88
CA TYR A 155 29.11 42.68 9.56
C TYR A 155 27.83 41.87 9.57
N VAL A 156 26.68 42.55 9.69
CA VAL A 156 25.45 41.81 9.96
C VAL A 156 24.68 41.42 8.69
N ALA A 157 24.28 42.41 7.88
CA ALA A 157 23.42 42.15 6.75
C ALA A 157 24.23 41.81 5.50
N ALA A 158 23.51 41.49 4.44
CA ALA A 158 24.15 41.20 3.16
C ALA A 158 24.61 42.50 2.49
N ASN A 159 25.86 42.51 2.02
CA ASN A 159 26.47 43.68 1.39
C ASN A 159 26.28 43.68 -0.11
N ASP A 160 25.22 43.03 -0.58
CA ASP A 160 24.86 42.94 -1.98
C ASP A 160 23.35 43.10 -2.05
N PRO A 161 22.84 44.19 -2.60
CA PRO A 161 21.38 44.43 -2.58
C PRO A 161 20.57 43.34 -3.27
N ALA A 162 21.19 42.53 -4.13
CA ALA A 162 20.49 41.46 -4.82
C ALA A 162 20.34 40.21 -3.96
N VAL A 163 20.76 40.26 -2.69
CA VAL A 163 20.69 39.19 -1.72
C VAL A 163 19.84 39.69 -0.54
N SER A 164 19.17 38.77 0.13
CA SER A 164 18.24 39.12 1.20
C SER A 164 18.86 38.89 2.57
N THR A 165 18.32 39.58 3.55
CA THR A 165 18.66 39.41 4.95
C THR A 165 17.35 39.31 5.70
N VAL A 166 17.19 38.31 6.55
CA VAL A 166 15.99 38.20 7.35
C VAL A 166 16.41 38.17 8.81
N GLY A 167 15.52 38.64 9.69
CA GLY A 167 15.89 38.77 11.08
C GLY A 167 14.71 38.63 12.01
N LEU A 168 15.03 38.46 13.28
CA LEU A 168 14.02 38.18 14.30
C LEU A 168 14.57 38.62 15.63
N VAL A 169 13.88 39.54 16.28
CA VAL A 169 14.25 39.97 17.63
C VAL A 169 13.72 38.96 18.64
N ALA A 170 14.54 38.66 19.64
CA ALA A 170 14.20 37.75 20.72
C ALA A 170 15.01 38.17 21.93
N GLN A 171 14.82 37.47 23.06
CA GLN A 171 15.52 37.82 24.28
C GLN A 171 16.12 36.61 24.98
N GLY A 172 17.17 36.87 25.75
CA GLY A 172 17.91 35.81 26.41
C GLY A 172 17.33 35.46 27.75
N LEU A 173 17.87 34.39 28.33
CA LEU A 173 17.38 33.91 29.61
C LEU A 173 17.48 34.99 30.69
N ALA A 174 18.44 35.89 30.55
CA ALA A 174 18.66 36.97 31.51
C ALA A 174 17.91 38.25 31.13
N GLY A 175 17.06 38.20 30.10
CA GLY A 175 16.37 39.39 29.66
C GLY A 175 17.12 40.24 28.67
N GLU A 176 18.37 39.88 28.35
CA GLU A 176 19.15 40.53 27.30
C GLU A 176 18.33 40.53 26.02
N PRO A 177 18.47 41.55 25.17
CA PRO A 177 17.79 41.50 23.86
C PRO A 177 18.73 40.98 22.79
N LEU A 178 18.29 39.99 22.00
CA LEU A 178 19.11 39.38 20.97
C LEU A 178 18.50 39.60 19.60
N LEU A 179 19.27 39.24 18.58
CA LEU A 179 18.86 39.40 17.19
C LEU A 179 19.25 38.15 16.41
N PHE A 180 18.27 37.37 15.93
CA PHE A 180 18.56 36.29 15.00
C PHE A 180 18.62 36.86 13.61
N VAL A 181 19.61 36.43 12.83
CA VAL A 181 19.81 36.96 11.47
C VAL A 181 20.12 35.82 10.51
N GLY A 182 19.33 35.71 9.44
CA GLY A 182 19.66 34.86 8.32
C GLY A 182 20.16 35.71 7.15
N ARG A 183 21.28 35.29 6.57
CA ARG A 183 21.97 36.09 5.56
C ARG A 183 22.40 35.21 4.41
N GLY A 184 21.92 35.52 3.21
CA GLY A 184 22.26 34.69 2.07
C GLY A 184 23.71 34.86 1.64
N TYR A 185 24.18 33.92 0.82
CA TYR A 185 25.56 34.00 0.36
C TYR A 185 25.75 35.25 -0.50
N THR A 186 26.95 35.85 -0.40
CA THR A 186 27.31 36.99 -1.25
C THR A 186 28.75 36.85 -1.74
N SER A 187 29.08 37.66 -2.75
CA SER A 187 30.45 37.92 -3.22
C SER A 187 31.03 36.77 -4.03
N ILE A 194 31.20 34.72 6.68
CA ILE A 194 30.05 35.10 7.49
C ILE A 194 29.01 33.99 7.55
N PRO A 195 28.68 33.54 8.75
CA PRO A 195 27.77 32.40 8.92
C PRO A 195 26.35 32.74 8.49
N PRO A 196 25.66 31.81 7.83
CA PRO A 196 24.33 32.11 7.29
C PRO A 196 23.31 32.45 8.36
N ILE A 197 23.46 31.97 9.58
CA ILE A 197 22.58 32.35 10.69
C ILE A 197 23.44 32.64 11.90
N THR A 198 23.03 33.64 12.68
CA THR A 198 23.78 34.14 13.83
C THR A 198 22.78 34.61 14.87
N THR A 199 23.26 34.70 16.12
CA THR A 199 22.52 35.32 17.22
C THR A 199 23.43 36.37 17.83
N ARG A 200 22.96 37.62 17.83
CA ARG A 200 23.81 38.77 18.09
C ARG A 200 23.26 39.60 19.24
N ALA A 201 24.15 40.27 19.96
CA ALA A 201 23.72 41.10 21.09
C ALA A 201 23.27 42.48 20.61
N LEU A 202 22.07 42.87 20.99
CA LEU A 202 21.55 44.16 20.59
C LEU A 202 21.94 45.27 21.56
N TRP A 203 22.07 44.96 22.85
CA TRP A 203 22.42 45.94 23.87
C TRP A 203 23.32 45.28 24.91
N PRO A 204 24.55 44.97 24.54
CA PRO A 204 25.46 44.29 25.46
C PRO A 204 26.15 45.26 26.41
N PRO A 205 26.79 44.76 27.48
CA PRO A 205 27.37 45.65 28.49
C PRO A 205 28.31 46.73 27.93
N ASP A 206 29.08 46.40 26.90
CA ASP A 206 29.80 47.42 26.15
C ASP A 206 28.99 47.76 24.92
N PRO A 207 28.59 49.01 24.72
CA PRO A 207 27.81 49.36 23.52
C PRO A 207 28.58 49.15 22.23
N GLN A 208 29.91 49.16 22.28
CA GLN A 208 30.70 49.03 21.05
C GLN A 208 30.65 47.61 20.50
N ALA A 209 30.45 46.62 21.37
CA ALA A 209 30.28 45.24 20.94
C ALA A 209 28.86 44.93 20.43
N ALA A 210 28.03 45.95 20.22
CA ALA A 210 26.66 45.73 19.76
C ALA A 210 26.65 45.05 18.40
N PHE A 211 25.68 44.14 18.20
CA PHE A 211 25.48 43.36 16.99
C PHE A 211 26.59 42.34 16.76
N SER A 212 27.46 42.13 17.75
CA SER A 212 28.46 41.09 17.66
C SER A 212 27.84 39.74 18.00
N TYR A 213 28.46 38.67 17.54
CA TYR A 213 28.05 37.34 17.92
C TYR A 213 29.20 36.61 18.59
N GLU A 214 28.84 35.76 19.55
CA GLU A 214 29.83 34.95 20.25
C GLU A 214 30.19 33.73 19.41
N GLU A 215 31.34 33.13 19.74
CA GLU A 215 31.98 32.15 18.86
C GLU A 215 31.05 30.98 18.57
N THR A 216 30.29 30.53 19.57
CA THR A 216 29.34 29.44 19.40
C THR A 216 27.93 29.91 19.05
N ALA A 217 27.70 31.21 18.94
CA ALA A 217 26.37 31.76 18.63
C ALA A 217 26.18 31.95 17.13
N LYS A 218 26.62 30.97 16.34
CA LYS A 218 26.45 31.01 14.90
C LYS A 218 26.29 29.57 14.42
N LEU A 219 25.75 29.42 13.21
CA LEU A 219 25.70 28.12 12.54
C LEU A 219 26.92 27.98 11.62
N ALA A 220 27.89 27.14 12.01
CA ALA A 220 29.13 26.96 11.25
C ALA A 220 28.85 26.16 9.99
N VAL A 221 29.00 26.80 8.84
CA VAL A 221 28.76 26.21 7.54
C VAL A 221 29.97 26.50 6.66
N GLY A 222 30.38 25.48 5.89
CA GLY A 222 31.67 25.52 5.20
C GLY A 222 31.63 25.98 3.76
N ARG A 223 30.97 25.22 2.89
CA ARG A 223 30.93 25.53 1.47
C ARG A 223 29.74 26.46 1.17
N LEU A 224 29.89 27.71 1.61
CA LEU A 224 28.76 28.65 1.64
C LEU A 224 28.28 29.05 0.24
N SER A 225 29.20 29.18 -0.72
CA SER A 225 28.79 29.48 -2.09
C SER A 225 28.09 28.29 -2.75
N GLU A 226 28.42 27.06 -2.34
CA GLU A 226 27.75 25.89 -2.91
C GLU A 226 26.35 25.69 -2.32
N TYR A 227 26.22 25.71 -0.99
CA TYR A 227 24.87 25.66 -0.42
C TYR A 227 24.06 26.85 -0.92
N SER A 228 24.59 28.07 -0.75
CA SER A 228 24.08 29.28 -1.38
C SER A 228 22.65 29.60 -0.89
N HIS A 229 22.54 29.75 0.43
CA HIS A 229 21.28 30.07 1.07
C HIS A 229 20.67 31.34 0.48
N HIS A 230 19.36 31.29 0.26
CA HIS A 230 18.54 32.46 -0.04
C HIS A 230 17.45 32.48 1.02
N PHE A 231 17.50 33.44 1.92
CA PHE A 231 16.56 33.43 3.03
C PHE A 231 15.24 34.09 2.63
N VAL A 232 14.16 33.59 3.23
CA VAL A 232 12.80 34.05 2.97
C VAL A 232 12.20 34.74 4.17
N SER A 233 12.45 34.25 5.38
CA SER A 233 11.78 34.80 6.54
C SER A 233 12.30 34.11 7.78
N ALA A 234 11.95 34.69 8.94
CA ALA A 234 12.28 34.11 10.23
C ALA A 234 11.17 34.48 11.22
N PHE A 235 10.78 33.53 12.07
CA PHE A 235 9.66 33.79 12.97
C PHE A 235 9.83 32.99 14.25
N ALA A 236 9.14 33.45 15.29
CA ALA A 236 9.20 32.80 16.59
C ALA A 236 7.86 32.12 16.89
N ARG A 237 7.93 31.01 17.63
CA ARG A 237 6.74 30.35 18.16
C ARG A 237 7.13 29.58 19.40
N GLY A 238 6.39 29.78 20.49
CA GLY A 238 6.72 29.17 21.76
C GLY A 238 8.17 29.37 22.15
N ALA A 239 8.87 28.26 22.32
CA ALA A 239 10.25 28.25 22.77
C ALA A 239 11.23 28.15 21.62
N SER A 240 10.80 28.47 20.40
CA SER A 240 11.63 28.23 19.23
C SER A 240 11.65 29.43 18.29
N ALA A 241 12.72 29.48 17.50
CA ALA A 241 12.85 30.35 16.34
C ALA A 241 12.94 29.49 15.07
N TYR A 242 12.34 29.98 13.98
CA TYR A 242 12.27 29.23 12.72
C TYR A 242 12.78 30.07 11.55
N PHE A 243 13.43 29.41 10.60
CA PHE A 243 13.95 30.08 9.42
C PHE A 243 13.49 29.34 8.17
N LEU A 244 12.85 30.05 7.24
CA LEU A 244 12.47 29.52 5.95
C LEU A 244 13.45 30.05 4.92
N PHE A 245 13.91 29.17 4.02
CA PHE A 245 14.96 29.55 3.07
C PHE A 245 15.04 28.54 1.93
N LEU A 246 15.93 28.85 0.98
CA LEU A 246 16.26 28.00 -0.15
C LEU A 246 17.76 27.79 -0.15
N ARG A 247 18.19 26.57 -0.39
CA ARG A 247 19.60 26.31 -0.61
C ARG A 247 19.73 25.13 -1.55
N ARG A 248 20.96 24.81 -1.93
CA ARG A 248 21.20 23.66 -2.78
C ARG A 248 21.20 22.39 -1.93
N ASP A 249 20.43 21.40 -2.35
CA ASP A 249 20.45 20.11 -1.69
C ASP A 249 21.64 19.34 -2.26
N LEU A 250 22.80 19.52 -1.63
CA LEU A 250 23.98 18.78 -2.04
C LEU A 250 23.85 17.30 -1.76
N GLN A 251 22.97 16.89 -0.83
CA GLN A 251 22.68 15.48 -0.63
C GLN A 251 22.05 14.85 -1.88
N ALA A 252 21.45 15.66 -2.76
CA ALA A 252 20.80 15.16 -3.96
C ALA A 252 21.78 15.09 -5.12
N GLN A 253 21.56 14.11 -6.00
CA GLN A 253 22.48 13.94 -7.11
C GLN A 253 22.41 15.12 -8.07
N SER A 254 21.26 15.78 -8.15
CA SER A 254 21.10 16.93 -9.03
C SER A 254 21.55 18.24 -8.40
N ARG A 255 21.71 18.29 -7.08
CA ARG A 255 22.17 19.46 -6.35
C ARG A 255 21.31 20.69 -6.64
N ALA A 256 20.00 20.49 -6.86
CA ALA A 256 19.08 21.57 -7.15
C ALA A 256 18.64 22.29 -5.87
N PHE A 257 18.13 23.51 -6.06
CA PHE A 257 17.68 24.31 -4.93
C PHE A 257 16.40 23.72 -4.34
N ARG A 258 16.27 23.84 -3.02
CA ARG A 258 15.22 23.16 -2.26
C ARG A 258 14.83 24.01 -1.06
N ALA A 259 13.54 24.05 -0.75
CA ALA A 259 13.05 24.87 0.34
C ALA A 259 13.19 24.13 1.67
N TYR A 260 13.50 24.86 2.73
CA TYR A 260 13.59 24.27 4.05
C TYR A 260 12.97 25.19 5.09
N VAL A 261 12.37 24.57 6.10
CA VAL A 261 12.14 25.19 7.39
C VAL A 261 13.25 24.70 8.33
N SER A 262 13.56 25.50 9.34
CA SER A 262 14.69 25.20 10.22
C SER A 262 14.36 25.73 11.62
N ARG A 263 14.78 25.01 12.66
CA ARG A 263 14.31 25.31 14.01
C ARG A 263 15.47 25.32 15.00
N VAL A 264 15.39 26.21 16.00
CA VAL A 264 16.39 26.35 17.04
C VAL A 264 15.67 26.80 18.30
N CYS A 265 16.21 26.42 19.46
CA CYS A 265 15.70 26.92 20.74
C CYS A 265 16.03 28.41 20.91
N LEU A 266 15.10 29.17 21.52
CA LEU A 266 15.30 30.59 21.76
C LEU A 266 16.29 30.85 22.90
N ARG A 267 16.15 30.13 24.01
CA ARG A 267 17.11 30.26 25.12
C ARG A 267 18.50 29.82 24.66
N ASP A 268 18.55 28.73 23.88
CA ASP A 268 19.79 28.03 23.53
C ASP A 268 20.96 28.98 23.29
N GLN A 269 20.87 29.81 22.24
CA GLN A 269 21.96 30.69 21.84
C GLN A 269 23.23 29.90 21.53
N HIS A 270 23.09 28.66 21.03
CA HIS A 270 24.26 27.85 20.70
C HIS A 270 24.16 27.04 19.43
N TYR A 271 22.96 26.91 18.84
CA TYR A 271 22.73 26.14 17.62
C TYR A 271 22.95 24.64 17.81
N TYR A 272 23.07 24.19 19.07
CA TYR A 272 23.08 22.75 19.36
C TYR A 272 21.80 22.07 18.92
N SER A 273 20.67 22.77 19.00
CA SER A 273 19.38 22.21 18.68
C SER A 273 18.93 22.56 17.27
N TYR A 274 19.86 23.07 16.44
CA TYR A 274 19.53 23.39 15.07
C TYR A 274 19.18 22.11 14.32
N VAL A 275 18.04 22.16 13.63
CA VAL A 275 17.53 21.01 12.86
C VAL A 275 16.79 21.56 11.64
N GLU A 276 17.13 21.06 10.45
CA GLU A 276 16.45 21.45 9.22
C GLU A 276 15.49 20.36 8.77
N LEU A 277 14.39 20.79 8.12
CA LEU A 277 13.42 19.87 7.52
C LEU A 277 13.13 20.38 6.11
N PRO A 278 13.27 19.53 5.09
CA PRO A 278 12.91 19.96 3.74
C PRO A 278 11.41 20.14 3.64
N LEU A 279 11.02 21.06 2.77
CA LEU A 279 9.61 21.25 2.46
C LEU A 279 9.28 20.55 1.14
N ALA A 280 8.11 19.94 1.08
CA ALA A 280 7.64 19.29 -0.12
C ALA A 280 6.26 19.84 -0.41
N CYS A 281 6.17 20.70 -1.41
CA CYS A 281 4.90 21.25 -1.87
C CYS A 281 4.64 20.53 -3.19
N GLU A 282 3.71 19.59 -3.16
CA GLU A 282 3.56 18.54 -4.19
C GLU A 282 4.90 17.83 -4.41
N GLY A 283 5.44 17.30 -3.31
CA GLY A 283 6.67 16.56 -3.37
C GLY A 283 7.87 17.36 -3.77
N GLY A 284 7.78 18.69 -3.67
CA GLY A 284 8.83 19.56 -4.15
C GLY A 284 8.71 19.89 -5.62
N ARG A 285 7.54 19.64 -6.22
CA ARG A 285 7.35 20.02 -7.61
C ARG A 285 7.32 21.53 -7.77
N TYR A 286 6.79 22.24 -6.77
CA TYR A 286 7.03 23.66 -6.61
C TYR A 286 8.17 23.76 -5.63
N GLY A 287 9.38 23.94 -6.15
CA GLY A 287 10.59 23.89 -5.36
C GLY A 287 11.06 25.18 -4.71
N LEU A 288 10.67 26.34 -5.24
CA LEU A 288 11.25 27.64 -4.87
C LEU A 288 10.28 28.38 -3.97
N ILE A 289 10.51 28.28 -2.65
CA ILE A 289 9.66 29.00 -1.72
C ILE A 289 9.97 30.49 -1.82
N GLN A 290 8.93 31.31 -1.87
CA GLN A 290 9.01 32.74 -2.14
C GLN A 290 8.62 33.59 -0.96
N ALA A 291 7.60 33.16 -0.21
CA ALA A 291 6.97 33.97 0.82
C ALA A 291 6.11 33.03 1.64
N ALA A 292 5.88 33.43 2.89
CA ALA A 292 4.97 32.70 3.76
C ALA A 292 4.42 33.65 4.81
N ALA A 293 3.32 33.23 5.41
CA ALA A 293 2.76 33.94 6.55
C ALA A 293 1.96 32.94 7.36
N VAL A 294 1.87 33.23 8.64
CA VAL A 294 0.92 32.58 9.53
C VAL A 294 -0.31 33.49 9.64
N ALA A 295 -1.50 32.89 9.76
CA ALA A 295 -2.70 33.69 9.93
C ALA A 295 -2.57 34.65 11.11
N THR A 296 -3.01 35.89 10.91
CA THR A 296 -3.01 36.92 11.95
C THR A 296 -4.37 37.60 11.91
N SER A 297 -5.00 37.78 13.07
CA SER A 297 -6.35 38.34 13.09
C SER A 297 -6.68 38.85 14.49
N ARG A 298 -7.81 39.58 14.57
CA ARG A 298 -8.27 40.09 15.85
C ARG A 298 -8.55 38.97 16.84
N GLU A 299 -8.99 37.81 16.34
CA GLU A 299 -9.34 36.68 17.21
C GLU A 299 -8.11 35.84 17.56
N VAL A 300 -7.35 35.43 16.55
CA VAL A 300 -6.11 34.67 16.73
C VAL A 300 -4.95 35.57 16.34
N ALA A 301 -4.18 36.03 17.32
CA ALA A 301 -3.05 36.92 17.05
C ALA A 301 -2.10 36.32 16.03
N HIS A 302 -1.67 35.07 16.25
CA HIS A 302 -0.84 34.33 15.32
C HIS A 302 -1.32 32.90 15.27
N GLY A 303 -1.62 32.41 14.06
CA GLY A 303 -2.17 31.08 13.90
C GLY A 303 -1.15 29.96 14.03
N GLU A 304 -1.64 28.72 13.95
CA GLU A 304 -0.77 27.56 14.04
C GLU A 304 -0.39 26.96 12.69
N VAL A 305 -0.83 27.55 11.57
CA VAL A 305 -0.59 26.99 10.24
C VAL A 305 0.25 27.97 9.43
N LEU A 306 1.33 27.46 8.85
CA LEU A 306 2.17 28.26 7.97
C LEU A 306 1.65 28.13 6.54
N PHE A 307 1.27 29.26 5.96
CA PHE A 307 0.83 29.31 4.57
C PHE A 307 2.00 29.82 3.74
N ALA A 308 2.53 28.98 2.85
CA ALA A 308 3.72 29.34 2.08
C ALA A 308 3.42 29.34 0.59
N ALA A 309 3.99 30.30 -0.13
CA ALA A 309 3.92 30.34 -1.59
C ALA A 309 5.20 29.79 -2.18
N PHE A 310 5.06 28.90 -3.16
CA PHE A 310 6.17 28.28 -3.85
C PHE A 310 6.00 28.50 -5.34
N SER A 311 7.11 28.50 -6.05
CA SER A 311 7.17 28.85 -7.45
C SER A 311 7.98 27.77 -8.16
N SER A 312 7.63 27.47 -9.41
CA SER A 312 8.27 26.39 -10.14
C SER A 312 9.44 26.92 -10.97
N ALA A 313 10.50 26.11 -11.05
CA ALA A 313 11.71 26.51 -11.76
C ALA A 313 11.75 25.97 -13.18
N GLY A 330 5.66 29.17 -16.23
CA GLY A 330 5.90 28.90 -14.81
C GLY A 330 4.66 29.17 -13.99
N ALA A 331 4.56 28.59 -12.79
CA ALA A 331 3.34 28.67 -11.99
C ALA A 331 3.68 28.68 -10.50
N SER A 332 2.69 29.05 -9.70
CA SER A 332 2.82 29.18 -8.25
C SER A 332 1.77 28.33 -7.53
N ALA A 333 2.02 28.09 -6.26
CA ALA A 333 1.15 27.25 -5.43
C ALA A 333 1.14 27.79 -4.02
N LEU A 334 0.03 27.60 -3.33
CA LEU A 334 -0.10 27.88 -1.90
C LEU A 334 -0.16 26.55 -1.15
N CYS A 335 0.69 26.40 -0.13
CA CYS A 335 0.87 25.14 0.58
C CYS A 335 0.85 25.39 2.09
N ALA A 336 -0.04 24.71 2.81
CA ALA A 336 -0.09 24.85 4.26
C ALA A 336 0.82 23.83 4.92
N PHE A 337 1.44 24.23 6.03
CA PHE A 337 2.27 23.33 6.84
C PHE A 337 1.89 23.53 8.30
N PRO A 338 1.08 22.63 8.87
CA PRO A 338 0.74 22.75 10.30
C PRO A 338 1.99 22.79 11.17
N LEU A 339 2.02 23.74 12.10
CA LEU A 339 3.24 23.96 12.87
C LEU A 339 3.49 22.87 13.90
N ASP A 340 2.45 22.15 14.35
CA ASP A 340 2.70 20.99 15.22
C ASP A 340 3.34 19.84 14.44
N GLU A 341 2.99 19.67 13.16
CA GLU A 341 3.67 18.66 12.35
C GLU A 341 5.11 19.06 12.09
N VAL A 342 5.36 20.35 11.81
CA VAL A 342 6.72 20.89 11.73
C VAL A 342 7.48 20.54 13.00
N ASP A 343 6.87 20.79 14.15
CA ASP A 343 7.54 20.43 15.38
C ASP A 343 7.58 18.92 15.59
N ARG A 344 6.59 18.19 15.08
CA ARG A 344 6.60 16.73 15.23
C ARG A 344 7.82 16.14 14.53
N LEU A 345 8.09 16.59 13.30
CA LEU A 345 9.14 16.02 12.46
C LEU A 345 10.54 16.44 12.87
N ALA A 346 10.68 17.68 13.38
CA ALA A 346 11.97 18.06 13.93
C ALA A 346 12.27 17.28 15.19
N ASN A 347 11.24 17.05 16.00
CA ASN A 347 11.39 16.23 17.19
C ASN A 347 11.84 14.83 16.83
N ARG A 348 11.19 14.21 15.85
CA ARG A 348 11.64 12.90 15.40
C ARG A 348 13.07 12.95 14.92
N THR A 349 13.40 13.95 14.11
CA THR A 349 14.76 14.06 13.58
C THR A 349 15.79 14.12 14.70
N ARG A 350 15.61 15.07 15.64
CA ARG A 350 16.49 15.15 16.80
C ARG A 350 16.53 13.82 17.56
N ASP A 351 15.35 13.29 17.90
CA ASP A 351 15.29 12.07 18.71
C ASP A 351 16.06 10.93 18.03
N ALA A 352 15.85 10.75 16.72
CA ALA A 352 16.51 9.66 16.01
C ALA A 352 18.03 9.86 15.98
N CYS A 353 18.45 11.09 15.66
CA CYS A 353 19.88 11.34 15.50
C CYS A 353 20.63 11.28 16.84
N TYR A 354 19.93 11.54 17.95
CA TYR A 354 20.54 11.40 19.28
C TYR A 354 20.69 9.93 19.69
N THR A 355 19.61 9.15 19.57
CA THR A 355 19.49 7.90 20.31
C THR A 355 19.48 6.63 19.46
N ARG A 356 19.07 6.69 18.19
CA ARG A 356 19.05 5.54 17.29
C ARG A 356 20.00 5.71 16.11
N GLU A 357 21.01 6.57 16.22
CA GLU A 357 22.04 6.74 15.18
C GLU A 357 21.46 7.24 13.85
N GLY A 358 20.47 8.12 13.92
CA GLY A 358 19.92 8.67 12.70
C GLY A 358 18.87 7.82 12.02
N ARG A 359 18.33 6.80 12.72
CA ARG A 359 17.50 5.79 12.07
C ARG A 359 16.16 5.65 12.79
N ALA A 360 15.15 5.26 12.02
CA ALA A 360 13.87 4.89 12.60
C ALA A 360 14.01 3.55 13.35
N GLU A 361 12.90 3.11 13.97
CA GLU A 361 12.91 1.85 14.71
C GLU A 361 13.11 0.64 13.80
N ASP A 362 12.72 0.72 12.53
CA ASP A 362 12.99 -0.36 11.59
C ASP A 362 14.33 -0.22 10.89
N GLY A 363 15.13 0.80 11.24
CA GLY A 363 16.44 1.00 10.68
C GLY A 363 16.52 1.89 9.46
N THR A 364 15.42 2.48 9.01
CA THR A 364 15.50 3.37 7.84
C THR A 364 16.13 4.69 8.24
N GLU A 365 16.98 5.21 7.36
CA GLU A 365 17.69 6.44 7.65
C GLU A 365 16.74 7.62 7.59
N VAL A 366 16.65 8.40 8.69
CA VAL A 366 15.71 9.51 8.77
C VAL A 366 16.40 10.82 9.15
N ALA A 367 17.66 10.75 9.56
CA ALA A 367 18.30 11.95 10.09
C ALA A 367 19.80 11.86 9.83
N TYR A 368 20.44 13.01 9.67
CA TYR A 368 21.88 13.06 9.41
C TYR A 368 22.44 14.42 9.85
N ILE A 369 23.76 14.56 9.72
CA ILE A 369 24.45 15.82 9.96
C ILE A 369 24.70 16.49 8.61
N GLU A 370 24.23 17.73 8.48
CA GLU A 370 24.36 18.51 7.27
C GLU A 370 25.56 19.47 7.37
N TYR A 371 25.89 20.10 6.25
CA TYR A 371 26.87 21.19 6.20
C TYR A 371 28.30 20.71 6.40
N ASP A 372 28.53 19.41 6.20
CA ASP A 372 29.83 18.75 6.31
C ASP A 372 30.50 18.90 7.66
N VAL A 373 29.76 19.33 8.70
CA VAL A 373 30.32 19.39 10.04
C VAL A 373 30.82 18.00 10.44
N ASN A 374 31.93 17.97 11.18
CA ASN A 374 32.52 16.70 11.61
C ASN A 374 31.82 16.31 12.91
N SER A 375 30.61 15.82 12.71
CA SER A 375 29.71 15.34 13.75
C SER A 375 29.01 14.12 13.19
N ASP A 376 28.47 13.30 14.09
CA ASP A 376 27.73 12.11 13.73
C ASP A 376 26.54 11.96 14.65
N CYS A 377 25.50 11.32 14.13
CA CYS A 377 24.44 10.83 15.01
C CYS A 377 25.00 9.73 15.92
N ALA A 378 24.36 9.56 17.06
CA ALA A 378 24.93 8.74 18.13
C ALA A 378 23.95 7.71 18.70
N GLN A 379 24.34 7.06 19.80
CA GLN A 379 23.47 6.13 20.49
C GLN A 379 23.32 6.55 21.95
N LEU A 380 23.07 7.84 22.15
CA LEU A 380 22.93 8.35 23.50
C LEU A 380 21.69 7.75 24.18
N PRO A 381 21.66 7.69 25.51
CA PRO A 381 20.48 7.16 26.18
C PRO A 381 19.26 7.98 25.83
N VAL A 382 18.08 7.41 26.09
CA VAL A 382 16.87 8.18 25.88
C VAL A 382 16.78 9.31 26.88
N ASP A 383 17.50 9.20 28.00
CA ASP A 383 17.47 10.24 29.02
C ASP A 383 18.07 11.55 28.51
N THR A 384 18.97 11.47 27.52
CA THR A 384 19.56 12.69 26.96
C THR A 384 18.48 13.64 26.42
N LEU A 385 17.41 13.08 25.85
CA LEU A 385 16.34 13.90 25.33
C LEU A 385 15.71 14.76 26.42
N ASP A 386 15.59 14.22 27.64
CA ASP A 386 14.98 14.98 28.72
C ASP A 386 15.98 15.86 29.44
N ALA A 387 17.25 15.45 29.46
CA ALA A 387 18.28 16.20 30.16
C ALA A 387 18.89 17.31 29.30
N TYR A 388 18.81 17.17 27.98
CA TYR A 388 19.35 18.14 27.05
C TYR A 388 18.40 18.27 25.88
N PRO A 389 17.22 18.85 26.10
CA PRO A 389 16.27 18.99 24.99
C PRO A 389 16.78 19.94 23.92
N CYS A 390 17.57 20.95 24.31
CA CYS A 390 18.20 21.86 23.36
C CYS A 390 19.66 21.52 23.09
N GLY A 391 20.06 20.30 23.41
CA GLY A 391 21.36 19.83 23.01
C GLY A 391 22.46 20.28 23.94
N SER A 392 23.68 20.09 23.48
CA SER A 392 24.83 20.34 24.33
C SER A 392 26.09 20.46 23.48
N ASP A 393 27.21 20.54 24.17
CA ASP A 393 28.53 20.64 23.56
C ASP A 393 28.83 19.47 22.62
N HIS A 394 28.36 18.26 22.96
CA HIS A 394 28.78 17.06 22.27
C HIS A 394 27.65 16.26 21.68
N THR A 395 26.43 16.80 21.67
CA THR A 395 25.35 16.19 20.93
C THR A 395 25.53 16.46 19.45
N PRO A 396 25.07 15.54 18.59
CA PRO A 396 25.28 15.71 17.15
C PRO A 396 24.65 16.99 16.62
N SER A 397 25.39 17.71 15.77
CA SER A 397 24.94 19.01 15.32
C SER A 397 25.71 19.44 14.09
N PRO A 398 25.07 20.13 13.12
CA PRO A 398 23.64 20.42 13.01
C PRO A 398 22.92 19.29 12.26
N MET A 399 21.61 19.14 12.52
CA MET A 399 20.88 17.97 12.11
C MET A 399 19.91 18.31 10.99
N ALA A 400 19.59 17.30 10.20
CA ALA A 400 18.64 17.47 9.11
C ALA A 400 17.79 16.21 8.99
N SER A 401 16.61 16.36 8.43
CA SER A 401 15.76 15.20 8.15
C SER A 401 15.98 14.72 6.72
N ARG A 402 16.09 13.39 6.57
CA ARG A 402 15.97 12.79 5.24
C ARG A 402 14.52 12.77 4.76
N VAL A 403 13.58 12.98 5.66
CA VAL A 403 12.16 12.80 5.38
C VAL A 403 11.54 14.18 5.24
N PRO A 404 10.98 14.52 4.09
CA PRO A 404 10.40 15.86 3.92
C PRO A 404 9.04 15.94 4.62
N LEU A 405 8.60 17.18 4.78
CA LEU A 405 7.27 17.49 5.25
C LEU A 405 6.43 17.88 4.04
N GLU A 406 5.27 17.25 3.89
CA GLU A 406 4.53 17.25 2.64
C GLU A 406 3.32 18.16 2.73
N ALA A 407 2.94 18.74 1.60
CA ALA A 407 1.74 19.55 1.52
C ALA A 407 1.14 19.39 0.13
N THR A 408 -0.16 19.30 0.07
CA THR A 408 -0.80 19.29 -1.23
C THR A 408 -1.25 20.71 -1.52
N PRO A 409 -0.92 21.28 -2.68
CA PRO A 409 -1.29 22.66 -2.96
C PRO A 409 -2.76 22.91 -2.70
N ILE A 410 -3.06 23.99 -1.96
CA ILE A 410 -4.45 24.46 -1.86
C ILE A 410 -4.78 25.41 -2.98
N LEU A 411 -3.81 25.81 -3.79
CA LEU A 411 -4.05 26.56 -5.02
C LEU A 411 -2.95 26.21 -6.00
N GLU A 412 -3.29 26.31 -7.28
CA GLU A 412 -2.30 26.26 -8.36
C GLU A 412 -2.71 27.25 -9.43
N TRP A 413 -1.85 28.22 -9.68
CA TRP A 413 -2.12 29.32 -10.60
C TRP A 413 -1.13 29.27 -11.73
N PRO A 414 -1.54 28.87 -12.94
CA PRO A 414 -0.56 28.47 -13.97
C PRO A 414 0.31 29.59 -14.53
N GLY A 415 -0.02 30.87 -14.34
CA GLY A 415 0.83 31.87 -14.96
C GLY A 415 1.28 32.98 -14.03
N ILE A 416 1.59 32.62 -12.79
CA ILE A 416 1.73 33.59 -11.73
C ILE A 416 2.94 33.22 -10.87
N GLN A 417 3.78 34.21 -10.60
CA GLN A 417 4.85 34.07 -9.62
C GLN A 417 4.45 34.87 -8.40
N LEU A 418 4.06 34.15 -7.35
CA LEU A 418 3.71 34.77 -6.08
C LEU A 418 4.98 35.26 -5.41
N THR A 419 4.86 36.38 -4.70
CA THR A 419 6.01 36.98 -4.02
C THR A 419 5.70 37.38 -2.57
N ALA A 420 4.45 37.23 -2.14
CA ALA A 420 4.01 37.83 -0.89
C ALA A 420 2.73 37.15 -0.44
N VAL A 421 2.60 36.99 0.87
CA VAL A 421 1.52 36.23 1.50
C VAL A 421 1.16 36.91 2.81
N ALA A 422 -0.12 37.26 2.95
CA ALA A 422 -0.72 37.56 4.24
C ALA A 422 -2.04 36.79 4.35
N VAL A 423 -2.38 36.38 5.56
CA VAL A 423 -3.57 35.56 5.81
C VAL A 423 -4.27 36.08 7.05
N THR A 424 -5.60 36.21 6.98
CA THR A 424 -6.39 36.68 8.13
C THR A 424 -7.69 35.86 8.24
N MET A 425 -8.54 36.27 9.18
CA MET A 425 -9.75 35.56 9.58
C MET A 425 -10.88 36.58 9.70
N GLU A 426 -12.01 36.28 9.06
CA GLU A 426 -13.18 37.16 9.08
C GLU A 426 -14.40 36.32 9.39
N ASP A 427 -14.96 36.51 10.59
CA ASP A 427 -16.16 35.79 11.05
C ASP A 427 -15.95 34.27 10.98
N GLY A 428 -14.75 33.81 11.28
CA GLY A 428 -14.40 32.42 11.22
C GLY A 428 -13.77 31.97 9.92
N HIS A 429 -13.92 32.76 8.85
CA HIS A 429 -13.40 32.37 7.54
C HIS A 429 -11.96 32.85 7.38
N THR A 430 -11.15 32.04 6.71
CA THR A 430 -9.75 32.38 6.49
C THR A 430 -9.60 32.92 5.07
N ILE A 431 -9.15 34.17 4.98
CA ILE A 431 -8.90 34.85 3.73
C ILE A 431 -7.39 35.02 3.60
N ALA A 432 -6.91 34.98 2.36
CA ALA A 432 -5.49 35.07 2.07
C ALA A 432 -5.28 36.22 1.10
N PHE A 433 -4.37 37.13 1.46
CA PHE A 433 -3.94 38.23 0.59
C PHE A 433 -2.58 37.83 0.01
N LEU A 434 -2.50 37.75 -1.32
CA LEU A 434 -1.37 37.15 -2.02
C LEU A 434 -0.88 38.07 -3.12
N GLY A 435 0.37 38.54 -2.99
CA GLY A 435 0.94 39.39 -4.03
C GLY A 435 1.78 38.61 -5.04
N ASP A 436 1.90 39.17 -6.24
CA ASP A 436 2.59 38.50 -7.33
C ASP A 436 3.66 39.41 -7.96
N SER A 437 4.48 38.79 -8.81
CA SER A 437 5.61 39.51 -9.39
C SER A 437 5.19 40.65 -10.30
N GLN A 438 3.94 40.66 -10.73
CA GLN A 438 3.42 41.64 -11.67
C GLN A 438 2.76 42.83 -10.96
N GLY A 439 2.85 42.90 -9.64
CA GLY A 439 2.25 44.01 -8.92
C GLY A 439 0.76 43.88 -8.66
N GLN A 440 0.21 42.67 -8.74
CA GLN A 440 -1.19 42.46 -8.44
C GLN A 440 -1.33 41.92 -7.02
N LEU A 441 -2.44 42.29 -6.37
CA LEU A 441 -2.79 41.76 -5.06
C LEU A 441 -4.12 41.01 -5.17
N HIS A 442 -4.09 39.72 -4.90
CA HIS A 442 -5.25 38.85 -5.01
C HIS A 442 -5.84 38.57 -3.63
N ARG A 443 -7.13 38.27 -3.61
CA ARG A 443 -7.83 37.89 -2.38
C ARG A 443 -8.53 36.56 -2.62
N VAL A 444 -8.26 35.58 -1.75
CA VAL A 444 -8.72 34.21 -1.93
C VAL A 444 -9.37 33.72 -0.65
N TYR A 445 -10.53 33.11 -0.76
CA TYR A 445 -11.20 32.47 0.35
C TYR A 445 -10.64 31.05 0.52
N LEU A 446 -10.11 30.74 1.70
CA LEU A 446 -9.45 29.46 1.89
C LEU A 446 -10.32 28.42 2.62
N GLY A 447 -11.58 28.74 2.92
CA GLY A 447 -12.40 27.83 3.68
C GLY A 447 -12.99 26.72 2.83
N PRO A 448 -13.82 25.88 3.47
CA PRO A 448 -14.40 24.72 2.77
C PRO A 448 -15.33 25.14 1.64
N GLY A 449 -15.15 24.53 0.47
CA GLY A 449 -15.93 24.85 -0.71
C GLY A 449 -15.23 25.74 -1.71
N SER A 450 -13.99 26.12 -1.44
CA SER A 450 -13.36 27.23 -2.14
C SER A 450 -13.01 26.89 -3.58
N ASP A 451 -13.13 27.90 -4.43
CA ASP A 451 -12.81 27.81 -5.86
C ASP A 451 -11.31 27.65 -6.10
N GLY A 452 -10.48 28.17 -5.20
CA GLY A 452 -9.09 28.40 -5.53
C GLY A 452 -8.82 29.69 -6.28
N HIS A 453 -9.82 30.21 -7.02
CA HIS A 453 -9.65 31.44 -7.75
C HIS A 453 -9.82 32.63 -6.80
N PRO A 454 -9.11 33.73 -7.05
CA PRO A 454 -9.30 34.91 -6.22
C PRO A 454 -10.70 35.47 -6.44
N TYR A 455 -11.33 35.90 -5.34
CA TYR A 455 -12.58 36.63 -5.49
C TYR A 455 -12.33 38.10 -5.83
N SER A 456 -11.09 38.55 -5.77
CA SER A 456 -10.78 39.95 -6.03
C SER A 456 -9.33 40.06 -6.47
N THR A 457 -9.07 41.05 -7.32
CA THR A 457 -7.71 41.34 -7.75
C THR A 457 -7.58 42.83 -8.03
N GLN A 458 -6.50 43.42 -7.57
CA GLN A 458 -6.27 44.86 -7.67
C GLN A 458 -4.83 45.09 -8.09
N SER A 459 -4.62 46.06 -8.97
CA SER A 459 -3.27 46.42 -9.40
C SER A 459 -2.68 47.45 -8.44
N ILE A 460 -1.52 47.13 -7.87
CA ILE A 460 -0.81 48.04 -6.98
C ILE A 460 0.23 48.83 -7.74
N GLN A 461 1.09 48.15 -8.49
CA GLN A 461 1.98 48.80 -9.45
C GLN A 461 2.30 47.79 -10.53
N GLN A 462 1.83 48.05 -11.75
CA GLN A 462 2.01 47.12 -12.85
C GLN A 462 3.50 46.85 -13.10
N GLY A 463 3.84 45.57 -13.24
CA GLY A 463 5.18 45.12 -13.54
C GLY A 463 6.15 45.08 -12.37
N SER A 464 5.70 45.37 -11.15
CA SER A 464 6.59 45.61 -10.02
C SER A 464 6.15 44.78 -8.84
N ALA A 465 7.01 43.83 -8.46
CA ALA A 465 6.68 42.72 -7.55
C ALA A 465 6.21 43.20 -6.18
N VAL A 466 5.20 42.53 -5.64
CA VAL A 466 4.67 42.89 -4.34
C VAL A 466 5.59 42.36 -3.27
N SER A 467 5.78 43.14 -2.21
CA SER A 467 6.80 42.86 -1.22
C SER A 467 6.29 41.88 -0.17
N ARG A 468 7.17 40.98 0.26
CA ARG A 468 6.87 40.04 1.34
C ARG A 468 6.33 40.74 2.57
N ASP A 469 6.65 42.02 2.74
CA ASP A 469 6.35 42.67 4.00
C ASP A 469 4.92 43.18 4.04
N LEU A 470 3.99 42.34 3.62
CA LEU A 470 2.57 42.62 3.79
C LEU A 470 2.28 42.60 5.29
N THR A 471 1.63 43.65 5.77
CA THR A 471 1.28 43.72 7.19
C THR A 471 -0.11 44.30 7.34
N PHE A 472 -0.83 43.86 8.36
CA PHE A 472 -2.13 44.44 8.66
C PHE A 472 -1.97 45.59 9.66
N ASP A 473 -2.98 46.44 9.72
CA ASP A 473 -2.99 47.41 10.80
C ASP A 473 -3.61 46.80 12.05
N GLY A 474 -3.48 47.53 13.16
CA GLY A 474 -3.84 46.99 14.46
C GLY A 474 -5.24 46.39 14.53
N THR A 475 -6.18 46.95 13.76
CA THR A 475 -7.57 46.49 13.76
C THR A 475 -7.85 45.44 12.69
N PHE A 476 -6.92 45.23 11.76
CA PHE A 476 -7.07 44.36 10.60
C PHE A 476 -8.10 44.87 9.61
N GLU A 477 -8.38 46.17 9.63
CA GLU A 477 -9.25 46.80 8.65
C GLU A 477 -8.50 47.16 7.36
N HIS A 478 -7.18 47.16 7.39
CA HIS A 478 -6.40 47.58 6.24
C HIS A 478 -5.15 46.74 6.13
N LEU A 479 -4.70 46.58 4.89
CA LEU A 479 -3.44 45.92 4.59
C LEU A 479 -2.47 46.92 3.96
N TYR A 480 -1.23 46.94 4.48
CA TYR A 480 -0.19 47.80 3.95
C TYR A 480 0.56 47.04 2.85
N VAL A 481 0.35 47.44 1.59
CA VAL A 481 0.88 46.71 0.45
C VAL A 481 1.93 47.57 -0.23
N MET A 482 3.05 46.94 -0.61
CA MET A 482 4.23 47.66 -1.06
C MET A 482 4.77 47.02 -2.32
N THR A 483 5.18 47.85 -3.29
CA THR A 483 5.99 47.43 -4.43
C THR A 483 7.27 48.26 -4.41
N GLN A 484 8.09 48.13 -5.45
CA GLN A 484 9.38 48.83 -5.43
C GLN A 484 9.24 50.35 -5.49
N SER A 485 8.05 50.90 -5.78
CA SER A 485 7.87 52.34 -5.90
C SER A 485 6.73 52.92 -5.08
N THR A 486 5.95 52.12 -4.35
CA THR A 486 4.79 52.70 -3.70
C THR A 486 4.35 51.82 -2.53
N LEU A 487 3.71 52.44 -1.53
CA LEU A 487 3.11 51.74 -0.40
C LEU A 487 1.67 52.18 -0.20
N LEU A 488 0.74 51.21 -0.21
CA LEU A 488 -0.70 51.46 -0.12
C LEU A 488 -1.26 51.06 1.24
N LYS A 489 -2.32 51.75 1.67
CA LYS A 489 -3.16 51.35 2.80
C LYS A 489 -4.51 50.90 2.21
N VAL A 490 -4.63 49.60 1.96
CA VAL A 490 -5.73 49.03 1.19
C VAL A 490 -6.77 48.46 2.15
N PRO A 491 -8.03 48.87 2.06
CA PRO A 491 -9.08 48.31 2.93
C PRO A 491 -9.32 46.84 2.64
N VAL A 492 -9.73 46.09 3.67
CA VAL A 492 -9.99 44.66 3.46
C VAL A 492 -11.39 44.39 2.91
N ALA A 493 -12.33 45.33 3.02
CA ALA A 493 -13.70 45.11 2.57
C ALA A 493 -14.31 46.44 2.14
N SER A 494 -15.59 46.36 1.77
CA SER A 494 -16.40 47.51 1.36
C SER A 494 -17.89 47.20 1.55
N THR B 39 5.32 -21.27 -19.58
CA THR B 39 4.44 -22.38 -19.26
C THR B 39 3.19 -21.83 -18.55
N ALA B 40 2.07 -22.51 -18.74
CA ALA B 40 0.80 -21.91 -18.37
C ALA B 40 -0.20 -22.99 -17.96
N PHE B 41 -1.15 -22.57 -17.14
CA PHE B 41 -2.29 -23.39 -16.74
C PHE B 41 -3.54 -22.64 -17.15
N THR B 42 -4.29 -23.20 -18.08
CA THR B 42 -5.52 -22.59 -18.58
C THR B 42 -6.67 -23.58 -18.38
N PRO B 43 -7.54 -23.37 -17.39
CA PRO B 43 -8.60 -24.34 -17.12
C PRO B 43 -9.71 -24.27 -18.18
N ASN B 44 -10.55 -25.29 -18.16
CA ASN B 44 -11.67 -25.40 -19.08
C ASN B 44 -12.98 -25.15 -18.37
N GLY B 45 -13.89 -24.43 -19.03
CA GLY B 45 -15.21 -24.14 -18.48
C GLY B 45 -15.25 -23.52 -17.10
N THR B 46 -14.27 -22.69 -16.74
CA THR B 46 -14.26 -22.04 -15.42
C THR B 46 -13.38 -20.79 -15.45
N TYR B 47 -13.52 -19.97 -14.42
CA TYR B 47 -12.75 -18.76 -14.29
C TYR B 47 -11.94 -18.83 -13.01
N LEU B 48 -10.79 -18.15 -13.00
CA LEU B 48 -9.93 -18.08 -11.82
C LEU B 48 -10.35 -16.91 -10.94
N GLN B 49 -10.12 -17.05 -9.62
CA GLN B 49 -10.33 -15.97 -8.66
C GLN B 49 -9.14 -15.71 -7.76
N HIS B 50 -8.52 -16.75 -7.21
CA HIS B 50 -7.43 -16.56 -6.27
C HIS B 50 -6.36 -17.63 -6.42
N LEU B 51 -5.16 -17.30 -5.94
CA LEU B 51 -3.96 -18.12 -6.04
C LEU B 51 -3.25 -18.02 -4.71
N ALA B 52 -2.75 -19.15 -4.23
CA ALA B 52 -2.03 -19.17 -2.97
C ALA B 52 -0.86 -20.11 -3.14
N ARG B 53 0.29 -19.73 -2.60
CA ARG B 53 1.50 -20.54 -2.72
C ARG B 53 1.95 -21.01 -1.33
N ASP B 54 2.19 -22.29 -1.21
CA ASP B 54 2.78 -22.89 -0.03
C ASP B 54 4.27 -22.57 -0.03
N PRO B 55 4.73 -21.74 0.91
CA PRO B 55 6.16 -21.42 0.96
C PRO B 55 7.03 -22.59 1.31
N THR B 56 6.47 -23.63 1.96
CA THR B 56 7.26 -24.80 2.31
C THR B 56 7.59 -25.64 1.08
N SER B 57 6.60 -25.89 0.23
CA SER B 57 6.78 -26.82 -0.87
C SER B 57 6.73 -26.17 -2.24
N GLY B 58 6.33 -24.91 -2.34
CA GLY B 58 6.15 -24.29 -3.64
C GLY B 58 4.90 -24.72 -4.38
N THR B 59 4.04 -25.50 -3.73
CA THR B 59 2.79 -25.93 -4.33
C THR B 59 1.83 -24.75 -4.45
N LEU B 60 1.16 -24.66 -5.58
CA LEU B 60 0.20 -23.61 -5.85
C LEU B 60 -1.22 -24.15 -5.73
N TYR B 61 -2.13 -23.33 -5.22
CA TYR B 61 -3.55 -23.64 -5.10
C TYR B 61 -4.35 -22.56 -5.83
N LEU B 62 -5.26 -22.99 -6.70
CA LEU B 62 -6.09 -22.06 -7.46
C LEU B 62 -7.52 -22.16 -6.96
N GLY B 63 -8.13 -21.01 -6.67
CA GLY B 63 -9.54 -20.96 -6.38
C GLY B 63 -10.32 -20.48 -7.59
N ALA B 64 -11.18 -21.35 -8.12
CA ALA B 64 -11.89 -21.12 -9.37
C ALA B 64 -13.39 -21.28 -9.14
N THR B 65 -14.19 -20.91 -10.14
CA THR B 65 -15.63 -21.13 -10.03
C THR B 65 -15.88 -22.64 -10.07
N ASN B 66 -16.49 -23.18 -8.99
CA ASN B 66 -16.82 -24.59 -8.84
C ASN B 66 -15.61 -25.51 -8.78
N PHE B 67 -14.40 -24.98 -8.58
CA PHE B 67 -13.22 -25.83 -8.63
C PHE B 67 -12.14 -25.28 -7.70
N LEU B 68 -11.34 -26.20 -7.16
CA LEU B 68 -10.07 -25.89 -6.53
C LEU B 68 -9.01 -26.75 -7.21
N PHE B 69 -7.93 -26.11 -7.66
CA PHE B 69 -6.85 -26.82 -8.35
C PHE B 69 -5.59 -26.81 -7.49
N GLN B 70 -4.90 -27.94 -7.47
CA GLN B 70 -3.58 -28.06 -6.86
C GLN B 70 -2.55 -28.34 -7.95
N LEU B 71 -1.49 -27.55 -7.97
CA LEU B 71 -0.51 -27.61 -9.04
C LEU B 71 0.90 -27.66 -8.45
N SER B 72 1.82 -28.23 -9.22
CA SER B 72 3.24 -28.19 -8.88
C SER B 72 3.81 -26.80 -9.18
N PRO B 73 5.04 -26.51 -8.73
CA PRO B 73 5.66 -25.22 -9.11
C PRO B 73 5.78 -25.01 -10.61
N GLY B 74 5.85 -26.09 -11.40
CA GLY B 74 5.84 -26.00 -12.85
C GLY B 74 4.47 -25.99 -13.48
N LEU B 75 3.41 -25.93 -12.67
CA LEU B 75 1.99 -25.79 -13.05
C LEU B 75 1.39 -27.07 -13.62
N GLN B 76 1.94 -28.21 -13.26
CA GLN B 76 1.35 -29.51 -13.60
C GLN B 76 0.22 -29.82 -12.64
N LEU B 77 -0.96 -30.09 -13.19
CA LEU B 77 -2.11 -30.35 -12.35
C LEU B 77 -1.88 -31.59 -11.48
N GLU B 78 -2.17 -31.47 -10.19
CA GLU B 78 -1.94 -32.53 -9.23
C GLU B 78 -3.20 -33.04 -8.56
N ALA B 79 -4.25 -32.24 -8.52
CA ALA B 79 -5.48 -32.53 -7.78
C ALA B 79 -6.52 -31.49 -8.16
N THR B 80 -7.78 -31.96 -8.25
CA THR B 80 -8.94 -31.16 -8.58
C THR B 80 -10.04 -31.48 -7.59
N VAL B 81 -10.77 -30.46 -7.13
CA VAL B 81 -11.89 -30.65 -6.21
C VAL B 81 -13.04 -29.77 -6.66
N SER B 82 -14.24 -30.37 -6.70
CA SER B 82 -15.45 -29.67 -7.08
C SER B 82 -16.03 -28.92 -5.88
N THR B 83 -16.48 -27.69 -6.11
CA THR B 83 -17.08 -26.89 -5.04
C THR B 83 -18.48 -26.43 -5.38
N GLY B 84 -19.00 -26.78 -6.56
CA GLY B 84 -20.32 -26.36 -6.97
C GLY B 84 -20.67 -26.87 -8.35
N PRO B 85 -21.88 -26.57 -8.85
CA PRO B 85 -22.90 -25.71 -8.22
C PRO B 85 -23.54 -26.35 -6.99
N VAL B 86 -24.24 -25.56 -6.18
CA VAL B 86 -25.07 -26.05 -5.07
C VAL B 86 -26.39 -25.30 -5.14
N LEU B 87 -27.39 -25.81 -4.44
CA LEU B 87 -28.61 -25.03 -4.24
C LEU B 87 -28.37 -23.96 -3.17
N ASP B 88 -28.72 -22.72 -3.49
CA ASP B 88 -28.41 -21.58 -2.62
C ASP B 88 -29.31 -20.41 -2.96
N SER B 89 -29.56 -19.57 -1.96
CA SER B 89 -30.08 -18.23 -2.12
C SER B 89 -29.32 -17.34 -1.14
N ARG B 90 -29.15 -16.06 -1.50
CA ARG B 90 -28.57 -15.17 -0.50
C ARG B 90 -29.55 -14.92 0.64
N ASP B 91 -30.82 -15.29 0.49
CA ASP B 91 -31.80 -15.17 1.55
C ASP B 91 -31.73 -16.28 2.58
N CYS B 92 -30.88 -17.29 2.39
CA CYS B 92 -31.01 -18.54 3.13
C CYS B 92 -29.74 -18.87 3.89
N LEU B 93 -29.90 -19.16 5.17
CA LEU B 93 -28.85 -19.74 5.98
C LEU B 93 -28.63 -21.20 5.54
N PRO B 94 -27.40 -21.70 5.63
CA PRO B 94 -27.15 -23.12 5.32
C PRO B 94 -27.29 -23.96 6.56
N PRO B 95 -27.60 -25.28 6.44
CA PRO B 95 -27.91 -26.03 5.21
C PRO B 95 -29.19 -25.58 4.51
N VAL B 96 -29.07 -25.27 3.23
CA VAL B 96 -30.20 -24.82 2.42
C VAL B 96 -31.06 -26.04 2.06
N MET B 97 -32.31 -26.04 2.49
CA MET B 97 -33.30 -27.08 2.28
C MET B 97 -34.46 -26.56 1.44
N PRO B 98 -35.10 -27.41 0.63
CA PRO B 98 -36.29 -26.96 -0.12
C PRO B 98 -37.44 -26.56 0.79
N ASP B 99 -37.53 -27.15 2.00
CA ASP B 99 -38.62 -26.72 2.88
C ASP B 99 -38.27 -25.40 3.56
N GLU B 100 -37.02 -25.21 3.99
CA GLU B 100 -36.62 -23.90 4.51
C GLU B 100 -36.54 -22.86 3.40
N CYS B 101 -36.15 -23.26 2.20
CA CYS B 101 -35.72 -22.33 1.15
C CYS B 101 -36.24 -22.75 -0.22
N PRO B 102 -37.54 -22.63 -0.45
CA PRO B 102 -38.11 -23.02 -1.76
C PRO B 102 -37.61 -22.17 -2.93
N GLN B 103 -37.08 -20.98 -2.69
CA GLN B 103 -36.52 -20.15 -3.76
C GLN B 103 -35.09 -20.52 -4.10
N ALA B 104 -34.57 -21.61 -3.54
CA ALA B 104 -33.19 -22.02 -3.79
C ALA B 104 -33.02 -22.42 -5.26
N GLN B 105 -31.83 -22.16 -5.79
CA GLN B 105 -31.56 -22.35 -7.20
C GLN B 105 -30.12 -22.82 -7.38
N PRO B 106 -29.82 -23.51 -8.48
CA PRO B 106 -28.43 -23.89 -8.74
C PRO B 106 -27.56 -22.66 -8.91
N THR B 107 -26.54 -22.55 -8.06
CA THR B 107 -25.72 -21.36 -7.90
C THR B 107 -24.26 -21.73 -8.07
N ASN B 108 -23.56 -21.06 -8.99
CA ASN B 108 -22.12 -21.29 -9.08
C ASN B 108 -21.39 -20.69 -7.88
N ASN B 109 -20.13 -21.08 -7.72
CA ASN B 109 -19.39 -20.87 -6.47
C ASN B 109 -17.99 -20.36 -6.76
N PRO B 110 -17.85 -19.07 -7.10
CA PRO B 110 -16.51 -18.48 -7.21
C PRO B 110 -15.81 -18.51 -5.86
N ASN B 111 -14.49 -18.69 -5.89
CA ASN B 111 -13.74 -18.77 -4.65
C ASN B 111 -13.51 -17.38 -4.03
N GLN B 112 -13.67 -17.33 -2.71
CA GLN B 112 -13.66 -16.07 -1.98
C GLN B 112 -12.42 -15.85 -1.12
N LEU B 113 -11.77 -16.92 -0.66
CA LEU B 113 -10.61 -16.84 0.22
C LEU B 113 -9.80 -18.12 0.03
N LEU B 114 -8.48 -17.99 -0.05
CA LEU B 114 -7.62 -19.16 -0.22
C LEU B 114 -6.30 -18.85 0.46
N LEU B 115 -6.14 -19.36 1.69
CA LEU B 115 -5.00 -19.05 2.54
C LEU B 115 -4.31 -20.33 3.04
N VAL B 116 -3.00 -20.36 2.88
CA VAL B 116 -2.14 -21.41 3.44
C VAL B 116 -1.85 -21.09 4.89
N SER B 117 -2.28 -21.97 5.79
CA SER B 117 -1.99 -21.80 7.22
C SER B 117 -1.01 -22.90 7.62
N PRO B 118 -0.56 -22.97 8.88
CA PRO B 118 0.45 -24.00 9.21
C PRO B 118 0.00 -25.42 8.97
N GLY B 119 -1.26 -25.76 9.24
CA GLY B 119 -1.68 -27.13 9.13
C GLY B 119 -2.60 -27.45 7.97
N ALA B 120 -3.12 -26.42 7.30
CA ALA B 120 -4.25 -26.64 6.41
C ALA B 120 -4.31 -25.54 5.35
N LEU B 121 -5.00 -25.85 4.27
CA LEU B 121 -5.42 -24.84 3.30
C LEU B 121 -6.82 -24.36 3.71
N VAL B 122 -6.95 -23.05 3.94
CA VAL B 122 -8.23 -22.45 4.31
C VAL B 122 -8.95 -22.10 3.01
N VAL B 123 -10.17 -22.60 2.85
CA VAL B 123 -10.97 -22.40 1.63
C VAL B 123 -12.32 -21.84 2.06
N CYS B 124 -12.66 -20.65 1.55
CA CYS B 124 -14.01 -20.08 1.70
C CYS B 124 -14.54 -19.70 0.33
N GLY B 125 -15.83 -19.95 0.10
CA GLY B 125 -16.45 -19.64 -1.16
C GLY B 125 -17.50 -18.53 -1.04
N SER B 126 -18.09 -18.19 -2.18
CA SER B 126 -19.16 -17.17 -2.14
C SER B 126 -20.50 -17.76 -1.76
N VAL B 127 -20.66 -19.08 -1.82
CA VAL B 127 -21.98 -19.68 -1.61
C VAL B 127 -22.15 -20.04 -0.15
N HIS B 128 -23.39 -20.41 0.20
CA HIS B 128 -23.75 -20.86 1.55
C HIS B 128 -23.22 -19.89 2.62
N GLN B 129 -23.51 -18.59 2.41
CA GLN B 129 -23.14 -17.50 3.31
C GLN B 129 -21.64 -17.44 3.58
N GLY B 130 -20.83 -17.75 2.57
CA GLY B 130 -19.38 -17.60 2.69
C GLY B 130 -18.72 -18.45 3.75
N VAL B 131 -19.34 -19.58 4.13
CA VAL B 131 -18.74 -20.50 5.11
C VAL B 131 -17.44 -21.06 4.55
N CYS B 132 -16.58 -21.49 5.45
CA CYS B 132 -15.24 -21.94 5.11
C CYS B 132 -15.07 -23.40 5.49
N GLU B 133 -14.00 -23.98 4.96
CA GLU B 133 -13.57 -25.33 5.30
C GLU B 133 -12.05 -25.35 5.25
N GLN B 134 -11.45 -26.40 5.81
CA GLN B 134 -10.00 -26.60 5.78
C GLN B 134 -9.67 -27.94 5.15
N ARG B 135 -8.70 -27.95 4.24
CA ARG B 135 -8.26 -29.13 3.53
C ARG B 135 -6.79 -29.37 3.84
N ARG B 136 -6.31 -30.58 3.55
CA ARG B 136 -4.92 -30.91 3.87
C ARG B 136 -4.00 -30.43 2.75
N LEU B 137 -2.95 -29.69 3.14
CA LEU B 137 -1.92 -29.25 2.20
C LEU B 137 -1.22 -30.45 1.54
N GLY B 138 -0.93 -30.31 0.25
CA GLY B 138 -0.39 -31.38 -0.56
C GLY B 138 -1.36 -32.49 -0.89
N GLN B 139 -2.58 -32.45 -0.37
CA GLN B 139 -3.56 -33.54 -0.50
C GLN B 139 -4.96 -32.93 -0.56
N LEU B 140 -5.16 -32.07 -1.56
CA LEU B 140 -6.32 -31.17 -1.61
C LEU B 140 -7.64 -31.93 -1.55
N GLU B 141 -7.66 -33.16 -2.07
CA GLU B 141 -8.89 -33.92 -2.07
C GLU B 141 -9.33 -34.33 -0.67
N GLN B 142 -8.41 -34.29 0.31
CA GLN B 142 -8.67 -34.71 1.68
C GLN B 142 -9.13 -33.53 2.53
N LEU B 143 -10.30 -33.66 3.14
CA LEU B 143 -10.92 -32.56 3.86
C LEU B 143 -10.51 -32.61 5.33
N LEU B 144 -9.85 -31.56 5.81
CA LEU B 144 -9.36 -31.57 7.19
C LEU B 144 -10.43 -31.15 8.19
N LEU B 145 -11.32 -30.23 7.82
CA LEU B 145 -12.36 -29.84 8.76
C LEU B 145 -13.43 -29.01 8.08
N ARG B 146 -14.70 -29.33 8.36
CA ARG B 146 -15.84 -28.54 7.87
C ARG B 146 -17.02 -28.71 8.81
N PRO B 147 -17.37 -27.69 9.60
CA PRO B 147 -18.53 -27.79 10.50
C PRO B 147 -19.77 -28.27 9.77
N GLU B 148 -20.57 -29.10 10.45
CA GLU B 148 -21.76 -29.68 9.84
C GLU B 148 -22.95 -28.72 9.87
N ARG B 149 -23.10 -27.94 10.93
CA ARG B 149 -24.19 -26.97 11.04
C ARG B 149 -23.63 -25.62 11.46
N PRO B 150 -23.02 -24.87 10.54
CA PRO B 150 -22.47 -23.55 10.90
C PRO B 150 -23.55 -22.57 11.33
N GLY B 151 -23.31 -21.91 12.46
CA GLY B 151 -24.16 -20.84 12.90
C GLY B 151 -23.73 -19.49 12.34
N ASP B 152 -24.56 -18.48 12.62
CA ASP B 152 -24.36 -17.14 12.06
C ASP B 152 -23.06 -16.49 12.53
N THR B 153 -22.32 -17.09 13.46
CA THR B 153 -20.96 -16.64 13.77
C THR B 153 -19.95 -17.12 12.74
N GLN B 154 -20.31 -18.10 11.90
CA GLN B 154 -19.37 -18.75 10.98
C GLN B 154 -19.65 -18.43 9.52
N TYR B 155 -20.32 -17.32 9.21
CA TYR B 155 -20.46 -16.81 7.85
C TYR B 155 -19.29 -15.87 7.59
N VAL B 156 -18.23 -16.38 6.97
CA VAL B 156 -16.95 -15.66 6.99
C VAL B 156 -16.75 -14.75 5.77
N ALA B 157 -16.84 -15.31 4.58
CA ALA B 157 -16.49 -14.62 3.36
C ALA B 157 -17.69 -13.91 2.77
N ALA B 158 -17.43 -12.91 1.94
CA ALA B 158 -18.51 -12.20 1.25
C ALA B 158 -19.26 -13.16 0.32
N ASN B 159 -20.59 -13.18 0.41
CA ASN B 159 -21.38 -14.09 -0.40
C ASN B 159 -21.90 -13.45 -1.69
N ASP B 160 -21.08 -12.57 -2.28
CA ASP B 160 -21.32 -11.97 -3.59
C ASP B 160 -20.00 -12.08 -4.33
N PRO B 161 -19.94 -12.75 -5.48
CA PRO B 161 -18.68 -12.84 -6.22
C PRO B 161 -18.14 -11.47 -6.61
N ALA B 162 -18.96 -10.43 -6.53
CA ALA B 162 -18.57 -9.07 -6.86
C ALA B 162 -18.02 -8.30 -5.67
N VAL B 163 -17.89 -8.92 -4.51
CA VAL B 163 -17.30 -8.31 -3.32
C VAL B 163 -16.06 -9.11 -2.96
N SER B 164 -15.04 -8.44 -2.46
CA SER B 164 -13.82 -9.16 -2.12
C SER B 164 -13.80 -9.59 -0.66
N THR B 165 -12.88 -10.49 -0.36
CA THR B 165 -12.65 -10.97 0.99
C THR B 165 -11.15 -11.09 1.14
N VAL B 166 -10.60 -10.55 2.21
CA VAL B 166 -9.17 -10.69 2.45
C VAL B 166 -8.98 -11.32 3.81
N GLY B 167 -7.81 -11.91 3.99
CA GLY B 167 -7.57 -12.70 5.19
C GLY B 167 -6.11 -12.82 5.52
N LEU B 168 -5.86 -13.12 6.79
CA LEU B 168 -4.54 -13.24 7.34
C LEU B 168 -4.58 -14.32 8.42
N VAL B 169 -3.54 -15.15 8.46
CA VAL B 169 -3.49 -16.26 9.40
C VAL B 169 -2.39 -15.96 10.41
N ALA B 170 -2.76 -15.84 11.68
CA ALA B 170 -1.82 -15.45 12.72
C ALA B 170 -2.04 -16.35 13.92
N GLN B 171 -1.27 -16.10 14.98
CA GLN B 171 -1.30 -16.91 16.18
C GLN B 171 -1.90 -16.14 17.34
N GLY B 172 -2.72 -16.85 18.14
CA GLY B 172 -3.35 -16.28 19.31
C GLY B 172 -2.47 -16.38 20.53
N LEU B 173 -3.08 -16.11 21.69
CA LEU B 173 -2.35 -16.07 22.95
C LEU B 173 -1.84 -17.44 23.34
N ALA B 174 -2.61 -18.50 23.05
CA ALA B 174 -2.22 -19.88 23.29
C ALA B 174 -1.49 -20.50 22.11
N GLY B 175 -1.11 -19.70 21.11
CA GLY B 175 -0.54 -20.19 19.88
C GLY B 175 -1.54 -20.70 18.86
N GLU B 176 -2.85 -20.56 19.12
CA GLU B 176 -3.90 -21.13 18.29
C GLU B 176 -4.02 -20.34 16.98
N PRO B 177 -4.24 -21.02 15.85
CA PRO B 177 -4.35 -20.31 14.58
C PRO B 177 -5.57 -19.39 14.62
N LEU B 178 -5.38 -18.19 14.06
CA LEU B 178 -6.42 -17.18 13.95
C LEU B 178 -6.51 -16.76 12.49
N LEU B 179 -7.73 -16.42 12.06
CA LEU B 179 -7.97 -15.88 10.73
C LEU B 179 -8.59 -14.51 10.91
N PHE B 180 -7.84 -13.47 10.54
CA PHE B 180 -8.40 -12.13 10.44
C PHE B 180 -9.09 -12.00 9.10
N VAL B 181 -10.32 -11.48 9.10
CA VAL B 181 -11.09 -11.47 7.86
C VAL B 181 -11.60 -10.05 7.62
N GLY B 182 -11.15 -9.45 6.53
CA GLY B 182 -11.80 -8.26 6.03
C GLY B 182 -12.85 -8.66 5.01
N ARG B 183 -14.12 -8.35 5.28
CA ARG B 183 -15.25 -8.78 4.45
C ARG B 183 -16.01 -7.55 3.99
N GLY B 184 -16.03 -7.34 2.68
CA GLY B 184 -16.72 -6.18 2.14
C GLY B 184 -18.20 -6.22 2.43
N TYR B 185 -18.86 -5.09 2.19
CA TYR B 185 -20.29 -5.03 2.42
C TYR B 185 -21.05 -5.74 1.31
N THR B 186 -22.10 -6.46 1.69
CA THR B 186 -22.95 -7.20 0.77
C THR B 186 -24.40 -6.90 1.08
N SER B 187 -25.22 -6.81 0.04
CA SER B 187 -26.64 -6.53 0.20
C SER B 187 -27.39 -7.74 0.76
N ILE B 194 -22.85 -8.75 9.45
CA ILE B 194 -21.54 -9.39 9.64
C ILE B 194 -20.45 -8.32 9.73
N PRO B 195 -19.65 -8.38 10.79
CA PRO B 195 -18.63 -7.35 11.00
C PRO B 195 -17.64 -7.31 9.86
N PRO B 196 -17.22 -6.10 9.45
CA PRO B 196 -16.26 -6.01 8.33
C PRO B 196 -14.86 -6.55 8.68
N ILE B 197 -14.47 -6.61 9.96
CA ILE B 197 -13.21 -7.21 10.37
C ILE B 197 -13.48 -8.11 11.57
N THR B 198 -12.99 -9.35 11.51
CA THR B 198 -13.23 -10.32 12.58
C THR B 198 -11.97 -11.12 12.83
N THR B 199 -11.90 -11.73 14.01
CA THR B 199 -10.77 -12.57 14.41
C THR B 199 -11.39 -13.91 14.77
N ARG B 200 -11.19 -14.88 13.88
CA ARG B 200 -11.89 -16.16 13.99
C ARG B 200 -10.93 -17.27 14.41
N ALA B 201 -11.47 -18.26 15.11
CA ALA B 201 -10.72 -19.46 15.51
C ALA B 201 -10.62 -20.44 14.34
N LEU B 202 -9.40 -20.88 14.02
CA LEU B 202 -9.22 -21.86 12.96
C LEU B 202 -9.19 -23.29 13.47
N TRP B 203 -8.88 -23.49 14.75
CA TRP B 203 -8.85 -24.82 15.32
C TRP B 203 -9.18 -24.74 16.81
N PRO B 204 -10.42 -24.39 17.15
CA PRO B 204 -10.79 -24.23 18.55
C PRO B 204 -10.93 -25.56 19.25
N PRO B 205 -11.04 -25.59 20.59
CA PRO B 205 -11.25 -26.87 21.28
C PRO B 205 -12.39 -27.69 20.70
N ASP B 206 -13.58 -27.09 20.53
CA ASP B 206 -14.66 -27.77 19.83
C ASP B 206 -14.47 -27.56 18.33
N PRO B 207 -14.19 -28.62 17.54
CA PRO B 207 -13.99 -28.43 16.09
C PRO B 207 -15.21 -27.87 15.39
N GLN B 208 -16.41 -28.17 15.90
CA GLN B 208 -17.63 -27.64 15.31
C GLN B 208 -17.77 -26.13 15.46
N ALA B 209 -16.87 -25.46 16.17
CA ALA B 209 -16.88 -24.02 16.32
C ALA B 209 -15.78 -23.34 15.48
N ALA B 210 -15.23 -24.05 14.50
CA ALA B 210 -14.19 -23.48 13.66
C ALA B 210 -14.77 -22.37 12.79
N PHE B 211 -13.91 -21.38 12.50
CA PHE B 211 -14.19 -20.15 11.76
C PHE B 211 -15.13 -19.21 12.49
N SER B 212 -15.48 -19.50 13.74
CA SER B 212 -16.33 -18.65 14.57
C SER B 212 -15.50 -17.53 15.19
N TYR B 213 -16.17 -16.46 15.61
CA TYR B 213 -15.50 -15.41 16.36
C TYR B 213 -16.22 -15.16 17.68
N GLU B 214 -15.44 -14.93 18.74
CA GLU B 214 -16.02 -14.43 19.98
C GLU B 214 -16.61 -13.06 19.72
N GLU B 215 -17.75 -12.77 20.37
CA GLU B 215 -18.59 -11.65 19.94
C GLU B 215 -17.92 -10.29 20.07
N THR B 216 -16.85 -10.17 20.86
CA THR B 216 -16.10 -8.93 20.94
C THR B 216 -14.89 -8.90 20.02
N ALA B 217 -14.55 -10.03 19.38
CA ALA B 217 -13.38 -10.14 18.50
C ALA B 217 -13.70 -9.68 17.08
N LYS B 218 -14.29 -8.49 16.96
CA LYS B 218 -14.61 -7.89 15.68
C LYS B 218 -14.62 -6.37 15.82
N LEU B 219 -14.86 -5.69 14.70
CA LEU B 219 -14.98 -4.24 14.64
C LEU B 219 -16.45 -3.89 14.45
N ALA B 220 -17.09 -3.37 15.48
CA ALA B 220 -18.52 -3.07 15.45
C ALA B 220 -18.74 -1.77 14.69
N VAL B 221 -19.19 -1.88 13.44
CA VAL B 221 -19.47 -0.75 12.57
C VAL B 221 -20.96 -0.72 12.33
N GLY B 222 -21.62 0.33 12.82
CA GLY B 222 -23.07 0.37 12.80
C GLY B 222 -23.70 0.44 11.42
N ARG B 223 -23.35 1.48 10.67
CA ARG B 223 -24.03 1.77 9.40
C ARG B 223 -23.22 1.22 8.24
N LEU B 224 -23.16 -0.12 8.18
CA LEU B 224 -22.21 -0.82 7.32
C LEU B 224 -22.44 -0.51 5.85
N SER B 225 -23.68 -0.31 5.44
CA SER B 225 -23.95 -0.03 4.02
C SER B 225 -23.52 1.39 3.64
N GLU B 226 -23.63 2.33 4.57
CA GLU B 226 -23.15 3.69 4.32
C GLU B 226 -21.62 3.71 4.23
N TYR B 227 -20.93 3.05 5.17
CA TYR B 227 -19.47 3.02 5.12
C TYR B 227 -18.98 2.17 3.95
N SER B 228 -19.59 1.00 3.75
CA SER B 228 -19.45 0.21 2.53
C SER B 228 -18.00 -0.14 2.21
N HIS B 229 -17.39 -0.90 3.13
CA HIS B 229 -16.00 -1.33 3.01
C HIS B 229 -15.74 -2.13 1.72
N HIS B 230 -14.62 -1.82 1.06
CA HIS B 230 -14.09 -2.58 -0.06
C HIS B 230 -12.67 -2.92 0.34
N PHE B 231 -12.38 -4.19 0.52
CA PHE B 231 -11.07 -4.60 1.00
C PHE B 231 -10.16 -4.88 -0.18
N VAL B 232 -8.86 -4.66 0.07
CA VAL B 232 -7.80 -4.90 -0.88
C VAL B 232 -6.79 -5.92 -0.35
N SER B 233 -6.39 -5.80 0.91
CA SER B 233 -5.29 -6.60 1.41
C SER B 233 -5.37 -6.68 2.92
N ALA B 234 -4.64 -7.65 3.48
CA ALA B 234 -4.47 -7.79 4.93
C ALA B 234 -3.10 -8.40 5.15
N PHE B 235 -2.31 -7.80 6.04
CA PHE B 235 -0.96 -8.30 6.24
C PHE B 235 -0.57 -8.11 7.69
N ALA B 236 0.43 -8.90 8.08
CA ALA B 236 1.01 -8.91 9.40
C ALA B 236 2.40 -8.29 9.37
N ARG B 237 2.71 -7.50 10.39
CA ARG B 237 4.07 -7.05 10.61
C ARG B 237 4.19 -6.83 12.11
N GLY B 238 5.28 -7.32 12.69
CA GLY B 238 5.44 -7.17 14.13
C GLY B 238 4.31 -7.88 14.85
N ALA B 239 3.69 -7.19 15.80
CA ALA B 239 2.68 -7.80 16.64
C ALA B 239 1.26 -7.47 16.19
N SER B 240 1.07 -7.10 14.92
CA SER B 240 -0.20 -6.51 14.52
C SER B 240 -0.66 -7.01 13.15
N ALA B 241 -1.95 -6.81 12.93
CA ALA B 241 -2.62 -7.11 11.68
C ALA B 241 -3.02 -5.80 11.01
N TYR B 242 -2.61 -5.61 9.77
CA TYR B 242 -2.95 -4.40 9.06
C TYR B 242 -3.88 -4.73 7.91
N PHE B 243 -4.90 -3.90 7.72
CA PHE B 243 -5.82 -3.99 6.60
C PHE B 243 -5.73 -2.74 5.72
N LEU B 244 -5.85 -2.94 4.41
CA LEU B 244 -5.92 -1.87 3.41
C LEU B 244 -7.26 -1.95 2.70
N PHE B 245 -8.01 -0.85 2.71
CA PHE B 245 -9.34 -0.88 2.13
C PHE B 245 -9.78 0.51 1.69
N LEU B 246 -10.89 0.54 0.96
CA LEU B 246 -11.64 1.73 0.62
C LEU B 246 -12.92 1.78 1.44
N ARG B 247 -13.32 2.98 1.84
CA ARG B 247 -14.64 3.17 2.43
C ARG B 247 -15.06 4.61 2.19
N ARG B 248 -16.35 4.84 2.36
CA ARG B 248 -16.87 6.20 2.28
C ARG B 248 -16.44 6.97 3.53
N ASP B 249 -16.03 8.22 3.32
CA ASP B 249 -15.59 9.10 4.41
C ASP B 249 -16.79 9.91 4.84
N LEU B 250 -17.63 9.33 5.69
CA LEU B 250 -18.82 10.05 6.13
C LEU B 250 -18.48 11.25 7.00
N GLN B 251 -17.18 11.48 7.27
CA GLN B 251 -16.68 12.70 7.90
C GLN B 251 -16.56 13.87 6.91
N ALA B 252 -16.28 13.59 5.64
CA ALA B 252 -16.21 14.61 4.62
C ALA B 252 -17.60 14.89 4.08
N GLN B 253 -17.87 16.16 3.75
CA GLN B 253 -19.19 16.56 3.27
C GLN B 253 -19.54 15.95 1.91
N SER B 254 -18.57 15.42 1.18
CA SER B 254 -18.84 14.73 -0.08
C SER B 254 -19.15 13.26 0.10
N ARG B 255 -18.76 12.67 1.24
CA ARG B 255 -18.96 11.25 1.52
C ARG B 255 -18.24 10.37 0.49
N ALA B 256 -17.14 10.88 -0.07
CA ALA B 256 -16.44 10.21 -1.14
C ALA B 256 -15.77 8.92 -0.65
N PHE B 257 -15.47 8.03 -1.59
CA PHE B 257 -14.73 6.84 -1.23
C PHE B 257 -13.27 7.23 -1.04
N ARG B 258 -12.65 6.67 -0.01
CA ARG B 258 -11.29 7.05 0.36
C ARG B 258 -10.56 5.82 0.91
N ALA B 259 -9.26 5.77 0.68
CA ALA B 259 -8.41 4.67 1.10
C ALA B 259 -7.95 4.84 2.54
N TYR B 260 -7.86 3.72 3.27
CA TYR B 260 -7.37 3.70 4.64
C TYR B 260 -6.45 2.52 4.85
N VAL B 261 -5.50 2.68 5.77
CA VAL B 261 -4.79 1.56 6.39
C VAL B 261 -5.27 1.52 7.83
N SER B 262 -5.42 0.30 8.36
CA SER B 262 -5.84 0.15 9.75
C SER B 262 -4.91 -0.83 10.44
N ARG B 263 -4.85 -0.76 11.77
CA ARG B 263 -3.93 -1.59 12.54
C ARG B 263 -4.63 -2.15 13.77
N VAL B 264 -4.20 -3.33 14.22
CA VAL B 264 -4.78 -3.93 15.42
C VAL B 264 -3.82 -4.99 15.95
N CYS B 265 -3.74 -5.09 17.28
CA CYS B 265 -2.90 -6.09 17.93
C CYS B 265 -3.36 -7.50 17.61
N LEU B 266 -2.40 -8.41 17.41
CA LEU B 266 -2.76 -9.78 17.08
C LEU B 266 -3.46 -10.48 18.24
N ARG B 267 -2.96 -10.26 19.45
CA ARG B 267 -3.55 -10.89 20.64
C ARG B 267 -4.41 -9.87 21.40
N ASP B 268 -5.44 -9.41 20.70
CA ASP B 268 -6.42 -8.45 21.20
C ASP B 268 -7.79 -8.97 20.77
N GLN B 269 -8.59 -9.42 21.72
CA GLN B 269 -9.89 -10.02 21.40
C GLN B 269 -11.05 -9.05 21.57
N HIS B 270 -10.78 -7.75 21.75
CA HIS B 270 -11.86 -6.76 21.85
C HIS B 270 -11.76 -5.61 20.85
N TYR B 271 -10.67 -5.52 20.08
CA TYR B 271 -10.42 -4.45 19.10
C TYR B 271 -10.22 -3.11 19.78
N TYR B 272 -9.78 -3.14 21.04
CA TYR B 272 -9.42 -1.94 21.79
C TYR B 272 -8.32 -1.14 21.11
N SER B 273 -7.43 -1.84 20.40
CA SER B 273 -6.26 -1.24 19.78
C SER B 273 -6.51 -0.84 18.33
N TYR B 274 -7.75 -0.96 17.86
CA TYR B 274 -8.01 -0.65 16.46
C TYR B 274 -7.83 0.84 16.20
N VAL B 275 -7.02 1.17 15.20
CA VAL B 275 -6.81 2.54 14.76
C VAL B 275 -6.61 2.53 13.25
N GLU B 276 -7.29 3.43 12.53
CA GLU B 276 -7.11 3.54 11.09
C GLU B 276 -6.66 4.95 10.68
N LEU B 277 -5.96 5.02 9.54
CA LEU B 277 -5.39 6.26 9.00
C LEU B 277 -5.71 6.43 7.53
N PRO B 278 -6.18 7.61 7.09
CA PRO B 278 -6.39 7.80 5.65
C PRO B 278 -5.05 7.84 4.90
N LEU B 279 -5.05 7.26 3.71
CA LEU B 279 -3.92 7.32 2.79
C LEU B 279 -4.17 8.42 1.76
N ALA B 280 -3.09 9.09 1.32
CA ALA B 280 -3.19 10.31 0.49
C ALA B 280 -2.14 10.23 -0.62
N CYS B 281 -2.46 9.44 -1.64
CA CYS B 281 -1.67 9.41 -2.86
C CYS B 281 -1.93 10.69 -3.64
N GLU B 282 -0.95 11.61 -3.63
CA GLU B 282 -1.11 12.97 -4.13
C GLU B 282 -2.32 13.64 -3.46
N GLY B 283 -2.38 13.49 -2.14
CA GLY B 283 -3.42 14.08 -1.33
C GLY B 283 -4.81 13.52 -1.52
N GLY B 284 -4.94 12.33 -2.11
CA GLY B 284 -6.23 11.77 -2.44
C GLY B 284 -6.66 12.00 -3.86
N ARG B 285 -5.83 12.62 -4.70
CA ARG B 285 -6.22 12.85 -6.08
C ARG B 285 -6.41 11.53 -6.82
N TYR B 286 -5.54 10.54 -6.54
CA TYR B 286 -5.76 9.13 -6.93
C TYR B 286 -6.31 8.41 -5.70
N GLY B 287 -7.62 8.35 -5.59
CA GLY B 287 -8.25 7.97 -4.35
C GLY B 287 -8.48 6.50 -4.13
N LEU B 288 -8.86 5.79 -5.19
CA LEU B 288 -9.29 4.40 -5.08
C LEU B 288 -8.06 3.50 -5.05
N ILE B 289 -7.72 2.97 -3.86
CA ILE B 289 -6.58 2.07 -3.76
C ILE B 289 -6.94 0.73 -4.39
N GLN B 290 -6.09 0.26 -5.29
CA GLN B 290 -6.36 -0.98 -6.01
C GLN B 290 -5.55 -2.17 -5.55
N ALA B 291 -4.31 -1.97 -5.12
CA ALA B 291 -3.42 -3.09 -4.88
C ALA B 291 -2.14 -2.56 -4.24
N ALA B 292 -1.45 -3.43 -3.51
CA ALA B 292 -0.26 -3.02 -2.79
C ALA B 292 0.56 -4.24 -2.42
N ALA B 293 1.87 -4.08 -2.45
CA ALA B 293 2.80 -5.11 -2.09
C ALA B 293 3.97 -4.46 -1.37
N VAL B 294 4.77 -5.30 -0.76
CA VAL B 294 6.04 -4.92 -0.16
C VAL B 294 7.12 -5.70 -0.91
N ALA B 295 8.27 -5.07 -1.15
CA ALA B 295 9.40 -5.76 -1.76
C ALA B 295 9.57 -7.17 -1.21
N THR B 296 9.75 -8.15 -2.09
CA THR B 296 10.12 -9.51 -1.69
C THR B 296 11.27 -9.99 -2.57
N SER B 297 12.27 -10.63 -1.97
CA SER B 297 13.48 -11.00 -2.72
C SER B 297 14.27 -11.96 -1.85
N ARG B 298 15.35 -12.52 -2.39
CA ARG B 298 16.19 -13.33 -1.50
C ARG B 298 17.09 -12.46 -0.62
N GLU B 299 17.38 -11.22 -1.04
CA GLU B 299 18.09 -10.29 -0.17
C GLU B 299 17.25 -9.95 1.06
N VAL B 300 16.01 -9.49 0.85
CA VAL B 300 15.10 -9.11 1.92
C VAL B 300 13.76 -9.80 1.67
N ALA B 301 13.32 -10.60 2.63
CA ALA B 301 12.12 -11.40 2.41
C ALA B 301 10.88 -10.52 2.37
N HIS B 302 10.83 -9.49 3.23
CA HIS B 302 9.68 -8.60 3.31
C HIS B 302 10.20 -7.21 3.60
N GLY B 303 10.16 -6.33 2.60
CA GLY B 303 10.69 -4.99 2.75
C GLY B 303 9.91 -4.18 3.76
N GLU B 304 10.35 -2.94 3.94
CA GLU B 304 9.70 -2.04 4.88
C GLU B 304 8.86 -0.97 4.19
N VAL B 305 8.71 -1.04 2.87
CA VAL B 305 7.96 -0.04 2.13
C VAL B 305 6.79 -0.71 1.41
N LEU B 306 5.60 -0.23 1.70
CA LEU B 306 4.39 -0.60 1.00
C LEU B 306 4.25 0.20 -0.29
N PHE B 307 4.36 -0.47 -1.44
CA PHE B 307 4.13 0.16 -2.73
C PHE B 307 2.68 -0.06 -3.13
N ALA B 308 1.87 0.99 -3.01
CA ALA B 308 0.43 0.89 -3.23
C ALA B 308 0.05 1.49 -4.58
N ALA B 309 -0.85 0.80 -5.29
CA ALA B 309 -1.37 1.27 -6.57
C ALA B 309 -2.75 1.89 -6.38
N PHE B 310 -2.98 3.05 -7.00
CA PHE B 310 -4.19 3.84 -6.83
C PHE B 310 -4.71 4.31 -8.17
N SER B 311 -6.04 4.37 -8.28
CA SER B 311 -6.72 4.87 -9.45
C SER B 311 -7.59 6.06 -9.06
N SER B 312 -7.76 6.99 -10.00
CA SER B 312 -8.68 8.10 -9.79
C SER B 312 -10.08 7.65 -10.16
N ALA B 313 -11.02 7.91 -9.27
CA ALA B 313 -12.44 7.68 -9.48
C ALA B 313 -12.94 8.23 -10.83
N GLY B 330 -9.19 8.06 -17.03
CA GLY B 330 -8.73 7.59 -15.74
C GLY B 330 -7.27 7.17 -15.68
N ALA B 331 -6.60 7.55 -14.60
CA ALA B 331 -5.17 7.32 -14.49
C ALA B 331 -4.88 6.42 -13.29
N SER B 332 -3.66 5.89 -13.27
CA SER B 332 -3.15 5.15 -12.13
C SER B 332 -1.83 5.74 -11.64
N ALA B 333 -1.60 5.60 -10.33
CA ALA B 333 -0.39 6.03 -9.67
C ALA B 333 0.15 4.89 -8.81
N LEU B 334 1.47 4.87 -8.65
CA LEU B 334 2.14 3.98 -7.71
C LEU B 334 2.68 4.84 -6.56
N CYS B 335 2.11 4.68 -5.36
CA CYS B 335 2.45 5.50 -4.20
C CYS B 335 3.12 4.63 -3.15
N ALA B 336 4.22 5.10 -2.57
CA ALA B 336 4.94 4.33 -1.56
C ALA B 336 4.67 4.88 -0.16
N PHE B 337 4.58 3.98 0.82
CA PHE B 337 4.31 4.36 2.21
C PHE B 337 5.22 3.55 3.12
N PRO B 338 6.31 4.13 3.61
CA PRO B 338 7.15 3.42 4.57
C PRO B 338 6.34 2.98 5.79
N LEU B 339 6.48 1.70 6.13
CA LEU B 339 5.65 1.14 7.19
C LEU B 339 5.97 1.78 8.53
N ASP B 340 7.17 2.33 8.67
CA ASP B 340 7.50 3.02 9.91
C ASP B 340 6.67 4.30 10.08
N GLU B 341 6.46 5.04 9.00
CA GLU B 341 5.60 6.21 9.09
C GLU B 341 4.17 5.81 9.44
N VAL B 342 3.70 4.68 8.90
CA VAL B 342 2.38 4.16 9.26
C VAL B 342 2.26 3.94 10.77
N ASP B 343 3.21 3.19 11.33
CA ASP B 343 3.13 2.92 12.76
C ASP B 343 3.28 4.20 13.56
N ARG B 344 4.14 5.12 13.10
CA ARG B 344 4.35 6.40 13.78
C ARG B 344 3.07 7.24 13.84
N LEU B 345 2.40 7.42 12.70
CA LEU B 345 1.17 8.18 12.69
C LEU B 345 0.03 7.47 13.44
N ALA B 346 -0.03 6.13 13.37
CA ALA B 346 -1.01 5.41 14.18
C ALA B 346 -0.71 5.57 15.66
N ASN B 347 0.57 5.50 16.03
CA ASN B 347 0.99 5.69 17.41
C ASN B 347 0.65 7.09 17.90
N ARG B 348 0.95 8.10 17.09
CA ARG B 348 0.53 9.45 17.43
C ARG B 348 -0.98 9.52 17.60
N THR B 349 -1.71 8.96 16.62
CA THR B 349 -3.18 8.91 16.71
C THR B 349 -3.62 8.32 18.04
N ARG B 350 -3.11 7.13 18.36
CA ARG B 350 -3.50 6.47 19.58
C ARG B 350 -3.11 7.29 20.81
N ASP B 351 -1.88 7.80 20.83
CA ASP B 351 -1.39 8.50 22.02
C ASP B 351 -2.21 9.76 22.27
N ALA B 352 -2.45 10.54 21.21
CA ALA B 352 -3.22 11.77 21.38
C ALA B 352 -4.62 11.47 21.86
N CYS B 353 -5.17 10.31 21.47
CA CYS B 353 -6.53 9.97 21.87
C CYS B 353 -6.59 9.40 23.28
N TYR B 354 -5.51 8.79 23.78
CA TYR B 354 -5.53 8.33 25.17
C TYR B 354 -5.36 9.46 26.17
N THR B 355 -4.44 10.39 25.90
CA THR B 355 -3.96 11.35 26.91
C THR B 355 -4.41 12.78 26.71
N ARG B 356 -4.66 13.25 25.49
CA ARG B 356 -4.92 14.68 25.29
C ARG B 356 -6.18 14.93 24.46
N GLU B 357 -7.24 14.14 24.71
CA GLU B 357 -8.58 14.34 24.13
C GLU B 357 -8.57 14.42 22.60
N GLY B 358 -7.59 13.81 21.96
CA GLY B 358 -7.52 13.83 20.51
C GLY B 358 -6.80 15.02 19.91
N ARG B 359 -6.06 15.80 20.71
CA ARG B 359 -5.45 17.03 20.24
C ARG B 359 -3.94 16.99 20.44
N ALA B 360 -3.23 17.63 19.50
CA ALA B 360 -1.83 17.92 19.66
C ALA B 360 -1.65 18.99 20.75
N GLU B 361 -0.39 19.23 21.14
CA GLU B 361 -0.16 20.20 22.21
C GLU B 361 -0.62 21.61 21.81
N ASP B 362 -0.55 21.96 20.52
CA ASP B 362 -1.03 23.29 20.17
C ASP B 362 -2.54 23.32 20.00
N GLY B 363 -3.21 22.17 20.05
CA GLY B 363 -4.65 22.11 20.07
C GLY B 363 -5.31 21.70 18.78
N THR B 364 -4.55 21.35 17.75
CA THR B 364 -5.14 20.82 16.52
C THR B 364 -5.76 19.46 16.79
N GLU B 365 -6.98 19.25 16.29
CA GLU B 365 -7.64 17.96 16.47
C GLU B 365 -6.97 16.90 15.60
N VAL B 366 -6.45 15.87 16.23
CA VAL B 366 -5.63 14.89 15.56
C VAL B 366 -6.29 13.52 15.48
N ALA B 367 -7.05 13.13 16.51
CA ALA B 367 -7.66 11.82 16.58
C ALA B 367 -9.11 11.96 17.00
N TYR B 368 -9.96 11.09 16.48
CA TYR B 368 -11.39 11.07 16.79
C TYR B 368 -11.87 9.63 16.83
N ILE B 369 -13.12 9.45 17.23
CA ILE B 369 -13.72 8.12 17.32
C ILE B 369 -14.61 7.88 16.09
N GLU B 370 -14.23 6.90 15.28
CA GLU B 370 -14.90 6.61 14.02
C GLU B 370 -16.13 5.71 14.23
N TYR B 371 -16.97 5.62 13.18
CA TYR B 371 -18.02 4.59 13.06
C TYR B 371 -19.18 4.82 14.01
N ASP B 372 -19.45 6.06 14.41
CA ASP B 372 -20.58 6.41 15.26
C ASP B 372 -20.57 5.69 16.61
N VAL B 373 -19.49 4.94 16.91
CA VAL B 373 -19.35 4.31 18.22
C VAL B 373 -19.48 5.36 19.32
N ASN B 374 -20.07 4.94 20.45
CA ASN B 374 -20.20 5.80 21.62
C ASN B 374 -18.93 5.68 22.47
N SER B 375 -17.90 6.42 22.04
CA SER B 375 -16.63 6.50 22.76
C SER B 375 -16.03 7.89 22.50
N ASP B 376 -15.09 8.27 23.37
CA ASP B 376 -14.50 9.60 23.37
C ASP B 376 -13.01 9.51 23.67
N CYS B 377 -12.21 10.28 22.93
CA CYS B 377 -10.83 10.50 23.35
C CYS B 377 -10.81 11.11 24.75
N ALA B 378 -9.82 10.72 25.55
CA ALA B 378 -9.87 10.99 26.98
C ALA B 378 -8.54 11.60 27.42
N GLN B 379 -8.46 11.95 28.70
CA GLN B 379 -7.22 12.41 29.31
C GLN B 379 -6.80 11.39 30.37
N LEU B 380 -6.47 10.21 29.90
CA LEU B 380 -6.04 9.15 30.78
C LEU B 380 -4.64 9.48 31.32
N PRO B 381 -4.20 8.77 32.36
CA PRO B 381 -2.80 8.89 32.79
C PRO B 381 -1.86 8.70 31.62
N VAL B 382 -0.66 9.29 31.73
CA VAL B 382 0.34 9.06 30.71
C VAL B 382 0.83 7.61 30.75
N ASP B 383 0.85 7.00 31.93
CA ASP B 383 1.29 5.62 32.05
C ASP B 383 0.23 4.62 31.58
N THR B 384 -0.98 5.07 31.26
CA THR B 384 -1.92 4.20 30.58
C THR B 384 -1.28 3.58 29.35
N LEU B 385 -0.59 4.42 28.57
CA LEU B 385 0.01 3.98 27.32
C LEU B 385 0.87 2.73 27.52
N ASP B 386 1.81 2.79 28.46
CA ASP B 386 2.73 1.67 28.65
C ASP B 386 2.01 0.48 29.27
N ALA B 387 1.00 0.71 30.10
CA ALA B 387 0.30 -0.39 30.77
C ALA B 387 -0.64 -1.13 29.83
N TYR B 388 -1.23 -0.44 28.86
CA TYR B 388 -2.18 -1.04 27.91
C TYR B 388 -1.81 -0.59 26.50
N PRO B 389 -0.76 -1.16 25.91
CA PRO B 389 -0.43 -0.77 24.53
C PRO B 389 -1.50 -1.20 23.55
N CYS B 390 -2.21 -2.29 23.86
CA CYS B 390 -3.36 -2.74 23.09
C CYS B 390 -4.68 -2.27 23.69
N GLY B 391 -4.64 -1.33 24.62
CA GLY B 391 -5.84 -0.75 25.15
C GLY B 391 -6.48 -1.57 26.24
N SER B 392 -7.65 -1.11 26.66
CA SER B 392 -8.32 -1.62 27.83
C SER B 392 -9.82 -1.41 27.65
N ASP B 393 -10.58 -1.96 28.59
CA ASP B 393 -12.03 -1.77 28.53
C ASP B 393 -12.45 -0.33 28.79
N HIS B 394 -11.51 0.56 29.15
CA HIS B 394 -11.81 1.95 29.46
C HIS B 394 -11.19 2.94 28.49
N THR B 395 -10.33 2.50 27.57
CA THR B 395 -9.72 3.41 26.61
C THR B 395 -10.68 3.69 25.47
N PRO B 396 -10.43 4.75 24.70
CA PRO B 396 -11.29 5.03 23.54
C PRO B 396 -11.02 4.06 22.39
N SER B 397 -12.11 3.65 21.72
CA SER B 397 -12.04 2.72 20.61
C SER B 397 -13.35 2.75 19.85
N PRO B 398 -13.34 2.75 18.50
CA PRO B 398 -12.22 2.74 17.55
C PRO B 398 -11.64 4.14 17.20
N MET B 399 -10.35 4.21 16.88
CA MET B 399 -9.63 5.48 16.74
C MET B 399 -9.25 5.75 15.29
N ALA B 400 -9.37 7.01 14.88
CA ALA B 400 -9.01 7.38 13.52
C ALA B 400 -8.25 8.70 13.53
N SER B 401 -7.34 8.81 12.57
CA SER B 401 -6.50 9.99 12.41
C SER B 401 -7.25 11.04 11.60
N ARG B 402 -7.26 12.28 12.10
CA ARG B 402 -7.68 13.40 11.27
C ARG B 402 -6.67 13.66 10.16
N VAL B 403 -5.45 13.20 10.33
CA VAL B 403 -4.33 13.59 9.48
C VAL B 403 -3.95 12.40 8.61
N PRO B 404 -3.94 12.54 7.29
CA PRO B 404 -3.63 11.42 6.41
C PRO B 404 -2.14 11.21 6.32
N LEU B 405 -1.77 10.06 5.81
CA LEU B 405 -0.38 9.72 5.52
C LEU B 405 -0.18 9.92 4.03
N GLU B 406 0.73 10.82 3.65
CA GLU B 406 0.85 11.34 2.29
C GLU B 406 1.99 10.68 1.53
N ALA B 407 1.78 10.46 0.24
CA ALA B 407 2.82 9.97 -0.66
C ALA B 407 2.78 10.72 -1.98
N THR B 408 3.97 11.14 -2.47
CA THR B 408 4.01 11.72 -3.82
C THR B 408 4.20 10.61 -4.84
N PRO B 409 3.37 10.59 -5.89
CA PRO B 409 3.44 9.50 -6.87
C PRO B 409 4.85 9.25 -7.37
N ILE B 410 5.23 7.97 -7.41
CA ILE B 410 6.46 7.56 -8.07
C ILE B 410 6.29 7.64 -9.58
N LEU B 411 5.13 7.25 -10.07
CA LEU B 411 4.81 7.30 -11.48
C LEU B 411 3.34 7.66 -11.63
N GLU B 412 2.96 8.09 -12.83
CA GLU B 412 1.58 8.43 -13.12
C GLU B 412 1.33 7.97 -14.54
N TRP B 413 0.40 7.06 -14.72
CA TRP B 413 0.14 6.46 -16.03
C TRP B 413 -1.27 6.78 -16.46
N PRO B 414 -1.47 7.78 -17.31
CA PRO B 414 -2.81 8.02 -17.87
C PRO B 414 -3.27 6.80 -18.66
N GLY B 415 -4.59 6.57 -18.64
CA GLY B 415 -5.20 5.52 -19.45
C GLY B 415 -4.99 4.11 -18.96
N ILE B 416 -4.60 3.91 -17.71
CA ILE B 416 -4.31 2.58 -17.19
C ILE B 416 -4.94 2.46 -15.82
N GLN B 417 -5.74 1.41 -15.62
CA GLN B 417 -6.21 1.03 -14.29
C GLN B 417 -5.31 -0.09 -13.78
N LEU B 418 -4.41 0.24 -12.85
CA LEU B 418 -3.56 -0.76 -12.23
C LEU B 418 -4.37 -1.58 -11.24
N THR B 419 -4.23 -2.91 -11.29
CA THR B 419 -4.95 -3.79 -10.39
C THR B 419 -4.06 -4.76 -9.62
N ALA B 420 -2.74 -4.69 -9.75
CA ALA B 420 -1.85 -5.68 -9.15
C ALA B 420 -0.45 -5.15 -9.03
N VAL B 421 0.27 -5.61 -7.99
CA VAL B 421 1.58 -5.08 -7.59
C VAL B 421 2.42 -6.20 -7.01
N ALA B 422 3.56 -6.48 -7.62
CA ALA B 422 4.62 -7.26 -7.00
C ALA B 422 5.90 -6.44 -7.12
N VAL B 423 6.76 -6.53 -6.11
CA VAL B 423 8.01 -5.75 -6.10
C VAL B 423 9.14 -6.65 -5.62
N THR B 424 10.23 -6.68 -6.36
CA THR B 424 11.39 -7.45 -5.97
C THR B 424 12.65 -6.58 -6.07
N MET B 425 13.79 -7.17 -5.67
CA MET B 425 15.08 -6.50 -5.62
C MET B 425 16.10 -7.36 -6.36
N GLU B 426 16.66 -6.81 -7.44
CA GLU B 426 17.58 -7.52 -8.33
C GLU B 426 18.90 -6.78 -8.36
N ASP B 427 19.95 -7.38 -7.79
CA ASP B 427 21.26 -6.74 -7.70
C ASP B 427 21.13 -5.31 -7.14
N GLY B 428 20.34 -5.19 -6.08
CA GLY B 428 20.15 -3.93 -5.40
C GLY B 428 19.10 -3.03 -5.99
N HIS B 429 18.61 -3.29 -7.19
CA HIS B 429 17.66 -2.40 -7.85
C HIS B 429 16.23 -2.89 -7.56
N THR B 430 15.42 -2.02 -6.99
CA THR B 430 14.01 -2.35 -6.77
C THR B 430 13.28 -2.31 -8.11
N ILE B 431 12.63 -3.41 -8.46
CA ILE B 431 11.87 -3.55 -9.69
C ILE B 431 10.42 -3.85 -9.33
N ALA B 432 9.49 -3.31 -10.11
CA ALA B 432 8.06 -3.49 -9.86
C ALA B 432 7.39 -4.13 -11.07
N PHE B 433 6.53 -5.10 -10.80
CA PHE B 433 5.69 -5.73 -11.82
C PHE B 433 4.25 -5.31 -11.54
N LEU B 434 3.63 -4.64 -12.51
CA LEU B 434 2.35 -3.99 -12.31
C LEU B 434 1.37 -4.51 -13.35
N GLY B 435 0.22 -5.00 -12.89
CA GLY B 435 -0.79 -5.55 -13.77
C GLY B 435 -1.96 -4.59 -13.89
N ASP B 436 -2.62 -4.58 -15.03
CA ASP B 436 -3.73 -3.65 -15.19
C ASP B 436 -5.03 -4.38 -15.58
N SER B 437 -6.06 -3.57 -15.78
CA SER B 437 -7.42 -4.05 -16.00
C SER B 437 -7.60 -4.65 -17.37
N GLN B 438 -6.64 -4.41 -18.28
CA GLN B 438 -6.65 -4.96 -19.63
C GLN B 438 -5.77 -6.20 -19.77
N GLY B 439 -5.21 -6.69 -18.67
CA GLY B 439 -4.42 -7.90 -18.74
C GLY B 439 -3.01 -7.70 -19.21
N GLN B 440 -2.37 -6.62 -18.78
CA GLN B 440 -0.98 -6.32 -19.14
C GLN B 440 -0.12 -6.40 -17.88
N LEU B 441 1.10 -6.92 -18.03
CA LEU B 441 2.10 -6.93 -16.98
C LEU B 441 3.19 -5.91 -17.33
N HIS B 442 3.31 -4.86 -16.54
CA HIS B 442 4.32 -3.85 -16.78
C HIS B 442 5.49 -4.07 -15.83
N ARG B 443 6.70 -3.77 -16.29
CA ARG B 443 7.89 -3.93 -15.46
C ARG B 443 8.61 -2.60 -15.39
N VAL B 444 8.78 -2.08 -14.17
CA VAL B 444 9.18 -0.69 -13.99
C VAL B 444 10.36 -0.65 -13.03
N TYR B 445 11.49 -0.12 -13.52
CA TYR B 445 12.58 0.25 -12.64
C TYR B 445 12.11 1.39 -11.76
N LEU B 446 12.40 1.31 -10.47
CA LEU B 446 12.03 2.36 -9.53
C LEU B 446 13.23 3.04 -8.89
N GLY B 447 14.45 2.72 -9.32
CA GLY B 447 15.65 3.28 -8.74
C GLY B 447 15.97 4.69 -9.22
N PRO B 448 17.07 5.23 -8.70
CA PRO B 448 17.41 6.62 -9.03
C PRO B 448 17.71 6.83 -10.52
N GLY B 449 17.26 7.97 -11.04
CA GLY B 449 17.42 8.27 -12.45
C GLY B 449 16.45 7.55 -13.36
N SER B 450 15.25 7.24 -12.88
CA SER B 450 14.28 6.46 -13.62
C SER B 450 13.08 7.31 -13.97
N ASP B 451 12.64 7.23 -15.23
CA ASP B 451 11.31 7.70 -15.55
C ASP B 451 10.29 6.72 -14.97
N GLY B 452 9.03 7.09 -15.07
CA GLY B 452 8.03 6.15 -14.60
C GLY B 452 7.64 5.12 -15.63
N HIS B 453 8.40 5.02 -16.71
CA HIS B 453 7.98 4.26 -17.88
C HIS B 453 8.34 2.79 -17.70
N PRO B 454 7.47 1.89 -18.14
CA PRO B 454 7.83 0.46 -18.09
C PRO B 454 8.88 0.16 -19.15
N TYR B 455 9.86 -0.65 -18.75
CA TYR B 455 10.87 -1.15 -19.67
C TYR B 455 10.43 -2.42 -20.38
N SER B 456 9.28 -2.97 -20.02
CA SER B 456 8.74 -4.16 -20.67
C SER B 456 7.25 -4.27 -20.37
N THR B 457 6.48 -4.60 -21.39
CA THR B 457 5.04 -4.83 -21.22
C THR B 457 4.64 -6.04 -22.05
N GLN B 458 3.92 -6.96 -21.42
CA GLN B 458 3.51 -8.18 -22.09
C GLN B 458 2.04 -8.44 -21.79
N SER B 459 1.35 -8.97 -22.78
CA SER B 459 -0.07 -9.26 -22.64
C SER B 459 -0.24 -10.64 -22.01
N ILE B 460 -1.07 -10.72 -20.97
CA ILE B 460 -1.39 -11.97 -20.31
C ILE B 460 -2.72 -12.53 -20.81
N GLN B 461 -3.77 -11.68 -20.85
CA GLN B 461 -5.07 -12.04 -21.41
C GLN B 461 -5.81 -10.73 -21.70
N GLN B 462 -5.80 -10.29 -22.96
CA GLN B 462 -6.33 -8.97 -23.29
C GLN B 462 -7.78 -8.83 -22.86
N GLY B 463 -8.08 -7.76 -22.14
CA GLY B 463 -9.41 -7.47 -21.68
C GLY B 463 -9.70 -7.89 -20.25
N SER B 464 -8.82 -8.68 -19.63
CA SER B 464 -9.09 -9.30 -18.34
C SER B 464 -8.05 -8.90 -17.31
N ALA B 465 -8.50 -8.39 -16.17
CA ALA B 465 -7.60 -7.76 -15.21
C ALA B 465 -6.63 -8.75 -14.60
N VAL B 466 -5.39 -8.32 -14.38
CA VAL B 466 -4.41 -9.12 -13.68
C VAL B 466 -4.77 -9.11 -12.19
N SER B 467 -4.66 -10.25 -11.54
CA SER B 467 -5.11 -10.38 -10.15
C SER B 467 -4.10 -9.78 -9.19
N ARG B 468 -4.60 -9.30 -8.03
CA ARG B 468 -3.68 -8.91 -6.96
C ARG B 468 -2.83 -10.07 -6.48
N ASP B 469 -3.23 -11.30 -6.77
CA ASP B 469 -2.44 -12.44 -6.32
C ASP B 469 -1.28 -12.62 -7.30
N LEU B 470 -0.35 -11.70 -7.23
CA LEU B 470 0.97 -11.86 -7.80
C LEU B 470 1.85 -12.47 -6.72
N THR B 471 2.69 -13.43 -7.11
CA THR B 471 3.57 -14.08 -6.17
C THR B 471 4.76 -14.63 -6.92
N PHE B 472 5.92 -14.57 -6.29
CA PHE B 472 7.13 -15.11 -6.88
C PHE B 472 7.29 -16.55 -6.48
N ASP B 473 7.98 -17.32 -7.31
CA ASP B 473 8.48 -18.60 -6.85
C ASP B 473 9.62 -18.36 -5.86
N GLY B 474 9.89 -19.35 -5.02
CA GLY B 474 10.79 -19.23 -3.87
C GLY B 474 12.18 -18.71 -4.17
N THR B 475 12.64 -18.75 -5.41
CA THR B 475 13.97 -18.25 -5.76
C THR B 475 13.91 -16.95 -6.55
N PHE B 476 12.72 -16.38 -6.75
CA PHE B 476 12.53 -15.09 -7.41
C PHE B 476 13.06 -15.09 -8.85
N GLU B 477 13.02 -16.24 -9.52
CA GLU B 477 13.30 -16.29 -10.94
C GLU B 477 12.05 -16.33 -11.80
N HIS B 478 10.87 -16.49 -11.21
CA HIS B 478 9.61 -16.50 -11.96
C HIS B 478 8.53 -15.79 -11.18
N LEU B 479 7.54 -15.28 -11.90
CA LEU B 479 6.38 -14.61 -11.31
C LEU B 479 5.11 -15.26 -11.83
N TYR B 480 4.25 -15.67 -10.90
CA TYR B 480 2.95 -16.25 -11.24
C TYR B 480 1.97 -15.11 -11.49
N VAL B 481 1.47 -15.02 -12.72
CA VAL B 481 0.60 -13.93 -13.13
C VAL B 481 -0.71 -14.53 -13.61
N MET B 482 -1.79 -14.14 -12.98
CA MET B 482 -3.06 -14.81 -13.16
C MET B 482 -4.13 -13.85 -13.62
N THR B 483 -4.85 -14.23 -14.65
CA THR B 483 -6.07 -13.57 -15.07
C THR B 483 -7.23 -14.52 -14.86
N GLN B 484 -8.41 -14.11 -15.28
CA GLN B 484 -9.56 -14.96 -15.02
C GLN B 484 -9.58 -16.20 -15.89
N SER B 485 -8.68 -16.31 -16.87
CA SER B 485 -8.67 -17.48 -17.74
C SER B 485 -7.32 -18.19 -17.81
N THR B 486 -6.26 -17.60 -17.27
CA THR B 486 -4.97 -18.27 -17.35
C THR B 486 -4.14 -17.93 -16.13
N LEU B 487 -3.18 -18.82 -15.84
CA LEU B 487 -2.10 -18.56 -14.91
C LEU B 487 -0.80 -18.76 -15.68
N LEU B 488 0.03 -17.72 -15.75
CA LEU B 488 1.34 -17.82 -16.39
C LEU B 488 2.44 -17.85 -15.36
N LYS B 489 3.45 -18.71 -15.59
CA LYS B 489 4.69 -18.67 -14.82
C LYS B 489 5.68 -17.87 -15.66
N VAL B 490 5.79 -16.58 -15.36
CA VAL B 490 6.57 -15.65 -16.18
C VAL B 490 7.97 -15.50 -15.58
N PRO B 491 9.02 -15.71 -16.38
CA PRO B 491 10.37 -15.42 -15.90
C PRO B 491 10.55 -13.93 -15.66
N VAL B 492 11.42 -13.59 -14.69
CA VAL B 492 11.74 -12.19 -14.44
C VAL B 492 12.79 -11.65 -15.40
N ALA B 493 13.40 -12.51 -16.22
CA ALA B 493 14.56 -12.08 -16.99
C ALA B 493 14.82 -13.03 -18.16
N SER B 494 15.41 -12.46 -19.22
CA SER B 494 16.01 -13.22 -20.33
C SER B 494 17.32 -12.55 -20.76
N THR C 39 3.98 -8.19 -47.96
CA THR C 39 4.04 -9.35 -47.09
C THR C 39 2.68 -10.04 -47.08
N ALA C 40 2.66 -11.33 -47.41
CA ALA C 40 1.40 -11.93 -47.80
C ALA C 40 1.41 -13.44 -47.64
N PHE C 41 0.26 -13.98 -47.27
CA PHE C 41 0.01 -15.40 -47.24
C PHE C 41 -1.00 -15.73 -48.33
N THR C 42 -0.65 -16.65 -49.19
CA THR C 42 -1.62 -17.02 -50.20
C THR C 42 -1.62 -18.53 -50.41
N PRO C 43 -2.65 -19.23 -49.94
CA PRO C 43 -2.59 -20.69 -49.86
C PRO C 43 -2.96 -21.37 -51.18
N ASN C 44 -2.34 -22.53 -51.41
CA ASN C 44 -2.61 -23.29 -52.61
C ASN C 44 -3.89 -24.14 -52.47
N GLY C 45 -4.67 -24.20 -53.55
CA GLY C 45 -5.80 -25.09 -53.64
C GLY C 45 -6.95 -24.79 -52.70
N THR C 46 -7.09 -23.54 -52.26
CA THR C 46 -8.19 -23.22 -51.37
C THR C 46 -8.48 -21.72 -51.46
N TYR C 47 -9.67 -21.35 -51.00
CA TYR C 47 -10.04 -19.96 -50.83
C TYR C 47 -10.14 -19.64 -49.35
N LEU C 48 -10.21 -18.35 -49.05
CA LEU C 48 -10.27 -17.86 -47.69
C LEU C 48 -11.70 -17.44 -47.40
N GLN C 49 -12.14 -17.68 -46.17
CA GLN C 49 -13.46 -17.24 -45.72
C GLN C 49 -13.42 -16.24 -44.58
N HIS C 50 -12.56 -16.45 -43.58
CA HIS C 50 -12.62 -15.70 -42.33
C HIS C 50 -11.23 -15.61 -41.73
N LEU C 51 -11.02 -14.52 -40.99
CA LEU C 51 -9.80 -14.27 -40.25
C LEU C 51 -10.16 -13.93 -38.83
N ALA C 52 -9.42 -14.47 -37.87
CA ALA C 52 -9.55 -14.09 -36.48
C ALA C 52 -8.18 -13.73 -35.93
N ARG C 53 -8.14 -12.80 -35.00
CA ARG C 53 -6.88 -12.34 -34.41
C ARG C 53 -6.96 -12.52 -32.90
N ASP C 54 -5.97 -13.17 -32.33
CA ASP C 54 -5.88 -13.27 -30.88
C ASP C 54 -5.40 -11.92 -30.37
N PRO C 55 -6.19 -11.22 -29.55
CA PRO C 55 -5.75 -9.88 -29.10
C PRO C 55 -4.58 -9.94 -28.13
N THR C 56 -4.31 -11.09 -27.50
CA THR C 56 -3.23 -11.26 -26.53
C THR C 56 -1.90 -11.58 -27.17
N SER C 57 -1.90 -12.47 -28.17
CA SER C 57 -0.68 -12.91 -28.81
C SER C 57 -0.54 -12.41 -30.22
N GLY C 58 -1.61 -11.86 -30.81
CA GLY C 58 -1.55 -11.42 -32.19
C GLY C 58 -1.42 -12.57 -33.17
N THR C 59 -1.64 -13.79 -32.68
CA THR C 59 -1.67 -14.94 -33.57
C THR C 59 -2.92 -14.91 -34.44
N LEU C 60 -2.75 -15.29 -35.70
CA LEU C 60 -3.82 -15.21 -36.68
C LEU C 60 -4.39 -16.59 -36.99
N TYR C 61 -5.67 -16.62 -37.29
CA TYR C 61 -6.37 -17.84 -37.63
C TYR C 61 -7.16 -17.58 -38.91
N LEU C 62 -6.99 -18.47 -39.89
CA LEU C 62 -7.63 -18.34 -41.19
C LEU C 62 -8.55 -19.54 -41.38
N GLY C 63 -9.83 -19.27 -41.63
CA GLY C 63 -10.75 -20.31 -41.99
C GLY C 63 -10.89 -20.44 -43.50
N ALA C 64 -10.31 -21.48 -44.07
CA ALA C 64 -10.23 -21.70 -45.50
C ALA C 64 -11.05 -22.92 -45.89
N THR C 65 -11.23 -23.12 -47.19
CA THR C 65 -11.96 -24.30 -47.67
C THR C 65 -11.15 -25.56 -47.37
N ASN C 66 -11.72 -26.45 -46.56
CA ASN C 66 -11.09 -27.70 -46.13
C ASN C 66 -9.81 -27.47 -45.35
N PHE C 67 -9.60 -26.28 -44.78
CA PHE C 67 -8.34 -25.99 -44.11
C PHE C 67 -8.51 -24.96 -42.99
N LEU C 68 -7.62 -25.07 -42.00
CA LEU C 68 -7.39 -24.08 -40.96
C LEU C 68 -5.91 -23.79 -40.88
N PHE C 69 -5.55 -22.51 -40.90
CA PHE C 69 -4.15 -22.11 -40.76
C PHE C 69 -3.99 -21.24 -39.52
N GLN C 70 -2.84 -21.39 -38.87
CA GLN C 70 -2.41 -20.56 -37.76
C GLN C 70 -1.16 -19.81 -38.22
N LEU C 71 -1.20 -18.47 -38.15
CA LEU C 71 -0.11 -17.64 -38.66
C LEU C 71 0.46 -16.73 -37.58
N SER C 72 1.78 -16.61 -37.55
CA SER C 72 2.43 -15.59 -36.74
C SER C 72 1.99 -14.21 -37.21
N PRO C 73 2.18 -13.16 -36.39
CA PRO C 73 1.77 -11.81 -36.83
C PRO C 73 2.46 -11.35 -38.09
N GLY C 74 3.57 -11.98 -38.48
CA GLY C 74 4.23 -11.70 -39.73
C GLY C 74 3.89 -12.69 -40.83
N LEU C 75 2.73 -13.34 -40.70
CA LEU C 75 2.14 -14.21 -41.73
C LEU C 75 3.00 -15.42 -42.05
N GLN C 76 3.87 -15.80 -41.12
CA GLN C 76 4.66 -17.02 -41.23
C GLN C 76 3.80 -18.20 -40.80
N LEU C 77 3.59 -19.16 -41.69
CA LEU C 77 2.73 -20.29 -41.40
C LEU C 77 3.25 -21.10 -40.22
N GLU C 78 2.34 -21.46 -39.32
CA GLU C 78 2.67 -22.18 -38.09
C GLU C 78 1.95 -23.50 -37.91
N ALA C 79 0.76 -23.67 -38.50
CA ALA C 79 0.05 -24.92 -38.34
C ALA C 79 -1.08 -24.98 -39.36
N THR C 80 -1.39 -26.19 -39.81
CA THR C 80 -2.42 -26.45 -40.80
C THR C 80 -3.28 -27.59 -40.27
N VAL C 81 -4.59 -27.36 -40.19
CA VAL C 81 -5.53 -28.41 -39.81
C VAL C 81 -6.53 -28.59 -40.94
N SER C 82 -6.72 -29.85 -41.34
CA SER C 82 -7.65 -30.14 -42.43
C SER C 82 -9.06 -30.25 -41.88
N THR C 83 -10.02 -29.76 -42.64
CA THR C 83 -11.42 -29.79 -42.24
C THR C 83 -12.31 -30.42 -43.29
N GLY C 84 -11.76 -30.82 -44.43
CA GLY C 84 -12.52 -31.45 -45.47
C GLY C 84 -11.63 -32.03 -46.55
N PRO C 85 -12.23 -32.60 -47.58
CA PRO C 85 -13.68 -32.69 -47.73
C PRO C 85 -14.25 -33.88 -46.95
N VAL C 86 -15.56 -33.91 -46.77
CA VAL C 86 -16.23 -35.00 -46.07
C VAL C 86 -17.44 -35.43 -46.89
N LEU C 87 -18.00 -36.58 -46.51
CA LEU C 87 -19.25 -37.03 -47.09
C LEU C 87 -20.41 -36.37 -46.35
N ASP C 88 -21.37 -35.84 -47.10
CA ASP C 88 -22.40 -35.01 -46.48
C ASP C 88 -23.53 -34.79 -47.47
N SER C 89 -24.69 -34.45 -46.93
CA SER C 89 -25.81 -33.92 -47.69
C SER C 89 -26.62 -33.01 -46.78
N ARG C 90 -27.21 -31.95 -47.36
CA ARG C 90 -28.03 -31.06 -46.55
C ARG C 90 -29.33 -31.73 -46.07
N ASP C 91 -29.69 -32.87 -46.66
CA ASP C 91 -30.85 -33.64 -46.20
C ASP C 91 -30.55 -34.48 -44.97
N CYS C 92 -29.27 -34.65 -44.60
CA CYS C 92 -28.84 -35.61 -43.61
C CYS C 92 -28.32 -34.91 -42.37
N LEU C 93 -28.39 -35.61 -41.26
CA LEU C 93 -27.96 -35.14 -39.95
C LEU C 93 -26.63 -35.78 -39.55
N PRO C 94 -25.80 -35.08 -38.78
CA PRO C 94 -24.51 -35.65 -38.36
C PRO C 94 -24.69 -36.53 -37.13
N PRO C 95 -23.85 -37.57 -36.95
CA PRO C 95 -22.78 -38.11 -37.80
C PRO C 95 -23.27 -38.75 -39.10
N VAL C 96 -22.78 -38.25 -40.24
CA VAL C 96 -23.32 -38.64 -41.53
C VAL C 96 -22.77 -39.99 -41.92
N MET C 97 -23.64 -41.02 -42.00
CA MET C 97 -23.32 -42.41 -42.28
C MET C 97 -23.85 -42.85 -43.64
N PRO C 98 -23.23 -43.84 -44.28
CA PRO C 98 -23.73 -44.29 -45.59
C PRO C 98 -25.09 -44.97 -45.54
N ASP C 99 -25.51 -45.49 -44.38
CA ASP C 99 -26.78 -46.23 -44.34
C ASP C 99 -27.96 -45.30 -44.18
N GLU C 100 -27.83 -44.25 -43.37
CA GLU C 100 -28.88 -43.25 -43.23
C GLU C 100 -28.86 -42.22 -44.35
N CYS C 101 -27.76 -42.13 -45.10
CA CYS C 101 -27.54 -41.04 -46.06
C CYS C 101 -26.87 -41.57 -47.31
N PRO C 102 -27.58 -42.37 -48.11
CA PRO C 102 -26.99 -42.86 -49.36
C PRO C 102 -26.55 -41.74 -50.31
N GLN C 103 -27.31 -40.66 -50.40
CA GLN C 103 -26.96 -39.60 -51.33
C GLN C 103 -25.82 -38.71 -50.84
N ALA C 104 -25.18 -39.06 -49.72
CA ALA C 104 -24.04 -38.28 -49.26
C ALA C 104 -22.93 -38.35 -50.29
N GLN C 105 -22.41 -37.18 -50.67
CA GLN C 105 -21.39 -37.00 -51.68
C GLN C 105 -20.20 -36.29 -51.06
N PRO C 106 -19.02 -36.42 -51.66
CA PRO C 106 -17.87 -35.63 -51.18
C PRO C 106 -18.15 -34.15 -51.25
N THR C 107 -17.99 -33.48 -50.11
CA THR C 107 -18.43 -32.09 -49.93
C THR C 107 -17.29 -31.23 -49.42
N ASN C 108 -17.14 -30.05 -50.01
CA ASN C 108 -16.11 -29.13 -49.54
C ASN C 108 -16.63 -28.30 -48.38
N ASN C 109 -15.69 -27.84 -47.55
CA ASN C 109 -16.01 -27.27 -46.24
C ASN C 109 -15.39 -25.88 -46.11
N PRO C 110 -16.01 -24.84 -46.70
CA PRO C 110 -15.60 -23.47 -46.37
C PRO C 110 -16.01 -23.12 -44.95
N ASN C 111 -15.09 -22.46 -44.25
CA ASN C 111 -15.30 -22.09 -42.87
C ASN C 111 -16.43 -21.07 -42.77
N GLN C 112 -17.07 -21.04 -41.62
CA GLN C 112 -18.27 -20.25 -41.40
C GLN C 112 -18.17 -19.35 -40.17
N LEU C 113 -17.50 -19.80 -39.12
CA LEU C 113 -17.31 -19.02 -37.91
C LEU C 113 -15.92 -19.32 -37.36
N LEU C 114 -15.25 -18.30 -36.87
CA LEU C 114 -13.87 -18.45 -36.40
C LEU C 114 -13.66 -17.36 -35.35
N LEU C 115 -13.75 -17.76 -34.08
CA LEU C 115 -13.81 -16.83 -32.96
C LEU C 115 -12.78 -17.22 -31.92
N VAL C 116 -11.97 -16.25 -31.50
CA VAL C 116 -11.10 -16.42 -30.36
C VAL C 116 -11.90 -16.15 -29.09
N SER C 117 -11.76 -17.03 -28.11
CA SER C 117 -12.30 -16.84 -26.77
C SER C 117 -11.16 -17.12 -25.80
N PRO C 118 -11.30 -16.79 -24.52
CA PRO C 118 -10.12 -16.83 -23.63
C PRO C 118 -9.48 -18.20 -23.51
N GLY C 119 -10.20 -19.27 -23.78
CA GLY C 119 -9.54 -20.56 -23.72
C GLY C 119 -9.18 -21.09 -25.09
N ALA C 120 -10.08 -20.89 -26.04
CA ALA C 120 -10.11 -21.73 -27.23
C ALA C 120 -10.42 -20.92 -28.48
N LEU C 121 -10.17 -21.54 -29.62
CA LEU C 121 -10.67 -21.08 -30.90
C LEU C 121 -11.98 -21.82 -31.20
N VAL C 122 -13.05 -21.08 -31.35
CA VAL C 122 -14.31 -21.66 -31.81
C VAL C 122 -14.28 -21.74 -33.34
N VAL C 123 -14.52 -22.92 -33.88
CA VAL C 123 -14.52 -23.14 -35.32
C VAL C 123 -15.84 -23.79 -35.70
N CYS C 124 -16.52 -23.23 -36.68
CA CYS C 124 -17.70 -23.87 -37.25
C CYS C 124 -17.56 -23.83 -38.76
N GLY C 125 -17.85 -24.95 -39.40
CA GLY C 125 -17.80 -25.05 -40.84
C GLY C 125 -19.19 -25.17 -41.41
N SER C 126 -19.23 -25.31 -42.72
CA SER C 126 -20.49 -25.30 -43.45
C SER C 126 -21.14 -26.69 -43.56
N VAL C 127 -20.38 -27.75 -43.32
CA VAL C 127 -20.85 -29.11 -43.44
C VAL C 127 -21.46 -29.58 -42.12
N HIS C 128 -22.21 -30.69 -42.17
CA HIS C 128 -22.69 -31.38 -40.97
C HIS C 128 -23.60 -30.48 -40.13
N GLN C 129 -24.53 -29.81 -40.82
CA GLN C 129 -25.49 -28.88 -40.22
C GLN C 129 -24.82 -27.77 -39.44
N GLY C 130 -23.53 -27.52 -39.71
CA GLY C 130 -22.85 -26.38 -39.13
C GLY C 130 -22.42 -26.53 -37.69
N VAL C 131 -22.03 -27.72 -37.27
CA VAL C 131 -21.57 -27.91 -35.91
C VAL C 131 -20.18 -27.30 -35.74
N CYS C 132 -19.87 -26.94 -34.49
CA CYS C 132 -18.62 -26.29 -34.12
C CYS C 132 -17.75 -27.20 -33.28
N GLU C 133 -16.57 -26.69 -32.96
CA GLU C 133 -15.64 -27.32 -32.04
C GLU C 133 -14.82 -26.21 -31.40
N GLN C 134 -13.94 -26.60 -30.49
CA GLN C 134 -12.99 -25.70 -29.83
C GLN C 134 -11.59 -26.28 -29.96
N ARG C 135 -10.60 -25.42 -30.19
CA ARG C 135 -9.21 -25.85 -30.34
C ARG C 135 -8.32 -25.02 -29.43
N ARG C 136 -7.21 -25.61 -28.97
CA ARG C 136 -6.31 -24.86 -28.10
C ARG C 136 -5.69 -23.69 -28.87
N LEU C 137 -5.61 -22.54 -28.20
CA LEU C 137 -5.02 -21.36 -28.83
C LEU C 137 -3.51 -21.54 -28.97
N GLY C 138 -2.97 -21.23 -30.16
CA GLY C 138 -1.57 -21.38 -30.44
C GLY C 138 -1.09 -22.80 -30.64
N GLN C 139 -1.84 -23.80 -30.20
CA GLN C 139 -1.64 -25.19 -30.58
C GLN C 139 -2.88 -25.64 -31.33
N LEU C 140 -3.05 -25.12 -32.56
CA LEU C 140 -4.30 -25.29 -33.30
C LEU C 140 -4.61 -26.76 -33.57
N GLU C 141 -3.58 -27.59 -33.64
CA GLU C 141 -3.71 -29.00 -34.00
C GLU C 141 -4.22 -29.86 -32.85
N GLN C 142 -4.53 -29.28 -31.68
CA GLN C 142 -4.94 -29.99 -30.47
C GLN C 142 -6.40 -29.68 -30.17
N LEU C 143 -7.29 -30.61 -30.51
CA LEU C 143 -8.70 -30.42 -30.24
C LEU C 143 -8.95 -30.31 -28.75
N LEU C 144 -9.84 -29.40 -28.37
CA LEU C 144 -10.28 -29.27 -26.99
C LEU C 144 -11.65 -29.88 -26.75
N LEU C 145 -12.61 -29.62 -27.62
CA LEU C 145 -14.01 -29.96 -27.33
C LEU C 145 -14.79 -30.09 -28.62
N ARG C 146 -15.28 -31.30 -28.91
CA ARG C 146 -16.08 -31.54 -30.09
C ARG C 146 -17.11 -32.62 -29.75
N PRO C 147 -18.38 -32.26 -29.56
CA PRO C 147 -19.39 -33.24 -29.20
C PRO C 147 -19.42 -34.42 -30.16
N GLU C 148 -19.62 -35.62 -29.60
CA GLU C 148 -19.60 -36.85 -30.40
C GLU C 148 -20.94 -37.12 -31.05
N ARG C 149 -22.04 -36.97 -30.30
CA ARG C 149 -23.38 -37.17 -30.83
C ARG C 149 -24.14 -35.84 -30.79
N PRO C 150 -23.84 -34.92 -31.72
CA PRO C 150 -24.53 -33.64 -31.70
C PRO C 150 -25.98 -33.78 -32.13
N GLY C 151 -26.86 -33.10 -31.40
CA GLY C 151 -28.28 -33.22 -31.60
C GLY C 151 -28.97 -32.01 -32.19
N ASP C 152 -30.25 -31.83 -31.83
CA ASP C 152 -31.14 -30.91 -32.52
C ASP C 152 -30.80 -29.45 -32.25
N THR C 153 -30.23 -29.17 -31.09
CA THR C 153 -29.94 -27.79 -30.69
C THR C 153 -28.46 -27.47 -30.72
N GLN C 154 -27.67 -28.19 -31.52
CA GLN C 154 -26.25 -27.89 -31.66
C GLN C 154 -25.84 -27.75 -33.13
N TYR C 155 -26.79 -27.34 -33.98
CA TYR C 155 -26.53 -27.02 -35.38
C TYR C 155 -26.37 -25.51 -35.45
N VAL C 156 -25.12 -25.04 -35.50
CA VAL C 156 -24.81 -23.66 -35.18
C VAL C 156 -24.77 -22.79 -36.44
N ALA C 157 -23.80 -23.02 -37.30
CA ALA C 157 -23.57 -22.13 -38.43
C ALA C 157 -24.57 -22.40 -39.55
N ALA C 158 -24.52 -21.56 -40.57
CA ALA C 158 -25.28 -21.87 -41.76
C ALA C 158 -24.66 -23.07 -42.44
N ASN C 159 -25.47 -24.07 -42.81
CA ASN C 159 -24.98 -25.26 -43.49
C ASN C 159 -24.95 -25.09 -45.01
N ASP C 160 -24.78 -23.84 -45.48
CA ASP C 160 -24.80 -23.39 -46.88
C ASP C 160 -23.75 -22.30 -47.03
N PRO C 161 -22.68 -22.54 -47.78
CA PRO C 161 -21.74 -21.43 -48.05
C PRO C 161 -22.52 -20.33 -48.76
N ALA C 162 -21.96 -19.13 -48.75
CA ALA C 162 -22.63 -17.95 -49.30
C ALA C 162 -23.85 -17.54 -48.47
N VAL C 163 -24.19 -18.27 -47.39
CA VAL C 163 -24.96 -17.74 -46.27
C VAL C 163 -23.99 -17.53 -45.12
N SER C 164 -24.06 -16.38 -44.48
CA SER C 164 -23.09 -15.94 -43.48
C SER C 164 -23.49 -16.33 -42.07
N THR C 165 -22.49 -16.38 -41.19
CA THR C 165 -22.69 -16.69 -39.79
C THR C 165 -21.85 -15.69 -39.03
N VAL C 166 -22.45 -15.05 -38.03
CA VAL C 166 -21.71 -14.15 -37.16
C VAL C 166 -21.91 -14.62 -35.74
N GLY C 167 -20.94 -14.30 -34.90
CA GLY C 167 -21.00 -14.73 -33.52
C GLY C 167 -20.10 -13.91 -32.63
N LEU C 168 -20.27 -14.13 -31.33
CA LEU C 168 -19.64 -13.29 -30.32
C LEU C 168 -19.60 -14.06 -29.02
N VAL C 169 -18.45 -14.07 -28.36
CA VAL C 169 -18.27 -14.80 -27.11
C VAL C 169 -18.28 -13.78 -26.00
N ALA C 170 -19.20 -13.93 -25.05
CA ALA C 170 -19.36 -13.00 -23.95
C ALA C 170 -19.75 -13.74 -22.68
N GLN C 171 -19.63 -13.03 -21.54
CA GLN C 171 -20.13 -13.51 -20.25
C GLN C 171 -21.56 -13.05 -20.00
N ALA C 174 -24.92 -15.28 -15.28
CA ALA C 174 -24.59 -16.44 -14.46
C ALA C 174 -23.08 -16.69 -14.34
N GLY C 175 -22.26 -15.81 -14.92
CA GLY C 175 -20.81 -15.92 -14.80
C GLY C 175 -20.17 -17.07 -15.57
N GLU C 176 -20.82 -17.53 -16.62
CA GLU C 176 -20.45 -18.58 -17.54
C GLU C 176 -20.19 -17.99 -18.92
N PRO C 177 -19.28 -18.58 -19.72
CA PRO C 177 -19.08 -18.09 -21.09
C PRO C 177 -20.20 -18.58 -22.01
N LEU C 178 -20.76 -17.67 -22.79
CA LEU C 178 -21.78 -17.98 -23.77
C LEU C 178 -21.29 -17.58 -25.16
N LEU C 179 -22.00 -18.09 -26.17
CA LEU C 179 -21.71 -17.78 -27.57
C LEU C 179 -23.02 -17.33 -28.21
N PHE C 180 -23.05 -16.07 -28.64
CA PHE C 180 -24.16 -15.54 -29.41
C PHE C 180 -23.88 -15.79 -30.88
N VAL C 181 -24.89 -16.25 -31.63
CA VAL C 181 -24.71 -16.60 -33.03
C VAL C 181 -25.86 -16.01 -33.83
N GLY C 182 -25.52 -15.30 -34.94
CA GLY C 182 -26.48 -14.91 -35.91
C GLY C 182 -26.30 -15.80 -37.12
N ARG C 183 -27.34 -16.56 -37.44
CA ARG C 183 -27.33 -17.53 -38.52
C ARG C 183 -28.36 -17.10 -39.55
N GLY C 184 -27.95 -17.03 -40.82
CA GLY C 184 -28.89 -16.68 -41.87
C GLY C 184 -29.77 -17.85 -42.30
N TYR C 185 -30.87 -17.51 -42.96
CA TYR C 185 -31.81 -18.52 -43.42
C TYR C 185 -31.21 -19.41 -44.50
N THR C 186 -31.40 -20.74 -44.35
CA THR C 186 -30.95 -21.73 -45.32
C THR C 186 -32.12 -22.61 -45.76
N SER C 187 -32.08 -23.04 -47.03
CA SER C 187 -33.17 -23.85 -47.58
C SER C 187 -33.29 -25.22 -46.92
N ARG C 188 -32.31 -25.60 -46.10
CA ARG C 188 -32.38 -26.76 -45.21
C ARG C 188 -32.29 -28.09 -45.96
N GLY C 193 -35.63 -24.24 -39.59
CA GLY C 193 -35.96 -24.60 -38.21
C GLY C 193 -35.02 -24.06 -37.14
N ILE C 194 -33.83 -23.60 -37.53
CA ILE C 194 -32.86 -23.07 -36.58
C ILE C 194 -33.09 -21.58 -36.41
N PRO C 195 -33.24 -21.09 -35.19
CA PRO C 195 -33.53 -19.65 -34.98
C PRO C 195 -32.40 -18.77 -35.45
N PRO C 196 -32.74 -17.60 -36.01
CA PRO C 196 -31.70 -16.70 -36.55
C PRO C 196 -30.71 -16.21 -35.50
N ILE C 197 -31.15 -15.93 -34.27
CA ILE C 197 -30.25 -15.54 -33.19
C ILE C 197 -30.45 -16.49 -32.01
N THR C 198 -29.34 -16.96 -31.44
CA THR C 198 -29.35 -17.90 -30.33
C THR C 198 -28.16 -17.64 -29.41
N THR C 199 -28.36 -17.88 -28.12
CA THR C 199 -27.29 -17.85 -27.13
C THR C 199 -26.99 -19.28 -26.70
N ARG C 200 -25.79 -19.77 -27.01
CA ARG C 200 -25.45 -21.18 -26.87
C ARG C 200 -24.39 -21.37 -25.80
N ALA C 201 -24.42 -22.54 -25.15
CA ALA C 201 -23.56 -22.85 -24.02
C ALA C 201 -22.18 -23.23 -24.52
N LEU C 202 -21.16 -22.50 -24.10
CA LEU C 202 -19.84 -22.77 -24.65
C LEU C 202 -19.13 -23.87 -23.90
N TRP C 203 -19.26 -23.90 -22.58
CA TRP C 203 -18.73 -25.00 -21.78
C TRP C 203 -19.74 -25.35 -20.70
N PRO C 204 -20.69 -26.24 -21.02
CA PRO C 204 -21.69 -26.61 -20.04
C PRO C 204 -21.14 -27.66 -19.09
N PRO C 205 -21.86 -28.03 -18.02
CA PRO C 205 -21.31 -29.01 -17.07
C PRO C 205 -20.97 -30.33 -17.75
N ASP C 206 -21.81 -30.77 -18.69
CA ASP C 206 -21.50 -31.92 -19.51
C ASP C 206 -21.02 -31.43 -20.86
N PRO C 207 -19.73 -31.56 -21.20
CA PRO C 207 -19.21 -30.98 -22.44
C PRO C 207 -19.76 -31.60 -23.71
N GLN C 208 -20.55 -32.68 -23.61
CA GLN C 208 -21.24 -33.20 -24.79
C GLN C 208 -22.39 -32.28 -25.18
N ALA C 209 -22.93 -31.54 -24.24
CA ALA C 209 -23.97 -30.57 -24.55
C ALA C 209 -23.43 -29.26 -25.11
N ALA C 210 -22.13 -29.13 -25.34
CA ALA C 210 -21.57 -27.85 -25.73
C ALA C 210 -22.19 -27.35 -27.03
N PHE C 211 -22.16 -26.02 -27.20
CA PHE C 211 -22.69 -25.28 -28.35
C PHE C 211 -24.21 -25.41 -28.46
N SER C 212 -24.86 -25.95 -27.45
CA SER C 212 -26.30 -26.06 -27.44
C SER C 212 -26.91 -24.81 -26.84
N TYR C 213 -28.14 -24.51 -27.26
CA TYR C 213 -28.93 -23.46 -26.64
C TYR C 213 -30.10 -24.06 -25.86
N GLU C 214 -30.46 -23.40 -24.77
CA GLU C 214 -31.67 -23.77 -24.07
C GLU C 214 -32.86 -23.45 -24.96
N GLU C 215 -33.98 -24.12 -24.69
CA GLU C 215 -35.19 -23.91 -25.48
C GLU C 215 -35.64 -22.44 -25.48
N THR C 216 -35.28 -21.67 -24.45
CA THR C 216 -35.71 -20.28 -24.33
C THR C 216 -34.67 -19.28 -24.84
N ALA C 217 -33.41 -19.70 -24.98
CA ALA C 217 -32.34 -18.78 -25.39
C ALA C 217 -32.23 -18.69 -26.92
N LYS C 218 -33.33 -18.25 -27.54
CA LYS C 218 -33.41 -18.13 -28.99
C LYS C 218 -34.38 -17.02 -29.34
N LEU C 219 -34.25 -16.49 -30.56
CA LEU C 219 -35.25 -15.61 -31.14
C LEU C 219 -36.28 -16.49 -31.84
N ALA C 220 -37.53 -16.44 -31.38
CA ALA C 220 -38.57 -17.26 -31.99
C ALA C 220 -39.10 -16.53 -33.22
N VAL C 221 -38.88 -17.11 -34.39
CA VAL C 221 -39.20 -16.45 -35.66
C VAL C 221 -39.93 -17.44 -36.57
N GLY C 222 -41.21 -17.16 -36.85
CA GLY C 222 -41.91 -17.85 -37.91
C GLY C 222 -41.67 -17.16 -39.24
N ARG C 223 -42.09 -17.83 -40.31
CA ARG C 223 -41.90 -17.32 -41.67
C ARG C 223 -40.42 -17.01 -41.92
N LEU C 224 -39.54 -17.75 -41.25
CA LEU C 224 -38.11 -17.53 -41.39
C LEU C 224 -37.68 -17.45 -42.84
N SER C 225 -38.31 -18.24 -43.72
CA SER C 225 -38.02 -18.15 -45.14
C SER C 225 -38.33 -16.76 -45.68
N GLU C 226 -39.37 -16.12 -45.17
CA GLU C 226 -39.78 -14.85 -45.74
C GLU C 226 -38.98 -13.67 -45.19
N TYR C 227 -38.62 -13.67 -43.91
CA TYR C 227 -37.76 -12.60 -43.41
C TYR C 227 -36.36 -12.71 -44.00
N SER C 228 -35.85 -13.94 -44.17
CA SER C 228 -34.64 -14.20 -44.94
C SER C 228 -33.44 -13.39 -44.44
N HIS C 229 -33.12 -13.59 -43.15
CA HIS C 229 -32.02 -12.84 -42.55
C HIS C 229 -30.73 -13.03 -43.34
N HIS C 230 -29.96 -11.94 -43.44
CA HIS C 230 -28.54 -12.00 -43.80
C HIS C 230 -27.78 -11.22 -42.74
N PHE C 231 -26.81 -11.87 -42.12
CA PHE C 231 -26.09 -11.25 -41.01
C PHE C 231 -24.80 -10.62 -41.49
N VAL C 232 -24.57 -9.39 -41.04
CA VAL C 232 -23.34 -8.66 -41.31
C VAL C 232 -22.33 -8.83 -40.17
N SER C 233 -22.78 -8.66 -38.93
CA SER C 233 -21.86 -8.40 -37.83
C SER C 233 -22.56 -8.64 -36.48
N ALA C 234 -21.74 -8.93 -35.47
CA ALA C 234 -22.19 -8.94 -34.09
C ALA C 234 -21.09 -8.34 -33.24
N PHE C 235 -21.49 -7.71 -32.14
CA PHE C 235 -20.51 -7.05 -31.31
C PHE C 235 -21.11 -6.72 -29.97
N ALA C 236 -20.23 -6.64 -28.97
CA ALA C 236 -20.60 -6.34 -27.60
C ALA C 236 -20.12 -4.94 -27.22
N ARG C 237 -20.96 -4.21 -26.49
CA ARG C 237 -20.54 -2.97 -25.87
C ARG C 237 -21.27 -2.87 -24.54
N GLY C 238 -20.51 -2.64 -23.48
CA GLY C 238 -21.11 -2.53 -22.17
C GLY C 238 -21.82 -3.80 -21.79
N ALA C 239 -23.10 -3.66 -21.44
CA ALA C 239 -23.93 -4.74 -20.93
C ALA C 239 -24.81 -5.39 -22.00
N SER C 240 -24.51 -5.23 -23.29
CA SER C 240 -25.43 -5.70 -24.30
C SER C 240 -24.70 -6.28 -25.50
N ALA C 241 -25.47 -7.00 -26.32
CA ALA C 241 -25.00 -7.62 -27.53
C ALA C 241 -25.75 -7.02 -28.72
N TYR C 242 -25.02 -6.71 -29.80
CA TYR C 242 -25.60 -6.07 -30.97
C TYR C 242 -25.40 -6.93 -32.20
N PHE C 243 -26.40 -6.94 -33.07
CA PHE C 243 -26.35 -7.68 -34.32
C PHE C 243 -26.74 -6.74 -35.45
N LEU C 244 -26.03 -6.82 -36.57
CA LEU C 244 -26.29 -6.03 -37.76
C LEU C 244 -26.68 -6.97 -38.90
N PHE C 245 -27.82 -6.70 -39.55
CA PHE C 245 -28.32 -7.66 -40.53
C PHE C 245 -29.28 -7.03 -41.53
N LEU C 246 -29.63 -7.82 -42.54
CA LEU C 246 -30.66 -7.52 -43.53
C LEU C 246 -31.82 -8.48 -43.37
N ARG C 247 -33.02 -7.98 -43.62
CA ARG C 247 -34.18 -8.86 -43.66
C ARG C 247 -35.29 -8.13 -44.39
N ARG C 248 -36.34 -8.86 -44.74
CA ARG C 248 -37.47 -8.26 -45.42
C ARG C 248 -38.37 -7.59 -44.40
N ASP C 249 -38.79 -6.37 -44.70
CA ASP C 249 -39.79 -5.67 -43.88
C ASP C 249 -41.14 -6.18 -44.34
N LEU C 250 -41.66 -7.20 -43.65
CA LEU C 250 -42.97 -7.69 -44.01
C LEU C 250 -44.08 -6.75 -43.54
N GLN C 251 -43.72 -5.66 -42.84
CA GLN C 251 -44.64 -4.57 -42.56
C GLN C 251 -44.78 -3.63 -43.76
N ALA C 252 -43.79 -3.59 -44.63
CA ALA C 252 -43.82 -2.74 -45.82
C ALA C 252 -44.64 -3.38 -46.93
N GLN C 253 -45.28 -2.53 -47.73
CA GLN C 253 -45.94 -3.02 -48.95
C GLN C 253 -44.93 -3.68 -49.88
N SER C 254 -43.75 -3.08 -50.00
CA SER C 254 -42.76 -3.51 -50.98
C SER C 254 -42.10 -4.83 -50.62
N ARG C 255 -42.23 -5.28 -49.37
CA ARG C 255 -41.59 -6.53 -48.93
C ARG C 255 -40.08 -6.50 -49.19
N ALA C 256 -39.49 -5.30 -49.20
CA ALA C 256 -38.10 -5.11 -49.57
C ALA C 256 -37.17 -5.42 -48.39
N PHE C 257 -35.89 -5.66 -48.72
CA PHE C 257 -34.86 -5.86 -47.70
C PHE C 257 -34.45 -4.54 -47.06
N ARG C 258 -34.20 -4.58 -45.76
CA ARG C 258 -33.93 -3.40 -44.94
C ARG C 258 -32.83 -3.75 -43.95
N ALA C 259 -32.12 -2.74 -43.47
CA ALA C 259 -31.01 -2.94 -42.54
C ALA C 259 -31.49 -2.70 -41.12
N TYR C 260 -30.94 -3.47 -40.18
CA TYR C 260 -31.35 -3.38 -38.78
C TYR C 260 -30.14 -3.55 -37.88
N VAL C 261 -30.22 -2.94 -36.71
CA VAL C 261 -29.38 -3.29 -35.59
C VAL C 261 -30.31 -3.80 -34.50
N SER C 262 -29.84 -4.80 -33.75
CA SER C 262 -30.57 -5.50 -32.71
C SER C 262 -29.81 -5.35 -31.40
N ARG C 263 -30.52 -5.28 -30.28
CA ARG C 263 -29.85 -5.25 -28.99
C ARG C 263 -30.48 -6.27 -28.04
N VAL C 264 -29.62 -6.98 -27.30
CA VAL C 264 -30.06 -7.93 -26.28
C VAL C 264 -29.11 -7.86 -25.09
N CYS C 265 -29.67 -7.97 -23.88
CA CYS C 265 -28.81 -7.99 -22.70
C CYS C 265 -27.94 -9.24 -22.71
N LEU C 266 -26.67 -9.09 -22.34
CA LEU C 266 -25.85 -10.26 -22.06
C LEU C 266 -26.44 -11.08 -20.90
N ARG C 267 -26.95 -10.41 -19.86
CA ARG C 267 -27.60 -11.10 -18.75
C ARG C 267 -28.88 -11.82 -19.15
N ASP C 268 -29.35 -11.64 -20.39
CA ASP C 268 -30.67 -12.09 -20.84
C ASP C 268 -30.52 -13.35 -21.68
N GLN C 269 -30.73 -14.51 -21.05
CA GLN C 269 -30.75 -15.77 -21.77
C GLN C 269 -32.16 -16.19 -22.15
N HIS C 270 -33.12 -15.28 -22.13
CA HIS C 270 -34.47 -15.60 -22.56
C HIS C 270 -34.97 -14.74 -23.71
N TYR C 271 -34.18 -13.74 -24.13
CA TYR C 271 -34.48 -12.81 -25.23
C TYR C 271 -35.65 -11.89 -24.94
N TYR C 272 -35.89 -11.61 -23.65
CA TYR C 272 -36.94 -10.67 -23.27
C TYR C 272 -36.56 -9.24 -23.65
N SER C 273 -35.31 -8.88 -23.44
CA SER C 273 -34.79 -7.55 -23.74
C SER C 273 -34.58 -7.29 -25.22
N TYR C 274 -35.04 -8.17 -26.10
CA TYR C 274 -34.66 -8.05 -27.49
C TYR C 274 -35.44 -6.91 -28.14
N VAL C 275 -34.72 -6.05 -28.86
CA VAL C 275 -35.33 -4.91 -29.53
C VAL C 275 -34.57 -4.62 -30.83
N GLU C 276 -35.32 -4.39 -31.91
CA GLU C 276 -34.79 -4.13 -33.25
C GLU C 276 -35.04 -2.68 -33.67
N LEU C 277 -34.05 -2.08 -34.32
CA LEU C 277 -34.13 -0.72 -34.86
C LEU C 277 -33.77 -0.73 -36.34
N PRO C 278 -34.64 -0.25 -37.24
CA PRO C 278 -34.19 -0.05 -38.63
C PRO C 278 -33.03 0.92 -38.68
N LEU C 279 -32.12 0.71 -39.61
CA LEU C 279 -31.05 1.66 -39.87
C LEU C 279 -31.29 2.31 -41.22
N ALA C 280 -31.50 3.62 -41.22
CA ALA C 280 -31.79 4.35 -42.45
C ALA C 280 -30.57 5.20 -42.81
N CYS C 281 -29.74 4.70 -43.72
CA CYS C 281 -28.67 5.49 -44.30
C CYS C 281 -29.26 6.28 -45.45
N GLU C 282 -29.42 7.60 -45.25
CA GLU C 282 -30.07 8.46 -46.23
C GLU C 282 -31.50 7.98 -46.49
N GLY C 283 -32.23 7.70 -45.41
CA GLY C 283 -33.58 7.21 -45.53
C GLY C 283 -33.72 5.76 -45.99
N GLY C 284 -32.63 5.02 -46.12
CA GLY C 284 -32.70 3.71 -46.74
C GLY C 284 -32.44 3.71 -48.23
N ARG C 285 -32.16 4.87 -48.82
CA ARG C 285 -31.73 4.92 -50.21
C ARG C 285 -30.49 4.08 -50.44
N TYR C 286 -29.57 4.03 -49.48
CA TYR C 286 -28.54 2.97 -49.45
C TYR C 286 -29.04 1.91 -48.48
N GLY C 287 -29.84 0.99 -49.02
CA GLY C 287 -30.62 0.09 -48.20
C GLY C 287 -29.82 -1.05 -47.60
N LEU C 288 -28.79 -1.52 -48.29
CA LEU C 288 -28.12 -2.78 -47.96
C LEU C 288 -26.84 -2.52 -47.15
N ILE C 289 -26.89 -2.75 -45.84
CA ILE C 289 -25.66 -2.69 -45.05
C ILE C 289 -24.77 -3.88 -45.39
N GLN C 290 -23.46 -3.62 -45.52
CA GLN C 290 -22.49 -4.63 -45.89
C GLN C 290 -21.37 -4.84 -44.88
N ALA C 291 -21.11 -3.88 -44.03
CA ALA C 291 -19.91 -3.91 -43.20
C ALA C 291 -20.04 -2.78 -42.21
N ALA C 292 -19.35 -2.90 -41.09
CA ALA C 292 -19.42 -1.87 -40.06
C ALA C 292 -18.22 -1.98 -39.14
N ALA C 293 -17.83 -0.85 -38.58
CA ALA C 293 -16.72 -0.81 -37.64
C ALA C 293 -16.88 0.40 -36.76
N VAL C 294 -16.47 0.27 -35.50
CA VAL C 294 -16.23 1.42 -34.66
C VAL C 294 -14.75 1.72 -34.82
N ALA C 295 -14.38 2.93 -34.41
CA ALA C 295 -12.96 3.29 -34.39
C ALA C 295 -12.25 2.42 -33.39
N THR C 296 -11.07 1.94 -33.78
CA THR C 296 -10.21 1.11 -32.94
C THR C 296 -8.81 1.65 -33.11
N SER C 297 -8.18 2.03 -32.01
CA SER C 297 -6.90 2.70 -32.12
C SER C 297 -6.18 2.64 -30.78
N ARG C 298 -5.03 3.28 -30.74
CA ARG C 298 -4.17 3.25 -29.57
C ARG C 298 -4.86 3.85 -28.36
N GLU C 299 -5.23 5.13 -28.47
CA GLU C 299 -5.81 5.86 -27.35
C GLU C 299 -7.29 5.56 -27.09
N VAL C 300 -8.01 5.00 -28.06
CA VAL C 300 -9.41 4.62 -27.87
C VAL C 300 -9.56 3.19 -28.37
N ALA C 301 -9.79 2.25 -27.46
CA ALA C 301 -9.83 0.84 -27.84
C ALA C 301 -11.01 0.55 -28.76
N HIS C 302 -12.21 0.95 -28.33
CA HIS C 302 -13.40 0.87 -29.17
C HIS C 302 -14.15 2.18 -29.05
N GLY C 303 -14.15 2.95 -30.13
CA GLY C 303 -14.91 4.18 -30.20
C GLY C 303 -16.40 3.97 -29.97
N GLU C 304 -17.14 5.07 -29.96
CA GLU C 304 -18.55 5.05 -29.66
C GLU C 304 -19.39 5.39 -30.87
N VAL C 305 -18.78 5.38 -32.05
CA VAL C 305 -19.49 5.70 -33.29
C VAL C 305 -19.29 4.55 -34.25
N LEU C 306 -20.42 3.96 -34.69
CA LEU C 306 -20.47 2.86 -35.64
C LEU C 306 -20.49 3.42 -37.05
N PHE C 307 -19.40 3.25 -37.79
CA PHE C 307 -19.35 3.61 -39.20
C PHE C 307 -19.69 2.37 -40.03
N ALA C 308 -20.75 2.47 -40.84
CA ALA C 308 -21.31 1.33 -41.54
C ALA C 308 -21.38 1.61 -43.03
N ALA C 309 -20.94 0.66 -43.84
CA ALA C 309 -20.95 0.80 -45.30
C ALA C 309 -22.25 0.21 -45.86
N PHE C 310 -22.98 1.00 -46.63
CA PHE C 310 -24.24 0.58 -47.23
C PHE C 310 -24.13 0.66 -48.75
N SER C 311 -24.80 -0.25 -49.44
CA SER C 311 -24.90 -0.20 -50.89
C SER C 311 -26.36 -0.16 -51.29
N SER C 312 -26.60 0.26 -52.53
CA SER C 312 -27.95 0.35 -53.07
C SER C 312 -28.29 -0.94 -53.79
N ALA C 313 -29.59 -1.23 -53.85
CA ALA C 313 -30.02 -2.53 -54.32
C ALA C 313 -30.26 -2.51 -55.83
N ALA C 314 -30.52 -3.69 -56.38
CA ALA C 314 -30.85 -3.78 -57.79
C ALA C 314 -32.34 -3.49 -58.00
N PRO C 315 -32.72 -2.87 -59.13
CA PRO C 315 -34.15 -2.75 -59.47
C PRO C 315 -34.79 -4.09 -59.80
N ARG C 320 -36.67 -6.54 -54.38
CA ARG C 320 -36.79 -7.93 -53.94
C ARG C 320 -35.48 -8.72 -53.59
N PRO C 321 -34.31 -8.33 -54.10
CA PRO C 321 -33.08 -9.04 -53.70
C PRO C 321 -32.27 -8.24 -52.69
N PRO C 322 -31.45 -8.93 -51.88
CA PRO C 322 -30.49 -8.23 -51.02
C PRO C 322 -29.11 -8.22 -51.66
N SER C 323 -29.08 -8.36 -52.98
CA SER C 323 -27.84 -8.25 -53.74
C SER C 323 -27.62 -6.82 -54.19
N ALA C 324 -26.36 -6.37 -54.06
CA ALA C 324 -26.03 -4.98 -54.36
C ALA C 324 -25.96 -4.77 -55.87
N ALA C 325 -26.56 -3.67 -56.32
CA ALA C 325 -26.55 -3.33 -57.74
C ALA C 325 -25.12 -3.13 -58.24
N ALA C 326 -24.70 -3.95 -59.20
CA ALA C 326 -23.38 -3.79 -59.81
C ALA C 326 -23.32 -2.57 -60.75
N ALA C 331 -23.77 2.46 -56.44
CA ALA C 331 -23.12 3.33 -55.47
C ALA C 331 -23.20 2.79 -54.04
N SER C 332 -22.16 3.07 -53.25
CA SER C 332 -22.13 2.80 -51.81
C SER C 332 -22.03 4.10 -51.03
N ALA C 333 -22.11 3.98 -49.71
CA ALA C 333 -22.12 5.14 -48.81
C ALA C 333 -21.61 4.71 -47.44
N LEU C 334 -20.93 5.63 -46.75
CA LEU C 334 -20.44 5.42 -45.40
C LEU C 334 -21.31 6.25 -44.44
N CYS C 335 -22.11 5.57 -43.61
CA CYS C 335 -23.00 6.22 -42.67
C CYS C 335 -22.55 5.93 -41.24
N ALA C 336 -22.60 6.95 -40.37
CA ALA C 336 -22.17 6.82 -38.99
C ALA C 336 -23.38 6.88 -38.05
N PHE C 337 -23.35 6.02 -37.03
CA PHE C 337 -24.42 5.92 -36.04
C PHE C 337 -23.81 5.93 -34.64
N PRO C 338 -23.84 7.06 -33.93
CA PRO C 338 -23.42 7.08 -32.53
C PRO C 338 -24.14 6.01 -31.72
N LEU C 339 -23.36 5.20 -31.03
CA LEU C 339 -23.98 4.14 -30.25
C LEU C 339 -24.88 4.68 -29.16
N ASP C 340 -24.70 5.94 -28.72
CA ASP C 340 -25.62 6.47 -27.72
C ASP C 340 -27.01 6.67 -28.32
N GLU C 341 -27.07 7.19 -29.55
CA GLU C 341 -28.36 7.36 -30.21
C GLU C 341 -29.04 6.01 -30.45
N VAL C 342 -28.28 4.97 -30.82
CA VAL C 342 -28.84 3.62 -30.90
C VAL C 342 -29.48 3.24 -29.58
N ASP C 343 -28.74 3.39 -28.48
CA ASP C 343 -29.25 2.97 -27.18
C ASP C 343 -30.45 3.79 -26.76
N ARG C 344 -30.44 5.10 -27.06
CA ARG C 344 -31.59 5.94 -26.74
C ARG C 344 -32.83 5.46 -27.49
N LEU C 345 -32.70 5.22 -28.79
CA LEU C 345 -33.87 4.83 -29.58
C LEU C 345 -34.42 3.46 -29.15
N ALA C 346 -33.54 2.47 -28.97
CA ALA C 346 -34.01 1.19 -28.46
C ALA C 346 -34.65 1.35 -27.10
N ASN C 347 -34.01 2.11 -26.21
CA ASN C 347 -34.60 2.45 -24.92
C ASN C 347 -35.98 3.07 -25.08
N ARG C 348 -36.17 3.96 -26.07
CA ARG C 348 -37.52 4.52 -26.21
C ARG C 348 -38.49 3.48 -26.74
N THR C 349 -38.05 2.68 -27.72
CA THR C 349 -38.86 1.58 -28.20
C THR C 349 -39.27 0.68 -27.03
N ARG C 350 -38.33 0.37 -26.15
CA ARG C 350 -38.64 -0.51 -25.04
C ARG C 350 -39.68 0.12 -24.11
N ASP C 351 -39.49 1.40 -23.75
CA ASP C 351 -40.34 2.04 -22.74
C ASP C 351 -41.75 2.28 -23.27
N ALA C 352 -41.88 2.73 -24.51
CA ALA C 352 -43.20 2.96 -25.08
C ALA C 352 -43.97 1.66 -25.17
N CYS C 353 -43.27 0.57 -25.51
CA CYS C 353 -43.93 -0.72 -25.63
C CYS C 353 -44.23 -1.35 -24.28
N TYR C 354 -43.44 -1.05 -23.24
CA TYR C 354 -43.77 -1.53 -21.90
C TYR C 354 -44.91 -0.75 -21.26
N THR C 355 -44.87 0.60 -21.36
CA THR C 355 -45.71 1.42 -20.48
C THR C 355 -46.79 2.21 -21.19
N ARG C 356 -46.70 2.44 -22.50
CA ARG C 356 -47.69 3.27 -23.18
C ARG C 356 -48.15 2.63 -24.48
N GLU C 357 -48.33 1.30 -24.50
CA GLU C 357 -48.90 0.58 -25.65
C GLU C 357 -48.08 0.77 -26.91
N GLY C 358 -46.78 1.01 -26.78
CA GLY C 358 -45.97 1.22 -27.96
C GLY C 358 -46.25 2.52 -28.67
N ARG C 359 -46.69 3.54 -27.94
CA ARG C 359 -47.08 4.83 -28.50
C ARG C 359 -46.46 5.96 -27.70
N ALA C 360 -46.18 7.06 -28.39
CA ALA C 360 -45.61 8.26 -27.79
C ALA C 360 -46.68 9.07 -27.06
N GLU C 361 -46.25 10.10 -26.33
CA GLU C 361 -47.20 10.87 -25.52
C GLU C 361 -48.40 11.31 -26.35
N ASP C 362 -48.18 11.64 -27.63
CA ASP C 362 -49.27 12.09 -28.49
C ASP C 362 -49.92 10.95 -29.28
N GLY C 363 -49.62 9.70 -28.96
CA GLY C 363 -50.31 8.59 -29.58
C GLY C 363 -49.73 8.07 -30.88
N THR C 364 -48.59 8.62 -31.33
CA THR C 364 -47.94 8.09 -32.52
C THR C 364 -47.42 6.69 -32.28
N GLU C 365 -47.72 5.78 -33.20
CA GLU C 365 -47.31 4.39 -33.01
C GLU C 365 -45.79 4.32 -33.12
N VAL C 366 -45.14 4.00 -32.00
CA VAL C 366 -43.68 4.07 -31.88
C VAL C 366 -43.03 2.69 -31.80
N ALA C 367 -43.74 1.67 -31.33
CA ALA C 367 -43.19 0.34 -31.20
C ALA C 367 -44.27 -0.72 -31.37
N TYR C 368 -43.85 -1.89 -31.87
CA TYR C 368 -44.75 -3.02 -32.09
C TYR C 368 -44.01 -4.30 -31.77
N ILE C 369 -44.68 -5.42 -31.99
CA ILE C 369 -44.10 -6.74 -31.83
C ILE C 369 -43.89 -7.33 -33.22
N GLU C 370 -42.68 -7.74 -33.51
CA GLU C 370 -42.35 -8.25 -34.84
C GLU C 370 -42.39 -9.77 -34.83
N TYR C 371 -42.34 -10.35 -36.04
CA TYR C 371 -42.13 -11.78 -36.26
C TYR C 371 -43.35 -12.62 -35.95
N ASP C 372 -44.54 -12.01 -36.02
CA ASP C 372 -45.80 -12.70 -35.79
C ASP C 372 -45.86 -13.39 -34.44
N VAL C 373 -45.06 -12.92 -33.48
CA VAL C 373 -45.07 -13.52 -32.16
C VAL C 373 -46.35 -13.10 -31.44
N ASN C 374 -46.89 -14.03 -30.65
CA ASN C 374 -48.13 -13.80 -29.91
C ASN C 374 -47.83 -12.98 -28.65
N SER C 375 -47.55 -11.69 -28.88
CA SER C 375 -47.24 -10.75 -27.81
C SER C 375 -47.81 -9.40 -28.20
N ASP C 376 -48.08 -8.59 -27.18
CA ASP C 376 -48.61 -7.25 -27.38
C ASP C 376 -47.81 -6.27 -26.56
N CYS C 377 -47.66 -5.06 -27.09
CA CYS C 377 -47.26 -3.94 -26.26
C CYS C 377 -48.33 -3.73 -25.19
N ALA C 378 -47.91 -3.21 -24.05
CA ALA C 378 -48.76 -3.14 -22.87
C ALA C 378 -48.76 -1.72 -22.31
N GLN C 379 -49.43 -1.57 -21.18
CA GLN C 379 -49.39 -0.37 -20.34
C GLN C 379 -48.99 -0.79 -18.93
N LEU C 380 -47.75 -1.22 -18.76
CA LEU C 380 -47.24 -1.62 -17.46
C LEU C 380 -46.94 -0.39 -16.62
N PRO C 381 -46.76 -0.56 -15.31
CA PRO C 381 -46.33 0.57 -14.48
C PRO C 381 -44.93 1.02 -14.87
N VAL C 382 -44.62 2.27 -14.54
CA VAL C 382 -43.34 2.83 -14.96
C VAL C 382 -42.19 2.27 -14.14
N ASP C 383 -42.47 1.74 -12.94
CA ASP C 383 -41.44 1.08 -12.15
C ASP C 383 -40.99 -0.25 -12.76
N THR C 384 -41.80 -0.81 -13.66
CA THR C 384 -41.45 -2.06 -14.33
C THR C 384 -40.09 -1.93 -15.00
N LEU C 385 -39.89 -0.84 -15.73
CA LEU C 385 -38.62 -0.56 -16.38
C LEU C 385 -37.46 -0.70 -15.40
N ASP C 386 -37.68 -0.37 -14.12
CA ASP C 386 -36.60 -0.39 -13.13
C ASP C 386 -36.36 -1.79 -12.59
N ALA C 387 -37.43 -2.55 -12.32
CA ALA C 387 -37.29 -3.85 -11.67
C ALA C 387 -36.79 -4.92 -12.63
N TYR C 388 -37.08 -4.78 -13.92
CA TYR C 388 -36.69 -5.72 -14.96
C TYR C 388 -36.14 -4.91 -16.12
N PRO C 389 -34.86 -4.52 -16.06
CA PRO C 389 -34.29 -3.74 -17.17
C PRO C 389 -34.18 -4.57 -18.43
N CYS C 390 -33.99 -5.89 -18.29
CA CYS C 390 -33.93 -6.81 -19.41
C CYS C 390 -35.23 -7.57 -19.58
N GLY C 391 -36.30 -7.03 -19.04
CA GLY C 391 -37.59 -7.64 -19.20
C GLY C 391 -37.79 -8.80 -18.27
N SER C 392 -38.89 -9.50 -18.51
CA SER C 392 -39.24 -10.71 -17.77
C SER C 392 -40.13 -11.54 -18.69
N ASP C 393 -40.75 -12.56 -18.12
CA ASP C 393 -41.64 -13.40 -18.89
C ASP C 393 -42.96 -12.72 -19.17
N HIS C 394 -43.20 -11.53 -18.63
CA HIS C 394 -44.48 -10.85 -18.82
C HIS C 394 -44.34 -9.50 -19.49
N THR C 395 -43.14 -9.09 -19.85
CA THR C 395 -42.98 -7.88 -20.64
C THR C 395 -43.09 -8.24 -22.13
N PRO C 396 -43.53 -7.31 -22.98
CA PRO C 396 -43.67 -7.62 -24.39
C PRO C 396 -42.32 -7.99 -25.01
N SER C 397 -42.37 -8.86 -26.02
CA SER C 397 -41.18 -9.34 -26.74
C SER C 397 -41.59 -10.12 -27.98
N PRO C 398 -40.81 -10.09 -29.09
CA PRO C 398 -39.62 -9.25 -29.34
C PRO C 398 -40.02 -7.86 -29.84
N MET C 399 -39.41 -6.83 -29.28
CA MET C 399 -39.76 -5.44 -29.58
C MET C 399 -39.02 -4.94 -30.80
N ALA C 400 -39.71 -4.13 -31.60
CA ALA C 400 -39.09 -3.46 -32.73
C ALA C 400 -39.61 -2.03 -32.76
N SER C 401 -38.85 -1.17 -33.44
CA SER C 401 -39.15 0.25 -33.50
C SER C 401 -39.73 0.63 -34.86
N ARG C 402 -40.82 1.40 -34.84
CA ARG C 402 -41.36 1.96 -36.08
C ARG C 402 -40.47 3.05 -36.64
N VAL C 403 -39.60 3.62 -35.82
CA VAL C 403 -38.86 4.83 -36.16
C VAL C 403 -37.42 4.45 -36.46
N PRO C 404 -36.93 4.68 -37.67
CA PRO C 404 -35.56 4.29 -38.00
C PRO C 404 -34.56 5.19 -37.31
N LEU C 405 -33.30 4.81 -37.42
CA LEU C 405 -32.19 5.67 -37.02
C LEU C 405 -31.60 6.26 -38.28
N GLU C 406 -31.75 7.58 -38.45
CA GLU C 406 -31.27 8.26 -39.64
C GLU C 406 -29.79 8.60 -39.54
N ALA C 407 -29.13 8.57 -40.69
CA ALA C 407 -27.77 9.06 -40.83
C ALA C 407 -27.62 9.66 -42.21
N THR C 408 -26.99 10.78 -42.28
CA THR C 408 -26.60 11.37 -43.56
C THR C 408 -25.21 10.90 -43.92
N PRO C 409 -24.99 10.47 -45.16
CA PRO C 409 -23.70 9.87 -45.54
C PRO C 409 -22.54 10.84 -45.41
N ILE C 410 -21.47 10.38 -44.75
CA ILE C 410 -20.20 11.09 -44.81
C ILE C 410 -19.67 11.07 -46.23
N LEU C 411 -19.73 9.91 -46.88
CA LEU C 411 -19.26 9.71 -48.24
C LEU C 411 -20.39 9.18 -49.08
N GLU C 412 -20.19 9.25 -50.40
CA GLU C 412 -21.04 8.61 -51.38
C GLU C 412 -20.17 8.37 -52.61
N TRP C 413 -19.96 7.09 -52.96
CA TRP C 413 -19.06 6.72 -54.06
C TRP C 413 -19.86 5.97 -55.10
N PRO C 414 -20.05 6.54 -56.28
CA PRO C 414 -20.76 5.81 -57.35
C PRO C 414 -19.85 4.73 -57.92
N GLY C 415 -20.48 3.69 -58.46
CA GLY C 415 -19.72 2.60 -59.04
C GLY C 415 -19.10 1.59 -58.07
N ILE C 416 -18.63 2.05 -56.91
CA ILE C 416 -17.95 1.17 -55.97
C ILE C 416 -18.97 0.41 -55.13
N GLN C 417 -18.65 -0.85 -54.79
CA GLN C 417 -19.48 -1.71 -53.95
C GLN C 417 -18.67 -2.04 -52.71
N LEU C 418 -19.01 -1.41 -51.59
CA LEU C 418 -18.19 -1.51 -50.38
C LEU C 418 -18.46 -2.79 -49.63
N THR C 419 -17.38 -3.45 -49.18
CA THR C 419 -17.47 -4.75 -48.52
C THR C 419 -16.73 -4.86 -47.20
N ALA C 420 -15.93 -3.86 -46.81
CA ALA C 420 -15.18 -3.95 -45.57
C ALA C 420 -14.93 -2.55 -45.03
N VAL C 421 -14.87 -2.45 -43.70
CA VAL C 421 -14.78 -1.18 -43.00
C VAL C 421 -13.88 -1.34 -41.79
N ALA C 422 -12.84 -0.50 -41.68
CA ALA C 422 -12.03 -0.39 -40.47
C ALA C 422 -11.64 1.07 -40.27
N VAL C 423 -11.86 1.56 -39.05
CA VAL C 423 -11.66 2.96 -38.73
C VAL C 423 -10.65 3.06 -37.59
N THR C 424 -9.64 3.90 -37.78
CA THR C 424 -8.66 4.13 -36.74
C THR C 424 -8.51 5.63 -36.48
N MET C 425 -7.59 5.97 -35.58
CA MET C 425 -7.31 7.33 -35.20
C MET C 425 -5.81 7.54 -35.26
N GLU C 426 -5.39 8.72 -35.73
CA GLU C 426 -3.97 9.06 -35.85
C GLU C 426 -3.81 10.53 -35.52
N ASP C 427 -3.14 10.82 -34.40
CA ASP C 427 -2.96 12.18 -33.90
C ASP C 427 -4.29 12.93 -33.88
N GLY C 428 -5.32 12.26 -33.36
CA GLY C 428 -6.66 12.81 -33.30
C GLY C 428 -7.50 12.63 -34.55
N HIS C 429 -6.88 12.38 -35.69
CA HIS C 429 -7.61 12.29 -36.94
C HIS C 429 -8.24 10.90 -37.10
N THR C 430 -9.52 10.86 -37.47
CA THR C 430 -10.17 9.61 -37.79
C THR C 430 -9.95 9.31 -39.27
N ILE C 431 -9.42 8.10 -39.54
CA ILE C 431 -9.16 7.61 -40.89
C ILE C 431 -9.91 6.31 -41.07
N ALA C 432 -10.61 6.18 -42.19
CA ALA C 432 -11.30 4.96 -42.52
C ALA C 432 -10.52 4.22 -43.60
N PHE C 433 -10.43 2.90 -43.45
CA PHE C 433 -9.97 2.01 -44.51
C PHE C 433 -11.18 1.24 -45.01
N LEU C 434 -11.36 1.22 -46.33
CA LEU C 434 -12.58 0.69 -46.94
C LEU C 434 -12.17 -0.18 -48.10
N GLY C 435 -12.42 -1.52 -48.00
CA GLY C 435 -12.26 -2.42 -49.12
C GLY C 435 -13.56 -2.56 -49.91
N ASP C 436 -13.47 -3.11 -51.12
CA ASP C 436 -14.64 -3.14 -52.01
C ASP C 436 -14.76 -4.50 -52.71
N SER C 437 -15.87 -4.66 -53.45
CA SER C 437 -16.17 -5.89 -54.16
C SER C 437 -15.21 -6.19 -55.30
N GLN C 438 -14.38 -5.21 -55.72
CA GLN C 438 -13.41 -5.40 -56.80
C GLN C 438 -11.99 -5.60 -56.29
N GLY C 439 -11.80 -5.75 -54.98
CA GLY C 439 -10.48 -6.01 -54.42
C GLY C 439 -9.65 -4.78 -54.10
N GLN C 440 -10.25 -3.61 -54.02
CA GLN C 440 -9.54 -2.35 -53.79
C GLN C 440 -9.66 -1.92 -52.34
N LEU C 441 -8.54 -1.54 -51.74
CA LEU C 441 -8.53 -0.90 -50.43
C LEU C 441 -8.38 0.62 -50.60
N HIS C 442 -9.36 1.38 -50.09
CA HIS C 442 -9.36 2.84 -50.14
C HIS C 442 -9.07 3.41 -48.75
N ARG C 443 -8.33 4.52 -48.71
CA ARG C 443 -8.07 5.21 -47.44
C ARG C 443 -8.67 6.60 -47.46
N VAL C 444 -9.46 6.93 -46.43
CA VAL C 444 -10.29 8.12 -46.41
C VAL C 444 -10.06 8.86 -45.10
N TYR C 445 -9.58 10.10 -45.21
CA TYR C 445 -9.62 11.02 -44.08
C TYR C 445 -11.05 11.45 -43.84
N LEU C 446 -11.51 11.35 -42.58
CA LEU C 446 -12.91 11.61 -42.24
C LEU C 446 -13.14 12.92 -41.50
N GLY C 447 -12.09 13.72 -41.30
CA GLY C 447 -12.17 14.87 -40.42
C GLY C 447 -12.83 16.08 -41.07
N PRO C 448 -12.96 17.14 -40.26
CA PRO C 448 -13.73 18.35 -40.69
C PRO C 448 -13.34 18.95 -42.03
N GLY C 449 -12.07 18.95 -42.42
CA GLY C 449 -11.73 19.48 -43.72
C GLY C 449 -12.06 18.56 -44.88
N SER C 450 -12.23 17.27 -44.62
CA SER C 450 -12.18 16.25 -45.65
C SER C 450 -13.26 16.41 -46.71
N ASP C 451 -12.89 16.15 -47.96
CA ASP C 451 -13.86 15.81 -49.00
C ASP C 451 -14.16 14.32 -48.94
N GLY C 452 -15.18 13.90 -49.67
CA GLY C 452 -15.57 12.52 -49.54
C GLY C 452 -14.69 11.51 -50.27
N HIS C 453 -13.46 11.89 -50.58
CA HIS C 453 -12.69 11.16 -51.57
C HIS C 453 -11.45 10.54 -50.96
N PRO C 454 -11.09 9.34 -51.39
CA PRO C 454 -9.91 8.68 -50.84
C PRO C 454 -8.64 9.45 -51.15
N TYR C 455 -7.78 9.56 -50.15
CA TYR C 455 -6.41 9.96 -50.44
C TYR C 455 -5.57 8.81 -51.00
N SER C 456 -6.05 7.56 -50.95
CA SER C 456 -5.21 6.43 -51.31
C SER C 456 -6.05 5.23 -51.74
N THR C 457 -5.77 4.71 -52.94
CA THR C 457 -6.40 3.50 -53.45
C THR C 457 -5.32 2.54 -53.95
N GLN C 458 -5.38 1.29 -53.50
CA GLN C 458 -4.44 0.25 -53.91
C GLN C 458 -5.21 -1.04 -54.16
N SER C 459 -4.57 -1.95 -54.90
CA SER C 459 -5.19 -3.21 -55.28
C SER C 459 -4.67 -4.33 -54.39
N ILE C 460 -5.59 -5.06 -53.76
CA ILE C 460 -5.24 -6.25 -52.99
C ILE C 460 -5.30 -7.49 -53.87
N GLN C 461 -6.39 -7.66 -54.60
CA GLN C 461 -6.54 -8.72 -55.57
C GLN C 461 -7.65 -8.29 -56.51
N GLN C 462 -7.28 -7.90 -57.72
CA GLN C 462 -8.27 -7.40 -58.68
C GLN C 462 -9.37 -8.42 -58.91
N GLY C 463 -10.62 -7.96 -58.81
CA GLY C 463 -11.77 -8.76 -59.11
C GLY C 463 -12.43 -9.41 -57.90
N SER C 464 -11.69 -9.63 -56.82
CA SER C 464 -12.17 -10.44 -55.70
C SER C 464 -12.48 -9.56 -54.48
N ALA C 465 -13.69 -9.72 -53.95
CA ALA C 465 -14.18 -8.88 -52.87
C ALA C 465 -13.27 -8.95 -51.63
N VAL C 466 -13.19 -7.85 -50.90
CA VAL C 466 -12.39 -7.75 -49.67
C VAL C 466 -13.24 -8.23 -48.50
N SER C 467 -12.69 -9.14 -47.70
CA SER C 467 -13.42 -9.65 -46.56
C SER C 467 -13.70 -8.55 -45.57
N ARG C 468 -14.89 -8.59 -44.99
CA ARG C 468 -15.25 -7.68 -43.91
C ARG C 468 -14.49 -7.97 -42.63
N ASP C 469 -13.63 -8.98 -42.60
CA ASP C 469 -12.81 -9.23 -41.41
C ASP C 469 -11.56 -8.35 -41.35
N LEU C 470 -11.68 -7.07 -41.74
CA LEU C 470 -10.55 -6.16 -41.69
C LEU C 470 -10.14 -5.90 -40.26
N THR C 471 -8.91 -6.26 -39.90
CA THR C 471 -8.44 -6.12 -38.53
C THR C 471 -7.03 -5.54 -38.49
N PHE C 472 -6.77 -4.71 -37.48
CA PHE C 472 -5.45 -4.13 -37.24
C PHE C 472 -4.61 -5.05 -36.36
N ASP C 473 -3.28 -4.87 -36.43
CA ASP C 473 -2.35 -5.50 -35.49
C ASP C 473 -2.36 -4.77 -34.14
N GLY C 474 -1.60 -5.28 -33.18
CA GLY C 474 -1.69 -4.79 -31.81
C GLY C 474 -1.39 -3.32 -31.67
N THR C 475 -0.42 -2.81 -32.44
CA THR C 475 0.06 -1.46 -32.32
C THR C 475 -0.54 -0.51 -33.35
N PHE C 476 -1.41 -1.01 -34.22
CA PHE C 476 -2.07 -0.23 -35.29
C PHE C 476 -1.08 0.30 -36.33
N GLU C 477 -0.03 -0.46 -36.63
CA GLU C 477 0.89 -0.10 -37.69
C GLU C 477 0.69 -0.91 -38.96
N HIS C 478 -0.10 -1.98 -38.92
CA HIS C 478 -0.46 -2.70 -40.14
C HIS C 478 -1.94 -3.07 -40.07
N LEU C 479 -2.53 -3.29 -41.24
CA LEU C 479 -3.92 -3.71 -41.37
C LEU C 479 -3.96 -5.00 -42.18
N TYR C 480 -4.41 -6.08 -41.55
CA TYR C 480 -4.57 -7.34 -42.26
C TYR C 480 -5.76 -7.27 -43.21
N VAL C 481 -5.52 -7.44 -44.50
CA VAL C 481 -6.56 -7.36 -45.53
C VAL C 481 -6.61 -8.67 -46.28
N MET C 482 -7.82 -9.14 -46.59
CA MET C 482 -8.01 -10.52 -47.04
C MET C 482 -9.02 -10.57 -48.16
N THR C 483 -8.63 -11.13 -49.28
CA THR C 483 -9.61 -11.46 -50.32
C THR C 483 -9.85 -12.96 -50.27
N GLN C 484 -10.55 -13.49 -51.27
CA GLN C 484 -10.81 -14.94 -51.30
C GLN C 484 -9.55 -15.75 -51.60
N SER C 485 -8.41 -15.11 -51.89
CA SER C 485 -7.21 -15.83 -52.29
C SER C 485 -5.93 -15.35 -51.62
N THR C 486 -5.93 -14.25 -50.88
CA THR C 486 -4.69 -13.78 -50.26
C THR C 486 -4.99 -13.03 -48.97
N LEU C 487 -3.98 -13.00 -48.10
CA LEU C 487 -3.99 -12.16 -46.90
C LEU C 487 -2.75 -11.31 -46.93
N LEU C 488 -2.92 -9.98 -46.96
CA LEU C 488 -1.82 -9.02 -46.96
C LEU C 488 -1.67 -8.35 -45.60
N LYS C 489 -0.43 -8.11 -45.22
CA LYS C 489 -0.13 -7.34 -44.03
C LYS C 489 0.25 -5.96 -44.54
N VAL C 490 -0.76 -5.10 -44.66
CA VAL C 490 -0.62 -3.78 -45.28
C VAL C 490 -0.26 -2.74 -44.23
N PRO C 491 0.81 -1.98 -44.42
CA PRO C 491 1.15 -0.92 -43.45
C PRO C 491 0.21 0.28 -43.59
N VAL C 492 -0.22 0.82 -42.43
CA VAL C 492 -1.20 1.90 -42.46
C VAL C 492 -0.64 3.10 -43.18
N ALA C 493 0.68 3.24 -43.21
CA ALA C 493 1.34 4.37 -43.85
C ALA C 493 2.78 3.99 -44.14
N SER C 494 3.36 4.66 -45.13
CA SER C 494 4.77 4.51 -45.43
C SER C 494 5.54 5.79 -45.08
N PRO D 37 -65.40 32.55 -63.85
CA PRO D 37 -64.84 33.62 -63.01
C PRO D 37 -64.34 33.06 -61.68
N PRO D 38 -63.04 33.08 -61.46
CA PRO D 38 -62.50 32.71 -60.14
C PRO D 38 -62.96 33.70 -59.08
N THR D 39 -63.28 33.17 -57.89
CA THR D 39 -63.68 34.01 -56.75
C THR D 39 -62.42 34.71 -56.24
N ALA D 40 -62.23 35.96 -56.64
CA ALA D 40 -60.97 36.67 -56.45
C ALA D 40 -61.20 38.09 -55.94
N PHE D 41 -60.38 38.49 -54.97
CA PHE D 41 -60.24 39.86 -54.54
C PHE D 41 -58.88 40.34 -55.02
N THR D 42 -58.88 41.16 -56.08
CA THR D 42 -57.65 41.76 -56.61
C THR D 42 -57.71 43.25 -56.40
N PRO D 43 -57.19 43.76 -55.28
CA PRO D 43 -57.07 45.21 -55.14
C PRO D 43 -56.04 45.73 -56.13
N ASN D 44 -56.09 47.02 -56.41
CA ASN D 44 -55.17 47.63 -57.36
C ASN D 44 -54.60 48.89 -56.75
N GLY D 45 -53.37 49.21 -57.14
CA GLY D 45 -52.69 50.30 -56.49
C GLY D 45 -52.20 49.95 -55.11
N THR D 46 -51.90 48.68 -54.87
CA THR D 46 -51.32 48.22 -53.60
C THR D 46 -50.77 46.81 -53.80
N TYR D 47 -50.14 46.29 -52.75
CA TYR D 47 -49.70 44.91 -52.70
C TYR D 47 -50.17 44.27 -51.41
N LEU D 48 -50.14 42.93 -51.39
CA LEU D 48 -50.64 42.15 -50.27
C LEU D 48 -49.47 41.57 -49.49
N GLN D 49 -49.65 41.46 -48.19
CA GLN D 49 -48.64 40.88 -47.31
C GLN D 49 -49.19 39.73 -46.50
N HIS D 50 -50.30 39.92 -45.79
CA HIS D 50 -50.77 38.90 -44.85
C HIS D 50 -52.28 38.73 -44.96
N LEU D 51 -52.73 37.63 -44.35
CA LEU D 51 -54.12 37.17 -44.37
C LEU D 51 -54.38 36.45 -43.05
N ALA D 52 -55.59 36.58 -42.55
CA ALA D 52 -55.92 36.01 -41.25
C ALA D 52 -57.41 35.72 -41.22
N ARG D 53 -57.77 34.49 -40.89
CA ARG D 53 -59.16 34.04 -40.91
C ARG D 53 -59.61 33.76 -39.48
N ASP D 54 -60.77 34.31 -39.12
CA ASP D 54 -61.33 34.10 -37.81
C ASP D 54 -62.03 32.74 -37.77
N PRO D 55 -61.64 31.84 -36.86
CA PRO D 55 -62.28 30.52 -36.83
C PRO D 55 -63.72 30.57 -36.34
N THR D 56 -64.15 31.68 -35.74
CA THR D 56 -65.48 31.82 -35.16
C THR D 56 -66.51 32.40 -36.13
N SER D 57 -66.12 33.40 -36.93
CA SER D 57 -67.00 34.05 -37.87
C SER D 57 -66.68 33.75 -39.33
N GLY D 58 -65.55 33.11 -39.63
CA GLY D 58 -65.17 32.93 -41.02
C GLY D 58 -64.76 34.20 -41.74
N THR D 59 -64.56 35.29 -41.00
CA THR D 59 -64.15 36.55 -41.59
C THR D 59 -62.67 36.52 -41.94
N LEU D 60 -62.33 37.20 -43.04
CA LEU D 60 -60.96 37.33 -43.52
C LEU D 60 -60.47 38.75 -43.31
N TYR D 61 -59.15 38.91 -43.34
CA TYR D 61 -58.48 40.19 -43.08
C TYR D 61 -57.17 40.21 -43.84
N LEU D 62 -57.03 41.11 -44.80
CA LEU D 62 -55.80 41.21 -45.58
C LEU D 62 -54.90 42.33 -45.05
N GLY D 63 -53.63 42.01 -44.85
CA GLY D 63 -52.62 43.02 -44.62
C GLY D 63 -52.04 43.45 -45.95
N ALA D 64 -52.03 44.78 -46.18
CA ALA D 64 -51.68 45.32 -47.49
C ALA D 64 -50.90 46.62 -47.32
N THR D 65 -50.13 46.96 -48.37
CA THR D 65 -49.41 48.23 -48.42
C THR D 65 -50.40 49.36 -48.26
N ASN D 66 -50.33 50.09 -47.14
CA ASN D 66 -51.21 51.22 -46.84
C ASN D 66 -52.68 50.83 -46.78
N PHE D 67 -53.01 49.57 -46.51
CA PHE D 67 -54.41 49.15 -46.53
C PHE D 67 -54.65 47.93 -45.66
N LEU D 68 -55.84 47.89 -45.05
CA LEU D 68 -56.41 46.72 -44.43
C LEU D 68 -57.79 46.47 -45.03
N PHE D 69 -58.06 45.25 -45.45
CA PHE D 69 -59.38 44.90 -45.92
C PHE D 69 -60.03 43.91 -44.96
N GLN D 70 -61.35 43.88 -44.97
CA GLN D 70 -62.11 42.87 -44.25
C GLN D 70 -63.13 42.27 -45.19
N LEU D 71 -63.04 40.95 -45.39
CA LEU D 71 -63.83 40.27 -46.41
C LEU D 71 -64.73 39.20 -45.81
N SER D 72 -65.94 39.08 -46.38
CA SER D 72 -66.80 37.95 -46.10
C SER D 72 -66.14 36.65 -46.57
N PRO D 73 -66.57 35.51 -46.03
CA PRO D 73 -65.99 34.22 -46.47
C PRO D 73 -66.00 34.03 -47.97
N GLY D 74 -66.95 34.66 -48.66
CA GLY D 74 -67.01 34.59 -50.11
C GLY D 74 -66.28 35.73 -50.78
N LEU D 75 -65.38 36.40 -50.05
CA LEU D 75 -64.48 37.41 -50.62
C LEU D 75 -65.23 38.66 -51.08
N GLN D 76 -66.19 39.13 -50.28
CA GLN D 76 -66.86 40.41 -50.49
C GLN D 76 -66.26 41.46 -49.56
N LEU D 77 -66.02 42.65 -50.10
CA LEU D 77 -65.43 43.73 -49.30
C LEU D 77 -66.42 44.23 -48.25
N GLU D 78 -66.02 44.13 -46.99
CA GLU D 78 -66.86 44.57 -45.88
C GLU D 78 -66.35 45.83 -45.19
N ALA D 79 -65.07 46.15 -45.36
CA ALA D 79 -64.48 47.30 -44.68
C ALA D 79 -63.11 47.56 -45.30
N THR D 80 -62.60 48.76 -45.06
CA THR D 80 -61.28 49.18 -45.52
C THR D 80 -60.74 50.15 -44.48
N VAL D 81 -59.46 50.03 -44.19
CA VAL D 81 -58.75 51.01 -43.36
C VAL D 81 -57.48 51.37 -44.10
N SER D 82 -57.20 52.67 -44.20
CA SER D 82 -55.92 53.11 -44.71
C SER D 82 -54.91 53.21 -43.58
N THR D 83 -53.69 52.75 -43.85
CA THR D 83 -52.63 52.76 -42.87
C THR D 83 -51.44 53.58 -43.33
N GLY D 84 -51.56 54.29 -44.44
CA GLY D 84 -50.45 55.01 -45.00
C GLY D 84 -50.77 55.68 -46.31
N PRO D 85 -49.78 56.37 -46.91
CA PRO D 85 -48.41 56.49 -46.41
C PRO D 85 -48.30 57.34 -45.15
N VAL D 86 -47.12 57.36 -44.54
CA VAL D 86 -46.83 58.27 -43.44
C VAL D 86 -45.42 58.82 -43.66
N LEU D 87 -45.14 59.91 -42.98
CA LEU D 87 -43.76 60.41 -42.89
C LEU D 87 -43.06 59.64 -41.79
N ASP D 88 -41.83 59.22 -42.06
CA ASP D 88 -41.16 58.32 -41.14
C ASP D 88 -39.69 58.26 -41.56
N SER D 89 -38.89 57.70 -40.67
CA SER D 89 -37.53 57.29 -40.96
C SER D 89 -37.19 56.20 -39.93
N ARG D 90 -36.46 55.17 -40.37
CA ARG D 90 -36.14 54.09 -39.43
C ARG D 90 -35.18 54.54 -38.33
N ASP D 91 -34.59 55.73 -38.45
CA ASP D 91 -33.81 56.35 -37.38
C ASP D 91 -34.68 56.99 -36.31
N CYS D 92 -35.98 57.12 -36.55
CA CYS D 92 -36.84 57.93 -35.72
C CYS D 92 -37.83 57.05 -34.98
N LEU D 93 -38.16 57.45 -33.80
CA LEU D 93 -39.11 56.90 -32.85
C LEU D 93 -40.45 57.62 -32.97
N PRO D 94 -41.56 56.92 -32.74
CA PRO D 94 -42.86 57.57 -32.78
C PRO D 94 -43.16 58.30 -31.48
N PRO D 95 -43.89 59.42 -31.54
CA PRO D 95 -44.40 60.03 -32.77
C PRO D 95 -43.31 60.70 -33.59
N VAL D 96 -43.39 60.58 -34.92
CA VAL D 96 -42.40 61.17 -35.80
C VAL D 96 -42.85 62.59 -36.16
N MET D 97 -42.06 63.58 -35.74
CA MET D 97 -42.34 64.98 -36.00
C MET D 97 -41.19 65.60 -36.79
N PRO D 98 -41.46 66.62 -37.59
CA PRO D 98 -40.37 67.31 -38.32
C PRO D 98 -39.21 67.77 -37.44
N ASP D 99 -39.48 68.25 -36.21
CA ASP D 99 -38.40 68.80 -35.40
C ASP D 99 -37.44 67.71 -34.95
N GLU D 100 -37.97 66.60 -34.45
CA GLU D 100 -37.12 65.50 -33.98
C GLU D 100 -36.52 64.75 -35.15
N CYS D 101 -37.26 64.63 -36.24
CA CYS D 101 -36.95 63.71 -37.33
C CYS D 101 -36.98 64.47 -38.65
N PRO D 102 -36.01 65.34 -38.89
CA PRO D 102 -36.03 66.12 -40.14
C PRO D 102 -35.92 65.26 -41.38
N GLN D 103 -35.20 64.14 -41.30
CA GLN D 103 -35.00 63.27 -42.45
C GLN D 103 -36.27 62.58 -42.88
N ALA D 104 -37.34 62.64 -42.09
CA ALA D 104 -38.55 61.89 -42.37
C ALA D 104 -39.05 62.15 -43.79
N GLN D 105 -39.25 61.07 -44.53
CA GLN D 105 -39.77 61.10 -45.88
C GLN D 105 -41.11 60.38 -45.95
N PRO D 106 -41.92 60.63 -46.98
CA PRO D 106 -43.15 59.86 -47.13
C PRO D 106 -42.82 58.40 -47.38
N THR D 107 -43.38 57.53 -46.53
CA THR D 107 -43.07 56.11 -46.46
C THR D 107 -44.35 55.30 -46.59
N ASN D 108 -44.29 54.20 -47.34
CA ASN D 108 -45.45 53.32 -47.42
C ASN D 108 -45.40 52.30 -46.29
N ASN D 109 -46.56 51.69 -46.00
CA ASN D 109 -46.74 50.84 -44.83
C ASN D 109 -47.12 49.42 -45.21
N PRO D 110 -46.18 48.59 -45.66
CA PRO D 110 -46.47 47.15 -45.81
C PRO D 110 -46.84 46.53 -44.47
N ASN D 111 -47.95 45.80 -44.44
CA ASN D 111 -48.37 45.14 -43.22
C ASN D 111 -47.40 44.02 -42.84
N GLN D 112 -47.21 43.85 -41.53
CA GLN D 112 -46.19 42.99 -40.96
C GLN D 112 -46.76 41.86 -40.09
N LEU D 113 -47.84 42.12 -39.35
CA LEU D 113 -48.50 41.15 -38.49
C LEU D 113 -50.01 41.31 -38.62
N LEU D 114 -50.73 40.20 -38.45
CA LEU D 114 -52.19 40.19 -38.52
C LEU D 114 -52.64 38.89 -37.87
N LEU D 115 -53.33 39.00 -36.73
CA LEU D 115 -53.68 37.86 -35.91
C LEU D 115 -55.02 38.10 -35.24
N VAL D 116 -55.97 37.22 -35.50
CA VAL D 116 -57.19 37.19 -34.70
C VAL D 116 -56.85 36.67 -33.32
N SER D 117 -57.33 37.36 -32.31
CA SER D 117 -57.24 36.92 -30.93
C SER D 117 -58.67 36.82 -30.40
N PRO D 118 -58.88 36.29 -29.19
CA PRO D 118 -60.25 36.29 -28.63
C PRO D 118 -60.82 37.69 -28.52
N GLY D 119 -60.10 38.61 -27.87
CA GLY D 119 -60.63 39.95 -27.67
C GLY D 119 -60.85 40.72 -28.96
N ALA D 120 -59.87 40.68 -29.87
CA ALA D 120 -59.94 41.48 -31.10
C ALA D 120 -58.92 41.03 -32.13
N LEU D 121 -58.58 41.92 -33.07
CA LEU D 121 -57.59 41.67 -34.11
C LEU D 121 -56.37 42.55 -33.89
N VAL D 122 -55.20 41.99 -34.21
CA VAL D 122 -53.91 42.64 -33.98
C VAL D 122 -53.34 43.03 -35.34
N VAL D 123 -53.09 44.33 -35.53
CA VAL D 123 -52.35 44.84 -36.69
C VAL D 123 -50.99 45.32 -36.22
N CYS D 124 -49.96 45.05 -37.03
CA CYS D 124 -48.63 45.61 -36.82
C CYS D 124 -48.04 45.86 -38.21
N GLY D 125 -47.63 47.10 -38.47
CA GLY D 125 -47.10 47.48 -39.76
C GLY D 125 -45.60 47.68 -39.74
N SER D 126 -45.07 48.11 -40.89
CA SER D 126 -43.64 48.28 -41.02
C SER D 126 -43.16 49.62 -40.47
N VAL D 127 -44.00 50.65 -40.55
CA VAL D 127 -43.61 52.01 -40.22
C VAL D 127 -43.67 52.21 -38.71
N HIS D 128 -43.03 53.28 -38.24
CA HIS D 128 -43.12 53.74 -36.86
C HIS D 128 -42.63 52.66 -35.89
N GLN D 129 -41.44 52.12 -36.18
CA GLN D 129 -40.78 51.10 -35.36
C GLN D 129 -41.59 49.81 -35.21
N GLY D 130 -42.63 49.62 -36.01
CA GLY D 130 -43.42 48.41 -35.92
C GLY D 130 -44.43 48.39 -34.79
N VAL D 131 -44.94 49.55 -34.38
CA VAL D 131 -45.92 49.62 -33.30
C VAL D 131 -47.24 49.00 -33.75
N CYS D 132 -48.03 48.51 -32.79
CA CYS D 132 -49.25 47.77 -33.08
C CYS D 132 -50.49 48.50 -32.55
N GLU D 133 -51.64 47.87 -32.77
CA GLU D 133 -52.97 48.38 -32.42
C GLU D 133 -53.94 47.22 -32.49
N GLN D 134 -55.08 47.37 -31.83
CA GLN D 134 -56.11 46.34 -31.81
C GLN D 134 -57.45 46.91 -32.21
N ARG D 135 -58.17 46.20 -33.09
CA ARG D 135 -59.42 46.68 -33.65
C ARG D 135 -60.56 45.70 -33.38
N ARG D 136 -61.78 46.24 -33.24
CA ARG D 136 -62.95 45.42 -32.99
C ARG D 136 -63.12 44.38 -34.11
N LEU D 137 -63.54 43.17 -33.73
CA LEU D 137 -63.64 42.09 -34.69
C LEU D 137 -64.99 42.14 -35.42
N GLY D 138 -64.93 41.92 -36.73
CA GLY D 138 -66.08 42.10 -37.58
C GLY D 138 -66.40 43.53 -37.92
N GLN D 139 -65.81 44.51 -37.20
CA GLN D 139 -65.98 45.94 -37.48
C GLN D 139 -64.61 46.62 -37.52
N LEU D 140 -63.86 46.33 -38.60
CA LEU D 140 -62.50 46.84 -38.75
C LEU D 140 -62.42 48.36 -38.61
N GLU D 141 -63.53 49.08 -38.80
CA GLU D 141 -63.52 50.53 -38.64
C GLU D 141 -63.27 50.92 -37.19
N GLN D 142 -63.91 50.20 -36.26
CA GLN D 142 -63.74 50.49 -34.84
C GLN D 142 -62.32 50.16 -34.38
N LEU D 143 -61.83 50.96 -33.43
CA LEU D 143 -60.47 50.82 -32.92
C LEU D 143 -60.52 50.62 -31.41
N LEU D 144 -59.78 49.63 -30.91
CA LEU D 144 -59.86 49.25 -29.50
C LEU D 144 -58.72 49.79 -28.65
N LEU D 145 -57.47 49.59 -29.05
CA LEU D 145 -56.34 50.08 -28.29
C LEU D 145 -55.19 50.44 -29.22
N ARG D 146 -54.53 51.55 -28.88
CA ARG D 146 -53.33 52.04 -29.57
C ARG D 146 -52.62 52.98 -28.61
N PRO D 147 -51.57 52.51 -27.95
CA PRO D 147 -50.85 53.38 -27.01
C PRO D 147 -50.40 54.63 -27.75
N GLU D 148 -50.64 55.79 -27.14
CA GLU D 148 -50.49 57.02 -27.89
C GLU D 148 -49.02 57.43 -27.97
N ARG D 149 -48.27 57.30 -26.89
CA ARG D 149 -46.82 57.50 -26.93
C ARG D 149 -46.11 56.23 -26.45
N PRO D 150 -46.13 55.17 -27.25
CA PRO D 150 -45.52 53.91 -26.83
C PRO D 150 -44.01 54.01 -26.74
N GLY D 151 -43.47 53.28 -25.76
CA GLY D 151 -42.06 53.32 -25.46
C GLY D 151 -41.27 52.23 -26.16
N ASP D 152 -39.97 52.19 -25.84
CA ASP D 152 -39.03 51.37 -26.59
C ASP D 152 -39.23 49.88 -26.37
N THR D 153 -39.83 49.44 -25.27
CA THR D 153 -40.15 48.02 -25.16
C THR D 153 -41.47 47.68 -25.82
N GLN D 154 -42.07 48.61 -26.56
CA GLN D 154 -43.31 48.37 -27.31
C GLN D 154 -43.12 48.42 -28.81
N TYR D 155 -41.87 48.39 -29.29
CA TYR D 155 -41.58 48.21 -30.71
C TYR D 155 -41.65 46.72 -31.04
N VAL D 156 -42.60 46.34 -31.90
CA VAL D 156 -42.99 44.95 -32.06
C VAL D 156 -42.48 44.40 -33.38
N ALA D 157 -43.21 44.68 -34.47
CA ALA D 157 -42.90 44.09 -35.75
C ALA D 157 -41.58 44.62 -36.31
N ALA D 158 -41.11 43.99 -37.38
CA ALA D 158 -39.92 44.44 -38.07
C ALA D 158 -40.20 45.77 -38.75
N ASN D 159 -39.35 46.78 -38.51
CA ASN D 159 -39.60 48.09 -39.12
C ASN D 159 -39.19 48.15 -40.57
N ASP D 160 -38.97 47.01 -41.20
CA ASP D 160 -38.47 46.92 -42.56
C ASP D 160 -39.36 45.91 -43.29
N PRO D 161 -40.05 46.30 -44.35
CA PRO D 161 -40.59 45.31 -45.28
C PRO D 161 -39.44 44.45 -45.79
N ALA D 162 -39.75 43.29 -46.34
CA ALA D 162 -38.75 42.30 -46.72
C ALA D 162 -38.06 41.66 -45.51
N VAL D 163 -38.46 42.00 -44.28
CA VAL D 163 -38.09 41.24 -43.08
C VAL D 163 -39.38 40.73 -42.45
N SER D 164 -39.48 39.42 -42.26
CA SER D 164 -40.75 38.90 -41.77
C SER D 164 -40.88 39.00 -40.26
N THR D 165 -42.14 39.01 -39.82
CA THR D 165 -42.52 38.96 -38.42
C THR D 165 -43.57 37.87 -38.27
N VAL D 166 -43.44 37.07 -37.22
CA VAL D 166 -44.36 35.97 -36.94
C VAL D 166 -44.87 36.12 -35.52
N GLY D 167 -46.06 35.61 -35.29
CA GLY D 167 -46.79 35.89 -34.07
C GLY D 167 -47.72 34.76 -33.68
N LEU D 168 -47.85 34.58 -32.36
CA LEU D 168 -48.71 33.56 -31.78
C LEU D 168 -49.49 34.16 -30.61
N VAL D 169 -50.81 34.00 -30.64
CA VAL D 169 -51.69 34.44 -29.56
C VAL D 169 -51.90 33.26 -28.62
N ALA D 170 -51.61 33.45 -27.35
CA ALA D 170 -51.67 32.37 -26.38
C ALA D 170 -52.26 32.90 -25.09
N GLN D 171 -52.47 32.00 -24.13
CA GLN D 171 -53.12 32.34 -22.87
C GLN D 171 -52.09 32.54 -21.76
N GLY D 172 -52.20 33.67 -21.07
CA GLY D 172 -51.41 33.86 -19.87
C GLY D 172 -51.81 32.89 -18.79
N LEU D 173 -50.95 32.78 -17.78
CA LEU D 173 -51.19 31.82 -16.69
C LEU D 173 -52.40 32.26 -15.87
N ALA D 174 -52.32 33.42 -15.24
CA ALA D 174 -53.43 33.96 -14.46
C ALA D 174 -54.45 34.71 -15.30
N GLY D 175 -54.18 34.90 -16.59
CA GLY D 175 -55.02 35.74 -17.41
C GLY D 175 -54.34 36.13 -18.71
N GLU D 176 -54.93 35.69 -19.79
CA GLU D 176 -54.51 35.99 -21.15
C GLU D 176 -54.90 37.43 -21.48
N PRO D 177 -54.72 37.90 -22.74
CA PRO D 177 -54.06 37.33 -23.92
C PRO D 177 -52.60 37.74 -23.99
N LEU D 178 -51.76 36.85 -24.49
CA LEU D 178 -50.35 37.16 -24.69
C LEU D 178 -50.02 37.05 -26.16
N LEU D 179 -49.04 37.84 -26.58
CA LEU D 179 -48.58 37.85 -27.95
C LEU D 179 -47.12 37.39 -27.98
N PHE D 180 -46.91 36.19 -28.51
CA PHE D 180 -45.59 35.65 -28.75
C PHE D 180 -45.11 36.18 -30.10
N VAL D 181 -44.09 37.02 -30.10
CA VAL D 181 -43.67 37.68 -31.32
C VAL D 181 -42.30 37.18 -31.68
N GLY D 182 -42.13 36.74 -32.93
CA GLY D 182 -40.80 36.51 -33.41
C GLY D 182 -40.47 37.57 -34.42
N ARG D 183 -39.38 38.31 -34.20
CA ARG D 183 -39.00 39.43 -35.04
C ARG D 183 -37.60 39.21 -35.60
N GLY D 184 -37.48 39.32 -36.93
CA GLY D 184 -36.18 39.18 -37.55
C GLY D 184 -35.28 40.39 -37.33
N TYR D 185 -33.97 40.17 -37.50
CA TYR D 185 -33.00 41.23 -37.31
C TYR D 185 -33.22 42.34 -38.33
N THR D 186 -33.03 43.58 -37.88
CA THR D 186 -33.16 44.75 -38.74
C THR D 186 -32.00 45.70 -38.48
N SER D 187 -31.66 46.48 -39.50
CA SER D 187 -30.61 47.49 -39.41
C SER D 187 -31.15 48.87 -39.00
N ILE D 194 -33.82 45.36 -29.84
CA ILE D 194 -35.10 44.63 -29.84
C ILE D 194 -34.90 43.10 -29.83
N PRO D 195 -35.38 42.43 -28.78
CA PRO D 195 -35.12 40.99 -28.64
C PRO D 195 -35.82 40.19 -29.73
N PRO D 196 -35.21 39.11 -30.21
CA PRO D 196 -35.79 38.36 -31.34
C PRO D 196 -37.04 37.56 -30.97
N ILE D 197 -37.18 37.17 -29.70
CA ILE D 197 -38.42 36.56 -29.23
C ILE D 197 -38.81 37.25 -27.93
N THR D 198 -40.08 37.60 -27.80
CA THR D 198 -40.59 38.32 -26.66
C THR D 198 -42.01 37.85 -26.39
N THR D 199 -42.43 37.96 -25.13
CA THR D 199 -43.82 37.73 -24.75
C THR D 199 -44.41 39.04 -24.26
N ARG D 200 -45.42 39.55 -24.96
CA ARG D 200 -45.99 40.86 -24.68
C ARG D 200 -47.46 40.71 -24.27
N ALA D 201 -47.99 41.74 -23.59
CA ALA D 201 -49.30 41.66 -22.95
C ALA D 201 -50.34 42.33 -23.83
N LEU D 202 -51.33 41.57 -24.29
CA LEU D 202 -52.28 42.12 -25.26
C LEU D 202 -53.30 43.05 -24.57
N TRP D 203 -53.46 42.90 -23.26
CA TRP D 203 -54.52 43.58 -22.53
C TRP D 203 -54.13 43.67 -21.07
N PRO D 204 -53.06 44.41 -20.77
CA PRO D 204 -52.69 44.66 -19.37
C PRO D 204 -53.76 45.49 -18.70
N PRO D 205 -53.75 45.57 -17.36
CA PRO D 205 -54.77 46.39 -16.68
C PRO D 205 -54.74 47.82 -17.15
N ASP D 206 -53.55 48.39 -17.30
CA ASP D 206 -53.40 49.70 -17.93
C ASP D 206 -53.24 49.49 -19.43
N PRO D 207 -54.20 49.92 -20.25
CA PRO D 207 -54.11 49.61 -21.70
C PRO D 207 -52.98 50.37 -22.41
N GLN D 208 -52.43 51.43 -21.81
CA GLN D 208 -51.33 52.18 -22.45
C GLN D 208 -50.02 51.43 -22.41
N ALA D 209 -49.92 50.32 -21.68
CA ALA D 209 -48.76 49.46 -21.70
C ALA D 209 -49.01 48.19 -22.52
N ALA D 210 -50.11 48.15 -23.28
CA ALA D 210 -50.37 47.07 -24.22
C ALA D 210 -49.18 46.85 -25.15
N PHE D 211 -48.93 45.60 -25.51
CA PHE D 211 -47.85 45.15 -26.39
C PHE D 211 -46.46 45.35 -25.79
N SER D 212 -46.36 45.61 -24.49
CA SER D 212 -45.06 45.68 -23.82
C SER D 212 -44.63 44.29 -23.34
N TYR D 213 -43.31 44.11 -23.19
CA TYR D 213 -42.74 42.88 -22.66
C TYR D 213 -41.99 43.18 -21.36
N GLU D 214 -41.98 42.22 -20.44
CA GLU D 214 -41.61 42.55 -19.07
C GLU D 214 -40.12 42.51 -18.78
N GLU D 215 -39.24 42.56 -19.79
CA GLU D 215 -37.79 42.60 -19.64
C GLU D 215 -37.26 41.29 -19.06
N THR D 216 -38.14 40.52 -18.43
CA THR D 216 -37.82 39.12 -18.17
C THR D 216 -38.32 38.19 -19.26
N ALA D 217 -39.25 38.65 -20.13
CA ALA D 217 -39.80 37.89 -21.25
C ALA D 217 -38.92 37.89 -22.50
N LYS D 218 -37.98 38.80 -22.61
CA LYS D 218 -37.09 38.79 -23.76
C LYS D 218 -36.30 37.48 -23.82
N LEU D 219 -36.11 36.96 -25.03
CA LEU D 219 -34.98 36.09 -25.30
C LEU D 219 -33.78 37.00 -25.55
N ALA D 220 -32.94 37.18 -24.54
CA ALA D 220 -31.79 38.07 -24.63
C ALA D 220 -30.72 37.43 -25.51
N VAL D 221 -30.43 38.04 -26.65
CA VAL D 221 -29.42 37.57 -27.60
C VAL D 221 -28.38 38.66 -27.83
N GLY D 222 -27.11 38.28 -27.80
CA GLY D 222 -26.01 39.24 -27.69
C GLY D 222 -25.69 40.05 -28.94
N ARG D 223 -25.30 39.37 -30.02
CA ARG D 223 -24.90 40.02 -31.25
C ARG D 223 -25.89 39.69 -32.36
N LEU D 224 -27.12 40.18 -32.22
CA LEU D 224 -28.20 39.94 -33.17
C LEU D 224 -27.82 40.23 -34.61
N SER D 225 -26.82 41.08 -34.86
CA SER D 225 -26.37 41.33 -36.23
C SER D 225 -25.79 40.07 -36.87
N GLU D 226 -25.01 39.30 -36.11
CA GLU D 226 -24.36 38.13 -36.70
C GLU D 226 -25.28 36.93 -36.82
N TYR D 227 -26.25 36.79 -35.92
CA TYR D 227 -27.15 35.64 -35.99
C TYR D 227 -28.14 35.79 -37.12
N SER D 228 -28.70 37.00 -37.29
CA SER D 228 -29.51 37.34 -38.45
C SER D 228 -30.73 36.43 -38.56
N HIS D 229 -31.55 36.45 -37.51
CA HIS D 229 -32.80 35.70 -37.50
C HIS D 229 -33.71 36.11 -38.65
N HIS D 230 -34.10 35.14 -39.48
CA HIS D 230 -35.25 35.23 -40.35
C HIS D 230 -36.27 34.21 -39.86
N PHE D 231 -37.42 34.68 -39.38
CA PHE D 231 -38.43 33.80 -38.84
C PHE D 231 -39.40 33.36 -39.93
N VAL D 232 -39.85 32.11 -39.84
CA VAL D 232 -40.81 31.55 -40.78
C VAL D 232 -42.21 31.43 -40.17
N SER D 233 -42.30 31.02 -38.92
CA SER D 233 -43.57 30.58 -38.38
C SER D 233 -43.48 30.53 -36.86
N ALA D 234 -44.65 30.32 -36.23
CA ALA D 234 -44.77 30.21 -34.79
C ALA D 234 -46.12 29.61 -34.44
N PHE D 235 -46.12 28.53 -33.66
CA PHE D 235 -47.34 27.79 -33.38
C PHE D 235 -47.34 27.32 -31.94
N ALA D 236 -48.53 26.97 -31.47
CA ALA D 236 -48.71 26.40 -30.14
C ALA D 236 -48.91 24.89 -30.25
N ARG D 237 -48.36 24.17 -29.29
CA ARG D 237 -48.64 22.74 -29.09
C ARG D 237 -48.50 22.42 -27.61
N GLY D 238 -49.57 21.94 -27.00
CA GLY D 238 -49.52 21.56 -25.60
C GLY D 238 -49.17 22.74 -24.71
N ALA D 239 -48.31 22.47 -23.73
CA ALA D 239 -47.92 23.49 -22.77
C ALA D 239 -46.94 24.51 -23.34
N SER D 240 -46.48 24.34 -24.57
CA SER D 240 -45.34 25.08 -25.10
C SER D 240 -45.70 25.80 -26.38
N ALA D 241 -44.82 26.72 -26.77
CA ALA D 241 -44.94 27.48 -28.01
C ALA D 241 -43.67 27.30 -28.83
N TYR D 242 -43.83 27.18 -30.15
CA TYR D 242 -42.73 26.80 -31.03
C TYR D 242 -42.45 27.88 -32.07
N PHE D 243 -41.18 27.96 -32.50
CA PHE D 243 -40.74 28.93 -33.50
C PHE D 243 -39.82 28.25 -34.52
N LEU D 244 -40.15 28.38 -35.80
CA LEU D 244 -39.28 28.01 -36.92
C LEU D 244 -38.58 29.28 -37.45
N PHE D 245 -37.29 29.14 -37.78
CA PHE D 245 -36.50 30.26 -38.26
C PHE D 245 -35.18 29.76 -38.82
N LEU D 246 -34.49 30.64 -39.54
CA LEU D 246 -33.09 30.46 -39.89
C LEU D 246 -32.23 31.40 -39.07
N ARG D 247 -30.99 30.99 -38.82
CA ARG D 247 -30.00 31.91 -38.31
C ARG D 247 -28.63 31.35 -38.64
N ARG D 248 -27.66 32.25 -38.76
CA ARG D 248 -26.28 31.83 -38.92
C ARG D 248 -25.91 30.91 -37.77
N ASP D 249 -25.21 29.84 -38.11
CA ASP D 249 -24.78 28.87 -37.12
C ASP D 249 -23.35 29.26 -36.77
N LEU D 250 -23.20 30.07 -35.73
CA LEU D 250 -21.86 30.48 -35.37
C LEU D 250 -21.08 29.36 -34.69
N GLN D 251 -21.73 28.26 -34.33
CA GLN D 251 -20.99 27.06 -33.97
C GLN D 251 -20.40 26.38 -35.19
N ALA D 252 -20.96 26.61 -36.38
CA ALA D 252 -20.46 25.99 -37.60
C ALA D 252 -19.31 26.79 -38.17
N GLN D 253 -18.35 26.06 -38.77
CA GLN D 253 -17.18 26.68 -39.37
C GLN D 253 -17.57 27.64 -40.48
N SER D 254 -18.42 27.19 -41.41
CA SER D 254 -18.87 28.02 -42.50
C SER D 254 -19.73 29.20 -42.04
N ARG D 255 -20.20 29.19 -40.79
CA ARG D 255 -21.14 30.18 -40.26
C ARG D 255 -22.31 30.44 -41.21
N ALA D 256 -22.76 29.39 -41.91
CA ALA D 256 -23.81 29.54 -42.90
C ALA D 256 -25.18 29.54 -42.23
N PHE D 257 -26.19 29.99 -42.98
CA PHE D 257 -27.55 29.95 -42.49
C PHE D 257 -28.04 28.51 -42.36
N ARG D 258 -28.82 28.26 -41.31
CA ARG D 258 -29.30 26.92 -41.01
C ARG D 258 -30.66 27.06 -40.34
N ALA D 259 -31.51 26.05 -40.49
CA ALA D 259 -32.86 26.12 -39.95
C ALA D 259 -32.91 25.54 -38.54
N TYR D 260 -33.91 25.98 -37.77
CA TYR D 260 -34.03 25.69 -36.34
C TYR D 260 -35.48 25.71 -35.90
N VAL D 261 -35.82 24.87 -34.94
CA VAL D 261 -37.08 24.98 -34.21
C VAL D 261 -36.76 25.20 -32.74
N SER D 262 -37.49 26.16 -32.13
CA SER D 262 -37.31 26.61 -30.77
C SER D 262 -38.55 26.23 -29.96
N ARG D 263 -38.37 26.07 -28.67
CA ARG D 263 -39.49 25.77 -27.80
C ARG D 263 -39.32 26.52 -26.48
N VAL D 264 -40.45 26.99 -25.95
CA VAL D 264 -40.53 27.56 -24.61
C VAL D 264 -41.93 27.28 -24.08
N CYS D 265 -42.05 27.23 -22.76
CA CYS D 265 -43.36 27.04 -22.13
C CYS D 265 -44.26 28.27 -22.34
N LEU D 266 -45.56 28.01 -22.53
CA LEU D 266 -46.54 29.10 -22.49
C LEU D 266 -46.54 29.76 -21.12
N ARG D 267 -46.27 28.98 -20.09
CA ARG D 267 -46.28 29.45 -18.71
C ARG D 267 -45.09 30.35 -18.43
N ASP D 268 -43.89 29.89 -18.79
CA ASP D 268 -42.61 30.57 -18.53
C ASP D 268 -42.58 31.99 -19.09
N GLN D 269 -42.63 32.98 -18.20
CA GLN D 269 -42.48 34.36 -18.60
C GLN D 269 -41.05 34.86 -18.53
N HIS D 270 -40.08 33.95 -18.42
CA HIS D 270 -38.70 34.35 -18.28
C HIS D 270 -37.77 33.71 -19.32
N TYR D 271 -38.29 32.82 -20.17
CA TYR D 271 -37.50 32.17 -21.22
C TYR D 271 -36.38 31.33 -20.62
N TYR D 272 -36.69 30.65 -19.53
CA TYR D 272 -35.74 29.71 -18.94
C TYR D 272 -35.76 28.38 -19.70
N SER D 273 -36.96 27.90 -20.03
CA SER D 273 -37.15 26.62 -20.71
C SER D 273 -36.87 26.71 -22.19
N TYR D 274 -36.39 27.84 -22.68
CA TYR D 274 -36.16 28.02 -24.11
C TYR D 274 -35.04 27.10 -24.58
N VAL D 275 -35.30 26.37 -25.66
CA VAL D 275 -34.32 25.44 -26.20
C VAL D 275 -34.48 25.38 -27.72
N GLU D 276 -33.35 25.36 -28.43
CA GLU D 276 -33.31 25.27 -29.88
C GLU D 276 -32.75 23.92 -30.30
N LEU D 277 -33.26 23.40 -31.42
CA LEU D 277 -32.75 22.20 -32.07
C LEU D 277 -32.56 22.52 -33.55
N PRO D 278 -31.42 22.18 -34.16
CA PRO D 278 -31.31 22.36 -35.61
C PRO D 278 -32.22 21.40 -36.35
N LEU D 279 -32.76 21.87 -37.47
CA LEU D 279 -33.51 21.03 -38.39
C LEU D 279 -32.61 20.66 -39.57
N ALA D 280 -32.76 19.43 -40.05
CA ALA D 280 -31.92 18.90 -41.12
C ALA D 280 -32.81 18.20 -42.12
N CYS D 281 -33.03 18.82 -43.27
CA CYS D 281 -33.75 18.23 -44.38
C CYS D 281 -32.70 17.63 -45.29
N GLU D 282 -32.59 16.29 -45.27
CA GLU D 282 -31.52 15.58 -45.95
C GLU D 282 -30.16 16.11 -45.48
N GLY D 283 -29.95 16.05 -44.17
CA GLY D 283 -28.72 16.49 -43.56
C GLY D 283 -28.46 17.98 -43.55
N GLY D 284 -29.44 18.80 -43.95
CA GLY D 284 -29.22 20.23 -44.16
C GLY D 284 -28.84 20.63 -45.58
N ARG D 285 -28.67 19.66 -46.49
CA ARG D 285 -28.42 19.96 -47.89
C ARG D 285 -29.46 20.92 -48.49
N TYR D 286 -30.70 20.89 -47.99
CA TYR D 286 -31.72 21.90 -48.27
C TYR D 286 -31.71 22.81 -47.05
N GLY D 287 -30.99 23.93 -47.16
CA GLY D 287 -30.63 24.65 -45.95
C GLY D 287 -31.65 25.66 -45.49
N LEU D 288 -32.54 26.09 -46.36
CA LEU D 288 -33.36 27.27 -46.09
C LEU D 288 -34.80 26.84 -45.95
N ILE D 289 -35.31 26.81 -44.72
CA ILE D 289 -36.72 26.56 -44.51
C ILE D 289 -37.50 27.78 -45.00
N GLN D 290 -38.51 27.54 -45.84
CA GLN D 290 -39.34 28.60 -46.40
C GLN D 290 -40.70 28.70 -45.72
N ALA D 291 -41.41 27.59 -45.57
CA ALA D 291 -42.73 27.59 -44.97
C ALA D 291 -43.04 26.19 -44.45
N ALA D 292 -44.07 26.12 -43.61
CA ALA D 292 -44.35 24.89 -42.90
C ALA D 292 -45.79 24.89 -42.45
N ALA D 293 -46.35 23.69 -42.33
CA ALA D 293 -47.72 23.54 -41.89
C ALA D 293 -47.88 22.21 -41.18
N VAL D 294 -49.02 22.08 -40.54
CA VAL D 294 -49.41 20.89 -39.81
C VAL D 294 -50.81 20.55 -40.30
N ALA D 295 -51.03 19.29 -40.69
CA ALA D 295 -52.28 18.92 -41.35
C ALA D 295 -53.49 19.50 -40.63
N THR D 296 -54.45 20.01 -41.40
CA THR D 296 -55.63 20.66 -40.86
C THR D 296 -56.88 20.07 -41.51
N SER D 297 -57.82 19.58 -40.69
CA SER D 297 -59.02 18.90 -41.20
C SER D 297 -60.16 18.84 -40.18
N VAL D 300 -59.03 15.81 -38.32
CA VAL D 300 -58.12 16.24 -37.25
C VAL D 300 -57.80 17.74 -37.35
N ALA D 301 -58.11 18.48 -36.29
CA ALA D 301 -58.00 19.95 -36.32
C ALA D 301 -56.56 20.39 -36.54
N HIS D 302 -55.62 19.78 -35.83
CA HIS D 302 -54.21 20.13 -35.97
C HIS D 302 -53.40 18.85 -35.83
N GLY D 303 -52.73 18.45 -36.91
CA GLY D 303 -51.92 17.26 -36.90
C GLY D 303 -50.76 17.31 -35.91
N GLU D 304 -49.96 16.25 -35.91
CA GLU D 304 -48.77 16.16 -35.07
C GLU D 304 -47.50 16.06 -35.87
N VAL D 305 -47.59 15.98 -37.19
CA VAL D 305 -46.43 16.05 -38.08
C VAL D 305 -46.35 17.45 -38.66
N LEU D 306 -45.15 18.03 -38.61
CA LEU D 306 -44.87 19.34 -39.18
C LEU D 306 -44.26 19.16 -40.56
N PHE D 307 -44.94 19.68 -41.59
CA PHE D 307 -44.46 19.58 -42.96
C PHE D 307 -43.80 20.91 -43.34
N ALA D 308 -42.51 20.87 -43.64
CA ALA D 308 -41.72 22.08 -43.86
C ALA D 308 -41.12 22.08 -45.27
N ALA D 309 -41.20 23.22 -45.96
CA ALA D 309 -40.57 23.37 -47.27
C ALA D 309 -39.20 24.04 -47.13
N PHE D 310 -38.19 23.41 -47.71
CA PHE D 310 -36.81 23.88 -47.65
C PHE D 310 -36.27 24.10 -49.05
N SER D 311 -35.41 25.09 -49.20
CA SER D 311 -34.81 25.38 -50.49
C SER D 311 -33.30 25.23 -50.42
N SER D 312 -32.73 24.85 -51.55
CA SER D 312 -31.28 24.81 -51.70
C SER D 312 -30.69 26.20 -51.48
N ALA D 313 -29.57 26.26 -50.78
CA ALA D 313 -28.90 27.52 -50.44
C ALA D 313 -27.77 27.77 -51.43
N ALA D 314 -27.96 28.74 -52.31
CA ALA D 314 -26.95 29.06 -53.32
C ALA D 314 -25.87 29.94 -52.72
N PRO D 315 -24.58 29.56 -52.81
CA PRO D 315 -23.48 30.34 -52.23
C PRO D 315 -22.76 31.21 -53.24
N GLY D 330 -31.51 25.53 -58.69
CA GLY D 330 -31.81 25.29 -57.29
C GLY D 330 -33.09 24.51 -57.13
N ALA D 331 -33.19 23.73 -56.05
CA ALA D 331 -34.29 22.80 -55.86
C ALA D 331 -34.90 22.99 -54.49
N SER D 332 -36.10 22.43 -54.31
CA SER D 332 -36.83 22.45 -53.06
C SER D 332 -37.22 21.04 -52.66
N ALA D 333 -37.37 20.84 -51.35
CA ALA D 333 -37.77 19.54 -50.81
C ALA D 333 -38.87 19.74 -49.78
N LEU D 334 -39.61 18.67 -49.49
CA LEU D 334 -40.60 18.68 -48.44
C LEU D 334 -40.22 17.61 -47.42
N CYS D 335 -39.73 18.05 -46.27
CA CYS D 335 -39.44 17.18 -45.16
C CYS D 335 -40.60 17.19 -44.18
N ALA D 336 -40.63 16.18 -43.30
CA ALA D 336 -41.67 16.07 -42.29
C ALA D 336 -41.01 15.81 -40.95
N PHE D 337 -41.54 16.46 -39.92
CA PHE D 337 -40.99 16.38 -38.57
C PHE D 337 -42.14 16.09 -37.62
N PRO D 338 -42.23 14.89 -37.09
CA PRO D 338 -43.26 14.64 -36.06
C PRO D 338 -42.93 15.48 -34.84
N LEU D 339 -43.93 16.23 -34.37
CA LEU D 339 -43.69 17.08 -33.21
C LEU D 339 -43.31 16.25 -31.99
N ASP D 340 -43.84 15.03 -31.92
CA ASP D 340 -43.43 14.09 -30.87
C ASP D 340 -41.91 13.95 -30.82
N GLU D 341 -41.26 13.79 -31.98
CA GLU D 341 -39.81 13.69 -31.98
C GLU D 341 -39.17 15.01 -31.55
N VAL D 342 -39.78 16.13 -31.94
CA VAL D 342 -39.24 17.44 -31.57
C VAL D 342 -39.18 17.57 -30.06
N ASP D 343 -40.29 17.28 -29.38
CA ASP D 343 -40.32 17.27 -27.92
C ASP D 343 -39.30 16.30 -27.32
N ARG D 344 -39.10 15.12 -27.94
CA ARG D 344 -38.17 14.14 -27.40
C ARG D 344 -36.74 14.67 -27.43
N LEU D 345 -36.30 15.16 -28.59
CA LEU D 345 -34.95 15.70 -28.68
C LEU D 345 -34.81 16.99 -27.86
N ALA D 346 -35.86 17.81 -27.81
CA ALA D 346 -35.83 19.00 -26.96
C ALA D 346 -35.71 18.61 -25.49
N ASN D 347 -36.65 17.78 -25.01
CA ASN D 347 -36.55 17.26 -23.64
C ASN D 347 -35.16 16.69 -23.36
N ARG D 348 -34.59 15.95 -24.31
CA ARG D 348 -33.29 15.36 -24.06
C ARG D 348 -32.23 16.45 -23.88
N THR D 349 -32.29 17.49 -24.71
CA THR D 349 -31.36 18.60 -24.58
C THR D 349 -31.46 19.26 -23.22
N ARG D 350 -32.69 19.45 -22.73
CA ARG D 350 -32.88 19.95 -21.36
C ARG D 350 -32.21 19.02 -20.35
N ASP D 351 -32.63 17.75 -20.32
CA ASP D 351 -32.13 16.83 -19.30
C ASP D 351 -30.62 16.74 -19.35
N ALA D 352 -30.05 16.67 -20.55
CA ALA D 352 -28.60 16.55 -20.65
C ALA D 352 -27.92 17.74 -19.99
N CYS D 353 -28.39 18.94 -20.29
CA CYS D 353 -27.70 20.14 -19.86
C CYS D 353 -28.05 20.54 -18.42
N TYR D 354 -29.18 20.07 -17.88
CA TYR D 354 -29.42 20.27 -16.44
C TYR D 354 -28.57 19.31 -15.59
N THR D 355 -28.45 18.05 -15.98
CA THR D 355 -27.90 17.02 -15.09
C THR D 355 -26.55 16.45 -15.50
N ARG D 356 -26.26 16.25 -16.79
CA ARG D 356 -25.01 15.63 -17.21
C ARG D 356 -24.05 16.62 -17.89
N GLU D 357 -24.12 17.90 -17.51
CA GLU D 357 -23.27 18.97 -18.06
C GLU D 357 -23.29 18.97 -19.59
N GLY D 358 -24.48 18.78 -20.15
CA GLY D 358 -24.67 18.78 -21.58
C GLY D 358 -24.06 17.62 -22.32
N ARG D 359 -23.60 16.60 -21.62
CA ARG D 359 -23.01 15.42 -22.26
C ARG D 359 -23.96 14.23 -22.18
N ALA D 360 -23.84 13.34 -23.16
CA ALA D 360 -24.71 12.18 -23.18
C ALA D 360 -24.26 11.15 -22.15
N GLU D 361 -25.06 10.09 -22.03
CA GLU D 361 -24.75 9.00 -21.11
C GLU D 361 -23.33 8.47 -21.32
N ASP D 362 -22.90 8.37 -22.57
CA ASP D 362 -21.59 7.84 -22.90
C ASP D 362 -20.54 8.93 -23.11
N GLY D 363 -20.87 10.17 -22.77
CA GLY D 363 -19.92 11.24 -22.73
C GLY D 363 -19.98 12.20 -23.90
N THR D 364 -20.69 11.86 -24.97
CA THR D 364 -20.79 12.75 -26.12
C THR D 364 -21.51 14.04 -25.74
N GLU D 365 -21.03 15.15 -26.30
CA GLU D 365 -21.61 16.46 -26.04
C GLU D 365 -22.87 16.64 -26.87
N VAL D 366 -24.00 16.84 -26.19
CA VAL D 366 -25.30 16.88 -26.82
C VAL D 366 -25.92 18.27 -26.76
N ALA D 367 -25.59 19.06 -25.74
CA ALA D 367 -26.26 20.28 -25.41
C ALA D 367 -25.22 21.33 -25.04
N TYR D 368 -25.54 22.59 -25.31
CA TYR D 368 -24.67 23.70 -24.96
C TYR D 368 -25.52 24.94 -24.74
N ILE D 369 -24.89 26.01 -24.27
CA ILE D 369 -25.57 27.30 -24.11
C ILE D 369 -25.35 28.12 -25.37
N GLU D 370 -26.41 28.69 -25.90
CA GLU D 370 -26.36 29.35 -27.19
C GLU D 370 -26.33 30.87 -27.01
N TYR D 371 -26.06 31.58 -28.10
CA TYR D 371 -26.06 33.03 -28.22
C TYR D 371 -25.05 33.70 -27.33
N ASP D 372 -24.09 32.95 -26.78
CA ASP D 372 -22.99 33.45 -25.97
C ASP D 372 -23.44 34.06 -24.65
N VAL D 373 -24.60 33.64 -24.15
CA VAL D 373 -25.01 34.03 -22.82
C VAL D 373 -24.06 33.44 -21.80
N ASN D 374 -23.67 34.24 -20.81
CA ASN D 374 -22.85 33.72 -19.72
C ASN D 374 -23.65 32.71 -18.90
N SER D 375 -23.57 31.43 -19.29
CA SER D 375 -24.28 30.37 -18.61
C SER D 375 -23.64 29.06 -19.07
N ASP D 376 -23.62 28.08 -18.18
CA ASP D 376 -22.96 26.80 -18.46
C ASP D 376 -23.91 25.66 -18.13
N CYS D 377 -23.66 24.50 -18.76
CA CYS D 377 -24.46 23.34 -18.45
C CYS D 377 -24.05 22.78 -17.09
N ALA D 378 -25.04 22.33 -16.32
CA ALA D 378 -24.85 22.07 -14.90
C ALA D 378 -25.01 20.59 -14.58
N GLN D 379 -24.81 20.28 -13.31
CA GLN D 379 -24.91 18.94 -12.75
C GLN D 379 -26.00 18.89 -11.69
N LEU D 380 -27.14 19.50 -11.96
CA LEU D 380 -28.20 19.59 -10.95
C LEU D 380 -28.81 18.22 -10.69
N PRO D 381 -29.36 18.01 -9.48
CA PRO D 381 -30.00 16.74 -9.17
C PRO D 381 -31.22 16.48 -10.04
N VAL D 382 -31.56 15.19 -10.14
CA VAL D 382 -32.57 14.74 -11.10
C VAL D 382 -33.96 15.26 -10.76
N ASP D 383 -34.27 15.46 -9.48
CA ASP D 383 -35.62 15.90 -9.13
C ASP D 383 -35.83 17.39 -9.36
N THR D 384 -34.76 18.18 -9.35
CA THR D 384 -34.86 19.57 -9.79
C THR D 384 -35.53 19.65 -11.15
N LEU D 385 -35.20 18.71 -12.02
CA LEU D 385 -35.88 18.62 -13.31
C LEU D 385 -37.38 18.47 -13.11
N ASP D 386 -37.80 17.44 -12.35
CA ASP D 386 -39.22 17.23 -12.10
C ASP D 386 -39.86 18.45 -11.43
N ALA D 387 -39.22 18.96 -10.38
CA ALA D 387 -39.77 20.12 -9.68
C ALA D 387 -39.70 21.41 -10.49
N TYR D 388 -38.92 21.43 -11.57
CA TYR D 388 -38.74 22.64 -12.39
C TYR D 388 -38.81 22.25 -13.85
N PRO D 389 -40.02 22.00 -14.37
CA PRO D 389 -40.10 21.61 -15.79
C PRO D 389 -39.67 22.74 -16.72
N CYS D 390 -40.11 23.97 -16.42
CA CYS D 390 -39.79 25.12 -17.25
C CYS D 390 -38.60 25.89 -16.71
N GLY D 391 -37.80 25.30 -15.85
CA GLY D 391 -36.62 25.95 -15.33
C GLY D 391 -36.91 27.06 -14.33
N SER D 392 -35.84 27.79 -14.02
CA SER D 392 -35.92 28.93 -13.11
C SER D 392 -34.60 29.70 -13.23
N ASP D 393 -34.42 30.68 -12.33
CA ASP D 393 -33.32 31.61 -12.43
C ASP D 393 -31.99 30.97 -12.09
N HIS D 394 -31.97 29.71 -11.67
CA HIS D 394 -30.71 29.06 -11.41
C HIS D 394 -30.35 27.98 -12.43
N THR D 395 -31.32 27.50 -13.22
CA THR D 395 -31.07 26.49 -14.25
C THR D 395 -30.44 27.13 -15.49
N PRO D 396 -29.76 26.34 -16.34
CA PRO D 396 -29.08 26.92 -17.50
C PRO D 396 -30.06 27.44 -18.54
N SER D 397 -29.60 28.46 -19.27
CA SER D 397 -30.35 29.06 -20.36
C SER D 397 -29.43 29.94 -21.18
N PRO D 398 -29.66 30.08 -22.49
CA PRO D 398 -30.62 29.35 -23.33
C PRO D 398 -29.98 28.13 -23.99
N MET D 399 -30.70 27.01 -24.00
CA MET D 399 -30.13 25.74 -24.42
C MET D 399 -30.33 25.48 -25.92
N ALA D 400 -29.34 24.83 -26.52
CA ALA D 400 -29.37 24.41 -27.91
C ALA D 400 -28.78 23.02 -28.01
N SER D 401 -29.34 22.21 -28.90
CA SER D 401 -28.87 20.85 -29.13
C SER D 401 -27.74 20.82 -30.15
N ARG D 402 -26.75 19.96 -29.90
CA ARG D 402 -25.74 19.68 -30.91
C ARG D 402 -26.23 18.75 -31.99
N VAL D 403 -27.29 18.01 -31.73
CA VAL D 403 -27.71 16.90 -32.58
C VAL D 403 -28.90 17.34 -33.40
N PRO D 404 -28.80 17.42 -34.73
CA PRO D 404 -29.92 17.89 -35.53
C PRO D 404 -31.03 16.87 -35.51
N LEU D 405 -32.24 17.36 -35.76
CA LEU D 405 -33.37 16.52 -36.10
C LEU D 405 -33.37 16.31 -37.60
N GLU D 406 -33.37 15.06 -38.03
CA GLU D 406 -33.19 14.73 -39.44
C GLU D 406 -34.50 14.26 -40.07
N ALA D 407 -34.58 14.40 -41.38
CA ALA D 407 -35.78 14.06 -42.13
C ALA D 407 -35.40 13.81 -43.57
N THR D 408 -35.77 12.69 -44.08
CA THR D 408 -35.48 12.65 -45.50
C THR D 408 -36.69 13.13 -46.29
N PRO D 409 -36.44 13.80 -47.41
CA PRO D 409 -37.52 14.53 -48.09
C PRO D 409 -38.59 13.60 -48.68
N ILE D 410 -39.86 13.95 -48.42
CA ILE D 410 -41.00 13.29 -49.06
C ILE D 410 -40.92 13.46 -50.57
N LEU D 411 -40.80 14.70 -51.02
CA LEU D 411 -40.57 14.98 -52.43
C LEU D 411 -39.48 16.03 -52.57
N GLU D 412 -39.04 16.24 -53.81
CA GLU D 412 -37.75 16.86 -54.05
C GLU D 412 -37.76 17.37 -55.49
N TRP D 413 -38.32 18.56 -55.67
CA TRP D 413 -38.62 19.11 -56.99
C TRP D 413 -37.43 19.91 -57.51
N PRO D 414 -36.82 19.53 -58.64
CA PRO D 414 -35.52 20.11 -59.00
C PRO D 414 -35.56 21.58 -59.42
N GLY D 415 -36.63 22.02 -60.08
CA GLY D 415 -36.63 23.38 -60.59
C GLY D 415 -37.47 24.40 -59.86
N ILE D 416 -37.95 24.09 -58.66
CA ILE D 416 -38.94 24.94 -58.02
C ILE D 416 -38.39 25.48 -56.72
N GLN D 417 -38.81 26.69 -56.37
CA GLN D 417 -38.57 27.30 -55.06
C GLN D 417 -39.91 27.45 -54.36
N LEU D 418 -40.17 26.62 -53.36
CA LEU D 418 -41.44 26.59 -52.66
C LEU D 418 -41.49 27.69 -51.60
N THR D 419 -42.64 28.32 -51.47
CA THR D 419 -42.79 29.41 -50.52
C THR D 419 -44.03 29.31 -49.66
N ALA D 420 -44.82 28.24 -49.78
CA ALA D 420 -46.05 28.13 -48.99
C ALA D 420 -46.50 26.68 -48.89
N VAL D 421 -47.01 26.32 -47.70
CA VAL D 421 -47.45 24.97 -47.41
C VAL D 421 -48.83 25.01 -46.74
N ALA D 422 -49.72 24.15 -47.21
CA ALA D 422 -50.96 23.80 -46.54
C ALA D 422 -51.16 22.30 -46.71
N VAL D 423 -51.64 21.64 -45.66
CA VAL D 423 -51.80 20.20 -45.65
C VAL D 423 -53.14 19.85 -45.03
N THR D 424 -53.87 18.92 -45.65
CA THR D 424 -55.19 18.54 -45.14
C THR D 424 -55.43 17.06 -45.39
N MET D 425 -56.61 16.58 -45.02
CA MET D 425 -56.92 15.16 -45.09
C MET D 425 -58.28 14.94 -45.73
N GLU D 426 -58.31 14.10 -46.76
CA GLU D 426 -59.54 13.77 -47.46
C GLU D 426 -59.72 12.26 -47.41
N ASP D 427 -60.81 11.79 -46.80
CA ASP D 427 -61.17 10.37 -46.72
C ASP D 427 -60.12 9.55 -45.95
N GLY D 428 -59.14 10.22 -45.34
CA GLY D 428 -58.00 9.58 -44.73
C GLY D 428 -56.69 9.87 -45.42
N HIS D 429 -56.73 10.20 -46.71
CA HIS D 429 -55.51 10.49 -47.45
C HIS D 429 -55.02 11.89 -47.12
N THR D 430 -53.72 11.99 -46.80
CA THR D 430 -53.06 13.26 -46.61
C THR D 430 -52.74 13.89 -47.95
N ILE D 431 -53.06 15.18 -48.11
CA ILE D 431 -52.87 15.89 -49.37
C ILE D 431 -52.19 17.22 -49.07
N ALA D 432 -51.15 17.54 -49.83
CA ALA D 432 -50.41 18.79 -49.68
C ALA D 432 -50.73 19.74 -50.82
N PHE D 433 -50.96 21.01 -50.46
CA PHE D 433 -51.05 22.12 -51.41
C PHE D 433 -49.80 22.99 -51.23
N LEU D 434 -49.12 23.30 -52.33
CA LEU D 434 -47.85 23.99 -52.22
C LEU D 434 -47.76 25.12 -53.24
N GLY D 435 -47.47 26.33 -52.76
CA GLY D 435 -47.21 27.47 -53.62
C GLY D 435 -45.72 27.71 -53.78
N ASP D 436 -45.34 28.31 -54.91
CA ASP D 436 -43.94 28.54 -55.24
C ASP D 436 -43.68 30.01 -55.57
N SER D 437 -42.39 30.32 -55.75
CA SER D 437 -41.99 31.70 -56.04
C SER D 437 -42.51 32.19 -57.38
N GLN D 438 -43.05 31.31 -58.22
CA GLN D 438 -43.62 31.72 -59.50
C GLN D 438 -45.14 31.86 -59.48
N GLY D 439 -45.74 31.80 -58.29
CA GLY D 439 -47.19 31.98 -58.22
C GLY D 439 -48.02 30.77 -58.54
N GLN D 440 -47.41 29.60 -58.72
CA GLN D 440 -48.21 28.42 -59.02
C GLN D 440 -48.61 27.72 -57.72
N LEU D 441 -49.70 26.98 -57.80
CA LEU D 441 -50.19 26.21 -56.66
C LEU D 441 -50.30 24.76 -57.11
N HIS D 442 -49.45 23.91 -56.53
CA HIS D 442 -49.41 22.48 -56.79
C HIS D 442 -50.21 21.73 -55.73
N ARG D 443 -50.79 20.61 -56.13
CA ARG D 443 -51.49 19.71 -55.24
C ARG D 443 -50.86 18.33 -55.34
N VAL D 444 -50.56 17.72 -54.18
CA VAL D 444 -49.78 16.49 -54.09
C VAL D 444 -50.40 15.55 -53.07
N TYR D 445 -50.39 14.26 -53.38
CA TYR D 445 -50.85 13.18 -52.50
C TYR D 445 -49.64 12.60 -51.78
N LEU D 446 -49.70 12.56 -50.45
CA LEU D 446 -48.59 12.10 -49.63
C LEU D 446 -48.74 10.67 -49.10
N GLY D 447 -49.79 9.96 -49.49
CA GLY D 447 -50.02 8.63 -48.98
C GLY D 447 -49.04 7.60 -49.52
N PRO D 448 -49.10 6.37 -49.00
CA PRO D 448 -48.20 5.32 -49.50
C PRO D 448 -48.36 5.10 -50.99
N GLY D 449 -47.24 4.82 -51.67
CA GLY D 449 -47.25 4.55 -53.09
C GLY D 449 -47.30 5.75 -54.00
N SER D 450 -47.51 6.95 -53.45
CA SER D 450 -47.50 8.17 -54.22
C SER D 450 -46.17 8.40 -54.91
N ASP D 451 -46.22 8.75 -56.20
CA ASP D 451 -45.05 9.41 -56.77
C ASP D 451 -44.87 10.76 -56.08
N GLY D 452 -43.70 11.36 -56.26
CA GLY D 452 -43.52 12.65 -55.61
C GLY D 452 -44.07 13.84 -56.35
N HIS D 453 -44.53 13.64 -57.59
CA HIS D 453 -44.93 14.71 -58.50
C HIS D 453 -46.36 15.16 -58.22
N PRO D 454 -46.70 16.40 -58.58
CA PRO D 454 -48.05 16.89 -58.31
C PRO D 454 -49.06 16.32 -59.29
N TYR D 455 -50.31 16.29 -58.84
CA TYR D 455 -51.41 15.88 -59.71
C TYR D 455 -52.14 17.06 -60.32
N SER D 456 -51.83 18.27 -59.90
CA SER D 456 -52.49 19.46 -60.40
C SER D 456 -51.58 20.65 -60.15
N THR D 457 -51.33 21.45 -61.18
CA THR D 457 -50.62 22.71 -61.03
C THR D 457 -51.48 23.80 -61.63
N GLN D 458 -51.67 24.88 -60.85
CA GLN D 458 -52.53 26.01 -61.19
C GLN D 458 -51.74 27.30 -61.02
N SER D 459 -51.85 28.21 -61.99
CA SER D 459 -51.19 29.51 -61.89
C SER D 459 -52.12 30.50 -61.19
N ILE D 460 -51.65 31.03 -60.04
CA ILE D 460 -52.40 32.04 -59.31
C ILE D 460 -52.04 33.42 -59.85
N GLN D 461 -50.76 33.75 -59.86
CA GLN D 461 -50.26 34.95 -60.52
C GLN D 461 -48.85 34.68 -61.01
N GLN D 462 -48.66 34.61 -62.32
CA GLN D 462 -47.38 34.20 -62.88
C GLN D 462 -46.27 35.15 -62.45
N GLY D 463 -45.24 34.59 -61.81
CA GLY D 463 -44.07 35.36 -61.42
C GLY D 463 -44.12 35.98 -60.04
N SER D 464 -45.16 35.74 -59.26
CA SER D 464 -45.37 36.38 -57.96
C SER D 464 -45.43 35.32 -56.87
N ALA D 465 -44.43 35.29 -56.00
CA ALA D 465 -44.34 34.28 -54.95
C ALA D 465 -45.67 34.13 -54.22
N VAL D 466 -45.95 32.91 -53.77
CA VAL D 466 -47.18 32.64 -53.05
C VAL D 466 -46.93 32.83 -51.57
N SER D 467 -47.88 33.46 -50.89
CA SER D 467 -47.76 33.76 -49.47
C SER D 467 -47.90 32.49 -48.62
N ARG D 468 -47.15 32.45 -47.51
CA ARG D 468 -47.31 31.36 -46.55
C ARG D 468 -48.72 31.27 -46.02
N ASP D 469 -49.44 32.39 -46.02
CA ASP D 469 -50.82 32.40 -45.53
C ASP D 469 -51.70 31.67 -46.54
N LEU D 470 -51.61 30.35 -46.52
CA LEU D 470 -52.65 29.49 -47.03
C LEU D 470 -53.52 29.11 -45.84
N THR D 471 -54.83 29.21 -46.00
CA THR D 471 -55.68 28.86 -44.90
C THR D 471 -56.97 28.27 -45.46
N PHE D 472 -57.45 27.22 -44.82
CA PHE D 472 -58.57 26.54 -45.42
C PHE D 472 -59.87 27.22 -45.06
N ASP D 473 -60.84 27.10 -45.97
CA ASP D 473 -62.25 27.31 -45.70
C ASP D 473 -62.63 26.70 -44.36
N GLY D 474 -63.67 27.24 -43.72
CA GLY D 474 -64.13 26.67 -42.46
C GLY D 474 -64.44 25.19 -42.49
N THR D 475 -64.73 24.64 -43.66
CA THR D 475 -65.09 23.24 -43.84
C THR D 475 -64.14 22.53 -44.80
N PHE D 476 -63.07 23.22 -45.20
CA PHE D 476 -61.95 22.68 -45.97
C PHE D 476 -62.33 22.33 -47.41
N GLU D 477 -63.48 22.80 -47.89
CA GLU D 477 -63.79 22.59 -49.30
C GLU D 477 -63.07 23.56 -50.21
N HIS D 478 -62.72 24.76 -49.73
CA HIS D 478 -61.91 25.70 -50.49
C HIS D 478 -60.64 26.04 -49.72
N LEU D 479 -59.66 26.61 -50.43
CA LEU D 479 -58.42 27.11 -49.86
C LEU D 479 -58.15 28.52 -50.36
N TYR D 480 -57.64 29.37 -49.46
CA TYR D 480 -57.42 30.79 -49.77
C TYR D 480 -55.96 31.00 -50.13
N VAL D 481 -55.69 31.23 -51.41
CA VAL D 481 -54.35 31.44 -51.91
C VAL D 481 -54.17 32.91 -52.23
N MET D 482 -52.93 33.37 -52.17
CA MET D 482 -52.64 34.80 -52.17
C MET D 482 -51.27 35.06 -52.75
N THR D 483 -51.19 36.00 -53.68
CA THR D 483 -49.93 36.55 -54.17
C THR D 483 -49.91 38.04 -53.83
N GLN D 484 -48.85 38.71 -54.28
CA GLN D 484 -48.73 40.16 -54.07
C GLN D 484 -50.00 40.90 -54.45
N SER D 485 -50.65 40.47 -55.52
CA SER D 485 -51.66 41.29 -56.15
C SER D 485 -53.06 40.72 -56.17
N THR D 486 -53.26 39.45 -55.83
CA THR D 486 -54.58 38.86 -55.88
C THR D 486 -54.79 37.88 -54.74
N LEU D 487 -56.03 37.74 -54.33
CA LEU D 487 -56.45 36.77 -53.32
C LEU D 487 -57.50 35.85 -53.96
N LEU D 488 -57.11 34.61 -54.26
CA LEU D 488 -57.99 33.62 -54.88
C LEU D 488 -58.52 32.67 -53.82
N LYS D 489 -59.81 32.37 -53.89
CA LYS D 489 -60.42 31.33 -53.07
C LYS D 489 -60.73 30.15 -53.98
N VAL D 490 -60.06 29.03 -53.74
CA VAL D 490 -60.10 27.90 -54.67
C VAL D 490 -60.45 26.61 -53.96
N PRO D 491 -61.38 25.84 -54.50
CA PRO D 491 -61.85 24.62 -53.84
C PRO D 491 -60.87 23.46 -53.90
N VAL D 492 -60.84 22.68 -52.81
CA VAL D 492 -59.98 21.51 -52.74
C VAL D 492 -60.32 20.51 -53.84
N ALA D 493 -61.60 20.19 -54.00
CA ALA D 493 -62.07 19.23 -54.98
C ALA D 493 -63.22 19.83 -55.79
N SER D 494 -63.45 19.25 -56.96
CA SER D 494 -64.50 19.72 -57.85
C SER D 494 -65.57 18.62 -58.02
N THR E 39 57.76 -7.58 6.96
CA THR E 39 58.12 -6.21 7.27
C THR E 39 57.86 -5.91 8.75
N ALA E 40 58.71 -5.08 9.37
CA ALA E 40 58.73 -4.97 10.83
C ALA E 40 59.19 -3.58 11.28
N PHE E 41 58.98 -3.31 12.58
CA PHE E 41 59.43 -2.08 13.23
C PHE E 41 60.14 -2.45 14.54
N THR E 42 61.32 -1.91 14.73
CA THR E 42 62.16 -2.29 15.88
C THR E 42 62.97 -1.07 16.31
N PRO E 43 62.59 -0.41 17.41
CA PRO E 43 63.29 0.80 17.83
C PRO E 43 64.50 0.56 18.71
N ASN E 44 65.66 1.12 18.35
CA ASN E 44 66.86 0.94 19.17
C ASN E 44 66.68 1.56 20.56
N GLY E 45 67.19 0.85 21.57
CA GLY E 45 67.21 1.34 22.93
C GLY E 45 65.89 1.81 23.48
N THR E 46 64.87 0.96 23.41
CA THR E 46 63.61 1.19 24.11
C THR E 46 62.82 -0.11 24.04
N TYR E 47 61.77 -0.18 24.84
CA TYR E 47 60.86 -1.31 24.86
C TYR E 47 59.46 -0.83 24.53
N LEU E 48 58.66 -1.74 23.97
CA LEU E 48 57.28 -1.46 23.57
C LEU E 48 56.33 -1.93 24.65
N GLN E 49 55.27 -1.15 24.91
CA GLN E 49 54.29 -1.46 25.94
C GLN E 49 52.87 -1.59 25.40
N HIS E 50 52.46 -0.70 24.49
CA HIS E 50 51.08 -0.71 24.03
C HIS E 50 51.01 -0.33 22.57
N LEU E 51 49.88 -0.67 21.95
CA LEU E 51 49.69 -0.47 20.52
C LEU E 51 48.23 -0.15 20.29
N ALA E 52 47.98 0.97 19.63
CA ALA E 52 46.62 1.36 19.28
C ALA E 52 46.54 1.53 17.77
N ARG E 53 45.36 1.24 17.22
CA ARG E 53 45.09 1.47 15.80
C ARG E 53 43.89 2.38 15.64
N ASP E 54 44.04 3.39 14.79
CA ASP E 54 42.96 4.29 14.42
C ASP E 54 42.15 3.58 13.34
N PRO E 55 40.89 3.21 13.60
CA PRO E 55 40.14 2.43 12.62
C PRO E 55 39.85 3.18 11.35
N THR E 56 39.83 4.52 11.41
CA THR E 56 39.46 5.32 10.25
C THR E 56 40.60 5.45 9.25
N SER E 57 41.81 5.76 9.73
CA SER E 57 42.97 5.86 8.85
C SER E 57 43.80 4.58 8.78
N GLY E 58 43.76 3.73 9.79
CA GLY E 58 44.69 2.63 9.85
C GLY E 58 46.05 2.99 10.41
N THR E 59 46.21 4.21 10.91
CA THR E 59 47.48 4.63 11.49
C THR E 59 47.68 3.92 12.81
N LEU E 60 48.93 3.61 13.12
CA LEU E 60 49.26 2.90 14.34
C LEU E 60 50.11 3.81 15.24
N TYR E 61 49.96 3.57 16.55
CA TYR E 61 50.62 4.32 17.61
C TYR E 61 51.23 3.32 18.59
N LEU E 62 52.51 3.49 18.91
CA LEU E 62 53.22 2.64 19.88
C LEU E 62 53.52 3.43 21.14
N GLY E 63 53.13 2.89 22.28
CA GLY E 63 53.56 3.45 23.53
C GLY E 63 54.79 2.73 24.06
N ALA E 64 55.94 3.39 24.03
CA ALA E 64 57.23 2.76 24.34
C ALA E 64 57.90 3.47 25.51
N THR E 65 59.04 2.95 25.94
CA THR E 65 59.76 3.58 27.04
C THR E 65 60.37 4.89 26.57
N ASN E 66 59.86 6.01 27.11
CA ASN E 66 60.32 7.37 26.81
C ASN E 66 59.97 7.81 25.39
N PHE E 67 59.10 7.08 24.69
CA PHE E 67 58.79 7.42 23.31
C PHE E 67 57.35 7.07 22.98
N LEU E 68 56.77 7.82 22.04
CA LEU E 68 55.51 7.51 21.37
C LEU E 68 55.78 7.53 19.88
N PHE E 69 55.39 6.49 19.16
CA PHE E 69 55.62 6.45 17.73
C PHE E 69 54.30 6.51 16.97
N GLN E 70 54.37 7.03 15.75
CA GLN E 70 53.28 6.99 14.80
C GLN E 70 53.76 6.28 13.55
N LEU E 71 52.96 5.33 13.04
CA LEU E 71 53.38 4.46 11.94
C LEU E 71 52.28 4.28 10.92
N SER E 72 52.67 4.24 9.65
CA SER E 72 51.76 3.86 8.59
C SER E 72 51.38 2.38 8.69
N PRO E 73 50.28 1.97 8.06
CA PRO E 73 49.88 0.55 8.13
C PRO E 73 50.93 -0.41 7.60
N GLY E 74 51.87 0.07 6.80
CA GLY E 74 53.03 -0.69 6.39
C GLY E 74 54.24 -0.50 7.29
N LEU E 75 54.04 0.06 8.48
CA LEU E 75 55.07 0.27 9.48
C LEU E 75 56.19 1.22 9.02
N GLN E 76 55.91 2.12 8.09
CA GLN E 76 56.80 3.25 7.85
C GLN E 76 56.63 4.27 8.96
N LEU E 77 57.74 4.72 9.55
CA LEU E 77 57.69 5.65 10.67
C LEU E 77 57.26 7.05 10.22
N GLU E 78 56.37 7.67 11.00
CA GLU E 78 55.81 8.98 10.66
C GLU E 78 56.13 10.07 11.67
N ALA E 79 56.16 9.73 12.95
CA ALA E 79 56.30 10.72 14.00
C ALA E 79 56.90 10.03 15.22
N THR E 80 57.51 10.81 16.10
CA THR E 80 58.17 10.29 17.27
C THR E 80 58.12 11.40 18.32
N VAL E 81 57.80 11.05 19.55
CA VAL E 81 57.66 12.01 20.63
C VAL E 81 58.30 11.45 21.87
N SER E 82 59.19 12.23 22.49
CA SER E 82 59.85 11.81 23.71
C SER E 82 58.92 12.00 24.89
N THR E 83 58.79 10.98 25.74
CA THR E 83 57.96 11.09 26.92
C THR E 83 58.74 11.05 28.22
N GLY E 84 60.04 10.74 28.16
CA GLY E 84 60.88 10.66 29.34
C GLY E 84 62.33 10.72 28.93
N PRO E 85 63.27 10.65 29.89
CA PRO E 85 63.11 10.53 31.34
C PRO E 85 62.67 11.82 32.00
N VAL E 86 62.11 11.72 33.21
CA VAL E 86 61.75 12.88 34.01
C VAL E 86 62.33 12.68 35.39
N LEU E 87 62.29 13.74 36.21
CA LEU E 87 62.69 13.63 37.61
C LEU E 87 61.44 13.32 38.41
N ASP E 88 61.50 12.23 39.18
CA ASP E 88 60.26 11.64 39.68
C ASP E 88 60.56 10.73 40.86
N SER E 89 59.54 10.58 41.71
CA SER E 89 59.48 9.57 42.76
C SER E 89 58.00 9.33 42.98
N ARG E 90 57.63 8.08 43.24
CA ARG E 90 56.23 7.79 43.53
C ARG E 90 55.78 8.47 44.82
N ASP E 91 56.73 8.76 45.72
CA ASP E 91 56.46 9.46 46.96
C ASP E 91 56.05 10.91 46.75
N CYS E 92 56.07 11.41 45.51
CA CYS E 92 55.84 12.82 45.23
C CYS E 92 54.69 12.99 44.24
N LEU E 93 53.94 14.02 44.45
CA LEU E 93 52.82 14.53 43.68
C LEU E 93 53.33 15.45 42.57
N PRO E 94 52.64 15.50 41.43
CA PRO E 94 53.13 16.31 40.31
C PRO E 94 52.65 17.75 40.43
N PRO E 95 53.38 18.72 39.85
CA PRO E 95 54.70 18.60 39.20
C PRO E 95 55.80 18.36 40.23
N VAL E 96 56.93 17.77 39.80
CA VAL E 96 57.96 17.35 40.72
C VAL E 96 59.04 18.44 40.79
N MET E 97 59.10 19.15 41.92
CA MET E 97 60.07 20.22 42.19
C MET E 97 61.10 19.74 43.22
N PRO E 98 62.37 20.13 43.08
CA PRO E 98 63.35 19.82 44.13
C PRO E 98 62.93 20.32 45.50
N ASP E 99 62.02 21.29 45.53
CA ASP E 99 61.47 21.89 46.74
C ASP E 99 60.90 20.84 47.71
N GLU E 100 59.78 20.24 47.32
CA GLU E 100 59.08 19.25 48.14
C GLU E 100 59.34 17.81 47.72
N CYS E 101 60.32 17.58 46.85
CA CYS E 101 60.71 16.23 46.42
C CYS E 101 62.21 16.14 46.29
N PRO E 102 62.95 16.18 47.41
CA PRO E 102 64.41 16.03 47.35
C PRO E 102 64.90 14.71 46.79
N GLN E 103 64.08 13.65 46.80
CA GLN E 103 64.54 12.31 46.45
C GLN E 103 64.22 11.91 45.01
N ALA E 104 63.70 12.81 44.19
CA ALA E 104 63.39 12.49 42.80
C ALA E 104 64.66 12.12 42.04
N GLN E 105 64.49 11.35 40.97
CA GLN E 105 65.61 10.83 40.22
C GLN E 105 65.18 10.60 38.77
N PRO E 106 66.13 10.60 37.82
CA PRO E 106 65.79 10.43 36.40
C PRO E 106 65.17 9.07 36.14
N THR E 107 63.87 9.09 35.81
CA THR E 107 63.00 7.92 35.77
C THR E 107 62.55 7.69 34.34
N ASN E 108 62.83 6.51 33.80
CA ASN E 108 62.29 6.16 32.49
C ASN E 108 60.77 6.09 32.56
N ASN E 109 60.11 6.14 31.42
CA ASN E 109 58.66 6.26 31.37
C ASN E 109 58.06 5.27 30.40
N PRO E 110 57.64 4.09 30.86
CA PRO E 110 56.86 3.19 30.00
C PRO E 110 55.42 3.66 29.87
N ASN E 111 54.86 3.45 28.67
CA ASN E 111 53.47 3.80 28.43
C ASN E 111 52.53 2.85 29.17
N GLN E 112 51.44 3.41 29.70
CA GLN E 112 50.50 2.66 30.53
C GLN E 112 49.08 2.59 29.95
N LEU E 113 48.76 3.38 28.94
CA LEU E 113 47.42 3.48 28.39
C LEU E 113 47.54 4.28 27.11
N LEU E 114 46.82 3.87 26.07
CA LEU E 114 47.05 4.39 24.73
C LEU E 114 45.79 4.06 23.92
N LEU E 115 44.82 4.97 23.95
CA LEU E 115 43.51 4.76 23.37
C LEU E 115 43.27 5.77 22.24
N VAL E 116 42.66 5.29 21.16
CA VAL E 116 42.29 6.14 20.03
C VAL E 116 40.83 6.52 20.21
N SER E 117 40.58 7.79 20.35
CA SER E 117 39.22 8.25 20.59
C SER E 117 38.73 9.05 19.38
N PRO E 118 37.47 9.49 19.33
CA PRO E 118 37.05 10.28 18.18
C PRO E 118 37.82 11.59 18.03
N GLY E 119 38.19 12.24 19.13
CA GLY E 119 38.93 13.48 19.00
C GLY E 119 40.44 13.39 19.06
N ALA E 120 40.99 12.42 19.78
CA ALA E 120 42.42 12.50 20.09
C ALA E 120 42.98 11.11 20.40
N LEU E 121 44.31 11.07 20.48
CA LEU E 121 44.99 9.97 21.14
C LEU E 121 45.02 10.25 22.65
N VAL E 122 44.58 9.29 23.45
CA VAL E 122 44.65 9.40 24.89
C VAL E 122 45.92 8.69 25.35
N VAL E 123 46.87 9.45 25.87
CA VAL E 123 48.17 8.92 26.29
C VAL E 123 48.30 9.09 27.79
N CYS E 124 48.70 8.03 28.47
CA CYS E 124 49.04 8.08 29.88
C CYS E 124 50.34 7.32 30.06
N GLY E 125 51.13 7.73 31.06
CA GLY E 125 52.42 7.14 31.32
C GLY E 125 52.48 6.58 32.73
N SER E 126 53.62 6.00 33.05
CA SER E 126 53.79 5.50 34.41
C SER E 126 54.23 6.60 35.36
N VAL E 127 54.99 7.57 34.88
CA VAL E 127 55.60 8.56 35.76
C VAL E 127 54.55 9.59 36.17
N HIS E 128 54.91 10.46 37.10
CA HIS E 128 54.06 11.60 37.48
C HIS E 128 52.68 11.13 37.90
N GLN E 129 52.65 9.98 38.59
CA GLN E 129 51.42 9.39 39.14
C GLN E 129 50.41 9.02 38.04
N GLY E 130 50.90 8.48 36.93
CA GLY E 130 49.99 7.97 35.90
C GLY E 130 49.11 9.02 35.27
N VAL E 131 49.67 10.20 35.04
CA VAL E 131 48.93 11.37 34.60
C VAL E 131 48.90 11.36 33.07
N CYS E 132 47.77 11.75 32.47
CA CYS E 132 47.54 11.62 31.03
C CYS E 132 47.64 12.96 30.30
N GLU E 133 47.72 12.87 28.95
CA GLU E 133 47.52 14.01 28.06
C GLU E 133 46.76 13.50 26.82
N GLN E 134 46.46 14.41 25.89
CA GLN E 134 45.71 14.10 24.68
C GLN E 134 46.39 14.72 23.46
N ARG E 135 46.62 13.91 22.41
CA ARG E 135 47.32 14.39 21.23
C ARG E 135 46.46 14.27 19.97
N ARG E 136 46.79 15.08 18.97
CA ARG E 136 46.00 15.16 17.75
C ARG E 136 46.30 14.00 16.82
N LEU E 137 45.26 13.22 16.48
CA LEU E 137 45.41 12.10 15.57
C LEU E 137 46.01 12.56 14.25
N GLY E 138 46.92 11.75 13.70
CA GLY E 138 47.65 12.09 12.50
C GLY E 138 48.85 12.98 12.71
N GLN E 139 48.87 13.77 13.79
CA GLN E 139 49.94 14.71 14.07
C GLN E 139 50.34 14.54 15.54
N LEU E 140 50.90 13.37 15.85
CA LEU E 140 51.34 13.03 17.21
C LEU E 140 52.11 14.17 17.88
N GLU E 141 52.81 14.99 17.09
CA GLU E 141 53.58 16.10 17.64
C GLU E 141 52.69 17.12 18.33
N GLN E 142 51.50 17.34 17.79
CA GLN E 142 50.59 18.38 18.29
C GLN E 142 49.88 17.90 19.53
N LEU E 143 50.04 18.64 20.61
CA LEU E 143 49.38 18.38 21.87
C LEU E 143 48.05 19.10 21.89
N LEU E 144 46.95 18.35 21.99
CA LEU E 144 45.63 18.97 22.07
C LEU E 144 45.36 19.52 23.47
N LEU E 145 45.54 18.67 24.48
CA LEU E 145 45.18 19.00 25.84
C LEU E 145 46.03 18.23 26.83
N ARG E 146 46.44 18.89 27.88
CA ARG E 146 47.19 18.36 29.01
C ARG E 146 47.01 19.32 30.17
N PRO E 147 46.37 18.90 31.27
CA PRO E 147 46.15 19.81 32.38
C PRO E 147 47.47 20.31 32.94
N GLU E 148 47.51 21.61 33.29
CA GLU E 148 48.75 22.29 33.61
C GLU E 148 49.19 22.00 35.04
N ARG E 149 48.24 21.85 35.95
CA ARG E 149 48.53 21.51 37.36
C ARG E 149 47.55 20.42 37.79
N PRO E 150 47.93 19.14 37.69
CA PRO E 150 46.96 18.07 37.89
C PRO E 150 46.73 17.75 39.37
N GLY E 151 45.49 17.34 39.66
CA GLY E 151 45.05 17.13 41.02
C GLY E 151 45.04 15.66 41.44
N ASP E 152 44.46 15.43 42.61
CA ASP E 152 44.43 14.11 43.24
C ASP E 152 43.35 13.21 42.65
N THR E 153 42.41 13.76 41.88
CA THR E 153 41.48 12.93 41.14
C THR E 153 41.81 12.92 39.65
N GLN E 154 43.06 13.23 39.29
CA GLN E 154 43.52 13.18 37.91
C GLN E 154 44.77 12.32 37.76
N TYR E 155 45.03 11.44 38.73
CA TYR E 155 46.04 10.40 38.61
C TYR E 155 45.35 9.14 38.10
N VAL E 156 45.61 8.78 36.84
CA VAL E 156 44.85 7.78 36.12
C VAL E 156 45.58 6.44 36.09
N ALA E 157 46.67 6.39 35.34
CA ALA E 157 47.33 5.13 35.12
C ALA E 157 48.04 4.65 36.39
N ALA E 158 48.31 3.36 36.43
CA ALA E 158 49.24 2.85 37.41
C ALA E 158 50.59 3.52 37.24
N ASN E 159 51.22 3.88 38.35
CA ASN E 159 52.52 4.53 38.33
C ASN E 159 53.64 3.56 38.65
N ASP E 160 53.48 2.30 38.23
CA ASP E 160 54.44 1.25 38.39
C ASP E 160 54.30 0.52 37.07
N PRO E 161 55.40 0.24 36.37
CA PRO E 161 55.29 -0.53 35.12
C PRO E 161 54.85 -1.97 35.32
N ALA E 162 55.07 -2.53 36.51
CA ALA E 162 54.67 -3.92 36.71
C ALA E 162 53.15 -4.09 36.71
N VAL E 163 52.41 -3.06 37.13
CA VAL E 163 50.95 -3.08 37.14
C VAL E 163 50.42 -2.56 35.79
N SER E 164 49.18 -2.92 35.48
CA SER E 164 48.56 -2.71 34.18
C SER E 164 47.45 -1.69 34.27
N THR E 165 47.24 -0.95 33.20
CA THR E 165 46.10 -0.05 33.06
C THR E 165 45.38 -0.44 31.79
N VAL E 166 44.06 -0.53 31.87
CA VAL E 166 43.22 -0.82 30.70
C VAL E 166 42.19 0.29 30.64
N GLY E 167 41.65 0.51 29.46
CA GLY E 167 40.74 1.63 29.35
C GLY E 167 39.84 1.51 28.15
N LEU E 168 38.77 2.31 28.19
CA LEU E 168 37.71 2.29 27.19
C LEU E 168 37.17 3.70 27.01
N VAL E 169 37.02 4.13 25.76
CA VAL E 169 36.48 5.46 25.45
C VAL E 169 35.00 5.29 25.10
N ALA E 170 34.19 6.22 25.58
CA ALA E 170 32.75 6.12 25.46
C ALA E 170 32.16 7.50 25.67
N GLN E 171 30.83 7.55 25.70
CA GLN E 171 30.07 8.81 25.71
C GLN E 171 29.12 8.80 26.89
N GLY E 172 28.93 9.97 27.47
CA GLY E 172 28.12 10.17 28.65
C GLY E 172 26.72 10.65 28.34
N LEU E 173 26.11 11.32 29.31
CA LEU E 173 24.71 11.71 29.16
C LEU E 173 24.54 12.85 28.17
N ALA E 174 25.52 13.74 28.12
CA ALA E 174 25.51 14.86 27.19
C ALA E 174 26.34 14.58 25.95
N GLY E 175 26.56 13.30 25.63
CA GLY E 175 27.46 12.91 24.56
C GLY E 175 28.91 13.21 24.83
N GLU E 176 29.27 13.56 26.06
CA GLU E 176 30.63 13.98 26.36
C GLU E 176 31.59 12.78 26.36
N PRO E 177 32.81 12.96 25.88
CA PRO E 177 33.82 11.88 25.95
C PRO E 177 34.09 11.46 27.38
N LEU E 178 34.03 10.16 27.62
CA LEU E 178 34.34 9.59 28.92
C LEU E 178 35.43 8.53 28.76
N LEU E 179 36.23 8.39 29.81
CA LEU E 179 37.33 7.44 29.85
C LEU E 179 37.14 6.52 31.05
N PHE E 180 36.75 5.27 30.78
CA PHE E 180 36.68 4.25 31.81
C PHE E 180 38.08 3.66 32.00
N VAL E 181 38.57 3.67 33.23
CA VAL E 181 39.95 3.26 33.47
C VAL E 181 39.94 2.10 34.46
N GLY E 182 40.67 1.05 34.12
CA GLY E 182 40.86 -0.04 35.04
C GLY E 182 42.26 0.00 35.58
N ARG E 183 42.41 0.43 36.83
CA ARG E 183 43.71 0.66 37.44
C ARG E 183 43.98 -0.41 38.48
N GLY E 184 45.00 -1.24 38.24
CA GLY E 184 45.41 -2.20 39.23
C GLY E 184 45.98 -1.55 40.48
N TYR E 185 46.12 -2.38 41.51
CA TYR E 185 46.64 -1.93 42.79
C TYR E 185 48.14 -1.68 42.69
N THR E 186 48.60 -0.59 43.30
CA THR E 186 50.01 -0.21 43.27
C THR E 186 50.55 -0.07 44.68
N SER E 187 51.86 -0.20 44.81
CA SER E 187 52.46 -0.51 46.11
C SER E 187 52.84 0.69 46.95
N ARG E 188 53.23 1.83 46.35
CA ARG E 188 53.93 2.82 47.18
C ARG E 188 53.60 4.25 46.74
N GLY E 189 52.45 4.77 47.17
CA GLY E 189 52.08 6.12 46.78
C GLY E 189 51.18 6.86 47.74
N GLY E 193 45.32 3.40 46.17
CA GLY E 193 44.82 4.71 46.56
C GLY E 193 43.74 5.22 45.62
N ILE E 194 44.04 5.21 44.33
CA ILE E 194 43.03 5.54 43.31
C ILE E 194 42.01 4.41 43.23
N PRO E 195 40.72 4.69 43.04
CA PRO E 195 39.75 3.59 42.82
C PRO E 195 40.20 2.69 41.70
N PRO E 196 39.88 1.39 41.75
CA PRO E 196 40.36 0.48 40.70
C PRO E 196 39.62 0.67 39.38
N ILE E 197 38.40 1.18 39.41
CA ILE E 197 37.65 1.53 38.21
C ILE E 197 37.07 2.92 38.40
N THR E 198 37.29 3.80 37.42
CA THR E 198 36.80 5.17 37.48
C THR E 198 36.27 5.59 36.11
N THR E 199 35.31 6.51 36.13
CA THR E 199 34.79 7.15 34.93
C THR E 199 35.26 8.60 34.91
N ARG E 200 36.03 8.97 33.89
CA ARG E 200 36.72 10.26 33.87
C ARG E 200 36.30 11.06 32.65
N ALA E 201 36.23 12.38 32.81
CA ALA E 201 35.87 13.26 31.71
C ALA E 201 37.10 13.57 30.85
N LEU E 202 36.93 13.44 29.54
CA LEU E 202 38.03 13.71 28.64
C LEU E 202 38.02 15.15 28.16
N TRP E 203 36.85 15.79 28.16
CA TRP E 203 36.69 17.11 27.58
C TRP E 203 35.72 17.93 28.40
N PRO E 204 36.07 18.22 29.66
CA PRO E 204 35.15 18.95 30.55
C PRO E 204 35.02 20.41 30.13
N PRO E 205 33.93 21.07 30.55
CA PRO E 205 33.81 22.51 30.28
C PRO E 205 35.08 23.28 30.61
N ASP E 206 35.62 23.07 31.80
CA ASP E 206 36.92 23.60 32.17
C ASP E 206 37.99 22.63 31.69
N PRO E 207 38.77 22.95 30.66
CA PRO E 207 39.71 21.95 30.14
C PRO E 207 40.77 21.53 31.15
N GLN E 208 41.12 22.40 32.12
CA GLN E 208 42.04 22.01 33.19
C GLN E 208 41.52 20.88 34.07
N ALA E 209 40.22 20.56 33.99
CA ALA E 209 39.64 19.46 34.76
C ALA E 209 39.68 18.14 34.01
N ALA E 210 40.33 18.10 32.85
CA ALA E 210 40.38 16.89 32.05
C ALA E 210 40.95 15.74 32.85
N PHE E 211 40.46 14.54 32.57
CA PHE E 211 40.90 13.27 33.12
C PHE E 211 40.44 13.06 34.57
N SER E 212 39.72 14.01 35.16
CA SER E 212 39.22 13.79 36.51
C SER E 212 37.86 13.10 36.49
N TYR E 213 37.50 12.54 37.64
CA TYR E 213 36.19 11.94 37.83
C TYR E 213 35.45 12.68 38.91
N GLU E 214 34.14 12.81 38.73
CA GLU E 214 33.28 13.26 39.81
C GLU E 214 33.40 12.30 40.98
N GLU E 215 33.13 12.83 42.18
CA GLU E 215 33.40 12.11 43.43
C GLU E 215 32.66 10.78 43.52
N THR E 216 31.48 10.67 42.91
CA THR E 216 30.72 9.45 43.00
C THR E 216 30.94 8.51 41.81
N ALA E 217 31.63 8.94 40.77
CA ALA E 217 31.75 8.13 39.54
C ALA E 217 32.96 7.21 39.64
N LYS E 218 32.89 6.29 40.61
CA LYS E 218 33.98 5.37 40.90
C LYS E 218 33.41 4.12 41.53
N LEU E 219 34.20 3.06 41.53
CA LEU E 219 33.94 1.86 42.31
C LEU E 219 34.71 1.99 43.62
N ALA E 220 33.99 2.26 44.71
CA ALA E 220 34.61 2.43 46.02
C ALA E 220 34.98 1.05 46.62
N VAL E 221 36.22 0.92 47.08
CA VAL E 221 36.77 -0.38 47.49
C VAL E 221 37.69 -0.16 48.68
N GLY E 222 37.25 -0.62 49.86
CA GLY E 222 37.97 -0.43 51.11
C GLY E 222 39.27 -1.19 51.24
N ARG E 223 39.21 -2.52 51.23
CA ARG E 223 40.41 -3.31 51.48
C ARG E 223 41.23 -3.48 50.21
N LEU E 224 41.43 -2.39 49.50
CA LEU E 224 42.00 -2.42 48.15
C LEU E 224 43.24 -3.30 48.05
N SER E 225 44.09 -3.29 49.09
CA SER E 225 45.34 -4.04 49.01
C SER E 225 45.10 -5.54 48.95
N GLU E 226 44.00 -6.01 49.53
CA GLU E 226 43.76 -7.44 49.59
C GLU E 226 43.27 -7.97 48.26
N TYR E 227 42.23 -7.34 47.71
CA TYR E 227 41.71 -7.76 46.41
C TYR E 227 42.80 -7.75 45.35
N SER E 228 43.60 -6.68 45.30
CA SER E 228 44.79 -6.64 44.46
C SER E 228 44.44 -6.92 42.99
N HIS E 229 43.51 -6.12 42.46
CA HIS E 229 43.09 -6.23 41.08
C HIS E 229 44.28 -6.25 40.13
N HIS E 230 44.19 -7.10 39.11
CA HIS E 230 45.02 -7.04 37.91
C HIS E 230 44.06 -7.07 36.74
N PHE E 231 44.03 -5.99 35.95
CA PHE E 231 43.09 -5.88 34.85
C PHE E 231 43.73 -6.48 33.60
N VAL E 232 42.90 -7.03 32.74
CA VAL E 232 43.35 -7.68 31.51
C VAL E 232 42.89 -6.93 30.28
N SER E 233 41.66 -6.43 30.30
CA SER E 233 41.07 -5.80 29.14
C SER E 233 39.83 -5.06 29.62
N ALA E 234 39.21 -4.34 28.69
CA ALA E 234 38.00 -3.57 28.96
C ALA E 234 37.35 -3.27 27.62
N PHE E 235 36.09 -3.62 27.46
CA PHE E 235 35.40 -3.48 26.18
C PHE E 235 34.00 -2.95 26.42
N ALA E 236 33.44 -2.32 25.40
CA ALA E 236 32.07 -1.84 25.46
C ALA E 236 31.17 -2.80 24.71
N ARG E 237 29.92 -2.88 25.16
CA ARG E 237 28.91 -3.61 24.41
C ARG E 237 27.55 -3.09 24.84
N GLY E 238 26.66 -2.86 23.86
CA GLY E 238 25.37 -2.26 24.16
C GLY E 238 25.57 -0.94 24.87
N ALA E 239 24.84 -0.75 25.96
CA ALA E 239 24.96 0.47 26.75
C ALA E 239 25.76 0.27 28.02
N SER E 240 26.70 -0.68 28.02
CA SER E 240 27.47 -0.99 29.21
C SER E 240 28.93 -1.15 28.87
N ALA E 241 29.77 -0.93 29.87
CA ALA E 241 31.20 -1.19 29.82
C ALA E 241 31.50 -2.45 30.61
N TYR E 242 32.44 -3.27 30.12
CA TYR E 242 32.81 -4.51 30.79
C TYR E 242 34.29 -4.51 31.10
N PHE E 243 34.65 -5.17 32.20
CA PHE E 243 36.02 -5.28 32.68
C PHE E 243 36.37 -6.73 33.02
N LEU E 244 37.45 -7.24 32.47
CA LEU E 244 37.99 -8.55 32.78
C LEU E 244 39.24 -8.39 33.64
N PHE E 245 39.29 -9.07 34.79
CA PHE E 245 40.41 -8.90 35.71
C PHE E 245 40.59 -10.11 36.60
N LEU E 246 41.67 -10.08 37.38
CA LEU E 246 41.95 -11.01 38.47
C LEU E 246 41.90 -10.27 39.79
N ARG E 247 41.38 -10.92 40.82
CA ARG E 247 41.48 -10.39 42.18
C ARG E 247 41.38 -11.58 43.13
N ARG E 248 41.71 -11.33 44.39
CA ARG E 248 41.57 -12.34 45.43
C ARG E 248 40.10 -12.48 45.78
N ASP E 249 39.67 -13.72 45.97
CA ASP E 249 38.30 -13.98 46.35
C ASP E 249 38.26 -13.96 47.87
N LEU E 250 37.93 -12.79 48.44
CA LEU E 250 37.86 -12.70 49.89
C LEU E 250 36.70 -13.50 50.49
N GLN E 251 35.69 -13.86 49.68
CA GLN E 251 34.67 -14.79 50.16
C GLN E 251 35.17 -16.23 50.21
N ALA E 252 36.02 -16.63 49.27
CA ALA E 252 36.71 -17.91 49.35
C ALA E 252 37.80 -17.81 50.40
N GLN E 253 37.90 -18.81 51.27
CA GLN E 253 38.94 -18.71 52.27
C GLN E 253 40.23 -19.40 51.84
N SER E 254 40.39 -19.66 50.55
CA SER E 254 41.73 -19.79 50.00
C SER E 254 42.37 -18.41 49.85
N ARG E 255 41.55 -17.36 49.75
CA ARG E 255 42.00 -16.01 49.41
C ARG E 255 42.85 -16.02 48.14
N ALA E 256 42.58 -16.98 47.25
CA ALA E 256 43.37 -17.11 46.03
C ALA E 256 42.86 -16.17 44.96
N PHE E 257 43.65 -16.05 43.89
CA PHE E 257 43.27 -15.18 42.80
C PHE E 257 42.30 -15.88 41.86
N ARG E 258 41.28 -15.13 41.45
CA ARG E 258 40.19 -15.63 40.64
C ARG E 258 39.87 -14.63 39.53
N ALA E 259 39.36 -15.14 38.41
CA ALA E 259 39.00 -14.30 37.28
C ALA E 259 37.55 -13.88 37.36
N TYR E 260 37.29 -12.63 36.94
CA TYR E 260 35.97 -12.01 36.96
C TYR E 260 35.77 -11.19 35.70
N VAL E 261 34.52 -11.11 35.26
CA VAL E 261 34.07 -10.06 34.35
C VAL E 261 33.09 -9.18 35.14
N SER E 262 33.13 -7.88 34.91
CA SER E 262 32.18 -6.98 35.51
C SER E 262 31.56 -6.11 34.43
N ARG E 263 30.42 -5.52 34.77
CA ARG E 263 29.57 -4.80 33.84
C ARG E 263 29.00 -3.57 34.54
N VAL E 264 29.06 -2.40 33.88
CA VAL E 264 28.47 -1.18 34.44
C VAL E 264 27.81 -0.40 33.32
N CYS E 265 26.65 0.19 33.61
CA CYS E 265 25.98 1.03 32.64
C CYS E 265 26.89 2.15 32.20
N LEU E 266 26.88 2.46 30.89
CA LEU E 266 27.77 3.49 30.37
C LEU E 266 27.48 4.84 31.01
N ARG E 267 26.19 5.18 31.16
CA ARG E 267 25.76 6.44 31.76
C ARG E 267 25.29 6.24 33.19
N ASP E 268 26.07 5.54 33.99
CA ASP E 268 25.85 5.42 35.42
C ASP E 268 26.95 6.22 36.10
N GLN E 269 26.57 7.38 36.64
CA GLN E 269 27.52 8.27 37.29
C GLN E 269 27.79 7.92 38.74
N HIS E 270 27.10 6.93 39.30
CA HIS E 270 27.32 6.52 40.68
C HIS E 270 27.68 5.03 40.83
N TYR E 271 27.81 4.30 39.73
CA TYR E 271 28.18 2.87 39.75
C TYR E 271 27.13 2.03 40.47
N TYR E 272 25.86 2.41 40.30
CA TYR E 272 24.75 1.70 40.91
C TYR E 272 24.56 0.32 40.27
N SER E 273 24.73 0.25 38.96
CA SER E 273 24.50 -0.93 38.15
C SER E 273 25.69 -1.86 38.12
N TYR E 274 26.72 -1.55 38.89
CA TYR E 274 27.92 -2.38 38.84
C TYR E 274 27.62 -3.80 39.31
N VAL E 275 28.21 -4.78 38.64
CA VAL E 275 27.97 -6.18 38.95
C VAL E 275 29.18 -7.00 38.53
N GLU E 276 29.51 -8.02 39.35
CA GLU E 276 30.65 -8.91 39.13
C GLU E 276 30.20 -10.36 39.09
N LEU E 277 30.74 -11.14 38.14
CA LEU E 277 30.62 -12.58 37.98
C LEU E 277 32.00 -13.21 37.97
N PRO E 278 32.21 -14.32 38.68
CA PRO E 278 33.43 -15.11 38.47
C PRO E 278 33.40 -15.87 37.14
N LEU E 279 34.56 -15.94 36.49
CA LEU E 279 34.78 -16.82 35.35
C LEU E 279 35.46 -18.10 35.81
N ALA E 280 34.87 -19.25 35.47
CA ALA E 280 35.43 -20.56 35.81
C ALA E 280 35.83 -21.29 34.53
N CYS E 281 37.12 -21.26 34.20
CA CYS E 281 37.68 -22.06 33.11
C CYS E 281 38.09 -23.41 33.71
N GLU E 282 37.38 -24.45 33.31
CA GLU E 282 37.40 -25.75 33.99
C GLU E 282 37.21 -25.56 35.49
N GLY E 283 36.08 -24.97 35.82
CA GLY E 283 35.69 -24.71 37.19
C GLY E 283 36.68 -23.80 37.87
N GLY E 284 37.47 -23.07 37.08
CA GLY E 284 38.50 -22.24 37.60
C GLY E 284 39.81 -22.95 37.84
N ARG E 285 39.90 -24.25 37.52
CA ARG E 285 41.17 -24.95 37.57
C ARG E 285 42.27 -24.14 36.90
N TYR E 286 41.97 -23.53 35.75
CA TYR E 286 42.80 -22.46 35.20
C TYR E 286 42.28 -21.16 35.81
N GLY E 287 42.99 -20.68 36.83
CA GLY E 287 42.51 -19.54 37.57
C GLY E 287 42.82 -18.19 36.95
N LEU E 288 44.04 -18.02 36.41
CA LEU E 288 44.61 -16.71 36.07
C LEU E 288 44.35 -16.32 34.62
N ILE E 289 43.31 -15.50 34.38
CA ILE E 289 43.01 -14.99 33.06
C ILE E 289 44.13 -14.08 32.57
N GLN E 290 44.40 -14.10 31.27
CA GLN E 290 45.58 -13.43 30.73
C GLN E 290 45.25 -12.51 29.56
N ALA E 291 44.33 -12.93 28.70
CA ALA E 291 44.02 -12.24 27.47
C ALA E 291 42.61 -12.66 27.08
N ALA E 292 41.98 -11.83 26.25
CA ALA E 292 40.64 -12.17 25.81
C ALA E 292 40.30 -11.31 24.62
N ALA E 293 39.70 -11.93 23.62
CA ALA E 293 39.28 -11.24 22.41
C ALA E 293 37.96 -11.81 21.94
N VAL E 294 37.34 -11.08 21.04
CA VAL E 294 36.12 -11.49 20.37
C VAL E 294 36.44 -11.63 18.88
N ALA E 295 35.69 -12.48 18.19
CA ALA E 295 35.79 -12.58 16.75
C ALA E 295 35.71 -11.20 16.09
N THR E 296 36.71 -10.87 15.29
CA THR E 296 36.72 -9.66 14.47
C THR E 296 37.10 -10.04 13.05
N SER E 297 36.23 -9.76 12.09
CA SER E 297 36.44 -10.23 10.73
C SER E 297 35.68 -9.29 9.81
N ARG E 298 35.79 -9.51 8.50
CA ARG E 298 35.00 -8.67 7.62
C ARG E 298 33.52 -9.04 7.73
N GLU E 299 33.24 -10.34 7.84
CA GLU E 299 31.85 -10.81 8.00
C GLU E 299 31.19 -10.14 9.18
N VAL E 300 31.81 -10.23 10.36
CA VAL E 300 31.25 -9.72 11.61
C VAL E 300 32.31 -8.88 12.29
N ALA E 301 32.00 -7.61 12.55
CA ALA E 301 32.98 -6.71 13.13
C ALA E 301 33.37 -7.13 14.53
N HIS E 302 32.39 -7.39 15.39
CA HIS E 302 32.63 -7.87 16.75
C HIS E 302 31.60 -8.94 17.06
N GLY E 303 32.08 -10.17 17.27
CA GLY E 303 31.21 -11.29 17.56
C GLY E 303 30.70 -11.32 18.99
N GLU E 304 29.83 -12.29 19.26
CA GLU E 304 29.17 -12.40 20.55
C GLU E 304 29.85 -13.36 21.51
N VAL E 305 30.99 -13.91 21.16
CA VAL E 305 31.68 -14.87 22.02
C VAL E 305 33.03 -14.28 22.44
N LEU E 306 33.21 -14.15 23.76
CA LEU E 306 34.51 -13.86 24.37
C LEU E 306 35.37 -15.13 24.45
N PHE E 307 36.50 -15.15 23.77
CA PHE E 307 37.46 -16.24 23.86
C PHE E 307 38.62 -15.79 24.76
N ALA E 308 38.76 -16.42 25.92
CA ALA E 308 39.74 -15.97 26.89
C ALA E 308 40.78 -17.06 27.15
N ALA E 309 42.04 -16.65 27.25
CA ALA E 309 43.11 -17.57 27.60
C ALA E 309 43.34 -17.53 29.11
N PHE E 310 43.49 -18.70 29.73
CA PHE E 310 43.71 -18.80 31.16
C PHE E 310 44.97 -19.61 31.45
N SER E 311 45.69 -19.20 32.49
CA SER E 311 46.88 -19.91 32.95
C SER E 311 46.66 -20.44 34.35
N SER E 312 47.33 -21.55 34.66
CA SER E 312 47.26 -22.13 36.00
C SER E 312 48.36 -21.54 36.87
N ALA E 313 48.04 -21.36 38.15
CA ALA E 313 48.95 -20.83 39.16
C ALA E 313 49.94 -21.90 39.63
N GLY E 330 53.20 -25.66 34.49
CA GLY E 330 51.95 -24.95 34.33
C GLY E 330 51.46 -24.96 32.90
N ALA E 331 50.14 -24.84 32.70
CA ALA E 331 49.55 -25.00 31.38
C ALA E 331 48.62 -23.83 31.08
N SER E 332 48.19 -23.76 29.82
CA SER E 332 47.24 -22.75 29.38
C SER E 332 46.00 -23.43 28.81
N ALA E 333 44.94 -22.65 28.72
CA ALA E 333 43.69 -23.12 28.19
C ALA E 333 43.02 -21.94 27.49
N LEU E 334 42.23 -22.25 26.48
CA LEU E 334 41.36 -21.25 25.86
C LEU E 334 39.93 -21.65 26.16
N CYS E 335 39.23 -20.81 26.91
CA CYS E 335 37.84 -21.01 27.24
C CYS E 335 37.00 -20.02 26.46
N ALA E 336 35.71 -20.32 26.27
CA ALA E 336 34.80 -19.47 25.51
C ALA E 336 33.57 -19.11 26.33
N PHE E 337 33.29 -17.82 26.46
CA PHE E 337 32.14 -17.32 27.20
C PHE E 337 31.22 -16.53 26.30
N PRO E 338 30.06 -17.07 25.92
CA PRO E 338 29.07 -16.26 25.20
C PRO E 338 28.67 -15.03 26.01
N LEU E 339 28.66 -13.87 25.34
CA LEU E 339 28.33 -12.62 26.02
C LEU E 339 26.87 -12.57 26.45
N ASP E 340 25.99 -13.24 25.72
CA ASP E 340 24.62 -13.33 26.19
C ASP E 340 24.54 -14.09 27.52
N GLU E 341 25.35 -15.14 27.69
CA GLU E 341 25.37 -15.83 28.98
C GLU E 341 25.94 -14.94 30.07
N VAL E 342 27.04 -14.22 29.77
CA VAL E 342 27.52 -13.17 30.66
C VAL E 342 26.37 -12.25 31.06
N ASP E 343 25.65 -11.72 30.07
CA ASP E 343 24.58 -10.78 30.37
C ASP E 343 23.40 -11.45 31.07
N ARG E 344 23.09 -12.70 30.74
CA ARG E 344 22.04 -13.41 31.45
C ARG E 344 22.35 -13.55 32.93
N LEU E 345 23.52 -14.09 33.27
CA LEU E 345 23.86 -14.32 34.67
C LEU E 345 24.01 -13.00 35.44
N ALA E 346 24.61 -11.98 34.84
CA ALA E 346 24.67 -10.69 35.52
C ALA E 346 23.27 -10.14 35.76
N ASN E 347 22.39 -10.26 34.76
CA ASN E 347 20.99 -9.85 34.95
C ASN E 347 20.32 -10.65 36.05
N ARG E 348 20.63 -11.95 36.16
CA ARG E 348 20.05 -12.74 37.24
C ARG E 348 20.59 -12.31 38.59
N THR E 349 21.89 -12.07 38.70
CA THR E 349 22.46 -11.53 39.94
C THR E 349 21.70 -10.28 40.37
N ARG E 350 21.57 -9.32 39.45
CA ARG E 350 20.92 -8.04 39.76
C ARG E 350 19.46 -8.23 40.17
N ASP E 351 18.72 -9.09 39.47
CA ASP E 351 17.30 -9.28 39.81
C ASP E 351 17.13 -10.01 41.12
N ALA E 352 17.95 -11.01 41.39
CA ALA E 352 17.85 -11.68 42.67
C ALA E 352 18.20 -10.73 43.80
N CYS E 353 19.29 -9.98 43.62
CA CYS E 353 19.73 -9.03 44.65
C CYS E 353 18.75 -7.88 44.84
N TYR E 354 17.94 -7.53 43.84
CA TYR E 354 16.98 -6.45 44.04
C TYR E 354 15.70 -6.92 44.73
N THR E 355 15.17 -8.08 44.34
CA THR E 355 13.80 -8.44 44.69
C THR E 355 13.67 -9.64 45.62
N ARG E 356 14.73 -10.44 45.80
CA ARG E 356 14.61 -11.65 46.61
C ARG E 356 15.76 -11.83 47.59
N GLU E 357 16.42 -10.74 48.00
CA GLU E 357 17.48 -10.80 49.00
C GLU E 357 18.67 -11.61 48.52
N GLY E 358 18.96 -11.59 47.22
CA GLY E 358 20.07 -12.29 46.66
C GLY E 358 19.89 -13.79 46.61
N ARG E 359 18.67 -14.27 46.78
CA ARG E 359 18.39 -15.68 46.84
C ARG E 359 17.54 -16.09 45.65
N ALA E 360 17.69 -17.35 45.25
CA ALA E 360 16.86 -17.94 44.23
C ALA E 360 15.55 -18.42 44.83
N GLU E 361 14.61 -18.84 43.98
CA GLU E 361 13.27 -19.17 44.47
C GLU E 361 13.30 -20.29 45.51
N ASP E 362 14.20 -21.28 45.37
CA ASP E 362 14.33 -22.35 46.35
C ASP E 362 15.18 -21.95 47.56
N GLY E 363 15.57 -20.66 47.65
CA GLY E 363 16.35 -20.18 48.78
C GLY E 363 17.86 -20.29 48.62
N THR E 364 18.33 -20.81 47.49
CA THR E 364 19.77 -20.83 47.24
C THR E 364 20.31 -19.40 47.15
N GLU E 365 21.46 -19.16 47.75
CA GLU E 365 22.05 -17.83 47.69
C GLU E 365 22.81 -17.66 46.39
N VAL E 366 22.42 -16.67 45.57
CA VAL E 366 23.06 -16.43 44.28
C VAL E 366 23.78 -15.09 44.21
N ALA E 367 23.43 -14.09 45.01
CA ALA E 367 23.98 -12.75 44.87
C ALA E 367 24.23 -12.14 46.24
N TYR E 368 25.21 -11.24 46.31
CA TYR E 368 25.63 -10.61 47.56
C TYR E 368 26.32 -9.28 47.25
N ILE E 369 26.61 -8.51 48.30
CA ILE E 369 27.19 -7.18 48.13
C ILE E 369 28.70 -7.28 48.32
N GLU E 370 29.46 -6.91 47.30
CA GLU E 370 30.90 -7.13 47.33
C GLU E 370 31.66 -5.98 48.01
N TYR E 371 32.97 -6.16 48.11
CA TYR E 371 33.92 -5.12 48.54
C TYR E 371 33.48 -4.49 49.85
N ASP E 372 32.84 -5.28 50.71
CA ASP E 372 32.54 -4.91 52.10
C ASP E 372 31.75 -3.63 52.23
N VAL E 373 30.95 -3.30 51.25
CA VAL E 373 30.15 -2.08 51.31
C VAL E 373 28.96 -2.28 52.24
N ASN E 374 28.62 -1.22 52.98
CA ASN E 374 27.44 -1.22 53.84
C ASN E 374 26.17 -1.25 52.99
N SER E 375 25.76 -2.45 52.61
CA SER E 375 24.57 -2.67 51.81
C SER E 375 24.26 -4.15 51.79
N ASP E 376 22.98 -4.47 51.59
CA ASP E 376 22.53 -5.84 51.42
C ASP E 376 21.56 -5.91 50.26
N CYS E 377 21.47 -7.09 49.67
CA CYS E 377 20.38 -7.36 48.74
C CYS E 377 19.06 -7.12 49.44
N ALA E 378 18.04 -6.80 48.66
CA ALA E 378 16.82 -6.27 49.22
C ALA E 378 15.61 -7.06 48.73
N GLN E 379 14.44 -6.65 49.20
CA GLN E 379 13.16 -7.14 48.72
C GLN E 379 12.43 -6.04 47.98
N LEU E 380 13.12 -5.37 47.05
CA LEU E 380 12.49 -4.29 46.31
C LEU E 380 11.35 -4.85 45.46
N PRO E 381 10.33 -4.03 45.16
CA PRO E 381 9.24 -4.54 44.33
C PRO E 381 9.75 -4.80 42.93
N VAL E 382 9.34 -5.92 42.33
CA VAL E 382 9.53 -6.04 40.90
C VAL E 382 8.83 -4.83 40.30
N ASP E 383 9.39 -4.32 39.20
CA ASP E 383 9.04 -3.07 38.51
C ASP E 383 10.09 -2.02 38.84
N THR E 384 10.79 -2.18 39.98
CA THR E 384 12.02 -1.39 40.19
C THR E 384 12.97 -1.58 39.03
N LEU E 385 13.11 -2.82 38.57
CA LEU E 385 14.00 -3.12 37.46
C LEU E 385 13.63 -2.31 36.23
N ASP E 386 12.32 -2.15 35.96
CA ASP E 386 11.89 -1.41 34.78
C ASP E 386 12.18 0.08 34.91
N ALA E 387 12.00 0.65 36.11
CA ALA E 387 12.19 2.08 36.29
C ALA E 387 13.64 2.47 36.55
N TYR E 388 14.48 1.54 37.01
CA TYR E 388 15.88 1.82 37.31
C TYR E 388 16.73 0.64 36.85
N PRO E 389 16.87 0.46 35.52
CA PRO E 389 17.69 -0.66 35.05
C PRO E 389 19.14 -0.52 35.47
N CYS E 390 19.63 0.72 35.56
CA CYS E 390 20.99 1.01 36.00
C CYS E 390 21.08 1.36 37.48
N GLY E 391 19.98 1.25 38.22
CA GLY E 391 19.99 1.44 39.65
C GLY E 391 19.60 2.85 40.07
N SER E 392 19.84 3.11 41.35
CA SER E 392 19.50 4.36 42.01
C SER E 392 20.20 4.35 43.36
N ASP E 393 20.00 5.42 44.12
CA ASP E 393 20.68 5.55 45.40
C ASP E 393 20.13 4.63 46.47
N HIS E 394 19.04 3.91 46.19
CA HIS E 394 18.41 3.02 47.15
C HIS E 394 18.52 1.54 46.78
N THR E 395 18.95 1.22 45.58
CA THR E 395 19.15 -0.14 45.13
C THR E 395 20.50 -0.68 45.61
N PRO E 396 20.62 -1.99 45.81
CA PRO E 396 21.87 -2.55 46.37
C PRO E 396 23.05 -2.44 45.40
N SER E 397 24.24 -2.18 45.96
CA SER E 397 25.48 -1.99 45.20
C SER E 397 26.72 -2.07 46.09
N PRO E 398 27.86 -2.60 45.61
CA PRO E 398 28.08 -3.26 44.32
C PRO E 398 27.63 -4.73 44.39
N MET E 399 27.20 -5.34 43.28
CA MET E 399 26.58 -6.66 43.31
C MET E 399 27.47 -7.70 42.66
N ALA E 400 27.47 -8.91 43.21
CA ALA E 400 28.34 -9.98 42.75
C ALA E 400 27.58 -11.30 42.78
N SER E 401 28.07 -12.28 42.02
CA SER E 401 27.38 -13.54 41.83
C SER E 401 28.07 -14.66 42.60
N ARG E 402 27.31 -15.39 43.39
CA ARG E 402 27.85 -16.57 44.05
C ARG E 402 28.17 -17.66 43.04
N VAL E 403 27.52 -17.63 41.88
CA VAL E 403 27.59 -18.70 40.89
C VAL E 403 28.52 -18.26 39.76
N PRO E 404 29.55 -19.04 39.42
CA PRO E 404 30.43 -18.63 38.33
C PRO E 404 29.79 -18.87 36.97
N LEU E 405 30.33 -18.20 35.97
CA LEU E 405 30.08 -18.57 34.59
C LEU E 405 31.14 -19.58 34.23
N GLU E 406 30.72 -20.66 33.57
CA GLU E 406 31.55 -21.84 33.40
C GLU E 406 31.85 -22.09 31.93
N ALA E 407 33.08 -22.50 31.63
CA ALA E 407 33.41 -22.89 30.26
C ALA E 407 34.31 -24.10 30.26
N THR E 408 33.96 -25.11 29.48
CA THR E 408 34.86 -26.24 29.28
C THR E 408 35.94 -25.82 28.29
N PRO E 409 37.20 -26.12 28.57
CA PRO E 409 38.26 -25.68 27.68
C PRO E 409 38.06 -26.19 26.26
N ILE E 410 38.13 -25.24 25.31
CA ILE E 410 38.23 -25.59 23.90
C ILE E 410 39.54 -26.31 23.64
N LEU E 411 40.62 -25.89 24.31
CA LEU E 411 41.93 -26.48 24.07
C LEU E 411 42.77 -26.36 25.34
N GLU E 412 43.73 -27.27 25.50
CA GLU E 412 44.61 -27.29 26.66
C GLU E 412 46.05 -27.59 26.22
N TRP E 413 46.95 -26.63 26.41
CA TRP E 413 48.34 -26.78 26.00
C TRP E 413 49.24 -26.86 27.22
N PRO E 414 49.90 -28.00 27.45
CA PRO E 414 50.57 -28.21 28.75
C PRO E 414 51.82 -27.37 28.97
N GLY E 415 52.66 -27.18 27.97
CA GLY E 415 53.93 -26.52 28.22
C GLY E 415 53.96 -25.02 27.98
N ILE E 416 52.81 -24.37 27.82
CA ILE E 416 52.75 -23.06 27.20
C ILE E 416 51.99 -22.10 28.11
N GLN E 417 52.41 -20.82 28.10
CA GLN E 417 51.81 -19.76 28.93
C GLN E 417 51.27 -18.66 28.01
N LEU E 418 49.96 -18.67 27.77
CA LEU E 418 49.38 -17.76 26.79
C LEU E 418 49.33 -16.33 27.31
N THR E 419 49.65 -15.38 26.42
CA THR E 419 49.65 -13.98 26.81
C THR E 419 48.78 -13.09 25.95
N ALA E 420 48.35 -13.54 24.77
CA ALA E 420 47.58 -12.72 23.83
C ALA E 420 46.63 -13.58 23.01
N VAL E 421 45.47 -13.00 22.68
CA VAL E 421 44.42 -13.68 21.94
C VAL E 421 43.86 -12.74 20.89
N ALA E 422 43.73 -13.23 19.65
CA ALA E 422 42.94 -12.58 18.62
C ALA E 422 42.21 -13.68 17.88
N VAL E 423 41.05 -13.34 17.32
CA VAL E 423 40.19 -14.33 16.66
C VAL E 423 39.55 -13.66 15.45
N THR E 424 39.48 -14.39 14.32
CA THR E 424 38.82 -13.87 13.12
C THR E 424 38.08 -15.00 12.40
N MET E 425 37.49 -14.68 11.25
CA MET E 425 36.74 -15.65 10.47
C MET E 425 37.18 -15.61 9.01
N GLU E 426 37.58 -16.77 8.49
CA GLU E 426 37.87 -16.97 7.07
C GLU E 426 36.88 -17.97 6.51
N ASP E 427 36.03 -17.53 5.58
CA ASP E 427 35.09 -18.40 4.87
C ASP E 427 34.19 -19.16 5.84
N GLY E 428 33.78 -18.51 6.92
CA GLY E 428 32.96 -19.11 7.95
C GLY E 428 33.71 -19.80 9.08
N HIS E 429 35.00 -20.04 8.94
CA HIS E 429 35.77 -20.80 9.91
C HIS E 429 36.42 -19.86 10.91
N THR E 430 36.13 -20.09 12.20
CA THR E 430 36.72 -19.28 13.26
C THR E 430 38.14 -19.76 13.52
N ILE E 431 39.07 -18.81 13.50
CA ILE E 431 40.49 -19.07 13.63
C ILE E 431 41.06 -18.19 14.72
N ALA E 432 41.95 -18.77 15.52
CA ALA E 432 42.48 -18.15 16.73
C ALA E 432 43.96 -17.91 16.54
N PHE E 433 44.41 -16.70 16.83
CA PHE E 433 45.83 -16.37 16.89
C PHE E 433 46.18 -16.13 18.35
N LEU E 434 47.13 -16.91 18.85
CA LEU E 434 47.41 -17.01 20.27
C LEU E 434 48.91 -16.84 20.47
N GLY E 435 49.30 -16.00 21.42
CA GLY E 435 50.70 -15.76 21.72
C GLY E 435 51.04 -16.16 23.13
N ASP E 436 52.30 -16.57 23.34
CA ASP E 436 52.72 -17.09 24.63
C ASP E 436 53.95 -16.35 25.15
N SER E 437 54.24 -16.60 26.43
CA SER E 437 55.29 -15.88 27.12
C SER E 437 56.66 -16.05 26.48
N GLN E 438 56.83 -17.04 25.59
CA GLN E 438 58.10 -17.27 24.91
C GLN E 438 58.23 -16.52 23.60
N GLY E 439 57.30 -15.63 23.29
CA GLY E 439 57.40 -14.90 22.04
C GLY E 439 56.94 -15.65 20.83
N GLN E 440 56.16 -16.71 21.03
CA GLN E 440 55.63 -17.48 19.93
C GLN E 440 54.22 -17.00 19.63
N LEU E 441 53.81 -17.20 18.39
CA LEU E 441 52.46 -16.91 17.93
C LEU E 441 51.87 -18.18 17.34
N HIS E 442 50.68 -18.56 17.78
CA HIS E 442 50.06 -19.79 17.32
C HIS E 442 48.75 -19.50 16.61
N ARG E 443 48.48 -20.26 15.55
CA ARG E 443 47.20 -20.24 14.84
C ARG E 443 46.48 -21.56 15.08
N VAL E 444 45.20 -21.49 15.43
CA VAL E 444 44.40 -22.68 15.70
C VAL E 444 43.05 -22.56 15.03
N TYR E 445 42.68 -23.58 14.24
CA TYR E 445 41.31 -23.74 13.78
C TYR E 445 40.43 -24.13 14.96
N LEU E 446 39.24 -23.52 15.08
CA LEU E 446 38.37 -23.79 16.22
C LEU E 446 37.00 -24.35 15.83
N GLY E 447 36.77 -24.65 14.55
CA GLY E 447 35.47 -25.15 14.12
C GLY E 447 35.30 -26.63 14.39
N PRO E 448 34.14 -27.13 14.00
CA PRO E 448 33.83 -28.56 14.21
C PRO E 448 34.94 -29.46 13.67
N GLY E 449 35.28 -30.49 14.44
CA GLY E 449 36.26 -31.46 14.02
C GLY E 449 37.71 -31.01 13.98
N SER E 450 38.11 -30.12 14.89
CA SER E 450 39.50 -29.77 15.06
C SER E 450 40.03 -30.35 16.35
N ASP E 451 41.25 -30.87 16.32
CA ASP E 451 41.98 -31.00 17.57
C ASP E 451 42.39 -29.61 18.04
N GLY E 452 42.77 -29.51 19.30
CA GLY E 452 43.12 -28.20 19.81
C GLY E 452 44.56 -27.85 19.58
N HIS E 453 45.12 -28.28 18.45
CA HIS E 453 46.54 -28.14 18.20
C HIS E 453 46.80 -27.06 17.16
N PRO E 454 47.90 -26.31 17.28
CA PRO E 454 48.16 -25.23 16.32
C PRO E 454 48.64 -25.80 14.98
N TYR E 455 48.02 -25.34 13.89
CA TYR E 455 48.50 -25.76 12.58
C TYR E 455 49.74 -25.02 12.15
N SER E 456 50.08 -23.94 12.85
CA SER E 456 51.24 -23.12 12.52
C SER E 456 51.69 -22.40 13.78
N THR E 457 53.01 -22.37 13.97
CA THR E 457 53.62 -21.67 15.09
C THR E 457 54.86 -21.01 14.54
N GLN E 458 55.09 -19.75 14.92
CA GLN E 458 56.28 -19.03 14.51
C GLN E 458 56.82 -18.27 15.71
N SER E 459 58.10 -17.91 15.64
CA SER E 459 58.71 -17.11 16.69
C SER E 459 58.66 -15.63 16.34
N ILE E 460 58.11 -14.81 17.23
CA ILE E 460 58.10 -13.37 17.02
C ILE E 460 59.38 -12.77 17.58
N GLN E 461 59.58 -12.92 18.90
CA GLN E 461 60.83 -12.56 19.55
C GLN E 461 61.04 -13.56 20.69
N GLN E 462 61.96 -14.50 20.47
CA GLN E 462 62.16 -15.62 21.40
C GLN E 462 62.33 -15.12 22.84
N GLY E 463 61.57 -15.74 23.75
CA GLY E 463 61.74 -15.47 25.16
C GLY E 463 61.22 -14.15 25.66
N SER E 464 60.29 -13.51 24.93
CA SER E 464 59.70 -12.25 25.33
C SER E 464 58.21 -12.22 24.95
N ALA E 465 57.36 -11.90 25.92
CA ALA E 465 55.93 -12.16 25.81
C ALA E 465 55.30 -11.43 24.63
N VAL E 466 54.29 -12.05 24.03
CA VAL E 466 53.49 -11.37 23.01
C VAL E 466 52.47 -10.48 23.69
N SER E 467 52.38 -9.23 23.25
CA SER E 467 51.51 -8.28 23.90
C SER E 467 50.05 -8.65 23.66
N ARG E 468 49.20 -8.32 24.65
CA ARG E 468 47.75 -8.45 24.46
C ARG E 468 47.27 -7.69 23.23
N ASP E 469 47.91 -6.57 22.91
CA ASP E 469 47.36 -5.68 21.89
C ASP E 469 47.53 -6.28 20.49
N LEU E 470 47.00 -7.49 20.31
CA LEU E 470 46.91 -8.11 19.00
C LEU E 470 45.78 -7.45 18.23
N THR E 471 46.06 -7.01 17.00
CA THR E 471 45.02 -6.35 16.23
C THR E 471 45.23 -6.58 14.73
N PHE E 472 44.12 -6.80 14.04
CA PHE E 472 44.18 -6.94 12.59
C PHE E 472 44.22 -5.57 11.91
N ASP E 473 44.66 -5.57 10.65
CA ASP E 473 44.52 -4.42 9.79
C ASP E 473 43.07 -4.39 9.27
N GLY E 474 42.74 -3.36 8.49
CA GLY E 474 41.34 -3.11 8.15
C GLY E 474 40.73 -4.15 7.23
N THR E 475 41.50 -4.65 6.28
CA THR E 475 41.04 -5.71 5.39
C THR E 475 41.13 -7.09 6.04
N PHE E 476 41.61 -7.17 7.28
CA PHE E 476 41.80 -8.44 7.96
C PHE E 476 42.73 -9.37 7.18
N GLU E 477 43.68 -8.78 6.46
CA GLU E 477 44.68 -9.52 5.74
C GLU E 477 45.96 -9.71 6.52
N HIS E 478 46.09 -9.05 7.66
CA HIS E 478 47.34 -9.10 8.41
C HIS E 478 47.02 -8.97 9.89
N LEU E 479 47.99 -9.34 10.71
CA LEU E 479 47.91 -9.17 12.14
C LEU E 479 49.14 -8.40 12.62
N TYR E 480 48.92 -7.37 13.44
CA TYR E 480 50.03 -6.65 14.07
C TYR E 480 50.37 -7.35 15.38
N VAL E 481 51.56 -7.93 15.43
CA VAL E 481 52.00 -8.73 16.57
C VAL E 481 53.20 -8.04 17.19
N MET E 482 53.12 -7.78 18.48
CA MET E 482 54.12 -7.02 19.20
C MET E 482 54.77 -7.89 20.27
N THR E 483 56.05 -7.66 20.51
CA THR E 483 56.72 -8.07 21.73
C THR E 483 57.31 -6.82 22.38
N GLN E 484 58.10 -6.99 23.42
CA GLN E 484 58.72 -5.83 24.05
C GLN E 484 59.75 -5.15 23.15
N SER E 485 60.24 -5.84 22.11
CA SER E 485 61.31 -5.28 21.29
C SER E 485 60.96 -5.09 19.82
N THR E 486 59.92 -5.73 19.31
CA THR E 486 59.59 -5.55 17.91
C THR E 486 58.08 -5.51 17.70
N LEU E 487 57.66 -4.81 16.64
CA LEU E 487 56.32 -4.89 16.09
C LEU E 487 56.43 -5.51 14.69
N LEU E 488 55.46 -6.36 14.34
CA LEU E 488 55.57 -7.22 13.16
C LEU E 488 54.23 -7.31 12.45
N LYS E 489 54.24 -7.14 11.12
CA LYS E 489 53.04 -7.24 10.28
C LYS E 489 52.99 -8.63 9.64
N VAL E 490 52.13 -9.49 10.16
CA VAL E 490 52.12 -10.91 9.80
C VAL E 490 50.91 -11.18 8.93
N PRO E 491 51.08 -11.79 7.76
CA PRO E 491 49.91 -12.14 6.93
C PRO E 491 49.15 -13.29 7.57
N VAL E 492 47.82 -13.25 7.43
CA VAL E 492 47.00 -14.30 8.01
C VAL E 492 47.15 -15.63 7.27
N ALA E 493 47.62 -15.59 6.02
CA ALA E 493 47.75 -16.79 5.21
C ALA E 493 48.85 -16.58 4.18
N SER E 494 49.51 -17.68 3.79
CA SER E 494 50.53 -17.67 2.74
C SER E 494 50.35 -18.92 1.89
N CYS E 495 49.20 -19.02 1.22
CA CYS E 495 48.86 -20.20 0.42
C CYS E 495 49.69 -20.32 -0.86
N ALA E 496 50.02 -19.20 -1.50
CA ALA E 496 50.62 -19.27 -2.82
C ALA E 496 52.06 -19.73 -2.80
N GLN E 497 52.66 -19.92 -1.62
CA GLN E 497 54.00 -20.49 -1.53
C GLN E 497 54.04 -21.99 -1.82
N HIS E 498 52.89 -22.66 -1.89
CA HIS E 498 52.80 -24.04 -2.31
C HIS E 498 52.37 -24.08 -3.77
N LEU E 499 53.18 -24.73 -4.61
CA LEU E 499 53.04 -24.66 -6.05
C LEU E 499 52.56 -25.97 -6.66
N ASP E 500 51.98 -26.86 -5.85
CA ASP E 500 51.46 -28.12 -6.36
C ASP E 500 50.43 -28.63 -5.37
N CYS E 501 49.46 -29.38 -5.89
CA CYS E 501 48.39 -29.88 -5.04
C CYS E 501 48.94 -30.63 -3.83
N ALA E 502 49.96 -31.47 -4.05
CA ALA E 502 50.47 -32.32 -2.98
C ALA E 502 50.96 -31.49 -1.80
N SER E 503 51.85 -30.53 -2.06
CA SER E 503 52.34 -29.72 -0.95
C SER E 503 51.23 -28.82 -0.40
N CYS E 504 50.35 -28.32 -1.28
CA CYS E 504 49.28 -27.44 -0.81
C CYS E 504 48.39 -28.16 0.19
N LEU E 505 48.11 -29.44 -0.06
CA LEU E 505 47.29 -30.21 0.88
C LEU E 505 48.12 -30.73 2.04
N ALA E 506 49.41 -30.96 1.82
CA ALA E 506 50.23 -31.54 2.88
C ALA E 506 50.51 -30.55 4.00
N HIS E 507 50.51 -29.26 3.69
CA HIS E 507 50.71 -28.21 4.68
C HIS E 507 49.33 -27.65 5.03
N ARG E 508 48.70 -28.29 6.02
CA ARG E 508 47.32 -28.00 6.40
C ARG E 508 47.21 -26.59 6.96
N ASP E 509 46.30 -25.80 6.37
CA ASP E 509 46.04 -24.43 6.80
C ASP E 509 44.60 -24.13 6.42
N PRO E 510 43.77 -23.69 7.38
CA PRO E 510 42.34 -23.52 7.08
C PRO E 510 42.07 -22.46 6.02
N TYR E 511 42.99 -21.50 5.82
CA TYR E 511 42.78 -20.50 4.77
C TYR E 511 42.94 -21.09 3.37
N CYS E 512 43.78 -22.10 3.22
CA CYS E 512 44.26 -22.54 1.91
C CYS E 512 43.56 -23.79 1.40
N GLY E 513 43.67 -23.97 0.11
CA GLY E 513 43.16 -25.14 -0.57
C GLY E 513 43.65 -25.08 -1.99
N TRP E 514 43.42 -26.17 -2.73
CA TRP E 514 43.92 -26.31 -4.09
C TRP E 514 42.81 -26.00 -5.08
N CYS E 515 43.02 -24.96 -5.88
CA CYS E 515 42.13 -24.64 -6.98
C CYS E 515 42.43 -25.60 -8.13
N VAL E 516 41.47 -26.47 -8.45
CA VAL E 516 41.70 -27.45 -9.51
C VAL E 516 41.89 -26.73 -10.85
N LEU E 517 40.92 -25.89 -11.20
CA LEU E 517 40.93 -25.27 -12.52
C LEU E 517 42.17 -24.39 -12.71
N LEU E 518 42.34 -23.41 -11.82
CA LEU E 518 43.49 -22.51 -11.87
C LEU E 518 44.82 -23.23 -11.62
N GLY E 519 44.78 -24.39 -10.98
CA GLY E 519 45.99 -25.12 -10.68
C GLY E 519 46.95 -24.38 -9.77
N ARG E 520 46.44 -23.70 -8.75
CA ARG E 520 47.31 -23.12 -7.75
C ARG E 520 46.65 -23.21 -6.38
N CYS E 521 47.46 -23.04 -5.35
CA CYS E 521 47.00 -23.08 -3.98
C CYS E 521 46.52 -21.70 -3.55
N SER E 522 45.27 -21.61 -3.10
CA SER E 522 44.65 -20.31 -2.90
C SER E 522 43.68 -20.32 -1.71
N ARG E 523 43.40 -19.11 -1.22
CA ARG E 523 42.20 -18.90 -0.43
C ARG E 523 40.99 -19.14 -1.33
N ARG E 524 39.87 -19.54 -0.73
CA ARG E 524 38.76 -20.04 -1.54
C ARG E 524 38.14 -18.94 -2.40
N SER E 525 38.11 -17.71 -1.90
CA SER E 525 37.58 -16.61 -2.70
C SER E 525 38.39 -16.40 -3.97
N GLU E 526 39.68 -16.76 -3.93
CA GLU E 526 40.54 -16.57 -5.09
C GLU E 526 40.20 -17.54 -6.21
N CYS E 527 39.67 -18.70 -5.86
CA CYS E 527 39.33 -19.72 -6.83
C CYS E 527 37.87 -19.57 -7.25
N SER E 528 37.61 -19.80 -8.54
CA SER E 528 36.25 -19.74 -9.09
C SER E 528 35.64 -18.33 -9.03
N GLN E 535 35.69 -26.11 -8.40
CA GLN E 535 36.10 -27.10 -7.41
C GLN E 535 37.41 -26.74 -6.71
N TRP E 536 37.36 -26.73 -5.38
CA TRP E 536 38.41 -26.23 -4.50
C TRP E 536 38.65 -27.27 -3.41
N LEU E 537 39.90 -27.69 -3.22
CA LEU E 537 40.21 -28.84 -2.37
C LEU E 537 40.76 -28.37 -1.04
N TRP E 538 39.86 -28.06 -0.11
CA TRP E 538 40.25 -27.57 1.22
C TRP E 538 41.33 -28.46 1.83
N SER E 539 42.43 -27.84 2.24
CA SER E 539 43.52 -28.63 2.79
C SER E 539 43.17 -29.21 4.15
N PHE E 540 42.13 -28.71 4.80
CA PHE E 540 41.65 -29.22 6.09
C PHE E 540 40.62 -30.33 5.89
N GLN E 541 40.96 -31.24 4.98
CA GLN E 541 40.22 -32.48 4.69
C GLN E 541 41.11 -33.51 4.01
N THR F 39 22.72 -57.96 59.65
CA THR F 39 21.35 -58.07 59.16
C THR F 39 21.35 -58.12 57.63
N ALA F 40 20.88 -59.23 57.06
CA ALA F 40 20.91 -59.42 55.61
C ALA F 40 19.74 -60.29 55.18
N PHE F 41 19.47 -60.25 53.88
CA PHE F 41 18.45 -61.07 53.24
C PHE F 41 19.04 -61.55 51.92
N THR F 42 19.25 -62.86 51.79
CA THR F 42 19.92 -63.42 50.62
C THR F 42 19.08 -64.57 50.05
N PRO F 43 18.09 -64.27 49.22
CA PRO F 43 17.26 -65.33 48.65
C PRO F 43 18.08 -66.23 47.74
N ASN F 44 17.81 -67.54 47.84
CA ASN F 44 18.39 -68.54 46.95
C ASN F 44 17.48 -68.76 45.76
N GLY F 45 18.09 -68.94 44.59
CA GLY F 45 17.33 -69.24 43.39
C GLY F 45 16.81 -68.06 42.62
N THR F 46 17.34 -66.85 42.85
CA THR F 46 16.87 -65.68 42.12
C THR F 46 17.90 -64.55 42.22
N TYR F 47 17.67 -63.51 41.44
CA TYR F 47 18.52 -62.34 41.47
C TYR F 47 17.65 -61.12 41.73
N LEU F 48 18.22 -60.16 42.45
CA LEU F 48 17.48 -58.96 42.84
C LEU F 48 17.51 -57.90 41.73
N GLN F 49 16.35 -57.28 41.47
CA GLN F 49 16.28 -56.19 40.49
C GLN F 49 15.94 -54.84 41.10
N HIS F 50 15.04 -54.80 42.09
CA HIS F 50 14.50 -53.54 42.59
C HIS F 50 14.08 -53.68 44.03
N LEU F 51 13.94 -52.53 44.67
CA LEU F 51 13.63 -52.39 46.09
C LEU F 51 12.85 -51.10 46.29
N ALA F 52 11.77 -51.19 47.06
CA ALA F 52 10.95 -50.01 47.37
C ALA F 52 10.62 -50.04 48.85
N ARG F 53 10.68 -48.87 49.48
CA ARG F 53 10.36 -48.71 50.89
C ARG F 53 9.05 -47.95 51.05
N ASP F 54 8.20 -48.43 51.96
CA ASP F 54 6.96 -47.72 52.29
C ASP F 54 7.25 -46.66 53.36
N PRO F 55 7.05 -45.36 53.07
CA PRO F 55 7.30 -44.36 54.12
C PRO F 55 6.39 -44.52 55.31
N THR F 56 5.10 -44.72 55.07
CA THR F 56 4.11 -44.95 56.13
C THR F 56 4.60 -45.90 57.22
N SER F 57 5.10 -47.07 56.81
CA SER F 57 5.34 -48.18 57.72
C SER F 57 6.80 -48.59 57.84
N GLY F 58 7.63 -48.28 56.86
CA GLY F 58 8.96 -48.82 56.79
C GLY F 58 9.06 -50.14 56.06
N THR F 59 7.94 -50.74 55.66
CA THR F 59 7.95 -52.02 54.97
C THR F 59 8.83 -51.95 53.72
N LEU F 60 9.58 -53.02 53.46
CA LEU F 60 10.40 -53.12 52.27
C LEU F 60 9.80 -54.13 51.30
N TYR F 61 9.82 -53.78 50.01
CA TYR F 61 9.32 -54.62 48.95
C TYR F 61 10.45 -54.86 47.94
N LEU F 62 10.70 -56.12 47.62
CA LEU F 62 11.81 -56.56 46.79
C LEU F 62 11.28 -57.16 45.49
N GLY F 63 11.95 -56.83 44.39
CA GLY F 63 11.62 -57.35 43.07
C GLY F 63 12.71 -58.21 42.46
N ALA F 64 12.45 -59.51 42.30
CA ALA F 64 13.46 -60.47 41.88
C ALA F 64 12.97 -61.28 40.68
N THR F 65 13.87 -62.10 40.13
CA THR F 65 13.48 -63.01 39.05
C THR F 65 12.48 -64.01 39.58
N ASN F 66 11.26 -63.99 39.03
CA ASN F 66 10.17 -64.89 39.38
C ASN F 66 9.71 -64.75 40.84
N PHE F 67 10.02 -63.66 41.52
CA PHE F 67 9.62 -63.53 42.93
C PHE F 67 9.45 -62.06 43.32
N LEU F 68 8.54 -61.84 44.28
CA LEU F 68 8.41 -60.61 45.02
C LEU F 68 8.51 -60.96 46.50
N PHE F 69 8.96 -60.01 47.32
CA PHE F 69 9.14 -60.24 48.74
C PHE F 69 8.68 -59.03 49.53
N GLN F 70 8.17 -59.28 50.74
CA GLN F 70 7.79 -58.20 51.64
C GLN F 70 8.52 -58.39 52.96
N LEU F 71 9.42 -57.46 53.30
CA LEU F 71 10.28 -57.56 54.47
C LEU F 71 9.92 -56.47 55.47
N SER F 72 10.03 -56.81 56.76
CA SER F 72 9.92 -55.82 57.81
C SER F 72 11.11 -54.87 57.77
N PRO F 73 10.99 -53.68 58.39
CA PRO F 73 12.16 -52.81 58.48
C PRO F 73 13.42 -53.52 58.93
N GLY F 74 13.29 -54.55 59.76
CA GLY F 74 14.41 -55.36 60.22
C GLY F 74 14.85 -56.47 59.28
N LEU F 75 14.17 -56.65 58.14
CA LEU F 75 14.49 -57.61 57.07
C LEU F 75 13.94 -59.02 57.33
N GLN F 76 12.90 -59.15 58.15
CA GLN F 76 12.26 -60.44 58.37
C GLN F 76 11.28 -60.72 57.25
N LEU F 77 11.42 -61.89 56.63
CA LEU F 77 10.55 -62.26 55.53
C LEU F 77 9.11 -62.36 56.03
N GLU F 78 8.18 -61.76 55.29
CA GLU F 78 6.77 -61.74 55.66
C GLU F 78 5.87 -62.33 54.59
N ALA F 79 6.19 -62.13 53.31
CA ALA F 79 5.38 -62.70 52.25
C ALA F 79 6.28 -62.98 51.06
N THR F 80 5.88 -63.96 50.25
CA THR F 80 6.63 -64.31 49.05
C THR F 80 5.62 -64.62 47.95
N VAL F 81 5.74 -63.94 46.82
CA VAL F 81 4.82 -64.11 45.70
C VAL F 81 5.60 -64.63 44.50
N SER F 82 5.14 -65.74 43.94
CA SER F 82 5.72 -66.28 42.73
C SER F 82 5.17 -65.50 41.53
N THR F 83 6.06 -65.10 40.62
CA THR F 83 5.65 -64.38 39.42
C THR F 83 6.09 -65.05 38.12
N GLY F 84 6.74 -66.22 38.18
CA GLY F 84 7.18 -66.90 36.99
C GLY F 84 7.76 -68.25 37.32
N PRO F 85 8.20 -69.01 36.29
CA PRO F 85 8.18 -68.61 34.87
C PRO F 85 6.79 -68.67 34.25
N VAL F 86 6.66 -68.08 33.06
CA VAL F 86 5.44 -68.11 32.28
C VAL F 86 5.81 -68.56 30.89
N LEU F 87 4.80 -68.96 30.12
CA LEU F 87 4.96 -69.10 28.69
C LEU F 87 4.84 -67.73 28.05
N ASP F 88 5.84 -67.38 27.23
CA ASP F 88 5.88 -66.06 26.64
C ASP F 88 6.80 -66.11 25.43
N SER F 89 6.63 -65.11 24.56
CA SER F 89 7.58 -64.76 23.53
C SER F 89 7.40 -63.27 23.26
N ARG F 90 8.50 -62.59 22.96
CA ARG F 90 8.37 -61.15 22.72
C ARG F 90 7.61 -60.85 21.44
N ASP F 91 7.33 -61.85 20.60
CA ASP F 91 6.51 -61.64 19.42
C ASP F 91 5.02 -61.73 19.71
N CYS F 92 4.62 -61.95 20.95
CA CYS F 92 3.22 -62.19 21.23
C CYS F 92 2.71 -61.23 22.29
N LEU F 93 1.43 -60.91 22.17
CA LEU F 93 0.54 -60.08 22.99
C LEU F 93 -0.19 -60.92 24.02
N PRO F 94 -0.22 -60.51 25.29
CA PRO F 94 -0.90 -61.30 26.31
C PRO F 94 -2.43 -61.32 26.07
N PRO F 95 -3.10 -62.40 26.46
CA PRO F 95 -2.65 -63.63 27.09
C PRO F 95 -2.11 -64.64 26.07
N VAL F 96 -0.95 -65.21 26.36
CA VAL F 96 -0.23 -66.05 25.41
C VAL F 96 -0.85 -67.44 25.37
N MET F 97 -1.31 -67.86 24.20
CA MET F 97 -1.92 -69.17 23.98
C MET F 97 -1.09 -70.00 23.01
N PRO F 98 -1.26 -71.32 22.99
CA PRO F 98 -0.48 -72.14 22.04
C PRO F 98 -0.90 -71.95 20.60
N ASP F 99 -2.19 -71.74 20.34
CA ASP F 99 -2.66 -71.62 18.96
C ASP F 99 -2.11 -70.37 18.29
N GLU F 100 -2.20 -69.22 18.97
CA GLU F 100 -1.68 -67.96 18.42
C GLU F 100 -0.18 -67.88 18.50
N CYS F 101 0.43 -68.56 19.48
CA CYS F 101 1.83 -68.33 19.83
C CYS F 101 2.53 -69.67 20.02
N PRO F 102 2.73 -70.42 18.93
CA PRO F 102 3.40 -71.72 19.05
C PRO F 102 4.86 -71.61 19.40
N GLN F 103 5.48 -70.44 19.19
CA GLN F 103 6.89 -70.29 19.52
C GLN F 103 7.12 -70.11 21.00
N ALA F 104 6.06 -69.81 21.77
CA ALA F 104 6.21 -69.46 23.17
C ALA F 104 6.96 -70.56 23.91
N GLN F 105 7.69 -70.14 24.95
CA GLN F 105 8.60 -70.99 25.69
C GLN F 105 8.57 -70.54 27.15
N PRO F 106 9.08 -71.37 28.07
CA PRO F 106 9.24 -70.92 29.46
C PRO F 106 10.15 -69.70 29.53
N THR F 107 9.67 -68.64 30.19
CA THR F 107 10.42 -67.40 30.29
C THR F 107 10.38 -66.86 31.71
N ASN F 108 11.57 -66.61 32.27
CA ASN F 108 11.69 -66.01 33.59
C ASN F 108 11.20 -64.56 33.58
N ASN F 109 10.92 -64.03 34.76
CA ASN F 109 10.27 -62.73 34.92
C ASN F 109 11.06 -61.85 35.88
N PRO F 110 12.14 -61.21 35.39
CA PRO F 110 12.82 -60.21 36.22
C PRO F 110 11.91 -59.02 36.45
N ASN F 111 11.94 -58.50 37.68
CA ASN F 111 11.06 -57.39 38.00
C ASN F 111 11.58 -56.11 37.36
N GLN F 112 10.64 -55.33 36.81
CA GLN F 112 10.94 -54.16 36.00
C GLN F 112 10.61 -52.85 36.70
N LEU F 113 9.54 -52.81 37.49
CA LEU F 113 9.12 -51.61 38.22
C LEU F 113 8.45 -52.06 39.52
N LEU F 114 8.79 -51.38 40.62
CA LEU F 114 8.24 -51.69 41.94
C LEU F 114 8.04 -50.37 42.66
N LEU F 115 6.81 -49.87 42.71
CA LEU F 115 6.55 -48.54 43.23
C LEU F 115 5.37 -48.56 44.20
N VAL F 116 5.41 -47.67 45.19
CA VAL F 116 4.37 -47.59 46.21
C VAL F 116 3.44 -46.42 45.86
N SER F 117 2.33 -46.72 45.20
CA SER F 117 1.22 -45.80 45.13
C SER F 117 0.75 -45.52 46.55
N PRO F 118 0.11 -44.36 46.77
CA PRO F 118 -0.47 -44.12 48.10
C PRO F 118 -1.46 -45.20 48.50
N GLY F 119 -2.21 -45.75 47.55
CA GLY F 119 -3.17 -46.78 47.89
C GLY F 119 -2.61 -48.20 47.92
N ALA F 120 -1.54 -48.47 47.19
CA ALA F 120 -1.15 -49.86 46.94
C ALA F 120 0.27 -49.94 46.39
N LEU F 121 0.77 -51.18 46.30
CA LEU F 121 2.03 -51.47 45.65
C LEU F 121 1.81 -51.67 44.16
N VAL F 122 2.57 -50.95 43.34
CA VAL F 122 2.56 -51.09 41.88
C VAL F 122 3.71 -52.02 41.50
N VAL F 123 3.38 -53.09 40.79
CA VAL F 123 4.38 -54.07 40.32
C VAL F 123 4.28 -54.14 38.81
N CYS F 124 5.44 -54.22 38.14
CA CYS F 124 5.50 -54.46 36.70
C CYS F 124 6.63 -55.44 36.42
N GLY F 125 6.40 -56.33 35.46
CA GLY F 125 7.39 -57.32 35.12
C GLY F 125 8.10 -57.06 33.80
N SER F 126 8.93 -58.02 33.44
CA SER F 126 9.59 -58.07 32.15
C SER F 126 8.93 -59.06 31.17
N VAL F 127 7.91 -59.79 31.59
CA VAL F 127 7.22 -60.73 30.71
C VAL F 127 5.91 -60.13 30.23
N HIS F 128 5.26 -60.81 29.28
CA HIS F 128 3.96 -60.43 28.72
C HIS F 128 3.85 -58.92 28.48
N GLN F 129 4.76 -58.41 27.64
CA GLN F 129 4.80 -57.01 27.20
C GLN F 129 4.88 -55.99 28.36
N GLY F 130 5.42 -56.38 29.50
CA GLY F 130 5.54 -55.46 30.61
C GLY F 130 4.26 -54.89 31.19
N VAL F 131 3.26 -55.73 31.42
CA VAL F 131 2.02 -55.27 32.05
C VAL F 131 2.19 -55.33 33.56
N CYS F 132 1.37 -54.57 34.26
CA CYS F 132 1.52 -54.32 35.69
C CYS F 132 0.28 -54.77 36.45
N GLU F 133 0.45 -54.90 37.76
CA GLU F 133 -0.63 -55.23 38.68
C GLU F 133 -0.52 -54.35 39.91
N GLN F 134 -1.54 -54.40 40.77
CA GLN F 134 -1.53 -53.66 42.03
C GLN F 134 -1.94 -54.58 43.17
N ARG F 135 -1.07 -54.71 44.16
CA ARG F 135 -1.30 -55.56 45.32
C ARG F 135 -1.52 -54.70 46.55
N ARG F 136 -2.25 -55.26 47.52
CA ARG F 136 -2.56 -54.51 48.73
C ARG F 136 -1.28 -54.22 49.50
N LEU F 137 -1.18 -52.99 50.02
CA LEU F 137 -0.03 -52.65 50.85
C LEU F 137 -0.14 -53.35 52.20
N GLY F 138 0.99 -53.83 52.69
CA GLY F 138 1.04 -54.65 53.88
C GLY F 138 0.75 -56.11 53.63
N GLN F 139 -0.31 -56.39 52.87
CA GLN F 139 -0.71 -57.76 52.56
C GLN F 139 -0.37 -58.03 51.10
N LEU F 140 0.90 -58.41 50.87
CA LEU F 140 1.40 -58.60 49.50
C LEU F 140 0.61 -59.67 48.75
N GLU F 141 0.07 -60.65 49.45
CA GLU F 141 -0.57 -61.78 48.78
C GLU F 141 -1.85 -61.37 48.05
N GLN F 142 -2.55 -60.37 48.56
CA GLN F 142 -3.87 -60.05 48.09
C GLN F 142 -3.78 -58.99 46.99
N LEU F 143 -4.28 -59.34 45.80
CA LEU F 143 -4.29 -58.41 44.70
C LEU F 143 -5.35 -57.34 44.94
N LEU F 144 -5.11 -56.17 44.39
CA LEU F 144 -6.13 -55.13 44.29
C LEU F 144 -6.72 -55.01 42.89
N LEU F 145 -5.88 -55.03 41.85
CA LEU F 145 -6.32 -54.71 40.51
C LEU F 145 -5.32 -55.26 39.49
N ARG F 146 -5.82 -56.02 38.52
CA ARG F 146 -4.99 -56.60 37.47
C ARG F 146 -5.91 -56.80 36.28
N PRO F 147 -5.82 -55.95 35.26
CA PRO F 147 -6.70 -56.11 34.09
C PRO F 147 -6.63 -57.53 33.55
N GLU F 148 -7.79 -58.02 33.10
CA GLU F 148 -7.87 -59.37 32.54
C GLU F 148 -7.19 -59.44 31.18
N ARG F 149 -7.72 -58.72 30.21
CA ARG F 149 -7.12 -58.59 28.90
C ARG F 149 -6.57 -57.18 28.76
N PRO F 150 -5.28 -56.96 28.88
CA PRO F 150 -4.73 -55.62 28.62
C PRO F 150 -4.60 -55.40 27.13
N GLY F 151 -4.75 -54.13 26.73
CA GLY F 151 -4.58 -53.72 25.35
C GLY F 151 -3.24 -53.05 25.12
N ASP F 152 -2.96 -52.82 23.82
CA ASP F 152 -1.72 -52.24 23.32
C ASP F 152 -1.37 -50.90 23.98
N THR F 153 -2.33 -50.34 24.71
CA THR F 153 -2.22 -49.11 25.47
C THR F 153 -1.83 -49.36 26.93
N GLN F 154 -1.65 -50.62 27.32
CA GLN F 154 -1.35 -50.99 28.71
C GLN F 154 -0.07 -51.81 28.82
N TYR F 155 0.77 -51.80 27.81
CA TYR F 155 2.05 -52.52 27.83
C TYR F 155 3.11 -51.59 28.40
N VAL F 156 3.16 -51.52 29.73
CA VAL F 156 3.85 -50.42 30.42
C VAL F 156 5.36 -50.57 30.45
N ALA F 157 5.86 -51.58 31.17
CA ALA F 157 7.30 -51.64 31.36
C ALA F 157 7.99 -52.20 30.12
N ALA F 158 9.32 -52.03 30.09
CA ALA F 158 10.13 -52.72 29.10
C ALA F 158 9.95 -54.24 29.23
N ASN F 159 9.85 -54.93 28.09
CA ASN F 159 9.75 -56.39 28.03
C ASN F 159 11.10 -57.05 27.77
N ASP F 160 12.18 -56.44 28.25
CA ASP F 160 13.53 -56.97 28.09
C ASP F 160 14.24 -56.81 29.44
N PRO F 161 14.78 -57.90 30.00
CA PRO F 161 15.55 -57.76 31.25
C PRO F 161 16.78 -56.87 31.12
N ALA F 162 17.23 -56.55 29.92
CA ALA F 162 18.42 -55.73 29.75
C ALA F 162 18.13 -54.24 29.66
N VAL F 163 16.86 -53.85 29.61
CA VAL F 163 16.43 -52.45 29.49
C VAL F 163 15.71 -52.06 30.77
N SER F 164 15.94 -50.83 31.22
CA SER F 164 15.36 -50.33 32.47
C SER F 164 14.06 -49.57 32.25
N THR F 165 13.24 -49.59 33.30
CA THR F 165 11.97 -48.88 33.38
C THR F 165 11.99 -48.15 34.71
N VAL F 166 11.89 -46.83 34.67
CA VAL F 166 11.76 -46.06 35.90
C VAL F 166 10.35 -45.49 35.95
N GLY F 167 9.95 -45.05 37.13
CA GLY F 167 8.59 -44.53 37.22
C GLY F 167 8.41 -43.63 38.42
N LEU F 168 7.30 -42.90 38.41
CA LEU F 168 7.05 -41.89 39.43
C LEU F 168 5.55 -41.74 39.67
N VAL F 169 5.13 -41.97 40.91
CA VAL F 169 3.73 -41.89 41.32
C VAL F 169 3.39 -40.43 41.61
N ALA F 170 2.38 -39.91 40.92
CA ALA F 170 1.92 -38.55 41.20
C ALA F 170 0.40 -38.52 41.24
N GLN F 171 -0.12 -37.52 41.95
CA GLN F 171 -1.54 -37.22 41.85
C GLN F 171 -1.76 -36.29 40.65
N GLY F 172 -3.00 -36.24 40.18
CA GLY F 172 -3.41 -35.30 39.17
C GLY F 172 -4.05 -34.10 39.81
N LEU F 173 -4.83 -33.37 39.00
CA LEU F 173 -5.54 -32.23 39.54
C LEU F 173 -6.78 -32.68 40.30
N ALA F 174 -7.53 -33.62 39.75
CA ALA F 174 -8.65 -34.21 40.46
C ALA F 174 -8.25 -34.96 41.74
N GLY F 175 -6.97 -34.95 42.14
CA GLY F 175 -6.53 -35.79 43.23
C GLY F 175 -6.35 -37.25 42.87
N GLU F 176 -6.61 -37.62 41.61
CA GLU F 176 -6.57 -39.02 41.18
C GLU F 176 -5.13 -39.49 40.96
N PRO F 177 -4.86 -40.76 41.18
CA PRO F 177 -3.47 -41.25 41.12
C PRO F 177 -2.97 -41.41 39.68
N LEU F 178 -1.66 -41.37 39.54
CA LEU F 178 -1.02 -41.36 38.22
C LEU F 178 0.34 -42.03 38.30
N LEU F 179 0.77 -42.57 37.16
CA LEU F 179 2.09 -43.17 37.03
C LEU F 179 2.80 -42.60 35.80
N PHE F 180 3.81 -41.77 36.03
CA PHE F 180 4.76 -41.46 34.97
C PHE F 180 5.66 -42.68 34.79
N VAL F 181 5.99 -42.99 33.54
CA VAL F 181 6.79 -44.17 33.26
C VAL F 181 7.78 -43.82 32.16
N GLY F 182 9.06 -43.94 32.46
CA GLY F 182 10.08 -43.77 31.45
C GLY F 182 10.60 -45.14 31.06
N ARG F 183 10.39 -45.53 29.80
CA ARG F 183 10.64 -46.87 29.31
C ARG F 183 11.66 -46.82 28.19
N GLY F 184 12.79 -47.52 28.38
CA GLY F 184 13.84 -47.57 27.37
C GLY F 184 13.46 -48.39 26.15
N TYR F 185 14.32 -48.32 25.13
CA TYR F 185 13.99 -48.88 23.83
C TYR F 185 14.09 -50.41 23.84
N THR F 186 12.97 -51.07 23.57
CA THR F 186 12.95 -52.49 23.37
C THR F 186 12.85 -52.77 21.88
N SER F 187 13.60 -53.77 21.43
CA SER F 187 13.80 -53.96 19.99
C SER F 187 12.53 -54.45 19.31
N ARG F 188 12.07 -55.65 19.69
CA ARG F 188 11.12 -56.41 18.88
C ARG F 188 9.70 -55.84 19.02
N GLY F 189 8.72 -56.61 18.54
CA GLY F 189 7.36 -56.14 18.37
C GLY F 189 6.55 -56.07 19.65
N GLY F 193 7.22 -49.74 19.93
CA GLY F 193 6.33 -48.65 19.54
C GLY F 193 5.66 -47.94 20.70
N ILE F 194 6.06 -48.26 21.91
CA ILE F 194 5.47 -47.66 23.11
C ILE F 194 6.17 -46.32 23.36
N PRO F 195 5.44 -45.24 23.62
CA PRO F 195 6.10 -43.95 23.78
C PRO F 195 7.13 -44.03 24.92
N PRO F 196 8.24 -43.32 24.79
CA PRO F 196 9.30 -43.44 25.82
C PRO F 196 8.90 -42.89 27.17
N ILE F 197 7.95 -41.95 27.25
CA ILE F 197 7.47 -41.44 28.52
C ILE F 197 5.96 -41.35 28.42
N THR F 198 5.27 -41.76 29.48
CA THR F 198 3.82 -41.88 29.44
C THR F 198 3.30 -41.55 30.83
N THR F 199 2.06 -41.08 30.90
CA THR F 199 1.43 -40.74 32.18
C THR F 199 0.15 -41.54 32.31
N ARG F 200 0.14 -42.53 33.21
CA ARG F 200 -0.86 -43.58 33.20
C ARG F 200 -1.78 -43.47 34.40
N ALA F 201 -3.05 -43.84 34.18
CA ALA F 201 -4.08 -43.79 35.21
C ALA F 201 -3.96 -44.99 36.12
N LEU F 202 -3.77 -44.77 37.42
CA LEU F 202 -3.57 -45.89 38.31
C LEU F 202 -4.90 -46.49 38.79
N TRP F 203 -5.96 -45.67 38.88
CA TRP F 203 -7.25 -46.14 39.40
C TRP F 203 -8.37 -45.41 38.67
N PRO F 204 -8.57 -45.72 37.39
CA PRO F 204 -9.56 -44.99 36.58
C PRO F 204 -10.98 -45.30 37.04
N PRO F 205 -11.97 -44.53 36.56
CA PRO F 205 -13.38 -44.89 36.82
C PRO F 205 -13.70 -46.34 36.50
N ASP F 206 -13.27 -46.84 35.34
CA ASP F 206 -13.44 -48.23 34.96
C ASP F 206 -12.17 -48.99 35.32
N PRO F 207 -12.17 -49.75 36.42
CA PRO F 207 -10.90 -50.35 36.89
C PRO F 207 -10.22 -51.23 35.85
N GLN F 208 -10.96 -51.70 34.85
CA GLN F 208 -10.38 -52.53 33.81
C GLN F 208 -9.46 -51.76 32.88
N ALA F 209 -9.47 -50.43 32.92
CA ALA F 209 -8.60 -49.61 32.09
C ALA F 209 -7.35 -49.15 32.82
N ALA F 210 -6.95 -49.86 33.87
CA ALA F 210 -5.79 -49.47 34.66
C ALA F 210 -4.52 -49.53 33.84
N PHE F 211 -3.56 -48.68 34.20
CA PHE F 211 -2.26 -48.54 33.56
C PHE F 211 -2.39 -48.08 32.12
N SER F 212 -3.57 -47.69 31.68
CA SER F 212 -3.71 -47.06 30.38
C SER F 212 -3.32 -45.57 30.44
N TYR F 213 -2.94 -45.03 29.30
CA TYR F 213 -2.67 -43.61 29.15
C TYR F 213 -3.54 -43.03 28.05
N GLU F 214 -4.01 -41.81 28.28
CA GLU F 214 -4.82 -41.12 27.30
C GLU F 214 -3.94 -40.73 26.11
N GLU F 215 -4.53 -40.66 24.91
CA GLU F 215 -3.73 -40.55 23.71
C GLU F 215 -2.83 -39.31 23.69
N THR F 216 -3.16 -38.27 24.46
CA THR F 216 -2.28 -37.11 24.52
C THR F 216 -1.29 -37.19 25.67
N ALA F 217 -1.48 -38.11 26.62
CA ALA F 217 -0.64 -38.19 27.81
C ALA F 217 0.64 -38.97 27.53
N LYS F 218 1.41 -38.46 26.58
CA LYS F 218 2.60 -39.17 26.16
C LYS F 218 3.56 -38.21 25.47
N LEU F 219 4.84 -38.58 25.51
CA LEU F 219 5.85 -38.04 24.63
C LEU F 219 5.86 -38.86 23.35
N ALA F 220 5.33 -38.29 22.28
CA ALA F 220 5.46 -38.88 20.94
C ALA F 220 6.87 -38.65 20.42
N VAL F 221 7.56 -39.75 20.07
CA VAL F 221 8.95 -39.73 19.60
C VAL F 221 9.04 -40.63 18.38
N GLY F 222 9.66 -40.12 17.31
CA GLY F 222 9.58 -40.71 16.00
C GLY F 222 10.29 -42.03 15.82
N ARG F 223 11.61 -42.04 15.97
CA ARG F 223 12.41 -43.25 15.76
C ARG F 223 12.97 -43.69 17.10
N LEU F 224 12.21 -44.49 17.85
CA LEU F 224 12.66 -44.92 19.15
C LEU F 224 14.00 -45.63 19.07
N SER F 225 14.21 -46.41 18.02
CA SER F 225 15.44 -47.20 17.92
C SER F 225 16.67 -46.31 17.84
N GLU F 226 16.57 -45.17 17.18
CA GLU F 226 17.78 -44.39 16.99
C GLU F 226 18.11 -43.50 18.18
N TYR F 227 17.11 -42.90 18.84
CA TYR F 227 17.40 -42.15 20.07
C TYR F 227 17.78 -43.09 21.21
N SER F 228 17.18 -44.27 21.27
CA SER F 228 17.57 -45.37 22.16
C SER F 228 17.70 -44.89 23.61
N HIS F 229 16.55 -44.53 24.19
CA HIS F 229 16.54 -44.02 25.55
C HIS F 229 17.03 -45.08 26.53
N HIS F 230 17.78 -44.61 27.53
CA HIS F 230 18.26 -45.43 28.63
C HIS F 230 17.91 -44.67 29.89
N PHE F 231 16.89 -45.12 30.62
CA PHE F 231 16.44 -44.35 31.76
C PHE F 231 17.23 -44.67 33.02
N VAL F 232 17.42 -43.64 33.84
CA VAL F 232 18.17 -43.72 35.08
C VAL F 232 17.27 -43.51 36.28
N SER F 233 16.38 -42.53 36.23
CA SER F 233 15.55 -42.21 37.38
C SER F 233 14.46 -41.24 36.97
N ALA F 234 13.56 -40.98 37.90
CA ALA F 234 12.42 -40.09 37.71
C ALA F 234 12.03 -39.59 39.10
N PHE F 235 11.69 -38.31 39.20
CA PHE F 235 11.50 -37.72 40.51
C PHE F 235 10.75 -36.41 40.37
N ALA F 236 10.06 -36.03 41.44
CA ALA F 236 9.29 -34.81 41.49
C ALA F 236 9.94 -33.81 42.43
N ARG F 237 9.76 -32.53 42.12
CA ARG F 237 10.09 -31.45 43.04
C ARG F 237 9.17 -30.29 42.73
N GLY F 238 8.43 -29.86 43.74
CA GLY F 238 7.61 -28.68 43.54
C GLY F 238 6.50 -29.02 42.57
N ALA F 239 6.45 -28.29 41.49
CA ALA F 239 5.34 -28.36 40.56
C ALA F 239 5.66 -29.19 39.32
N SER F 240 6.80 -29.88 39.33
CA SER F 240 7.26 -30.55 38.13
C SER F 240 7.72 -31.98 38.42
N ALA F 241 7.76 -32.77 37.35
CA ALA F 241 8.42 -34.06 37.32
C ALA F 241 9.67 -33.98 36.48
N TYR F 242 10.69 -34.73 36.87
CA TYR F 242 11.95 -34.75 36.15
C TYR F 242 12.29 -36.18 35.74
N PHE F 243 13.06 -36.30 34.68
CA PHE F 243 13.54 -37.58 34.19
C PHE F 243 15.02 -37.42 33.87
N LEU F 244 15.84 -38.35 34.34
CA LEU F 244 17.24 -38.41 33.99
C LEU F 244 17.45 -39.62 33.07
N PHE F 245 18.18 -39.43 31.98
CA PHE F 245 18.31 -40.55 31.07
C PHE F 245 19.46 -40.34 30.09
N LEU F 246 19.76 -41.42 29.36
CA LEU F 246 20.73 -41.45 28.28
C LEU F 246 19.99 -41.63 26.96
N ARG F 247 20.45 -40.92 25.93
CA ARG F 247 19.91 -41.13 24.59
C ARG F 247 20.94 -40.65 23.58
N ARG F 248 20.68 -40.94 22.32
CA ARG F 248 21.56 -40.48 21.26
C ARG F 248 21.27 -39.01 20.97
N ASP F 249 22.32 -38.25 20.67
CA ASP F 249 22.18 -36.85 20.32
C ASP F 249 22.21 -36.76 18.79
N LEU F 250 21.03 -36.85 18.18
CA LEU F 250 20.97 -36.86 16.72
C LEU F 250 21.21 -35.47 16.15
N GLN F 251 21.38 -34.47 17.01
CA GLN F 251 21.83 -33.15 16.60
C GLN F 251 23.35 -33.03 16.62
N ALA F 252 24.04 -34.03 17.11
CA ALA F 252 25.49 -34.04 17.18
C ALA F 252 26.04 -34.88 16.04
N GLN F 253 27.27 -34.55 15.63
CA GLN F 253 27.85 -35.24 14.49
C GLN F 253 28.10 -36.71 14.81
N SER F 254 28.66 -36.98 15.99
CA SER F 254 29.03 -38.33 16.35
C SER F 254 27.82 -39.20 16.68
N ARG F 255 26.67 -38.59 16.99
CA ARG F 255 25.46 -39.30 17.41
C ARG F 255 25.68 -40.08 18.71
N ALA F 256 26.77 -39.78 19.44
CA ALA F 256 27.07 -40.46 20.68
C ALA F 256 25.96 -40.26 21.70
N PHE F 257 25.84 -41.22 22.63
CA PHE F 257 24.89 -41.08 23.72
C PHE F 257 25.28 -39.92 24.61
N ARG F 258 24.30 -39.37 25.32
CA ARG F 258 24.56 -38.17 26.10
C ARG F 258 23.50 -37.97 27.18
N ALA F 259 23.91 -37.50 28.35
CA ALA F 259 23.02 -37.40 29.50
C ALA F 259 22.05 -36.23 29.37
N TYR F 260 20.84 -36.42 29.89
CA TYR F 260 19.82 -35.39 29.86
C TYR F 260 19.02 -35.38 31.15
N VAL F 261 18.44 -34.24 31.44
CA VAL F 261 17.35 -34.16 32.38
C VAL F 261 16.22 -33.50 31.62
N SER F 262 14.99 -33.85 31.94
CA SER F 262 13.86 -33.17 31.33
C SER F 262 12.81 -32.91 32.40
N ARG F 263 11.88 -32.05 32.05
CA ARG F 263 10.92 -31.54 33.01
C ARG F 263 9.58 -31.46 32.32
N VAL F 264 8.52 -31.64 33.10
CA VAL F 264 7.16 -31.59 32.62
C VAL F 264 6.31 -31.19 33.80
N CYS F 265 5.29 -30.40 33.58
CA CYS F 265 4.48 -29.97 34.72
C CYS F 265 3.76 -31.17 35.31
N LEU F 266 3.65 -31.19 36.65
CA LEU F 266 3.06 -32.34 37.32
C LEU F 266 1.56 -32.43 37.07
N ARG F 267 0.89 -31.28 37.00
CA ARG F 267 -0.50 -31.20 36.61
C ARG F 267 -0.69 -31.17 35.09
N ASP F 268 0.36 -30.88 34.32
CA ASP F 268 0.30 -31.01 32.87
C ASP F 268 0.05 -32.47 32.52
N GLN F 269 -1.09 -32.71 31.88
CA GLN F 269 -1.47 -34.05 31.49
C GLN F 269 -1.21 -34.34 30.02
N HIS F 270 -0.52 -33.45 29.30
CA HIS F 270 -0.38 -33.61 27.85
C HIS F 270 1.03 -33.49 27.30
N TYR F 271 2.02 -33.16 28.13
CA TYR F 271 3.43 -33.00 27.74
C TYR F 271 3.72 -31.72 26.97
N TYR F 272 2.77 -30.79 26.87
CA TYR F 272 3.06 -29.53 26.19
C TYR F 272 4.27 -28.85 26.79
N SER F 273 4.40 -28.90 28.12
CA SER F 273 5.44 -28.27 28.91
C SER F 273 6.76 -28.99 28.87
N TYR F 274 6.94 -29.97 27.99
CA TYR F 274 8.11 -30.83 28.05
C TYR F 274 9.33 -30.13 27.48
N VAL F 275 10.43 -30.17 28.24
CA VAL F 275 11.67 -29.56 27.83
C VAL F 275 12.83 -30.42 28.35
N GLU F 276 13.83 -30.64 27.49
CA GLU F 276 15.04 -31.38 27.85
C GLU F 276 16.26 -30.46 27.86
N LEU F 277 17.19 -30.73 28.79
CA LEU F 277 18.49 -30.06 28.87
C LEU F 277 19.58 -31.12 28.97
N PRO F 278 20.63 -31.03 28.15
CA PRO F 278 21.77 -31.94 28.30
C PRO F 278 22.48 -31.72 29.63
N LEU F 279 22.88 -32.82 30.27
CA LEU F 279 23.66 -32.72 31.50
C LEU F 279 25.12 -32.93 31.13
N ALA F 280 25.98 -31.96 31.48
CA ALA F 280 27.38 -31.98 31.07
C ALA F 280 28.25 -32.01 32.33
N CYS F 281 28.78 -33.18 32.64
CA CYS F 281 29.70 -33.36 33.75
C CYS F 281 31.11 -33.29 33.16
N GLU F 282 31.90 -32.32 33.62
CA GLU F 282 33.18 -32.00 33.00
C GLU F 282 32.99 -31.74 31.50
N GLY F 283 31.97 -30.95 31.19
CA GLY F 283 31.63 -30.70 29.81
C GLY F 283 31.15 -31.91 29.05
N GLY F 284 30.80 -32.99 29.78
CA GLY F 284 30.33 -34.21 29.18
C GLY F 284 31.39 -35.25 28.95
N ARG F 285 32.63 -35.00 29.38
CA ARG F 285 33.67 -36.03 29.21
C ARG F 285 33.40 -37.27 30.08
N TYR F 286 32.53 -37.17 31.09
CA TYR F 286 32.01 -38.32 31.82
C TYR F 286 30.62 -38.51 31.24
N GLY F 287 30.54 -39.28 30.15
CA GLY F 287 29.37 -39.27 29.30
C GLY F 287 28.13 -39.88 29.91
N LEU F 288 28.30 -41.03 30.57
CA LEU F 288 27.20 -41.91 30.93
C LEU F 288 26.77 -41.70 32.38
N ILE F 289 25.60 -41.08 32.58
CA ILE F 289 25.03 -40.88 33.90
C ILE F 289 24.47 -42.22 34.37
N GLN F 290 24.86 -42.64 35.58
CA GLN F 290 24.57 -43.98 36.05
C GLN F 290 23.55 -44.02 37.18
N ALA F 291 23.66 -43.09 38.14
CA ALA F 291 22.64 -42.91 39.18
C ALA F 291 22.68 -41.44 39.61
N ALA F 292 21.79 -41.08 40.54
CA ALA F 292 21.67 -39.70 40.97
C ALA F 292 20.82 -39.62 42.24
N ALA F 293 21.05 -38.60 43.06
CA ALA F 293 20.23 -38.47 44.25
C ALA F 293 20.34 -37.05 44.81
N VAL F 294 19.30 -36.65 45.53
CA VAL F 294 19.30 -35.46 46.34
C VAL F 294 19.53 -35.89 47.79
N ALA F 295 20.04 -34.95 48.60
CA ALA F 295 20.25 -35.26 50.00
C ALA F 295 18.92 -35.52 50.69
N THR F 296 18.91 -36.49 51.61
CA THR F 296 17.72 -36.88 52.35
C THR F 296 18.14 -37.12 53.80
N SER F 297 17.46 -36.49 54.75
CA SER F 297 17.96 -36.47 56.11
C SER F 297 16.88 -36.00 57.06
N ARG F 298 17.20 -36.06 58.35
CA ARG F 298 16.26 -35.63 59.39
C ARG F 298 15.95 -34.15 59.26
N GLU F 299 16.97 -33.33 59.04
CA GLU F 299 16.78 -31.89 58.96
C GLU F 299 16.18 -31.47 57.62
N VAL F 300 16.64 -32.08 56.52
CA VAL F 300 16.21 -31.72 55.16
C VAL F 300 15.71 -32.97 54.49
N ALA F 301 14.38 -33.07 54.34
CA ALA F 301 13.77 -34.26 53.74
C ALA F 301 14.29 -34.52 52.34
N HIS F 302 14.17 -33.55 51.45
CA HIS F 302 14.69 -33.69 50.10
C HIS F 302 15.47 -32.43 49.73
N GLY F 303 16.78 -32.60 49.58
CA GLY F 303 17.64 -31.50 49.21
C GLY F 303 17.34 -30.98 47.83
N GLU F 304 17.98 -29.85 47.51
CA GLU F 304 17.79 -29.15 46.26
C GLU F 304 18.94 -29.32 45.28
N VAL F 305 19.98 -30.06 45.65
CA VAL F 305 21.10 -30.34 44.77
C VAL F 305 21.01 -31.79 44.30
N LEU F 306 21.04 -31.98 42.98
CA LEU F 306 21.04 -33.30 42.38
C LEU F 306 22.49 -33.78 42.25
N PHE F 307 22.86 -34.81 43.03
CA PHE F 307 24.20 -35.39 42.96
C PHE F 307 24.14 -36.58 42.02
N ALA F 308 24.85 -36.50 40.90
CA ALA F 308 24.73 -37.47 39.83
C ALA F 308 26.09 -38.13 39.57
N ALA F 309 26.10 -39.47 39.56
CA ALA F 309 27.30 -40.23 39.26
C ALA F 309 27.38 -40.48 37.75
N PHE F 310 28.54 -40.20 37.17
CA PHE F 310 28.79 -40.31 35.74
C PHE F 310 29.97 -41.23 35.50
N SER F 311 29.89 -42.04 34.46
CA SER F 311 30.94 -42.98 34.16
C SER F 311 31.55 -42.67 32.79
N SER F 312 32.78 -43.13 32.62
CA SER F 312 33.57 -42.82 31.43
C SER F 312 33.40 -43.95 30.42
N ALA F 313 32.78 -43.64 29.28
CA ALA F 313 32.56 -44.58 28.19
C ALA F 313 33.87 -45.06 27.60
N SER F 329 40.89 -48.59 33.49
CA SER F 329 40.82 -47.89 32.21
C SER F 329 39.70 -46.84 32.14
N GLY F 330 38.53 -47.18 32.69
CA GLY F 330 37.46 -46.22 32.84
C GLY F 330 37.55 -45.48 34.15
N ALA F 331 36.59 -44.59 34.37
CA ALA F 331 36.55 -43.81 35.59
C ALA F 331 35.13 -43.33 35.82
N SER F 332 34.89 -42.82 37.03
CA SER F 332 33.60 -42.25 37.41
C SER F 332 33.79 -40.90 38.11
N ALA F 333 32.70 -40.14 38.14
CA ALA F 333 32.71 -38.82 38.75
C ALA F 333 31.34 -38.54 39.34
N LEU F 334 31.33 -37.92 40.51
CA LEU F 334 30.11 -37.41 41.11
C LEU F 334 30.05 -35.91 40.83
N CYS F 335 28.98 -35.46 40.17
CA CYS F 335 28.78 -34.07 39.76
C CYS F 335 27.50 -33.54 40.40
N ALA F 336 27.48 -32.26 40.73
CA ALA F 336 26.35 -31.67 41.42
C ALA F 336 25.64 -30.66 40.52
N PHE F 337 24.32 -30.82 40.38
CA PHE F 337 23.48 -29.92 39.60
C PHE F 337 22.41 -29.30 40.49
N PRO F 338 22.54 -28.03 40.87
CA PRO F 338 21.47 -27.39 41.65
C PRO F 338 20.18 -27.36 40.85
N LEU F 339 19.10 -27.86 41.46
CA LEU F 339 17.84 -27.98 40.75
C LEU F 339 17.31 -26.62 40.32
N ASP F 340 17.67 -25.56 41.02
CA ASP F 340 17.19 -24.24 40.65
C ASP F 340 17.90 -23.73 39.39
N GLU F 341 19.13 -24.21 39.14
CA GLU F 341 19.78 -23.95 37.86
C GLU F 341 19.24 -24.86 36.76
N VAL F 342 18.81 -26.08 37.12
CA VAL F 342 18.05 -26.87 36.16
C VAL F 342 16.80 -26.10 35.75
N ASP F 343 16.07 -25.54 36.72
CA ASP F 343 14.82 -24.87 36.38
C ASP F 343 15.08 -23.62 35.57
N ARG F 344 16.16 -22.91 35.88
CA ARG F 344 16.47 -21.68 35.17
C ARG F 344 16.73 -21.96 33.69
N LEU F 345 17.58 -22.95 33.39
CA LEU F 345 17.89 -23.23 32.00
C LEU F 345 16.68 -23.82 31.28
N ALA F 346 15.90 -24.64 31.99
CA ALA F 346 14.64 -25.11 31.43
C ALA F 346 13.73 -23.94 31.10
N ASN F 347 13.73 -22.92 31.96
CA ASN F 347 12.84 -21.78 31.78
C ASN F 347 13.27 -20.89 30.61
N ARG F 348 14.58 -20.63 30.48
CA ARG F 348 15.01 -19.85 29.31
C ARG F 348 14.63 -20.57 28.02
N THR F 349 14.88 -21.88 27.95
CA THR F 349 14.55 -22.67 26.78
C THR F 349 13.09 -22.50 26.40
N ARG F 350 12.18 -22.70 27.34
CA ARG F 350 10.77 -22.49 27.06
C ARG F 350 10.53 -21.08 26.53
N ASP F 351 11.00 -20.08 27.28
CA ASP F 351 10.82 -18.68 26.91
C ASP F 351 11.31 -18.41 25.49
N ALA F 352 12.56 -18.78 25.22
CA ALA F 352 13.15 -18.51 23.90
C ALA F 352 12.36 -19.21 22.80
N CYS F 353 11.97 -20.47 23.03
CA CYS F 353 11.21 -21.20 22.03
C CYS F 353 9.80 -20.62 21.85
N TYR F 354 9.17 -20.18 22.95
CA TYR F 354 7.85 -19.57 22.83
C TYR F 354 7.91 -18.21 22.13
N THR F 355 8.89 -17.37 22.47
CA THR F 355 8.81 -15.95 22.15
C THR F 355 9.90 -15.42 21.22
N ARG F 356 10.99 -16.14 20.99
CA ARG F 356 12.08 -15.61 20.17
C ARG F 356 12.57 -16.63 19.15
N GLU F 357 11.71 -17.55 18.73
CA GLU F 357 12.02 -18.55 17.71
C GLU F 357 13.30 -19.32 18.02
N GLY F 358 13.49 -19.67 19.30
CA GLY F 358 14.64 -20.47 19.71
C GLY F 358 15.90 -19.69 20.03
N ARG F 359 15.91 -18.37 19.88
CA ARG F 359 17.16 -17.64 19.93
C ARG F 359 17.26 -16.75 21.16
N ALA F 360 18.50 -16.48 21.56
CA ALA F 360 18.78 -15.51 22.60
C ALA F 360 18.54 -14.10 22.07
N GLU F 361 18.69 -13.11 22.95
CA GLU F 361 18.49 -11.72 22.54
C GLU F 361 19.51 -11.29 21.51
N ASP F 362 20.72 -11.82 21.56
CA ASP F 362 21.70 -11.49 20.54
C ASP F 362 21.64 -12.43 19.34
N GLY F 363 20.62 -13.26 19.23
CA GLY F 363 20.45 -14.09 18.06
C GLY F 363 20.99 -15.49 18.17
N THR F 364 21.82 -15.78 19.16
CA THR F 364 22.34 -17.12 19.37
C THR F 364 21.20 -18.13 19.49
N GLU F 365 21.37 -19.26 18.81
CA GLU F 365 20.44 -20.39 18.84
C GLU F 365 20.57 -21.14 20.15
N VAL F 366 19.53 -21.12 20.98
CA VAL F 366 19.58 -21.74 22.30
C VAL F 366 18.56 -22.86 22.49
N ALA F 367 17.54 -22.97 21.66
CA ALA F 367 16.43 -23.86 21.92
C ALA F 367 15.86 -24.31 20.57
N TYR F 368 15.19 -25.47 20.57
CA TYR F 368 14.66 -26.04 19.33
C TYR F 368 13.66 -27.15 19.67
N ILE F 369 13.04 -27.73 18.62
CA ILE F 369 12.10 -28.83 18.74
C ILE F 369 12.84 -30.14 18.51
N GLU F 370 12.69 -31.09 19.42
CA GLU F 370 13.45 -32.33 19.28
C GLU F 370 12.53 -33.44 18.75
N TYR F 371 13.12 -34.62 18.54
CA TYR F 371 12.43 -35.84 18.14
C TYR F 371 11.71 -35.71 16.80
N ASP F 372 12.15 -34.81 15.94
CA ASP F 372 11.70 -34.76 14.56
C ASP F 372 10.22 -34.47 14.44
N VAL F 373 9.55 -34.06 15.52
CA VAL F 373 8.12 -33.85 15.43
C VAL F 373 7.84 -32.57 14.63
N ASN F 374 6.60 -32.45 14.14
CA ASN F 374 6.24 -31.29 13.33
C ASN F 374 5.81 -30.15 14.25
N SER F 375 6.82 -29.43 14.76
CA SER F 375 6.60 -28.23 15.53
C SER F 375 7.80 -27.30 15.34
N ASP F 376 7.57 -26.03 15.64
CA ASP F 376 8.57 -25.01 15.47
C ASP F 376 8.51 -24.06 16.63
N CYS F 377 9.68 -23.61 17.08
CA CYS F 377 9.74 -22.44 17.92
C CYS F 377 9.02 -21.30 17.21
N ALA F 378 8.46 -20.38 17.98
CA ALA F 378 7.51 -19.42 17.44
C ALA F 378 7.89 -18.02 17.90
N GLN F 379 6.94 -17.11 17.79
CA GLN F 379 7.16 -15.70 18.10
C GLN F 379 5.95 -15.18 18.86
N LEU F 380 5.53 -15.93 19.86
CA LEU F 380 4.34 -15.60 20.62
C LEU F 380 4.63 -14.43 21.58
N PRO F 381 3.59 -13.81 22.16
CA PRO F 381 3.82 -12.73 23.12
C PRO F 381 4.40 -13.23 24.43
N VAL F 382 5.09 -12.33 25.12
CA VAL F 382 5.54 -12.62 26.47
C VAL F 382 4.38 -13.08 27.34
N ASP F 383 3.17 -12.61 27.03
CA ASP F 383 2.00 -12.94 27.86
C ASP F 383 1.67 -14.43 27.80
N THR F 384 2.05 -15.09 26.71
CA THR F 384 1.83 -16.52 26.61
C THR F 384 2.55 -17.25 27.73
N LEU F 385 3.79 -16.85 28.02
CA LEU F 385 4.52 -17.41 29.16
C LEU F 385 3.75 -17.29 30.46
N ASP F 386 2.82 -16.34 30.54
CA ASP F 386 2.04 -16.09 31.74
C ASP F 386 0.68 -16.79 31.69
N ALA F 387 -0.01 -16.74 30.54
CA ALA F 387 -1.29 -17.41 30.44
C ALA F 387 -1.14 -18.93 30.37
N TYR F 388 -0.08 -19.42 29.74
CA TYR F 388 0.13 -20.85 29.54
C TYR F 388 1.54 -21.23 29.95
N PRO F 389 1.86 -21.13 31.25
CA PRO F 389 3.19 -21.57 31.71
C PRO F 389 3.46 -23.05 31.47
N CYS F 390 2.44 -23.90 31.54
CA CYS F 390 2.66 -25.30 31.22
C CYS F 390 2.34 -25.62 29.77
N GLY F 391 2.21 -24.61 28.94
CA GLY F 391 2.06 -24.80 27.51
C GLY F 391 0.61 -24.87 27.12
N SER F 392 0.38 -25.10 25.84
CA SER F 392 -0.97 -25.26 25.36
C SER F 392 -1.01 -26.30 24.25
N ASP F 393 -2.23 -26.64 23.87
CA ASP F 393 -2.60 -27.27 22.61
C ASP F 393 -1.70 -26.88 21.43
N HIS F 394 -1.26 -25.61 21.37
CA HIS F 394 -0.56 -25.12 20.17
C HIS F 394 0.81 -24.51 20.44
N THR F 395 1.29 -24.46 21.69
CA THR F 395 2.66 -24.05 21.96
C THR F 395 3.61 -25.12 21.41
N PRO F 396 4.86 -24.74 21.14
CA PRO F 396 5.81 -25.68 20.55
C PRO F 396 6.32 -26.66 21.58
N SER F 397 6.52 -27.89 21.11
CA SER F 397 7.10 -28.98 21.90
C SER F 397 7.28 -30.22 20.99
N PRO F 398 8.09 -31.17 21.44
CA PRO F 398 8.94 -31.13 22.63
C PRO F 398 10.16 -30.17 22.47
N MET F 399 10.48 -29.43 23.50
CA MET F 399 11.58 -28.49 23.43
C MET F 399 12.85 -29.10 24.02
N ALA F 400 13.98 -28.74 23.43
CA ALA F 400 15.29 -29.08 23.97
C ALA F 400 16.17 -27.83 24.00
N SER F 401 17.23 -27.89 24.80
CA SER F 401 18.17 -26.80 24.88
C SER F 401 19.43 -27.12 24.09
N ARG F 402 19.95 -26.11 23.39
CA ARG F 402 21.22 -26.28 22.71
C ARG F 402 22.38 -26.13 23.68
N VAL F 403 22.10 -25.72 24.90
CA VAL F 403 23.09 -25.27 25.87
C VAL F 403 23.03 -26.22 27.06
N PRO F 404 24.10 -26.93 27.37
CA PRO F 404 24.01 -27.92 28.45
C PRO F 404 24.11 -27.22 29.80
N LEU F 405 23.63 -27.91 30.82
CA LEU F 405 23.86 -27.51 32.19
C LEU F 405 25.16 -28.16 32.66
N GLU F 406 26.12 -27.35 33.03
CA GLU F 406 27.51 -27.74 33.20
C GLU F 406 27.83 -27.97 34.68
N ALA F 407 28.79 -28.86 34.95
CA ALA F 407 29.20 -29.13 36.32
C ALA F 407 30.65 -29.59 36.34
N THR F 408 31.35 -29.22 37.41
CA THR F 408 32.72 -29.65 37.66
C THR F 408 32.71 -30.75 38.69
N PRO F 409 33.39 -31.88 38.43
CA PRO F 409 33.27 -33.05 39.33
C PRO F 409 33.78 -32.76 40.73
N ILE F 410 32.90 -32.98 41.71
CA ILE F 410 33.31 -33.10 43.11
C ILE F 410 34.38 -34.16 43.26
N LEU F 411 34.14 -35.36 42.72
CA LEU F 411 35.04 -36.49 42.80
C LEU F 411 35.41 -36.95 41.40
N GLU F 412 36.59 -37.55 41.30
CA GLU F 412 37.09 -38.11 40.05
C GLU F 412 37.80 -39.40 40.43
N TRP F 413 37.21 -40.55 40.12
CA TRP F 413 37.74 -41.84 40.57
C TRP F 413 38.10 -42.73 39.39
N PRO F 414 39.38 -42.85 39.04
CA PRO F 414 39.79 -43.85 38.06
C PRO F 414 39.51 -45.26 38.54
N GLY F 415 39.28 -46.17 37.59
CA GLY F 415 38.97 -47.54 37.89
C GLY F 415 37.50 -47.75 38.18
N ILE F 416 36.99 -47.05 39.21
CA ILE F 416 35.62 -47.26 39.66
C ILE F 416 34.65 -46.99 38.52
N GLN F 417 33.64 -47.86 38.39
CA GLN F 417 32.43 -47.54 37.65
C GLN F 417 31.34 -47.41 38.70
N LEU F 418 30.92 -46.18 39.01
CA LEU F 418 29.88 -46.00 40.01
C LEU F 418 28.53 -46.47 39.45
N THR F 419 27.65 -46.90 40.36
CA THR F 419 26.34 -47.41 39.96
C THR F 419 25.18 -46.96 40.84
N ALA F 420 25.44 -46.27 41.96
CA ALA F 420 24.40 -46.03 42.96
C ALA F 420 24.81 -44.83 43.81
N VAL F 421 23.83 -43.96 44.11
CA VAL F 421 24.09 -42.73 44.84
C VAL F 421 23.04 -42.53 45.92
N ALA F 422 23.50 -42.30 47.16
CA ALA F 422 22.68 -41.90 48.29
C ALA F 422 23.39 -40.76 49.01
N VAL F 423 22.65 -39.72 49.39
CA VAL F 423 23.26 -38.60 50.12
C VAL F 423 22.37 -38.19 51.29
N THR F 424 22.99 -37.92 52.44
CA THR F 424 22.30 -37.45 53.64
C THR F 424 23.14 -36.38 54.34
N MET F 425 22.59 -35.83 55.43
CA MET F 425 23.25 -34.79 56.22
C MET F 425 23.36 -35.24 57.66
N GLU F 426 24.58 -35.24 58.19
CA GLU F 426 24.87 -35.52 59.58
C GLU F 426 25.52 -34.30 60.22
N ASP F 427 24.88 -33.78 61.28
CA ASP F 427 25.37 -32.61 62.01
C ASP F 427 25.54 -31.41 61.08
N GLY F 428 24.82 -31.41 59.96
CA GLY F 428 24.95 -30.39 58.93
C GLY F 428 25.98 -30.68 57.86
N HIS F 429 26.68 -31.80 57.97
CA HIS F 429 27.68 -32.20 56.98
C HIS F 429 27.03 -33.12 55.96
N THR F 430 27.43 -32.98 54.70
CA THR F 430 26.83 -33.74 53.62
C THR F 430 27.75 -34.91 53.29
N ILE F 431 27.17 -36.12 53.30
CA ILE F 431 27.92 -37.36 53.17
C ILE F 431 27.29 -38.21 52.07
N ALA F 432 28.12 -38.82 51.23
CA ALA F 432 27.65 -39.56 50.09
C ALA F 432 27.98 -41.04 50.25
N PHE F 433 26.99 -41.89 50.00
CA PHE F 433 27.18 -43.32 49.85
C PHE F 433 27.08 -43.65 48.37
N LEU F 434 28.19 -44.12 47.81
CA LEU F 434 28.34 -44.40 46.40
C LEU F 434 28.69 -45.88 46.22
N GLY F 435 27.88 -46.59 45.45
CA GLY F 435 28.16 -47.96 45.11
C GLY F 435 28.85 -48.05 43.76
N ASP F 436 29.59 -49.13 43.57
CA ASP F 436 30.27 -49.34 42.29
C ASP F 436 29.85 -50.67 41.67
N SER F 437 30.48 -50.99 40.55
CA SER F 437 30.16 -52.17 39.79
C SER F 437 30.80 -53.42 40.37
N GLN F 438 31.70 -53.24 41.34
CA GLN F 438 32.38 -54.35 42.01
C GLN F 438 31.74 -54.73 43.35
N GLY F 439 30.50 -54.30 43.58
CA GLY F 439 29.87 -54.59 44.85
C GLY F 439 30.41 -53.84 46.04
N GLN F 440 31.25 -52.83 45.84
CA GLN F 440 31.80 -52.06 46.94
C GLN F 440 30.95 -50.83 47.20
N LEU F 441 30.83 -50.46 48.47
CA LEU F 441 30.07 -49.28 48.87
C LEU F 441 31.00 -48.32 49.58
N HIS F 442 31.16 -47.13 49.02
CA HIS F 442 32.08 -46.12 49.52
C HIS F 442 31.30 -45.01 50.21
N ARG F 443 31.78 -44.58 51.37
CA ARG F 443 31.31 -43.39 52.06
C ARG F 443 32.31 -42.25 51.85
N VAL F 444 31.80 -41.04 51.62
CA VAL F 444 32.64 -39.88 51.27
C VAL F 444 32.07 -38.62 51.90
N TYR F 445 32.91 -37.88 52.63
CA TYR F 445 32.59 -36.52 53.05
C TYR F 445 32.59 -35.57 51.86
N LEU F 446 31.57 -34.72 51.75
CA LEU F 446 31.47 -33.77 50.65
C LEU F 446 31.57 -32.32 51.09
N GLY F 447 31.94 -32.05 52.33
CA GLY F 447 32.01 -30.70 52.82
C GLY F 447 33.35 -30.02 52.61
N PRO F 448 33.45 -28.74 52.98
CA PRO F 448 34.70 -28.02 52.77
C PRO F 448 35.89 -28.72 53.43
N GLY F 449 37.03 -28.68 52.75
CA GLY F 449 38.20 -29.40 53.18
C GLY F 449 38.29 -30.81 52.66
N SER F 450 37.28 -31.27 51.93
CA SER F 450 37.22 -32.68 51.58
C SER F 450 38.30 -33.04 50.59
N ASP F 451 38.70 -34.30 50.65
CA ASP F 451 39.77 -34.90 49.88
C ASP F 451 39.29 -35.47 48.56
N GLY F 452 37.99 -35.75 48.44
CA GLY F 452 37.46 -36.52 47.33
C GLY F 452 37.67 -38.02 47.45
N HIS F 453 38.29 -38.47 48.50
CA HIS F 453 38.62 -39.84 48.87
C HIS F 453 37.61 -40.38 49.85
N PRO F 454 37.22 -41.63 49.68
CA PRO F 454 36.31 -42.25 50.64
C PRO F 454 37.02 -42.43 51.97
N TYR F 455 36.29 -42.18 53.05
CA TYR F 455 36.79 -42.48 54.38
C TYR F 455 36.55 -43.95 54.77
N SER F 456 35.63 -44.66 54.12
CA SER F 456 35.47 -46.10 54.36
C SER F 456 34.97 -46.79 53.11
N THR F 457 35.39 -48.04 52.94
CA THR F 457 34.89 -48.90 51.86
C THR F 457 34.63 -50.29 52.40
N GLN F 458 33.46 -50.84 52.10
CA GLN F 458 33.06 -52.16 52.56
C GLN F 458 32.48 -52.94 51.39
N SER F 459 32.72 -54.24 51.37
CA SER F 459 32.28 -55.08 50.26
C SER F 459 30.86 -55.57 50.55
N ILE F 460 29.89 -55.11 49.74
CA ILE F 460 28.54 -55.64 49.83
C ILE F 460 28.50 -57.05 49.24
N GLN F 461 28.84 -57.16 47.95
CA GLN F 461 29.01 -58.47 47.31
C GLN F 461 30.04 -58.31 46.20
N GLN F 462 31.25 -58.82 46.43
CA GLN F 462 32.35 -58.61 45.50
C GLN F 462 31.97 -59.09 44.11
N GLY F 463 32.17 -58.22 43.13
CA GLY F 463 31.95 -58.53 41.74
C GLY F 463 30.56 -58.28 41.22
N SER F 464 29.66 -57.75 42.05
CA SER F 464 28.24 -57.65 41.72
C SER F 464 27.74 -56.24 41.98
N ALA F 465 27.32 -55.55 40.91
CA ALA F 465 27.08 -54.11 41.00
C ALA F 465 26.07 -53.77 42.10
N VAL F 466 26.27 -52.60 42.73
CA VAL F 466 25.32 -52.10 43.72
C VAL F 466 24.16 -51.43 43.00
N SER F 467 22.96 -51.65 43.52
CA SER F 467 21.76 -51.20 42.84
C SER F 467 21.49 -49.72 43.13
N ARG F 468 20.89 -49.05 42.14
CA ARG F 468 20.50 -47.66 42.25
C ARG F 468 19.50 -47.39 43.37
N ASP F 469 18.91 -48.41 43.97
CA ASP F 469 17.77 -48.18 44.83
C ASP F 469 18.12 -48.06 46.31
N LEU F 470 19.39 -47.79 46.63
CA LEU F 470 19.79 -47.49 48.00
C LEU F 470 18.79 -46.55 48.64
N THR F 471 18.23 -46.94 49.77
CA THR F 471 17.34 -46.03 50.47
C THR F 471 17.65 -46.12 51.95
N PHE F 472 17.19 -45.11 52.68
CA PHE F 472 17.56 -44.95 54.07
C PHE F 472 16.48 -45.49 54.99
N ASP F 473 16.91 -45.82 56.20
CA ASP F 473 16.03 -46.04 57.33
C ASP F 473 15.13 -44.83 57.54
N GLY F 474 14.02 -45.03 58.25
CA GLY F 474 13.09 -43.93 58.49
C GLY F 474 13.73 -42.79 59.28
N THR F 475 14.62 -43.13 60.21
CA THR F 475 15.33 -42.14 61.02
C THR F 475 16.72 -41.82 60.49
N PHE F 476 17.11 -42.40 59.35
CA PHE F 476 18.43 -42.20 58.77
C PHE F 476 19.54 -42.76 59.65
N GLU F 477 19.22 -43.80 60.44
CA GLU F 477 20.19 -44.59 61.18
C GLU F 477 20.72 -45.77 60.37
N HIS F 478 20.16 -46.05 59.20
CA HIS F 478 20.56 -47.20 58.42
C HIS F 478 20.37 -46.92 56.95
N LEU F 479 21.12 -47.64 56.12
CA LEU F 479 21.00 -47.60 54.67
C LEU F 479 20.92 -49.02 54.12
N TYR F 480 19.86 -49.28 53.34
CA TYR F 480 19.64 -50.56 52.66
C TYR F 480 20.41 -50.61 51.34
N VAL F 481 21.37 -51.51 51.25
CA VAL F 481 22.26 -51.63 50.10
C VAL F 481 21.95 -52.95 49.41
N MET F 482 21.58 -52.89 48.15
CA MET F 482 21.11 -54.07 47.42
C MET F 482 22.04 -54.35 46.25
N THR F 483 22.51 -55.58 46.18
CA THR F 483 23.19 -56.14 45.05
C THR F 483 22.26 -57.20 44.47
N GLN F 484 22.73 -57.97 43.49
CA GLN F 484 21.81 -58.91 42.83
C GLN F 484 21.53 -60.14 43.67
N SER F 485 22.33 -60.42 44.69
CA SER F 485 22.14 -61.60 45.51
C SER F 485 21.77 -61.32 46.96
N THR F 486 22.10 -60.14 47.49
CA THR F 486 21.86 -59.81 48.89
C THR F 486 21.30 -58.40 49.02
N LEU F 487 20.47 -58.21 50.03
CA LEU F 487 20.09 -56.90 50.55
C LEU F 487 20.63 -56.77 51.96
N LEU F 488 21.53 -55.80 52.19
CA LEU F 488 22.05 -55.54 53.52
C LEU F 488 21.32 -54.37 54.17
N LYS F 489 21.20 -54.43 55.50
CA LYS F 489 20.82 -53.28 56.31
C LYS F 489 22.08 -52.78 57.02
N VAL F 490 22.50 -51.57 56.67
CA VAL F 490 23.84 -51.09 56.96
C VAL F 490 23.74 -49.85 57.85
N PRO F 491 24.31 -49.88 59.06
CA PRO F 491 24.22 -48.70 59.93
C PRO F 491 25.13 -47.60 59.46
N VAL F 492 24.62 -46.37 59.50
CA VAL F 492 25.35 -45.22 58.95
C VAL F 492 26.73 -45.10 59.59
N ALA F 493 26.84 -45.43 60.87
CA ALA F 493 28.11 -45.29 61.58
C ALA F 493 28.07 -46.14 62.85
N SER F 494 29.23 -46.26 63.46
CA SER F 494 29.36 -46.98 64.73
C SER F 494 29.90 -46.07 65.81
C ACE G 1 -9.57 14.82 -1.11
O ACE G 1 -10.60 15.48 -1.23
CH3 ACE G 1 -9.47 13.67 -0.17
N DTR G 2 -8.44 15.07 -1.77
CA DTR G 2 -8.27 16.14 -2.75
CB DTR G 2 -7.56 15.53 -3.96
CG DTR G 2 -7.42 16.41 -5.15
CD1 DTR G 2 -8.38 16.70 -6.07
NE1 DTR G 2 -7.86 17.54 -7.04
CE2 DTR G 2 -6.54 17.78 -6.75
CZ2 DTR G 2 -5.60 18.56 -7.42
CH2 DTR G 2 -4.34 18.63 -6.90
CZ3 DTR G 2 -4.00 17.93 -5.73
CE3 DTR G 2 -4.94 17.16 -5.05
CD2 DTR G 2 -6.23 17.09 -5.56
C DTR G 2 -7.45 17.29 -2.14
O DTR G 2 -6.54 17.04 -1.35
N ARG G 3 -7.80 18.53 -2.49
CA ARG G 3 -7.10 19.72 -1.97
C ARG G 3 -7.54 20.14 -0.56
N PRO G 4 -6.57 20.54 0.26
CA PRO G 4 -6.90 20.96 1.62
C PRO G 4 -7.62 22.31 1.62
N ARG G 5 -8.44 22.52 2.66
CA ARG G 5 -9.08 23.79 2.91
C ARG G 5 -8.93 24.14 4.39
N VAL G 6 -9.24 25.38 4.74
CA VAL G 6 -9.03 25.84 6.11
C VAL G 6 -10.37 25.81 6.83
N ALA G 7 -10.39 25.12 7.97
CA ALA G 7 -11.61 25.00 8.73
C ALA G 7 -11.99 26.35 9.31
N ARG G 8 -13.25 26.71 9.11
CA ARG G 8 -13.78 27.92 9.72
C ARG G 8 -13.60 27.89 11.22
N TRP G 9 -13.16 29.03 11.77
CA TRP G 9 -12.95 29.35 13.19
C TRP G 9 -11.70 28.71 13.80
N THR G 10 -11.39 27.47 13.44
CA THR G 10 -10.24 26.84 14.08
C THR G 10 -8.93 27.15 13.39
N GLY G 11 -8.97 27.60 12.13
CA GLY G 11 -7.80 27.65 11.29
C GLY G 11 -7.09 26.33 11.09
N GLN G 12 -7.60 25.24 11.67
CA GLN G 12 -7.06 23.92 11.41
C GLN G 12 -7.36 23.51 9.96
N ILE G 13 -6.48 22.69 9.41
CA ILE G 13 -6.53 22.36 7.99
C ILE G 13 -7.32 21.08 7.74
N ILE G 14 -8.30 21.14 6.84
CA ILE G 14 -9.12 19.99 6.44
C ILE G 14 -8.48 19.36 5.22
N TYR G 15 -7.92 18.15 5.38
CA TYR G 15 -7.12 17.55 4.32
C TYR G 15 -7.95 17.06 3.13
N CYS G 16 -9.18 16.58 3.38
CA CYS G 16 -10.02 16.00 2.33
C CYS G 16 -11.44 16.54 2.43
N SER G 17 -12.02 16.90 1.29
CA SER G 17 -13.34 17.53 1.28
C SER G 17 -14.45 16.56 0.83
N NH2 G 18 -15.64 16.73 1.39
C ACE H 1 12.20 16.57 -5.68
O ACE H 1 12.99 16.33 -6.60
CH3 ACE H 1 12.64 17.09 -4.35
N DTR H 2 10.90 16.36 -5.84
CA DTR H 2 10.32 15.85 -7.09
CB DTR H 2 9.28 16.85 -7.59
CG DTR H 2 8.58 16.46 -8.85
CD1 DTR H 2 9.09 16.47 -10.09
NE1 DTR H 2 8.15 16.05 -11.01
CE2 DTR H 2 6.98 15.78 -10.34
CZ2 DTR H 2 5.75 15.34 -10.82
CH2 DTR H 2 4.75 15.15 -9.91
CZ3 DTR H 2 4.94 15.39 -8.55
CE3 DTR H 2 6.17 15.82 -8.07
CD2 DTR H 2 7.21 16.02 -8.97
C DTR H 2 9.66 14.49 -6.87
O DTR H 2 8.98 14.28 -5.86
N ARG H 3 9.85 13.56 -7.79
CA ARG H 3 9.24 12.24 -7.66
C ARG H 3 10.11 11.32 -6.82
N PRO H 4 9.50 10.61 -5.87
CA PRO H 4 10.24 9.66 -5.05
C PRO H 4 10.84 8.53 -5.89
N ARG H 5 11.97 8.01 -5.42
CA ARG H 5 12.62 6.85 -6.01
C ARG H 5 13.06 5.93 -4.89
N VAL H 6 13.57 4.76 -5.24
CA VAL H 6 13.95 3.74 -4.28
C VAL H 6 15.47 3.60 -4.31
N ALA H 7 16.10 3.66 -3.14
CA ALA H 7 17.56 3.57 -3.04
C ALA H 7 18.06 2.15 -3.31
N ARG H 8 19.18 2.05 -4.01
CA ARG H 8 19.77 0.74 -4.27
C ARG H 8 20.17 0.07 -2.96
N TRP H 9 19.95 -1.25 -2.89
CA TRP H 9 20.37 -2.14 -1.80
C TRP H 9 19.51 -2.02 -0.54
N THR H 10 19.06 -0.82 -0.21
CA THR H 10 18.33 -0.65 1.04
C THR H 10 16.83 -0.76 0.86
N GLY H 11 16.30 -0.42 -0.33
CA GLY H 11 14.88 -0.31 -0.51
C GLY H 11 14.25 0.92 0.08
N GLN H 12 15.03 1.77 0.75
CA GLN H 12 14.51 2.99 1.35
C GLN H 12 14.22 4.04 0.30
N ILE H 13 13.18 4.81 0.51
CA ILE H 13 12.79 5.79 -0.50
C ILE H 13 13.69 7.03 -0.42
N ILE H 14 14.08 7.50 -1.60
CA ILE H 14 14.81 8.75 -1.80
C ILE H 14 13.76 9.77 -2.23
N TYR H 15 13.42 10.70 -1.32
CA TYR H 15 12.27 11.56 -1.55
C TYR H 15 12.53 12.60 -2.64
N CYS H 16 13.76 13.07 -2.77
CA CYS H 16 14.08 14.13 -3.72
C CYS H 16 15.23 13.66 -4.60
N SER H 17 15.15 13.94 -5.89
CA SER H 17 16.28 13.68 -6.78
C SER H 17 17.02 14.97 -7.10
N NH2 H 18 18.13 14.84 -7.84
C ACE I 1 -24.48 20.95 -43.09
O ACE I 1 -23.43 21.52 -43.39
CH3 ACE I 1 -25.37 21.41 -41.97
N DTR I 2 -24.92 19.86 -43.73
CA DTR I 2 -24.31 19.16 -44.86
CB DTR I 2 -25.31 19.16 -46.02
CG DTR I 2 -24.79 18.63 -47.31
CD1 DTR I 2 -23.90 19.23 -48.13
NE1 DTR I 2 -23.69 18.45 -49.24
CE2 DTR I 2 -24.44 17.32 -49.15
CZ2 DTR I 2 -24.54 16.23 -50.01
CH2 DTR I 2 -25.39 15.22 -49.65
CZ3 DTR I 2 -26.12 15.26 -48.46
CE3 DTR I 2 -26.01 16.34 -47.60
CD2 DTR I 2 -25.15 17.39 -47.94
C DTR I 2 -23.95 17.73 -44.48
O DTR I 2 -24.69 17.08 -43.73
N ARG I 3 -22.83 17.25 -45.01
CA ARG I 3 -22.34 15.91 -44.70
C ARG I 3 -21.64 15.90 -43.35
N PRO I 4 -22.05 15.00 -42.46
CA PRO I 4 -21.34 14.87 -41.18
C PRO I 4 -19.87 14.61 -41.41
N ARG I 5 -19.05 15.01 -40.43
CA ARG I 5 -17.62 14.69 -40.42
C ARG I 5 -17.25 14.24 -39.02
N VAL I 6 -15.98 13.95 -38.74
CA VAL I 6 -15.63 13.36 -37.44
C VAL I 6 -14.62 14.25 -36.70
N ALA I 7 -15.07 14.79 -35.55
CA ALA I 7 -14.26 15.71 -34.75
C ALA I 7 -12.93 15.08 -34.36
N ARG I 8 -11.88 15.90 -34.41
CA ARG I 8 -10.56 15.43 -34.05
C ARG I 8 -10.52 15.10 -32.57
N TRP I 9 -9.79 14.04 -32.22
CA TRP I 9 -9.53 13.61 -30.85
C TRP I 9 -10.70 12.94 -30.17
N THR I 10 -11.90 13.52 -30.23
CA THR I 10 -13.02 12.91 -29.53
C THR I 10 -13.69 11.81 -30.35
N GLY I 11 -13.51 11.79 -31.65
CA GLY I 11 -14.24 10.88 -32.50
C GLY I 11 -15.73 11.11 -32.57
N GLN I 12 -16.24 12.16 -31.95
CA GLN I 12 -17.67 12.48 -32.03
C GLN I 12 -18.01 13.11 -33.38
N ILE I 13 -19.21 12.83 -33.85
CA ILE I 13 -19.61 13.23 -35.20
C ILE I 13 -20.12 14.67 -35.20
N ILE I 14 -19.73 15.41 -36.23
CA ILE I 14 -20.04 16.83 -36.41
C ILE I 14 -21.07 16.92 -37.52
N TYR I 15 -22.31 17.19 -37.16
CA TYR I 15 -23.41 17.00 -38.11
C TYR I 15 -23.43 18.06 -39.21
N CYS I 16 -23.01 19.27 -38.89
CA CYS I 16 -23.07 20.37 -39.82
C CYS I 16 -21.72 21.07 -39.88
N SER I 17 -21.29 21.40 -41.08
CA SER I 17 -20.00 22.05 -41.27
C SER I 17 -20.21 23.50 -41.67
N NH2 I 18 -19.25 24.36 -41.34
C ACE J 1 -37.49 3.16 -47.91
O ACE J 1 -38.54 3.03 -48.54
CH3 ACE J 1 -37.13 2.29 -46.74
N DTR J 2 -36.59 4.09 -48.22
CA DTR J 2 -36.69 5.05 -49.31
CB DTR J 2 -35.32 5.21 -49.93
CG DTR J 2 -35.26 6.10 -51.12
CD1 DTR J 2 -35.48 5.75 -52.41
NE1 DTR J 2 -35.32 6.84 -53.24
CE2 DTR J 2 -34.97 7.92 -52.47
CZ2 DTR J 2 -34.70 9.25 -52.84
CH2 DTR J 2 -34.36 10.12 -51.84
CZ3 DTR J 2 -34.29 9.72 -50.50
CE3 DTR J 2 -34.58 8.41 -50.14
CD2 DTR J 2 -34.92 7.48 -51.13
C DTR J 2 -37.22 6.43 -48.85
O DTR J 2 -36.75 6.96 -47.84
N ARG J 3 -38.14 7.01 -49.59
CA ARG J 3 -38.72 8.31 -49.21
C ARG J 3 -39.93 8.09 -48.32
N PRO J 4 -40.05 8.87 -47.24
CA PRO J 4 -41.21 8.71 -46.35
C PRO J 4 -42.54 9.08 -47.02
N ARG J 5 -43.62 8.51 -46.49
CA ARG J 5 -44.98 8.87 -46.88
C ARG J 5 -45.81 9.02 -45.62
N VAL J 6 -47.12 9.27 -45.77
CA VAL J 6 -47.99 9.57 -44.65
C VAL J 6 -49.13 8.56 -44.62
N ALA J 7 -49.32 7.93 -43.46
CA ALA J 7 -50.31 6.88 -43.30
C ALA J 7 -51.73 7.44 -43.29
N ARG J 8 -52.65 6.65 -43.86
CA ARG J 8 -54.06 7.05 -43.89
C ARG J 8 -54.64 7.14 -42.49
N TRP J 9 -55.48 8.15 -42.28
CA TRP J 9 -56.26 8.36 -41.06
C TRP J 9 -55.44 8.71 -39.83
N THR J 10 -54.15 8.38 -39.81
CA THR J 10 -53.31 8.72 -38.67
C THR J 10 -52.40 9.90 -38.93
N GLY J 11 -52.15 10.23 -40.19
CA GLY J 11 -51.20 11.26 -40.54
C GLY J 11 -49.81 10.98 -40.02
N GLN J 12 -49.55 9.75 -39.58
CA GLN J 12 -48.24 9.40 -39.08
C GLN J 12 -47.31 9.06 -40.23
N ILE J 13 -46.04 9.34 -40.03
CA ILE J 13 -45.09 9.20 -41.11
C ILE J 13 -44.66 7.75 -41.20
N ILE J 14 -44.67 7.22 -42.42
CA ILE J 14 -44.24 5.85 -42.71
C ILE J 14 -42.90 5.94 -43.42
N TYR J 15 -41.84 5.54 -42.74
CA TYR J 15 -40.51 5.86 -43.24
C TYR J 15 -40.10 4.99 -44.42
N CYS J 16 -40.60 3.75 -44.53
CA CYS J 16 -40.18 2.87 -45.62
C CYS J 16 -41.39 2.34 -46.38
N SER J 17 -41.27 2.34 -47.71
CA SER J 17 -42.36 2.13 -48.67
C SER J 17 -43.29 0.96 -48.37
N NH2 J 18 -42.82 -0.24 -48.68
C ACE K 1 30.84 -33.61 24.09
O ACE K 1 31.25 -33.88 22.96
CH3 ACE K 1 29.39 -33.63 24.46
N DTR K 2 31.65 -33.29 25.08
CA DTR K 2 33.10 -33.22 24.98
CB DTR K 2 33.68 -33.99 26.17
CG DTR K 2 35.18 -34.08 26.15
CD1 DTR K 2 35.93 -34.93 25.40
NE1 DTR K 2 37.26 -34.73 25.68
CE2 DTR K 2 37.38 -33.74 26.61
CZ2 DTR K 2 38.52 -33.18 27.20
CH2 DTR K 2 38.33 -32.20 28.14
CZ3 DTR K 2 37.06 -31.76 28.48
CE3 DTR K 2 35.92 -32.31 27.90
CD2 DTR K 2 36.08 -33.31 26.95
C DTR K 2 33.64 -31.79 24.96
O DTR K 2 33.18 -30.90 25.69
N ARG K 3 34.65 -31.54 24.12
CA ARG K 3 35.16 -30.17 24.04
C ARG K 3 34.32 -29.29 23.13
N PRO K 4 34.10 -28.04 23.54
CA PRO K 4 33.32 -27.11 22.73
C PRO K 4 34.05 -26.65 21.48
N ARG K 5 33.28 -26.41 20.42
CA ARG K 5 33.78 -25.91 19.14
C ARG K 5 32.98 -24.68 18.71
N VAL K 6 33.49 -23.96 17.69
CA VAL K 6 32.85 -22.77 17.13
C VAL K 6 32.15 -23.16 15.83
N ALA K 7 30.88 -22.78 15.69
CA ALA K 7 30.10 -23.17 14.53
C ALA K 7 30.43 -22.31 13.32
N ARG K 8 30.46 -22.93 12.15
CA ARG K 8 30.76 -22.20 10.93
C ARG K 8 29.75 -21.07 10.69
N TRP K 9 30.25 -19.95 10.16
CA TRP K 9 29.46 -18.76 9.80
C TRP K 9 28.95 -18.01 11.03
N THR K 10 28.31 -18.69 11.97
CA THR K 10 27.61 -18.00 13.05
C THR K 10 28.52 -17.55 14.19
N GLY K 11 29.70 -18.16 14.35
CA GLY K 11 30.48 -17.95 15.55
C GLY K 11 29.88 -18.50 16.83
N GLN K 12 28.72 -19.15 16.78
CA GLN K 12 28.10 -19.64 18.02
C GLN K 12 28.80 -20.92 18.45
N ILE K 13 28.86 -21.16 19.75
CA ILE K 13 29.64 -22.32 20.18
C ILE K 13 28.79 -23.59 20.14
N ILE K 14 29.41 -24.68 19.69
CA ILE K 14 28.85 -26.04 19.67
C ILE K 14 29.42 -26.75 20.87
N TYR K 15 28.56 -27.05 21.85
CA TYR K 15 29.05 -27.57 23.11
C TYR K 15 29.46 -29.04 23.06
N CYS K 16 28.98 -29.81 22.08
CA CYS K 16 29.18 -31.25 22.07
C CYS K 16 29.32 -31.75 20.63
N SER K 17 30.38 -32.49 20.36
CA SER K 17 30.55 -32.97 18.99
C SER K 17 29.93 -34.36 18.82
N NH2 K 18 29.81 -34.79 17.57
C ACE L 1 38.19 -22.95 42.59
O ACE L 1 39.03 -23.10 43.47
CH3 ACE L 1 37.51 -21.65 42.33
N DTR L 2 37.84 -23.95 41.82
CA DTR L 2 38.41 -25.29 41.95
CB DTR L 2 39.54 -25.48 40.93
CG DTR L 2 40.00 -26.89 40.88
CD1 DTR L 2 40.91 -27.48 41.69
NE1 DTR L 2 41.07 -28.80 41.35
CE2 DTR L 2 40.24 -29.09 40.29
CZ2 DTR L 2 40.05 -30.28 39.59
CH2 DTR L 2 39.15 -30.28 38.57
CZ3 DTR L 2 38.44 -29.13 38.22
CE3 DTR L 2 38.63 -27.93 38.92
CD2 DTR L 2 39.54 -27.91 39.97
C DTR L 2 37.37 -26.38 41.78
O DTR L 2 36.52 -26.31 40.87
N ARG L 3 37.41 -27.39 42.66
CA ARG L 3 36.37 -28.40 42.77
C ARG L 3 35.26 -27.94 43.69
N PRO L 4 34.02 -28.08 43.23
CA PRO L 4 32.87 -27.77 44.10
C PRO L 4 32.85 -28.63 45.36
N ARG L 5 32.37 -28.03 46.46
CA ARG L 5 32.12 -28.74 47.70
C ARG L 5 30.71 -28.37 48.17
N VAL L 6 30.27 -28.98 49.28
CA VAL L 6 28.92 -28.81 49.80
C VAL L 6 28.97 -28.05 51.11
N ALA L 7 28.14 -27.02 51.25
CA ALA L 7 28.15 -26.17 52.42
C ALA L 7 27.42 -26.84 53.58
N ARG L 8 27.96 -26.69 54.78
CA ARG L 8 27.33 -27.28 55.95
C ARG L 8 25.96 -26.66 56.20
N TRP L 9 25.00 -27.50 56.61
CA TRP L 9 23.62 -27.13 56.92
C TRP L 9 22.80 -26.70 55.72
N THR L 10 23.36 -25.86 54.86
CA THR L 10 22.59 -25.32 53.74
C THR L 10 22.56 -26.27 52.55
N GLY L 11 23.55 -27.13 52.41
CA GLY L 11 23.54 -28.08 51.32
C GLY L 11 23.78 -27.44 49.97
N GLN L 12 23.81 -26.11 49.94
CA GLN L 12 24.17 -25.39 48.72
C GLN L 12 25.62 -25.67 48.36
N ILE L 13 25.91 -25.56 47.09
CA ILE L 13 27.22 -25.92 46.58
C ILE L 13 28.14 -24.70 46.65
N ILE L 14 29.32 -24.90 47.20
CA ILE L 14 30.39 -23.91 47.21
C ILE L 14 31.23 -24.16 45.97
N TYR L 15 31.26 -23.19 45.04
CA TYR L 15 31.91 -23.46 43.77
C TYR L 15 33.44 -23.38 43.87
N CYS L 16 33.96 -22.45 44.66
CA CYS L 16 35.41 -22.21 44.71
C CYS L 16 35.98 -22.51 46.08
N SER L 17 37.14 -23.15 46.11
CA SER L 17 37.81 -23.48 47.35
C SER L 17 38.89 -22.45 47.65
N NH2 L 18 38.75 -21.77 48.78
C1 NAG M . 8.71 18.39 20.69
C2 NAG M . 7.31 18.34 21.26
C3 NAG M . 7.22 19.22 22.50
C4 NAG M . 8.30 18.84 23.51
C5 NAG M . 9.66 18.78 22.84
C6 NAG M . 10.71 18.16 23.72
C7 NAG M . 5.68 17.87 19.49
C8 NAG M . 4.69 18.46 18.53
N2 NAG M . 6.33 18.75 20.27
O3 NAG M . 5.94 19.05 23.09
O4 NAG M . 8.36 19.82 24.54
O5 NAG M . 9.62 17.98 21.65
O6 NAG M . 11.65 19.12 24.18
O7 NAG M . 5.88 16.66 19.58
C1 NAG N . -8.84 -28.79 -21.15
C2 NAG N . -7.88 -29.52 -20.16
C3 NAG N . -6.88 -30.37 -20.92
C4 NAG N . -7.59 -31.30 -21.89
C5 NAG N . -8.48 -30.50 -22.83
C6 NAG N . -9.30 -31.38 -23.76
C7 NAG N . -7.45 -28.41 -18.00
C8 NAG N . -6.63 -27.35 -17.30
N2 NAG N . -7.21 -28.57 -19.30
O3 NAG N . -6.14 -31.14 -19.97
O4 NAG N . -6.65 -32.02 -22.69
O5 NAG N . -9.42 -29.75 -22.05
O6 NAG N . -10.31 -32.08 -23.07
O7 NAG N . -8.28 -29.08 -17.40
C1 NAG O . 4.65 2.43 18.26
C2 NAG O . 6.16 2.33 18.18
C3 NAG O . 6.63 1.00 18.75
C4 NAG O . 6.11 0.80 20.16
C5 NAG O . 4.59 0.95 20.15
C6 NAG O . 4.00 0.93 21.54
C7 NAG O . 6.87 3.69 16.24
C8 NAG O . 7.39 3.64 14.82
N2 NAG O . 6.64 2.50 16.81
O3 NAG O . 8.05 0.94 18.78
O4 NAG O . 6.46 -0.49 20.61
O5 NAG O . 4.23 2.23 19.60
O6 NAG O . 2.59 1.01 21.48
O7 NAG O . 6.66 4.75 16.82
C1 NAG P . -30.72 2.92 -21.83
C2 NAG P . -29.88 4.09 -21.30
C3 NAG P . -28.94 3.62 -20.20
C4 NAG P . -29.71 2.91 -19.10
C5 NAG P . -30.45 1.72 -19.71
C6 NAG P . -31.31 0.99 -18.71
C7 NAG P . -29.40 5.91 -22.88
C8 NAG P . -28.47 6.40 -23.95
N2 NAG P . -29.11 4.71 -22.36
O3 NAG P . -28.27 4.75 -19.66
O4 NAG P . -28.81 2.50 -18.08
O5 NAG P . -31.33 2.20 -20.73
O6 NAG P . -32.62 0.83 -19.24
O7 NAG P . -30.37 6.57 -22.51
C1 NAG Q . -41.13 16.18 -22.13
C2 NAG Q . -42.07 15.05 -22.50
C3 NAG Q . -43.49 15.36 -22.02
C4 NAG Q . -43.52 15.82 -20.57
C5 NAG Q . -42.44 16.86 -20.27
C6 NAG Q . -42.29 17.14 -18.79
C7 NAG Q . -42.38 13.64 -24.50
C8 NAG Q . -42.30 13.57 -25.99
N2 NAG Q . -42.05 14.82 -23.94
O3 NAG Q . -44.27 14.17 -22.16
O4 NAG Q . -44.78 16.42 -20.28
O5 NAG Q . -41.17 16.38 -20.74
O6 NAG Q . -41.09 17.85 -18.53
O7 NAG Q . -42.71 12.67 -23.83
C1 NAG R . 19.42 -7.65 30.80
C2 NAG R . 19.00 -8.22 29.44
C3 NAG R . 18.66 -7.09 28.48
C4 NAG R . 17.61 -6.17 29.08
C5 NAG R . 18.13 -5.64 30.41
C6 NAG R . 17.14 -4.77 31.13
C7 NAG R . 19.79 -10.38 28.64
C8 NAG R . 20.93 -11.15 28.07
N2 NAG R . 20.00 -9.09 28.89
O3 NAG R . 18.22 -7.63 27.23
O4 NAG R . 17.35 -5.08 28.20
O5 NAG R . 18.44 -6.74 31.27
O6 NAG R . 17.67 -4.31 32.38
O7 NAG R . 18.71 -10.91 28.87
C1 NAG S . 10.36 -20.94 35.97
C2 NAG S . 10.73 -20.21 37.26
C3 NAG S . 9.57 -20.23 38.25
C4 NAG S . 8.30 -19.69 37.60
C5 NAG S . 8.00 -20.48 36.33
C6 NAG S . 6.82 -19.92 35.58
C7 NAG S . 13.13 -20.21 37.85
C8 NAG S . 14.23 -20.96 38.53
N2 NAG S . 11.92 -20.78 37.88
O3 NAG S . 9.90 -19.41 39.37
O4 NAG S . 7.21 -19.79 38.50
O5 NAG S . 9.12 -20.42 35.45
O6 NAG S . 6.68 -20.50 34.29
O7 NAG S . 13.33 -19.13 37.29
#